data_6WAA
#
_entry.id   6WAA
#
_cell.length_a   94.590
_cell.length_b   157.481
_cell.length_c   144.060
_cell.angle_alpha   90.00
_cell.angle_beta   94.93
_cell.angle_gamma   90.00
#
_symmetry.space_group_name_H-M   'P 1 21 1'
#
loop_
_entity.id
_entity.type
_entity.pdbx_description
1 polymer 'DNA topoisomerase 4 subunit B,DNA topoisomerase (ATP-hydrolyzing) chimera'
2 polymer "DNA (5'-D(*TP*TP*AP*CP*GP*TP*TP*GP*TP*AP*T)-3')"
3 polymer "DNA (5'-D(*GP*AP*TP*CP*AP*TP*AP*CP*AP*AP*CP*GP*TP*AP*A)-3')"
4 non-polymer (4S)-2-METHYL-2,4-PENTANEDIOL
5 non-polymer 'MAGNESIUM ION'
6 non-polymer 'CHLORIDE ION'
7 non-polymer 7-[(1S,5R)-1-amino-3-azabicyclo[3.1.0]hexan-3-yl]-4-(aminomethyl)-1-cyclopropyl-3,6-difluoro-8-methylquinolin-2(1H)-one
8 water water
#
loop_
_entity_poly.entity_id
_entity_poly.type
_entity_poly.pdbx_seq_one_letter_code
_entity_poly.pdbx_strand_id
1 'polypeptide(L)'
;MKKLTSGPALPGKLADCTAQDLNRTELFLVEGDSAGGSAKQARDREYQAIMPLKGKILNTWEVSSDEVLASQEVHDISVA
IGIDPDSDDLSQLRYGKICILADADSDGLHIATLLCALFVRHFRTLVKEGHVYVALPPLYRIDLGKEVYYALTEEEKTGV
LEQLKRKKGKPNVQRFKGLGEMNPMQLRETTLDPNTRRLVQLVISDEDEQQTTAIMDMLLAKKRSEDRRNWLQEKGDMAD
LEVEFMSDMAERLALHEFTENAYLNYSMYVIMDRALPFIGDGLKPVQRRIVYAMSELGLNASAKFKKSARTVGDVLGKYH
PHGDSACYEAMVLMAQPFSYRYPLVDGQGNWGAPDDPKSFAAMR(PTR)TESRLSKYAELLLSELGQGTVDWVPNFDGTL
QEPKMLPARLPNILLNGTTGIAVGMATDIPPHNLREVAKAAITLIEQPKTTLDELLDIVQGPDFPTEAEIITSRAEIRKI
YQNGRGSVRMRAVWSKEDGAVVITALPHQVSGAKVLEQIAAQMRNKKLPMVDDLRDESDHENPTRLVIVPRSNRVDMEQV
MNHLFATTDLEKSYRINLNMIGLDGRPAVKNLLEILSEWLVFRRDTVRRRLNHRLEKVLKRLHILEGLLVAFLNIDEVIE
IIRTEDEPKPALMSRFGISETQAEAILELKLRHLAKLEEMKIRGEQSELEKERDQLQAILASERKMNNLLKKELQADADA
FGDDRRSPLHEREEAKAMSLEHHHHHH
;
B,D,F,H
2 'polydeoxyribonucleotide' (DT)(DT)(DA)(DC)(DG)(DT)(DT)(DG)(DT)(DA)(DT) I,L,M,P
3 'polydeoxyribonucleotide' (DG)(DA)(DT)(DC)(DA)(DT)(DA)(DC)(DA)(DA)(DC)(DG)(DT)(DA)(DA) J,K,N,O
#
# COMPACT_ATOMS: atom_id res chain seq x y z
N GLY A 12 -64.51 6.66 -17.96
CA GLY A 12 -64.73 5.23 -17.80
C GLY A 12 -63.98 4.65 -16.61
N LYS A 13 -62.70 4.31 -16.84
CA LYS A 13 -61.85 3.77 -15.78
C LYS A 13 -61.26 4.92 -14.96
N LEU A 14 -62.15 5.60 -14.23
CA LEU A 14 -61.79 6.74 -13.40
C LEU A 14 -62.35 6.55 -12.00
N ALA A 15 -61.48 6.63 -11.00
CA ALA A 15 -61.91 6.57 -9.61
C ALA A 15 -62.49 7.93 -9.23
N ASP A 16 -63.75 7.94 -8.80
CA ASP A 16 -64.45 9.18 -8.51
C ASP A 16 -64.51 9.43 -7.01
N CYS A 17 -64.54 10.71 -6.64
CA CYS A 17 -64.64 11.14 -5.26
C CYS A 17 -66.09 11.45 -4.91
N THR A 18 -66.44 11.25 -3.64
CA THR A 18 -67.82 11.42 -3.21
C THR A 18 -68.22 12.89 -3.16
N ALA A 19 -67.34 13.75 -2.65
CA ALA A 19 -67.68 15.16 -2.49
C ALA A 19 -67.74 15.87 -3.83
N GLN A 20 -68.55 16.93 -3.89
CA GLN A 20 -68.70 17.75 -5.08
C GLN A 20 -68.28 19.19 -4.87
N ASP A 21 -67.58 19.50 -3.79
CA ASP A 21 -67.14 20.86 -3.50
C ASP A 21 -65.87 21.15 -4.28
N LEU A 22 -65.97 22.03 -5.29
CA LEU A 22 -64.81 22.34 -6.11
C LEU A 22 -63.69 22.99 -5.31
N ASN A 23 -63.99 23.60 -4.17
CA ASN A 23 -62.95 24.24 -3.38
C ASN A 23 -62.00 23.21 -2.77
N ARG A 24 -62.50 22.02 -2.46
CA ARG A 24 -61.71 20.98 -1.81
C ARG A 24 -61.45 19.79 -2.71
N THR A 25 -62.10 19.68 -3.86
CA THR A 25 -61.96 18.53 -4.73
C THR A 25 -60.72 18.67 -5.60
N GLU A 26 -60.07 17.54 -5.86
CA GLU A 26 -58.84 17.51 -6.65
C GLU A 26 -58.87 16.30 -7.58
N LEU A 27 -58.34 16.49 -8.79
CA LEU A 27 -58.22 15.42 -9.77
C LEU A 27 -56.76 15.18 -10.10
N PHE A 28 -56.36 13.92 -10.16
CA PHE A 28 -54.99 13.52 -10.44
C PHE A 28 -54.95 12.73 -11.73
N LEU A 29 -54.05 13.12 -12.63
CA LEU A 29 -53.83 12.41 -13.89
C LEU A 29 -52.52 11.64 -13.78
N VAL A 30 -52.60 10.32 -13.79
CA VAL A 30 -51.45 9.45 -13.59
C VAL A 30 -50.95 8.98 -14.95
N GLU A 31 -49.64 8.76 -15.04
CA GLU A 31 -49.03 8.37 -16.30
C GLU A 31 -49.16 6.87 -16.53
N GLY A 32 -48.87 6.06 -15.51
CA GLY A 32 -48.92 4.62 -15.63
C GLY A 32 -50.24 4.07 -15.10
N ASP A 33 -50.76 3.05 -15.78
CA ASP A 33 -51.96 2.39 -15.30
C ASP A 33 -51.67 1.64 -14.00
N SER A 34 -50.48 1.04 -13.90
CA SER A 34 -50.07 0.41 -12.66
C SER A 34 -49.97 1.42 -11.53
N ALA A 35 -49.34 2.57 -11.81
CA ALA A 35 -49.26 3.63 -10.81
C ALA A 35 -50.64 4.20 -10.52
N GLY A 36 -51.53 4.24 -11.51
CA GLY A 36 -52.87 4.73 -11.27
C GLY A 36 -53.64 3.86 -10.29
N GLY A 37 -53.54 2.54 -10.46
CA GLY A 37 -54.15 1.64 -9.51
C GLY A 37 -53.62 1.84 -8.10
N SER A 38 -52.30 2.03 -7.99
CA SER A 38 -51.71 2.31 -6.68
C SER A 38 -52.20 3.65 -6.13
N ALA A 39 -52.46 4.63 -7.00
CA ALA A 39 -52.95 5.91 -6.53
C ALA A 39 -54.38 5.80 -6.02
N LYS A 40 -55.21 4.97 -6.68
CA LYS A 40 -56.58 4.79 -6.24
C LYS A 40 -56.66 4.14 -4.86
N GLN A 41 -55.69 3.29 -4.54
CA GLN A 41 -55.68 2.65 -3.22
C GLN A 41 -55.30 3.64 -2.13
N ALA A 42 -54.48 4.63 -2.45
CA ALA A 42 -54.00 5.60 -1.48
C ALA A 42 -54.77 6.92 -1.53
N ARG A 43 -55.63 7.11 -2.53
CA ARG A 43 -56.39 8.35 -2.63
C ARG A 43 -57.38 8.47 -1.48
N ASP A 44 -57.65 9.72 -1.08
CA ASP A 44 -58.71 10.01 -0.13
C ASP A 44 -60.01 10.12 -0.91
N ARG A 45 -60.86 9.10 -0.80
CA ARG A 45 -62.11 9.07 -1.56
C ARG A 45 -63.00 10.27 -1.28
N GLU A 46 -62.75 11.00 -0.18
CA GLU A 46 -63.61 12.12 0.17
C GLU A 46 -63.51 13.24 -0.87
N TYR A 47 -62.30 13.51 -1.38
CA TYR A 47 -62.13 14.64 -2.29
C TYR A 47 -61.03 14.43 -3.33
N GLN A 48 -60.57 13.20 -3.56
CA GLN A 48 -59.51 12.92 -4.51
C GLN A 48 -60.01 11.90 -5.53
N ALA A 49 -59.87 12.23 -6.81
CA ALA A 49 -60.23 11.34 -7.90
C ALA A 49 -59.00 11.09 -8.75
N ILE A 50 -58.85 9.84 -9.20
CA ILE A 50 -57.67 9.42 -9.96
C ILE A 50 -58.14 8.83 -11.29
N MET A 51 -57.39 9.14 -12.35
CA MET A 51 -57.62 8.56 -13.67
C MET A 51 -56.28 8.25 -14.33
N PRO A 52 -55.98 6.98 -14.61
CA PRO A 52 -54.71 6.65 -15.26
C PRO A 52 -54.73 6.97 -16.74
N LEU A 53 -53.60 7.46 -17.24
CA LEU A 53 -53.44 7.81 -18.65
C LEU A 53 -52.56 6.75 -19.30
N LYS A 54 -53.19 5.76 -19.91
CA LYS A 54 -52.47 4.66 -20.52
C LYS A 54 -51.64 5.16 -21.70
N GLY A 55 -50.32 5.08 -21.59
CA GLY A 55 -49.44 5.50 -22.65
C GLY A 55 -49.31 7.01 -22.76
N LYS A 56 -48.75 7.44 -23.89
CA LYS A 56 -48.59 8.86 -24.15
C LYS A 56 -49.89 9.46 -24.68
N ILE A 57 -49.95 10.79 -24.61
CA ILE A 57 -51.15 11.54 -25.00
C ILE A 57 -50.90 12.19 -26.36
N LEU A 58 -51.98 12.39 -27.11
CA LEU A 58 -51.89 13.01 -28.41
C LEU A 58 -51.38 14.45 -28.27
N ASN A 59 -50.51 14.86 -29.20
CA ASN A 59 -50.01 16.22 -29.24
C ASN A 59 -51.12 17.13 -29.74
N THR A 60 -52.00 17.57 -28.84
CA THR A 60 -53.18 18.35 -29.21
C THR A 60 -52.85 19.84 -29.25
N TRP A 61 -51.93 20.19 -30.15
CA TRP A 61 -51.58 21.59 -30.40
C TRP A 61 -52.08 22.06 -31.76
N GLU A 62 -51.83 21.30 -32.82
CA GLU A 62 -52.35 21.61 -34.14
C GLU A 62 -53.63 20.85 -34.46
N VAL A 63 -54.11 20.02 -33.55
CA VAL A 63 -55.32 19.24 -33.77
C VAL A 63 -56.54 20.11 -33.51
N SER A 64 -57.58 19.92 -34.32
CA SER A 64 -58.80 20.69 -34.19
C SER A 64 -59.57 20.27 -32.95
N SER A 65 -60.56 21.09 -32.58
CA SER A 65 -61.38 20.77 -31.41
C SER A 65 -62.05 19.42 -31.55
N ASP A 66 -62.52 19.09 -32.75
CA ASP A 66 -63.13 17.78 -32.98
C ASP A 66 -62.09 16.66 -32.91
N GLU A 67 -60.86 16.93 -33.37
CA GLU A 67 -59.82 15.91 -33.30
C GLU A 67 -59.46 15.55 -31.86
N VAL A 68 -59.53 16.52 -30.95
CA VAL A 68 -59.22 16.23 -29.55
C VAL A 68 -60.27 15.29 -28.97
N LEU A 69 -61.53 15.46 -29.37
CA LEU A 69 -62.58 14.55 -28.90
C LEU A 69 -62.52 13.19 -29.57
N ALA A 70 -61.78 13.07 -30.68
CA ALA A 70 -61.66 11.79 -31.36
C ALA A 70 -60.71 10.85 -30.64
N SER A 71 -59.60 11.37 -30.12
CA SER A 71 -58.64 10.54 -29.40
C SER A 71 -59.23 10.09 -28.08
N GLN A 72 -59.20 8.78 -27.83
CA GLN A 72 -59.83 8.25 -26.62
C GLN A 72 -59.15 8.77 -25.36
N GLU A 73 -57.82 8.89 -25.38
CA GLU A 73 -57.10 9.34 -24.20
C GLU A 73 -57.51 10.76 -23.81
N VAL A 74 -57.32 11.71 -24.73
CA VAL A 74 -57.65 13.10 -24.43
C VAL A 74 -59.15 13.29 -24.28
N HIS A 75 -59.95 12.50 -25.01
CA HIS A 75 -61.40 12.61 -24.90
C HIS A 75 -61.87 12.33 -23.47
N ASP A 76 -61.39 11.22 -22.90
CA ASP A 76 -61.75 10.90 -21.52
C ASP A 76 -61.25 11.96 -20.55
N ILE A 77 -60.16 12.65 -20.91
CA ILE A 77 -59.68 13.74 -20.06
C ILE A 77 -60.66 14.89 -20.05
N SER A 78 -61.21 15.23 -21.22
CA SER A 78 -62.19 16.31 -21.28
C SER A 78 -63.47 15.95 -20.52
N VAL A 79 -63.91 14.69 -20.64
CA VAL A 79 -65.10 14.26 -19.93
C VAL A 79 -64.86 14.28 -18.42
N ALA A 80 -63.70 13.79 -17.99
CA ALA A 80 -63.41 13.78 -16.55
C ALA A 80 -63.29 15.20 -16.01
N ILE A 81 -62.62 16.09 -16.73
CA ILE A 81 -62.49 17.46 -16.27
C ILE A 81 -63.85 18.15 -16.27
N GLY A 82 -64.68 17.86 -17.27
CA GLY A 82 -65.99 18.45 -17.36
C GLY A 82 -66.07 19.70 -18.23
N ILE A 83 -65.04 19.99 -19.03
CA ILE A 83 -65.00 21.16 -19.87
C ILE A 83 -64.81 20.72 -21.32
N ASP A 84 -65.54 21.36 -22.22
CA ASP A 84 -65.43 21.09 -23.64
C ASP A 84 -64.22 21.81 -24.23
N PRO A 85 -63.72 21.36 -25.38
CA PRO A 85 -62.52 22.00 -25.95
C PRO A 85 -62.78 23.41 -26.46
N ASP A 86 -63.99 23.94 -26.26
CA ASP A 86 -64.29 25.33 -26.50
C ASP A 86 -63.99 26.13 -25.24
N SER A 87 -63.19 27.18 -25.36
CA SER A 87 -62.86 27.96 -24.18
C SER A 87 -64.11 28.62 -23.62
N ASP A 88 -64.01 29.09 -22.38
CA ASP A 88 -65.10 29.80 -21.72
C ASP A 88 -66.17 28.83 -21.23
N ASP A 89 -65.80 27.59 -20.94
CA ASP A 89 -66.74 26.55 -20.56
C ASP A 89 -66.49 26.05 -19.13
N LEU A 90 -65.97 26.92 -18.27
CA LEU A 90 -65.65 26.54 -16.89
C LEU A 90 -66.88 26.51 -15.99
N SER A 91 -68.08 26.72 -16.52
CA SER A 91 -69.27 26.72 -15.69
C SER A 91 -69.66 25.31 -15.24
N GLN A 92 -69.19 24.27 -15.94
CA GLN A 92 -69.52 22.89 -15.62
C GLN A 92 -68.29 22.11 -15.14
N LEU A 93 -67.31 22.80 -14.58
CA LEU A 93 -66.12 22.13 -14.09
C LEU A 93 -66.46 21.22 -12.92
N ARG A 94 -65.89 20.01 -12.92
CA ARG A 94 -66.19 19.02 -11.91
C ARG A 94 -65.24 19.10 -10.72
N TYR A 95 -63.93 19.13 -10.98
CA TYR A 95 -62.93 19.09 -9.94
C TYR A 95 -62.27 20.45 -9.78
N GLY A 96 -61.65 20.65 -8.62
CA GLY A 96 -61.02 21.92 -8.31
C GLY A 96 -59.61 22.04 -8.86
N LYS A 97 -58.75 21.08 -8.53
CA LYS A 97 -57.35 21.10 -8.95
C LYS A 97 -57.12 19.96 -9.93
N ILE A 98 -56.47 20.28 -11.05
CA ILE A 98 -56.09 19.30 -12.06
C ILE A 98 -54.58 19.12 -11.97
N CYS A 99 -54.15 17.97 -11.47
CA CYS A 99 -52.75 17.68 -11.22
C CYS A 99 -52.21 16.70 -12.26
N ILE A 100 -51.06 17.04 -12.85
CA ILE A 100 -50.38 16.16 -13.79
C ILE A 100 -49.36 15.36 -13.00
N LEU A 101 -49.65 14.07 -12.78
CA LEU A 101 -48.79 13.18 -12.00
C LEU A 101 -48.15 12.17 -12.94
N ALA A 102 -46.83 12.26 -13.10
CA ALA A 102 -46.11 11.35 -13.97
C ALA A 102 -44.80 10.94 -13.31
N ASP A 103 -44.23 9.85 -13.79
CA ASP A 103 -42.95 9.38 -13.27
C ASP A 103 -41.87 10.43 -13.51
N ALA A 104 -40.78 10.32 -12.75
CA ALA A 104 -39.64 11.23 -12.84
C ALA A 104 -38.60 10.84 -13.89
N ASP A 105 -39.00 10.30 -15.03
CA ASP A 105 -38.06 10.08 -16.12
C ASP A 105 -38.41 11.05 -17.25
N SER A 106 -37.47 11.20 -18.19
CA SER A 106 -37.58 12.25 -19.19
C SER A 106 -38.93 12.25 -19.88
N ASP A 107 -39.57 11.08 -19.99
CA ASP A 107 -40.88 11.03 -20.63
C ASP A 107 -41.95 11.68 -19.77
N GLY A 108 -41.83 11.57 -18.45
CA GLY A 108 -42.77 12.26 -17.58
C GLY A 108 -42.84 13.74 -17.87
N LEU A 109 -41.68 14.38 -18.10
CA LEU A 109 -41.69 15.76 -18.54
C LEU A 109 -42.31 15.89 -19.93
N HIS A 110 -42.13 14.87 -20.78
CA HIS A 110 -42.75 14.89 -22.10
C HIS A 110 -44.27 14.75 -21.98
N ILE A 111 -44.72 13.77 -21.19
CA ILE A 111 -46.15 13.60 -20.97
C ILE A 111 -46.74 14.83 -20.33
N ALA A 112 -45.99 15.48 -19.43
CA ALA A 112 -46.47 16.71 -18.81
C ALA A 112 -46.58 17.82 -19.84
N THR A 113 -45.59 17.97 -20.71
CA THR A 113 -45.66 19.00 -21.74
C THR A 113 -46.84 18.76 -22.67
N LEU A 114 -47.10 17.49 -23.01
CA LEU A 114 -48.24 17.18 -23.87
C LEU A 114 -49.56 17.52 -23.17
N LEU A 115 -49.63 17.34 -21.85
CA LEU A 115 -50.82 17.74 -21.12
C LEU A 115 -50.91 19.25 -20.99
N CYS A 116 -49.77 19.94 -20.89
CA CYS A 116 -49.77 21.39 -20.88
C CYS A 116 -50.26 21.94 -22.22
N ALA A 117 -49.82 21.36 -23.32
CA ALA A 117 -50.30 21.79 -24.63
C ALA A 117 -51.80 21.56 -24.75
N LEU A 118 -52.32 20.48 -24.16
CA LEU A 118 -53.75 20.24 -24.18
C LEU A 118 -54.48 21.28 -23.35
N PHE A 119 -53.95 21.62 -22.18
CA PHE A 119 -54.61 22.59 -21.30
C PHE A 119 -54.42 24.03 -21.76
N VAL A 120 -53.37 24.31 -22.53
CA VAL A 120 -53.12 25.70 -22.92
C VAL A 120 -53.99 26.10 -24.10
N ARG A 121 -54.11 25.23 -25.10
CA ARG A 121 -54.85 25.57 -26.31
C ARG A 121 -56.34 25.28 -26.18
N HIS A 122 -56.70 24.14 -25.60
CA HIS A 122 -58.09 23.71 -25.54
C HIS A 122 -58.78 24.08 -24.24
N PHE A 123 -58.06 24.06 -23.11
CA PHE A 123 -58.65 24.43 -21.83
C PHE A 123 -57.95 25.65 -21.26
N ARG A 124 -57.88 26.72 -22.06
CA ARG A 124 -57.15 27.92 -21.65
C ARG A 124 -57.71 28.48 -20.34
N THR A 125 -59.02 28.36 -20.12
CA THR A 125 -59.62 28.88 -18.89
C THR A 125 -59.08 28.18 -17.65
N LEU A 126 -58.70 26.91 -17.77
CA LEU A 126 -58.19 26.19 -16.60
C LEU A 126 -56.80 26.66 -16.22
N VAL A 127 -55.90 26.76 -17.21
CA VAL A 127 -54.52 27.14 -16.92
C VAL A 127 -54.44 28.61 -16.52
N LYS A 128 -55.24 29.46 -17.17
CA LYS A 128 -55.19 30.89 -16.85
C LYS A 128 -55.78 31.17 -15.48
N GLU A 129 -56.83 30.43 -15.10
CA GLU A 129 -57.45 30.62 -13.79
C GLU A 129 -56.60 30.06 -12.67
N GLY A 130 -55.66 29.16 -12.97
CA GLY A 130 -54.80 28.59 -11.96
C GLY A 130 -55.30 27.29 -11.36
N HIS A 131 -56.03 26.49 -12.12
CA HIS A 131 -56.56 25.21 -11.65
C HIS A 131 -55.69 24.03 -12.05
N VAL A 132 -54.64 24.26 -12.85
CA VAL A 132 -53.75 23.20 -13.30
C VAL A 132 -52.51 23.21 -12.40
N TYR A 133 -52.08 22.02 -11.99
CA TYR A 133 -50.93 21.86 -11.11
C TYR A 133 -50.01 20.78 -11.68
N VAL A 134 -48.76 20.81 -11.21
CA VAL A 134 -47.74 19.86 -11.64
C VAL A 134 -47.18 19.19 -10.39
N ALA A 135 -47.33 17.88 -10.30
CA ALA A 135 -46.84 17.13 -9.16
C ALA A 135 -45.35 16.86 -9.28
N LEU A 136 -44.66 16.92 -8.14
CA LEU A 136 -43.21 16.71 -8.09
C LEU A 136 -42.94 15.41 -7.32
N PRO A 137 -42.72 14.29 -8.00
CA PRO A 137 -42.46 13.04 -7.30
C PRO A 137 -41.00 12.92 -6.91
N PRO A 138 -40.68 12.11 -5.91
CA PRO A 138 -39.29 11.99 -5.45
C PRO A 138 -38.50 11.02 -6.31
N LEU A 139 -37.18 11.19 -6.27
CA LEU A 139 -36.26 10.34 -7.02
C LEU A 139 -35.65 9.23 -6.16
N TYR A 140 -35.41 9.48 -4.88
CA TYR A 140 -34.84 8.49 -3.98
C TYR A 140 -35.62 8.45 -2.69
N ARG A 141 -35.49 7.33 -1.97
CA ARG A 141 -36.09 7.14 -0.66
C ARG A 141 -35.01 6.64 0.28
N ILE A 142 -34.58 7.50 1.20
CA ILE A 142 -33.54 7.17 2.16
C ILE A 142 -34.19 6.84 3.49
N ASP A 143 -33.86 5.68 4.05
CA ASP A 143 -34.42 5.22 5.31
C ASP A 143 -33.30 4.73 6.21
N LEU A 144 -33.22 5.28 7.42
CA LEU A 144 -32.27 4.85 8.43
C LEU A 144 -33.03 4.74 9.75
N GLY A 145 -33.50 3.54 10.07
CA GLY A 145 -34.31 3.35 11.26
C GLY A 145 -35.72 3.86 11.06
N LYS A 146 -36.31 4.36 12.15
CA LYS A 146 -37.66 4.91 12.07
C LYS A 146 -37.73 6.13 11.16
N GLU A 147 -36.62 6.83 10.97
CA GLU A 147 -36.61 8.03 10.13
C GLU A 147 -36.61 7.64 8.66
N VAL A 148 -37.39 8.38 7.86
CA VAL A 148 -37.50 8.15 6.42
C VAL A 148 -37.56 9.51 5.73
N TYR A 149 -36.75 9.69 4.69
CA TYR A 149 -36.71 10.94 3.95
C TYR A 149 -36.78 10.64 2.46
N TYR A 150 -37.15 11.66 1.68
CA TYR A 150 -37.22 11.58 0.24
C TYR A 150 -36.30 12.61 -0.38
N ALA A 151 -36.05 12.47 -1.69
CA ALA A 151 -35.01 13.23 -2.37
C ALA A 151 -35.40 13.39 -3.84
N LEU A 152 -36.12 14.49 -4.12
CA LEU A 152 -36.55 14.76 -5.49
C LEU A 152 -35.39 15.07 -6.42
N THR A 153 -34.21 15.40 -5.89
CA THR A 153 -33.06 15.76 -6.71
C THR A 153 -31.82 15.05 -6.21
N GLU A 154 -30.87 14.83 -7.12
CA GLU A 154 -29.62 14.18 -6.74
C GLU A 154 -28.83 15.02 -5.75
N GLU A 155 -28.83 16.34 -5.94
CA GLU A 155 -28.17 17.23 -4.98
C GLU A 155 -28.78 17.11 -3.60
N GLU A 156 -30.03 16.67 -3.50
CA GLU A 156 -30.69 16.48 -2.21
C GLU A 156 -30.39 15.12 -1.60
N LYS A 157 -30.19 14.09 -2.43
CA LYS A 157 -29.89 12.76 -1.91
C LYS A 157 -28.63 12.78 -1.05
N THR A 158 -27.52 13.30 -1.60
CA THR A 158 -26.29 13.35 -0.84
C THR A 158 -26.45 14.16 0.44
N GLY A 159 -27.25 15.22 0.39
CA GLY A 159 -27.50 16.00 1.59
C GLY A 159 -28.09 15.16 2.71
N VAL A 160 -29.05 14.29 2.37
CA VAL A 160 -29.62 13.40 3.38
C VAL A 160 -28.58 12.39 3.84
N LEU A 161 -27.81 11.83 2.91
CA LEU A 161 -26.76 10.88 3.29
C LEU A 161 -25.70 11.55 4.16
N GLU A 162 -25.29 12.76 3.78
CA GLU A 162 -24.33 13.48 4.61
C GLU A 162 -24.92 13.82 5.96
N GLN A 163 -26.22 14.12 6.01
CA GLN A 163 -26.87 14.40 7.29
C GLN A 163 -26.89 13.17 8.19
N LEU A 164 -27.13 11.98 7.60
CA LEU A 164 -27.20 10.75 8.36
C LEU A 164 -25.82 10.20 8.73
N LYS A 165 -24.74 10.74 8.16
CA LYS A 165 -23.41 10.27 8.51
C LYS A 165 -23.18 10.37 10.02
N ARG A 166 -23.85 11.29 10.69
CA ARG A 166 -23.74 11.45 12.13
C ARG A 166 -24.68 10.53 12.90
N LYS A 167 -25.39 9.62 12.20
CA LYS A 167 -26.32 8.71 12.82
C LYS A 167 -25.88 7.27 12.59
N LYS A 168 -26.14 6.42 13.59
CA LYS A 168 -25.75 5.02 13.49
C LYS A 168 -26.60 4.31 12.44
N GLY A 169 -25.98 3.35 11.77
CA GLY A 169 -26.64 2.53 10.78
C GLY A 169 -26.20 2.87 9.36
N LYS A 170 -26.55 1.96 8.45
CA LYS A 170 -26.23 2.11 7.03
C LYS A 170 -27.51 2.51 6.29
N PRO A 171 -27.68 3.78 5.92
CA PRO A 171 -28.90 4.16 5.18
C PRO A 171 -29.06 3.36 3.90
N ASN A 172 -30.30 3.03 3.58
CA ASN A 172 -30.64 2.29 2.36
C ASN A 172 -31.26 3.26 1.37
N VAL A 173 -30.49 3.62 0.35
CA VAL A 173 -30.96 4.55 -0.68
C VAL A 173 -31.76 3.77 -1.70
N GLN A 174 -33.06 4.04 -1.79
CA GLN A 174 -33.97 3.36 -2.71
C GLN A 174 -34.34 4.34 -3.81
N ARG A 175 -33.80 4.12 -5.00
CA ARG A 175 -34.14 4.95 -6.15
C ARG A 175 -35.43 4.45 -6.80
N PHE A 176 -36.35 5.37 -7.05
CA PHE A 176 -37.62 5.04 -7.68
C PHE A 176 -37.47 5.15 -9.18
N LYS A 177 -37.56 4.01 -9.87
CA LYS A 177 -37.53 4.01 -11.33
C LYS A 177 -38.76 4.71 -11.91
N GLY A 178 -39.83 4.81 -11.14
CA GLY A 178 -41.05 5.42 -11.62
C GLY A 178 -42.16 5.25 -10.60
N LEU A 179 -43.26 5.95 -10.88
CA LEU A 179 -44.40 5.90 -9.96
C LEU A 179 -44.94 4.49 -9.82
N GLY A 180 -44.72 3.64 -10.82
CA GLY A 180 -45.25 2.28 -10.76
C GLY A 180 -44.60 1.40 -9.71
N GLU A 181 -43.35 1.69 -9.37
CA GLU A 181 -42.61 0.90 -8.40
C GLU A 181 -42.79 1.39 -6.97
N MET A 182 -43.56 2.45 -6.76
CA MET A 182 -43.77 2.99 -5.42
C MET A 182 -44.92 2.28 -4.71
N ASN A 183 -44.80 2.16 -3.39
CA ASN A 183 -45.87 1.59 -2.60
C ASN A 183 -47.05 2.56 -2.52
N PRO A 184 -48.28 2.05 -2.39
CA PRO A 184 -49.43 2.96 -2.27
C PRO A 184 -49.28 3.95 -1.12
N MET A 185 -48.86 3.47 0.05
CA MET A 185 -48.67 4.37 1.18
C MET A 185 -47.56 5.37 0.91
N GLN A 186 -46.47 4.92 0.28
CA GLN A 186 -45.39 5.84 -0.07
C GLN A 186 -45.83 6.85 -1.11
N LEU A 187 -46.68 6.44 -2.05
CA LEU A 187 -47.14 7.37 -3.08
C LEU A 187 -48.03 8.46 -2.52
N ARG A 188 -48.75 8.18 -1.43
CA ARG A 188 -49.64 9.17 -0.85
C ARG A 188 -48.85 10.26 -0.12
N GLU A 189 -47.88 9.86 0.70
CA GLU A 189 -47.11 10.83 1.46
C GLU A 189 -46.32 11.78 0.57
N THR A 190 -46.10 11.43 -0.69
CA THR A 190 -45.25 12.21 -1.59
C THR A 190 -46.03 13.08 -2.56
N THR A 191 -47.17 12.59 -3.07
CA THR A 191 -47.89 13.30 -4.11
C THR A 191 -49.34 13.59 -3.77
N LEU A 192 -50.03 12.66 -3.12
CA LEU A 192 -51.48 12.80 -2.92
C LEU A 192 -51.81 13.51 -1.61
N ASP A 193 -51.15 13.15 -0.52
CA ASP A 193 -51.46 13.73 0.79
C ASP A 193 -51.08 15.21 0.83
N PRO A 194 -52.05 16.12 0.95
CA PRO A 194 -51.68 17.56 0.96
C PRO A 194 -50.78 17.95 2.12
N ASN A 195 -50.78 17.20 3.22
CA ASN A 195 -49.98 17.58 4.37
C ASN A 195 -48.48 17.37 4.15
N THR A 196 -48.09 16.55 3.18
CA THR A 196 -46.68 16.27 2.96
C THR A 196 -46.31 16.16 1.48
N ARG A 197 -47.20 16.49 0.57
CA ARG A 197 -46.90 16.37 -0.86
C ARG A 197 -46.11 17.59 -1.34
N ARG A 198 -45.70 17.54 -2.60
CA ARG A 198 -44.95 18.61 -3.26
C ARG A 198 -45.62 18.89 -4.60
N LEU A 199 -46.58 19.81 -4.60
CA LEU A 199 -47.36 20.15 -5.78
C LEU A 199 -47.16 21.62 -6.11
N VAL A 200 -46.69 21.90 -7.32
CA VAL A 200 -46.44 23.26 -7.78
C VAL A 200 -47.60 23.69 -8.67
N GLN A 201 -48.01 24.95 -8.55
CA GLN A 201 -49.12 25.49 -9.33
C GLN A 201 -48.57 26.06 -10.64
N LEU A 202 -49.10 25.57 -11.76
CA LEU A 202 -48.71 26.05 -13.08
C LEU A 202 -49.65 27.17 -13.49
N VAL A 203 -49.16 28.41 -13.44
CA VAL A 203 -49.95 29.58 -13.77
C VAL A 203 -49.30 30.31 -14.95
N ILE A 204 -50.07 31.20 -15.56
CA ILE A 204 -49.61 31.99 -16.70
C ILE A 204 -49.97 33.44 -16.41
N SER A 205 -48.95 34.29 -16.22
CA SER A 205 -49.19 35.69 -15.93
C SER A 205 -49.79 36.39 -17.15
N ASP A 206 -50.26 37.63 -16.93
CA ASP A 206 -50.86 38.39 -18.01
C ASP A 206 -49.83 38.75 -19.08
N GLU A 207 -48.66 39.22 -18.65
CA GLU A 207 -47.62 39.61 -19.62
C GLU A 207 -46.97 38.40 -20.27
N ASP A 208 -46.94 37.26 -19.58
CA ASP A 208 -46.30 36.07 -20.11
C ASP A 208 -47.19 35.29 -21.08
N GLU A 209 -48.45 35.68 -21.24
CA GLU A 209 -49.34 34.95 -22.14
C GLU A 209 -48.83 34.99 -23.58
N GLN A 210 -48.10 36.04 -23.95
CA GLN A 210 -47.59 36.14 -25.32
C GLN A 210 -46.44 35.17 -25.55
N GLN A 211 -45.50 35.09 -24.60
CA GLN A 211 -44.37 34.19 -24.75
C GLN A 211 -44.76 32.75 -24.45
N THR A 212 -45.71 32.53 -23.52
CA THR A 212 -46.16 31.17 -23.24
C THR A 212 -46.86 30.58 -24.46
N THR A 213 -47.71 31.37 -25.12
CA THR A 213 -48.38 30.91 -26.33
C THR A 213 -47.43 30.84 -27.52
N ALA A 214 -46.26 31.47 -27.42
CA ALA A 214 -45.27 31.45 -28.49
C ALA A 214 -44.17 30.42 -28.24
N ILE A 215 -43.71 30.29 -27.00
CA ILE A 215 -42.67 29.32 -26.69
C ILE A 215 -43.19 27.90 -26.90
N MET A 216 -44.38 27.61 -26.37
CA MET A 216 -44.93 26.26 -26.51
C MET A 216 -45.18 25.91 -27.98
N ASP A 217 -45.45 26.92 -28.81
CA ASP A 217 -45.69 26.66 -30.23
C ASP A 217 -44.45 26.04 -30.88
N MET A 218 -43.29 26.70 -30.71
CA MET A 218 -42.07 26.18 -31.32
C MET A 218 -41.77 24.75 -30.87
N LEU A 219 -42.16 24.39 -29.64
CA LEU A 219 -41.89 23.04 -29.16
C LEU A 219 -42.85 22.02 -29.78
N LEU A 220 -44.14 22.36 -29.86
CA LEU A 220 -45.17 21.43 -30.29
C LEU A 220 -45.65 21.69 -31.71
N ALA A 221 -44.91 22.48 -32.49
CA ALA A 221 -45.29 22.77 -33.88
C ALA A 221 -44.66 21.74 -34.79
N LYS A 222 -45.48 21.11 -35.64
CA LYS A 222 -44.98 20.07 -36.53
C LYS A 222 -44.00 20.64 -37.54
N LYS A 223 -44.34 21.78 -38.16
CA LYS A 223 -43.50 22.34 -39.21
C LYS A 223 -42.20 22.95 -38.66
N ARG A 224 -42.25 23.48 -37.43
CA ARG A 224 -41.10 24.18 -36.87
C ARG A 224 -40.10 23.19 -36.27
N SER A 225 -39.58 22.32 -37.14
CA SER A 225 -38.54 21.39 -36.72
C SER A 225 -37.17 22.04 -36.79
N GLU A 226 -36.90 22.81 -37.84
CA GLU A 226 -35.63 23.54 -37.93
C GLU A 226 -35.52 24.57 -36.83
N ASP A 227 -36.65 25.16 -36.42
CA ASP A 227 -36.63 26.12 -35.32
C ASP A 227 -36.23 25.45 -34.02
N ARG A 228 -36.61 24.17 -33.84
CA ARG A 228 -36.21 23.46 -32.63
C ARG A 228 -34.73 23.07 -32.69
N ARG A 229 -34.23 22.74 -33.89
CA ARG A 229 -32.83 22.34 -34.02
C ARG A 229 -31.89 23.48 -33.64
N ASN A 230 -32.14 24.68 -34.18
CA ASN A 230 -31.32 25.82 -33.79
C ASN A 230 -31.56 26.23 -32.34
N TRP A 231 -32.73 25.92 -31.78
CA TRP A 231 -32.99 26.24 -30.39
C TRP A 231 -32.15 25.37 -29.47
N LEU A 232 -31.96 24.09 -29.83
CA LEU A 232 -31.11 23.22 -29.02
C LEU A 232 -29.65 23.65 -29.10
N GLN A 233 -29.20 24.08 -30.28
CA GLN A 233 -27.82 24.53 -30.42
C GLN A 233 -27.55 25.74 -29.53
N GLU A 234 -28.49 26.69 -29.48
CA GLU A 234 -28.31 27.86 -28.63
C GLU A 234 -28.44 27.49 -27.16
N LYS A 235 -29.39 26.62 -26.82
CA LYS A 235 -29.55 26.20 -25.44
C LYS A 235 -28.47 25.23 -24.98
N GLY A 236 -27.70 24.68 -25.90
CA GLY A 236 -26.61 23.77 -25.54
C GLY A 236 -25.43 24.49 -24.91
N ALA A 250 -40.67 27.00 -5.54
CA ALA A 250 -41.69 27.87 -4.94
C ALA A 250 -43.06 27.20 -4.97
N GLU A 251 -44.08 27.92 -4.51
CA GLU A 251 -45.43 27.38 -4.51
C GLU A 251 -46.02 27.35 -5.92
N ARG A 252 -45.75 28.40 -6.71
CA ARG A 252 -46.23 28.50 -8.07
C ARG A 252 -45.04 28.53 -9.03
N LEU A 253 -45.33 28.27 -10.30
CA LEU A 253 -44.30 28.26 -11.33
C LEU A 253 -44.93 28.67 -12.65
N ALA A 254 -44.19 29.48 -13.42
CA ALA A 254 -44.69 29.91 -14.71
C ALA A 254 -44.69 28.74 -15.69
N LEU A 255 -45.69 28.71 -16.57
CA LEU A 255 -45.80 27.60 -17.52
C LEU A 255 -44.79 27.71 -18.67
N HIS A 256 -44.35 28.93 -19.00
CA HIS A 256 -43.36 29.06 -20.07
C HIS A 256 -41.97 28.65 -19.60
N GLU A 257 -41.65 28.85 -18.32
CA GLU A 257 -40.38 28.39 -17.78
C GLU A 257 -40.38 26.89 -17.55
N PHE A 258 -41.54 26.31 -17.23
CA PHE A 258 -41.62 24.87 -16.98
C PHE A 258 -41.60 24.09 -18.28
N THR A 259 -42.46 24.46 -19.24
CA THR A 259 -42.54 23.72 -20.49
C THR A 259 -41.21 23.79 -21.25
N GLU A 260 -40.51 24.92 -21.17
CA GLU A 260 -39.24 25.05 -21.88
C GLU A 260 -38.19 24.13 -21.29
N ASN A 261 -38.02 24.17 -19.96
CA ASN A 261 -37.05 23.29 -19.32
C ASN A 261 -37.46 21.82 -19.43
N ALA A 262 -38.77 21.55 -19.34
CA ALA A 262 -39.23 20.17 -19.40
C ALA A 262 -38.98 19.56 -20.77
N TYR A 263 -39.41 20.25 -21.82
CA TYR A 263 -39.24 19.72 -23.18
C TYR A 263 -37.77 19.69 -23.58
N LEU A 264 -36.94 20.55 -22.98
CA LEU A 264 -35.52 20.56 -23.31
C LEU A 264 -34.83 19.30 -22.79
N ASN A 265 -35.11 18.93 -21.54
CA ASN A 265 -34.51 17.72 -21.00
C ASN A 265 -34.91 16.49 -21.80
N TYR A 266 -36.15 16.46 -22.29
CA TYR A 266 -36.60 15.33 -23.09
C TYR A 266 -35.98 15.37 -24.48
N SER A 267 -35.91 16.55 -25.08
CA SER A 267 -35.31 16.66 -26.42
C SER A 267 -33.85 16.23 -26.40
N MET A 268 -33.08 16.73 -25.43
CA MET A 268 -31.67 16.34 -25.35
C MET A 268 -31.53 14.87 -24.93
N TYR A 269 -32.40 14.41 -24.04
CA TYR A 269 -32.31 13.03 -23.58
C TYR A 269 -32.52 12.06 -24.74
N VAL A 270 -33.55 12.30 -25.55
CA VAL A 270 -33.86 11.39 -26.64
C VAL A 270 -32.71 11.34 -27.63
N ILE A 271 -32.07 12.48 -27.89
CA ILE A 271 -30.96 12.50 -28.84
C ILE A 271 -29.79 11.70 -28.29
N MET A 272 -29.36 12.02 -27.07
CA MET A 272 -28.17 11.40 -26.52
C MET A 272 -28.43 9.97 -26.05
N ASP A 273 -29.60 9.72 -25.46
CA ASP A 273 -29.86 8.47 -24.75
C ASP A 273 -30.92 7.62 -25.44
N ARG A 274 -31.13 7.78 -26.75
CA ARG A 274 -32.14 6.97 -27.42
C ARG A 274 -31.88 6.77 -28.91
N ALA A 275 -32.20 7.78 -29.73
CA ALA A 275 -32.30 7.58 -31.16
C ALA A 275 -30.95 7.61 -31.87
N LEU A 276 -30.15 8.64 -31.63
CA LEU A 276 -28.91 8.83 -32.39
C LEU A 276 -27.84 7.86 -31.91
N PRO A 277 -27.14 7.18 -32.81
CA PRO A 277 -26.07 6.27 -32.39
C PRO A 277 -24.70 6.94 -32.29
N PHE A 278 -23.79 6.26 -31.59
CA PHE A 278 -22.41 6.70 -31.46
C PHE A 278 -21.59 6.21 -32.65
N ILE A 279 -20.76 7.11 -33.19
CA ILE A 279 -20.01 6.80 -34.41
C ILE A 279 -19.07 5.62 -34.18
N GLY A 280 -18.45 5.54 -32.99
CA GLY A 280 -17.49 4.50 -32.71
C GLY A 280 -18.03 3.10 -32.90
N ASP A 281 -19.04 2.73 -32.09
CA ASP A 281 -19.64 1.40 -32.16
C ASP A 281 -20.91 1.35 -32.98
N GLY A 282 -21.42 2.50 -33.42
CA GLY A 282 -22.63 2.51 -34.24
C GLY A 282 -23.82 1.89 -33.58
N LEU A 283 -23.97 2.09 -32.26
CA LEU A 283 -25.05 1.48 -31.50
C LEU A 283 -25.79 2.55 -30.70
N LYS A 284 -27.10 2.35 -30.56
CA LYS A 284 -27.87 3.16 -29.66
C LYS A 284 -27.72 2.63 -28.24
N PRO A 285 -27.96 3.47 -27.23
CA PRO A 285 -27.78 3.00 -25.84
C PRO A 285 -28.48 1.69 -25.54
N VAL A 286 -29.74 1.54 -25.95
CA VAL A 286 -30.45 0.29 -25.70
C VAL A 286 -29.74 -0.87 -26.41
N GLN A 287 -29.23 -0.62 -27.62
CA GLN A 287 -28.51 -1.68 -28.34
C GLN A 287 -27.23 -2.07 -27.61
N ARG A 288 -26.47 -1.08 -27.15
CA ARG A 288 -25.21 -1.39 -26.47
C ARG A 288 -25.46 -2.11 -25.15
N ARG A 289 -26.46 -1.69 -24.38
CA ARG A 289 -26.75 -2.35 -23.12
C ARG A 289 -27.26 -3.76 -23.33
N ILE A 290 -27.84 -4.07 -24.48
CA ILE A 290 -28.23 -5.44 -24.78
C ILE A 290 -27.00 -6.29 -25.09
N VAL A 291 -26.14 -5.79 -25.98
CA VAL A 291 -24.97 -6.54 -26.39
C VAL A 291 -24.00 -6.72 -25.21
N TYR A 292 -23.83 -5.68 -24.40
CA TYR A 292 -22.95 -5.79 -23.25
C TYR A 292 -23.50 -6.75 -22.21
N ALA A 293 -24.80 -6.65 -21.92
CA ALA A 293 -25.39 -7.53 -20.91
C ALA A 293 -25.32 -8.99 -21.32
N MET A 294 -25.43 -9.27 -22.63
CA MET A 294 -25.34 -10.65 -23.08
C MET A 294 -23.93 -11.20 -22.93
N SER A 295 -22.90 -10.35 -23.08
CA SER A 295 -21.54 -10.81 -22.86
C SER A 295 -21.30 -11.14 -21.38
N GLU A 296 -21.92 -10.37 -20.48
CA GLU A 296 -21.77 -10.66 -19.06
C GLU A 296 -22.44 -11.98 -18.69
N LEU A 297 -23.51 -12.35 -19.38
CA LEU A 297 -24.17 -13.63 -19.15
C LEU A 297 -23.48 -14.78 -19.87
N GLY A 298 -22.31 -14.55 -20.47
CA GLY A 298 -21.60 -15.60 -21.15
C GLY A 298 -22.26 -16.08 -22.43
N LEU A 299 -23.12 -15.25 -23.03
CA LEU A 299 -23.84 -15.63 -24.25
C LEU A 299 -22.99 -15.32 -25.49
N ASN A 300 -21.83 -15.95 -25.54
CA ASN A 300 -20.98 -15.83 -26.71
C ASN A 300 -21.52 -16.68 -27.85
N ALA A 301 -20.94 -16.52 -29.03
CA ALA A 301 -21.40 -17.28 -30.20
C ALA A 301 -21.29 -18.78 -29.99
N SER A 302 -20.40 -19.23 -29.10
CA SER A 302 -20.21 -20.65 -28.85
C SER A 302 -21.11 -21.18 -27.73
N ALA A 303 -21.62 -20.31 -26.87
CA ALA A 303 -22.42 -20.76 -25.74
C ALA A 303 -23.81 -21.21 -26.19
N LYS A 304 -24.53 -21.84 -25.27
CA LYS A 304 -25.88 -22.30 -25.54
C LYS A 304 -26.87 -21.14 -25.45
N PHE A 305 -28.00 -21.31 -26.15
CA PHE A 305 -29.02 -20.28 -26.18
C PHE A 305 -29.71 -20.13 -24.83
N LYS A 306 -30.12 -18.90 -24.53
CA LYS A 306 -30.87 -18.59 -23.32
C LYS A 306 -32.15 -17.88 -23.68
N LYS A 307 -33.20 -18.15 -22.90
CA LYS A 307 -34.49 -17.53 -23.15
C LYS A 307 -34.35 -16.01 -23.14
N SER A 308 -34.92 -15.36 -24.16
CA SER A 308 -34.76 -13.92 -24.30
C SER A 308 -35.30 -13.18 -23.09
N ALA A 309 -36.33 -13.72 -22.43
CA ALA A 309 -36.88 -13.07 -21.25
C ALA A 309 -35.81 -12.86 -20.19
N ARG A 310 -34.89 -13.82 -20.05
CA ARG A 310 -33.82 -13.66 -19.08
C ARG A 310 -32.89 -12.52 -19.47
N THR A 311 -32.49 -12.47 -20.74
CA THR A 311 -31.62 -11.40 -21.21
C THR A 311 -32.28 -10.04 -21.00
N VAL A 312 -33.53 -9.89 -21.45
CA VAL A 312 -34.24 -8.63 -21.29
C VAL A 312 -34.34 -8.27 -19.81
N GLY A 313 -34.67 -9.23 -18.97
CA GLY A 313 -34.78 -8.95 -17.54
C GLY A 313 -33.52 -8.37 -16.96
N ASP A 314 -32.36 -8.94 -17.33
CA ASP A 314 -31.09 -8.41 -16.83
C ASP A 314 -30.78 -7.04 -17.42
N VAL A 315 -31.06 -6.85 -18.72
CA VAL A 315 -30.82 -5.55 -19.33
C VAL A 315 -31.64 -4.47 -18.64
N LEU A 316 -32.87 -4.79 -18.26
CA LEU A 316 -33.72 -3.79 -17.62
C LEU A 316 -33.27 -3.53 -16.18
N GLY A 317 -32.95 -4.59 -15.44
CA GLY A 317 -32.57 -4.41 -14.05
C GLY A 317 -31.19 -3.83 -13.89
N LYS A 318 -30.28 -4.10 -14.82
CA LYS A 318 -28.90 -3.67 -14.69
C LYS A 318 -28.66 -2.26 -15.23
N TYR A 319 -29.01 -2.01 -16.49
CA TYR A 319 -28.53 -0.81 -17.17
C TYR A 319 -29.63 0.03 -17.80
N HIS A 320 -30.69 -0.61 -18.32
CA HIS A 320 -31.70 0.07 -19.14
C HIS A 320 -33.02 0.18 -18.39
N PRO A 321 -33.27 1.26 -17.65
CA PRO A 321 -34.55 1.41 -16.93
C PRO A 321 -35.70 1.94 -17.80
N HIS A 322 -36.24 1.05 -18.64
CA HIS A 322 -37.31 1.41 -19.56
C HIS A 322 -38.20 0.19 -19.76
N GLY A 323 -39.09 0.25 -20.74
CA GLY A 323 -40.06 -0.79 -20.95
C GLY A 323 -39.44 -2.06 -21.50
N ASP A 324 -40.09 -3.19 -21.22
CA ASP A 324 -39.59 -4.48 -21.68
C ASP A 324 -39.88 -4.69 -23.16
N SER A 325 -41.03 -4.23 -23.65
CA SER A 325 -41.39 -4.44 -25.05
C SER A 325 -40.42 -3.71 -25.97
N ALA A 326 -40.15 -2.43 -25.67
CA ALA A 326 -39.25 -1.66 -26.52
C ALA A 326 -37.84 -2.24 -26.54
N CYS A 327 -37.40 -2.85 -25.43
CA CYS A 327 -36.07 -3.43 -25.39
C CYS A 327 -36.01 -4.72 -26.21
N TYR A 328 -37.00 -5.60 -26.02
CA TYR A 328 -37.02 -6.86 -26.77
C TYR A 328 -37.18 -6.61 -28.26
N GLU A 329 -37.94 -5.58 -28.64
CA GLU A 329 -38.08 -5.25 -30.06
C GLU A 329 -36.73 -4.89 -30.67
N ALA A 330 -35.91 -4.14 -29.93
CA ALA A 330 -34.58 -3.81 -30.41
C ALA A 330 -33.72 -5.06 -30.53
N MET A 331 -33.89 -6.01 -29.62
CA MET A 331 -33.15 -7.27 -29.71
C MET A 331 -33.60 -8.07 -30.94
N VAL A 332 -34.90 -8.09 -31.21
CA VAL A 332 -35.41 -8.84 -32.36
C VAL A 332 -34.87 -8.25 -33.65
N LEU A 333 -34.83 -6.92 -33.76
CA LEU A 333 -34.33 -6.30 -34.98
C LEU A 333 -32.88 -6.66 -35.23
N MET A 334 -32.05 -6.64 -34.18
CA MET A 334 -30.64 -7.01 -34.32
C MET A 334 -30.45 -8.47 -34.68
N ALA A 335 -31.50 -9.30 -34.58
CA ALA A 335 -31.39 -10.72 -34.86
C ALA A 335 -31.92 -11.10 -36.25
N GLN A 336 -32.80 -10.30 -36.82
CA GLN A 336 -33.38 -10.62 -38.12
C GLN A 336 -32.35 -10.42 -39.22
N PRO A 337 -32.00 -11.46 -39.99
CA PRO A 337 -31.04 -11.25 -41.08
C PRO A 337 -31.57 -10.34 -42.17
N PHE A 338 -32.90 -10.24 -42.33
CA PHE A 338 -33.49 -9.41 -43.37
C PHE A 338 -33.64 -7.96 -42.95
N SER A 339 -33.41 -7.65 -41.67
CA SER A 339 -33.44 -6.28 -41.17
C SER A 339 -32.06 -5.71 -40.89
N TYR A 340 -31.13 -6.53 -40.40
CA TYR A 340 -29.76 -6.11 -40.15
C TYR A 340 -28.85 -6.77 -41.17
N ARG A 341 -27.98 -5.95 -41.78
CA ARG A 341 -27.03 -6.50 -42.75
C ARG A 341 -26.09 -7.50 -42.08
N TYR A 342 -25.57 -7.17 -40.90
CA TYR A 342 -24.70 -8.05 -40.13
C TYR A 342 -25.32 -8.18 -38.75
N PRO A 343 -26.26 -9.11 -38.57
CA PRO A 343 -26.96 -9.20 -37.28
C PRO A 343 -26.01 -9.39 -36.11
N LEU A 344 -26.39 -8.82 -34.97
CA LEU A 344 -25.63 -8.95 -33.74
C LEU A 344 -26.11 -10.12 -32.89
N VAL A 345 -27.31 -10.62 -33.11
CA VAL A 345 -27.91 -11.67 -32.29
C VAL A 345 -28.30 -12.84 -33.17
N ASP A 346 -28.09 -14.05 -32.67
CA ASP A 346 -28.57 -15.28 -33.30
C ASP A 346 -29.50 -15.98 -32.32
N GLY A 347 -30.69 -16.34 -32.80
CA GLY A 347 -31.71 -16.90 -31.94
C GLY A 347 -32.37 -18.12 -32.54
N GLN A 348 -33.08 -18.85 -31.69
CA GLN A 348 -33.89 -19.98 -32.09
C GLN A 348 -35.36 -19.68 -31.79
N GLY A 349 -36.23 -20.28 -32.58
CA GLY A 349 -37.65 -20.04 -32.47
C GLY A 349 -38.18 -19.17 -33.60
N ASN A 350 -39.32 -18.53 -33.34
CA ASN A 350 -39.98 -17.68 -34.33
C ASN A 350 -39.51 -16.25 -34.11
N TRP A 351 -38.53 -15.81 -34.91
CA TRP A 351 -38.00 -14.46 -34.86
C TRP A 351 -38.53 -13.59 -35.99
N GLY A 352 -39.70 -13.92 -36.52
CA GLY A 352 -40.29 -13.16 -37.60
C GLY A 352 -39.87 -13.68 -38.97
N ALA A 353 -40.56 -13.17 -39.98
CA ALA A 353 -40.32 -13.55 -41.37
C ALA A 353 -40.20 -12.29 -42.22
N PRO A 354 -39.58 -12.40 -43.39
CA PRO A 354 -39.48 -11.21 -44.26
C PRO A 354 -40.83 -10.62 -44.62
N ASP A 355 -41.86 -11.44 -44.77
CA ASP A 355 -43.18 -10.93 -45.12
C ASP A 355 -43.79 -10.12 -43.98
N ASP A 356 -43.62 -10.59 -42.75
CA ASP A 356 -44.15 -9.92 -41.56
C ASP A 356 -43.07 -9.90 -40.49
N PRO A 357 -42.20 -8.89 -40.52
CA PRO A 357 -41.12 -8.83 -39.50
C PRO A 357 -41.65 -8.74 -38.08
N LYS A 358 -42.84 -8.17 -37.88
CA LYS A 358 -43.40 -8.04 -36.53
C LYS A 358 -44.02 -9.33 -36.03
N SER A 359 -44.10 -10.38 -36.84
CA SER A 359 -44.72 -11.64 -36.44
C SER A 359 -43.69 -12.57 -35.79
N PHE A 360 -43.14 -12.10 -34.67
CA PHE A 360 -42.16 -12.85 -33.90
C PHE A 360 -42.77 -13.27 -32.57
N ALA A 361 -42.33 -14.42 -32.08
CA ALA A 361 -42.86 -14.96 -30.83
C ALA A 361 -42.43 -14.08 -29.65
N ALA A 362 -43.21 -14.14 -28.58
CA ALA A 362 -42.91 -13.37 -27.39
C ALA A 362 -41.57 -13.80 -26.82
N MET A 363 -40.99 -12.92 -25.99
CA MET A 363 -39.65 -13.16 -25.46
C MET A 363 -39.58 -14.40 -24.58
N ARG A 364 -40.71 -14.87 -24.07
CA ARG A 364 -40.72 -16.04 -23.19
C ARG A 364 -40.58 -17.33 -24.00
N THR A 366 -38.64 -17.42 -27.13
CA THR A 366 -37.44 -17.40 -27.96
C THR A 366 -36.17 -17.44 -27.12
N GLU A 367 -35.18 -18.17 -27.62
CA GLU A 367 -33.86 -18.25 -27.01
C GLU A 367 -32.84 -17.63 -27.95
N SER A 368 -31.96 -16.80 -27.39
CA SER A 368 -31.03 -15.99 -28.18
C SER A 368 -29.60 -16.22 -27.73
N ARG A 369 -28.67 -15.62 -28.47
CA ARG A 369 -27.24 -15.68 -28.21
C ARG A 369 -26.55 -14.72 -29.17
N LEU A 370 -25.41 -14.18 -28.74
CA LEU A 370 -24.68 -13.23 -29.57
C LEU A 370 -24.09 -13.95 -30.78
N SER A 371 -24.01 -13.23 -31.89
CA SER A 371 -23.48 -13.76 -33.14
C SER A 371 -21.96 -13.64 -33.17
N LYS A 372 -21.35 -14.34 -34.14
CA LYS A 372 -19.91 -14.26 -34.31
C LYS A 372 -19.49 -12.85 -34.71
N TYR A 373 -20.34 -12.13 -35.43
CA TYR A 373 -20.03 -10.75 -35.80
C TYR A 373 -19.97 -9.86 -34.57
N ALA A 374 -20.73 -10.19 -33.52
CA ALA A 374 -20.73 -9.38 -32.31
C ALA A 374 -19.37 -9.38 -31.62
N GLU A 375 -18.52 -10.36 -31.93
CA GLU A 375 -17.18 -10.37 -31.35
C GLU A 375 -16.37 -9.14 -31.73
N LEU A 376 -16.69 -8.52 -32.87
CA LEU A 376 -15.99 -7.31 -33.29
C LEU A 376 -16.24 -6.14 -32.36
N LEU A 377 -17.23 -6.23 -31.47
CA LEU A 377 -17.53 -5.16 -30.54
C LEU A 377 -17.15 -5.48 -29.10
N LEU A 378 -16.84 -6.74 -28.79
CA LEU A 378 -16.63 -7.16 -27.41
C LEU A 378 -15.30 -7.87 -27.18
N SER A 379 -14.57 -8.26 -28.23
CA SER A 379 -13.35 -9.01 -28.04
C SER A 379 -12.33 -8.23 -27.21
N GLU A 380 -12.28 -6.91 -27.40
CA GLU A 380 -11.33 -6.06 -26.70
C GLU A 380 -11.96 -5.29 -25.54
N LEU A 381 -13.10 -5.76 -25.02
CA LEU A 381 -13.81 -4.99 -24.01
C LEU A 381 -13.05 -5.01 -22.68
N GLY A 382 -12.68 -6.19 -22.20
CA GLY A 382 -11.99 -6.31 -20.94
C GLY A 382 -10.53 -5.93 -20.94
N GLN A 383 -10.01 -5.42 -22.05
CA GLN A 383 -8.60 -5.08 -22.18
C GLN A 383 -8.34 -3.58 -22.03
N GLY A 384 -9.11 -2.90 -21.18
CA GLY A 384 -8.89 -1.50 -20.90
C GLY A 384 -8.89 -0.63 -22.14
N THR A 385 -9.92 -0.76 -22.98
CA THR A 385 -9.99 -0.02 -24.23
C THR A 385 -11.09 1.03 -24.26
N VAL A 386 -11.98 1.06 -23.26
CA VAL A 386 -13.12 1.95 -23.26
C VAL A 386 -13.37 2.44 -21.84
N ASP A 387 -13.96 3.64 -21.74
CA ASP A 387 -14.32 4.18 -20.43
C ASP A 387 -15.56 3.47 -19.88
N TRP A 388 -15.68 3.53 -18.55
CA TRP A 388 -16.78 2.87 -17.84
C TRP A 388 -17.45 3.88 -16.92
N VAL A 389 -18.76 4.03 -17.09
CA VAL A 389 -19.55 4.96 -16.28
C VAL A 389 -20.50 4.14 -15.41
N PRO A 390 -20.95 4.67 -14.28
CA PRO A 390 -21.89 3.92 -13.44
C PRO A 390 -23.27 3.89 -14.07
N ASN A 391 -24.07 2.91 -13.64
CA ASN A 391 -25.42 2.73 -14.17
C ASN A 391 -26.36 3.70 -13.45
N PHE A 392 -27.66 3.57 -13.72
CA PHE A 392 -28.62 4.56 -13.23
C PHE A 392 -28.60 4.65 -11.71
N ASP A 393 -28.65 3.50 -11.03
CA ASP A 393 -28.64 3.49 -9.57
C ASP A 393 -27.24 3.48 -8.99
N GLY A 394 -26.21 3.23 -9.81
CA GLY A 394 -24.83 3.27 -9.36
C GLY A 394 -24.31 1.99 -8.74
N THR A 395 -25.11 0.93 -8.71
CA THR A 395 -24.67 -0.32 -8.10
C THR A 395 -23.72 -1.11 -9.00
N LEU A 396 -23.75 -0.87 -10.32
CA LEU A 396 -22.89 -1.57 -11.26
C LEU A 396 -22.20 -0.53 -12.15
N GLN A 397 -21.31 -1.02 -13.01
CA GLN A 397 -20.61 -0.19 -13.98
C GLN A 397 -20.99 -0.65 -15.39
N GLU A 398 -21.10 0.32 -16.30
CA GLU A 398 -21.51 0.07 -17.68
C GLU A 398 -20.49 0.67 -18.63
N PRO A 399 -20.20 0.01 -19.75
CA PRO A 399 -19.27 0.60 -20.72
C PRO A 399 -19.94 1.74 -21.49
N LYS A 400 -19.22 2.85 -21.62
CA LYS A 400 -19.74 3.98 -22.39
C LYS A 400 -19.73 3.66 -23.88
N MET A 401 -18.75 2.90 -24.35
CA MET A 401 -18.63 2.52 -25.75
C MET A 401 -18.26 1.04 -25.81
N LEU A 402 -18.08 0.55 -27.03
CA LEU A 402 -17.60 -0.81 -27.25
C LEU A 402 -16.44 -0.73 -28.25
N PRO A 403 -15.31 -1.38 -27.97
CA PRO A 403 -14.19 -1.33 -28.92
C PRO A 403 -14.52 -2.05 -30.21
N ALA A 404 -14.89 -1.30 -31.24
CA ALA A 404 -15.31 -1.88 -32.52
C ALA A 404 -14.07 -2.10 -33.38
N ARG A 405 -13.81 -3.36 -33.73
CA ARG A 405 -12.72 -3.66 -34.64
C ARG A 405 -13.01 -3.16 -36.05
N LEU A 406 -14.29 -3.04 -36.41
CA LEU A 406 -14.71 -2.51 -37.69
C LEU A 406 -15.80 -1.46 -37.47
N PRO A 407 -15.91 -0.48 -38.37
CA PRO A 407 -16.88 0.61 -38.15
C PRO A 407 -18.31 0.14 -38.30
N ASN A 408 -18.91 -0.35 -37.21
CA ASN A 408 -20.27 -0.87 -37.28
C ASN A 408 -21.28 0.21 -37.68
N ILE A 409 -20.95 1.48 -37.49
CA ILE A 409 -21.89 2.55 -37.81
C ILE A 409 -22.26 2.52 -39.29
N LEU A 410 -21.31 2.15 -40.15
CA LEU A 410 -21.58 2.08 -41.58
C LEU A 410 -21.99 0.69 -42.04
N LEU A 411 -21.55 -0.35 -41.33
CA LEU A 411 -21.88 -1.71 -41.76
C LEU A 411 -23.35 -2.01 -41.57
N ASN A 412 -23.87 -1.79 -40.36
CA ASN A 412 -25.26 -2.09 -40.05
C ASN A 412 -26.17 -0.89 -40.29
N GLY A 413 -25.76 0.30 -39.89
CA GLY A 413 -26.59 1.47 -40.06
C GLY A 413 -27.77 1.48 -39.10
N THR A 414 -28.21 2.66 -38.69
CA THR A 414 -29.29 2.79 -37.74
C THR A 414 -30.22 3.91 -38.17
N THR A 415 -31.52 3.70 -37.99
CA THR A 415 -32.55 4.70 -38.29
C THR A 415 -33.20 5.14 -36.99
N GLY A 416 -33.17 6.43 -36.70
CA GLY A 416 -33.69 6.95 -35.46
C GLY A 416 -34.46 8.24 -35.67
N ILE A 417 -35.33 8.54 -34.71
CA ILE A 417 -36.14 9.75 -34.71
C ILE A 417 -35.98 10.40 -33.34
N ALA A 418 -35.52 11.65 -33.33
CA ALA A 418 -35.32 12.39 -32.09
C ALA A 418 -36.18 13.63 -32.07
N VAL A 419 -35.82 14.60 -31.24
CA VAL A 419 -36.51 15.89 -31.18
C VAL A 419 -35.66 16.92 -31.91
N GLY A 420 -36.20 17.49 -32.98
CA GLY A 420 -35.49 18.45 -33.78
C GLY A 420 -34.63 17.87 -34.88
N MET A 421 -34.23 16.60 -34.75
CA MET A 421 -33.37 15.98 -35.75
C MET A 421 -33.66 14.49 -35.81
N ALA A 422 -33.13 13.83 -36.84
CA ALA A 422 -33.30 12.41 -37.02
C ALA A 422 -32.06 11.85 -37.70
N THR A 423 -31.97 10.52 -37.74
CA THR A 423 -30.83 9.85 -38.36
C THR A 423 -31.32 8.67 -39.17
N ASP A 424 -30.73 8.53 -40.37
CA ASP A 424 -31.05 7.42 -41.26
C ASP A 424 -29.76 7.07 -42.00
N ILE A 425 -29.14 5.97 -41.60
CA ILE A 425 -27.86 5.53 -42.13
C ILE A 425 -28.07 4.16 -42.76
N PRO A 426 -27.77 3.98 -44.05
CA PRO A 426 -27.99 2.67 -44.67
C PRO A 426 -26.83 1.74 -44.42
N PRO A 427 -27.03 0.43 -44.60
CA PRO A 427 -25.93 -0.51 -44.42
C PRO A 427 -25.01 -0.55 -45.62
N HIS A 428 -23.76 -0.91 -45.36
CA HIS A 428 -22.74 -1.03 -46.39
C HIS A 428 -22.07 -2.39 -46.26
N ASN A 429 -21.31 -2.77 -47.29
CA ASN A 429 -20.59 -4.02 -47.26
C ASN A 429 -19.38 -3.94 -46.33
N LEU A 430 -19.02 -5.08 -45.76
CA LEU A 430 -17.91 -5.11 -44.81
C LEU A 430 -16.56 -5.02 -45.52
N ARG A 431 -16.33 -5.90 -46.50
CA ARG A 431 -15.06 -5.88 -47.21
C ARG A 431 -14.82 -4.55 -47.91
N GLU A 432 -15.89 -3.91 -48.40
CA GLU A 432 -15.73 -2.64 -49.07
C GLU A 432 -15.37 -1.53 -48.09
N VAL A 433 -16.04 -1.48 -46.94
CA VAL A 433 -15.73 -0.46 -45.95
C VAL A 433 -14.36 -0.70 -45.33
N ALA A 434 -13.98 -1.96 -45.14
CA ALA A 434 -12.68 -2.26 -44.57
C ALA A 434 -11.56 -1.84 -45.51
N LYS A 435 -11.67 -2.18 -46.79
CA LYS A 435 -10.65 -1.78 -47.75
C LYS A 435 -10.56 -0.26 -47.88
N ALA A 436 -11.70 0.43 -47.73
CA ALA A 436 -11.67 1.89 -47.76
C ALA A 436 -10.93 2.44 -46.54
N ALA A 437 -11.18 1.85 -45.36
CA ALA A 437 -10.45 2.28 -44.17
C ALA A 437 -8.97 1.97 -44.29
N ILE A 438 -8.63 0.84 -44.91
CA ILE A 438 -7.22 0.50 -45.14
C ILE A 438 -6.59 1.51 -46.08
N THR A 439 -7.30 1.91 -47.13
CA THR A 439 -6.74 2.88 -48.07
C THR A 439 -6.56 4.25 -47.44
N LEU A 440 -7.46 4.63 -46.54
CA LEU A 440 -7.33 5.92 -45.87
C LEU A 440 -6.14 5.94 -44.91
N ILE A 441 -5.75 4.78 -44.39
CA ILE A 441 -4.58 4.71 -43.52
C ILE A 441 -3.30 4.85 -44.34
N GLU A 442 -3.23 4.16 -45.48
CA GLU A 442 -2.04 4.23 -46.32
C GLU A 442 -1.86 5.64 -46.88
N GLN A 443 -2.90 6.18 -47.52
CA GLN A 443 -2.89 7.52 -48.08
C GLN A 443 -3.97 8.34 -47.38
N PRO A 444 -3.63 9.09 -46.34
CA PRO A 444 -4.66 9.88 -45.64
C PRO A 444 -5.27 10.98 -46.49
N LYS A 445 -4.60 11.41 -47.55
CA LYS A 445 -5.14 12.44 -48.44
C LYS A 445 -6.07 11.86 -49.50
N THR A 446 -6.59 10.66 -49.31
CA THR A 446 -7.50 10.08 -50.28
C THR A 446 -8.81 10.85 -50.32
N THR A 447 -9.32 11.06 -51.53
CA THR A 447 -10.54 11.82 -51.73
C THR A 447 -11.76 10.89 -51.78
N LEU A 448 -12.94 11.49 -51.73
CA LEU A 448 -14.17 10.71 -51.78
C LEU A 448 -14.33 10.03 -53.13
N ASP A 449 -13.93 10.70 -54.22
CA ASP A 449 -14.02 10.10 -55.54
C ASP A 449 -13.20 8.82 -55.61
N GLU A 450 -12.03 8.79 -54.98
CA GLU A 450 -11.23 7.58 -54.95
C GLU A 450 -11.89 6.51 -54.07
N LEU A 451 -12.52 6.92 -52.98
CA LEU A 451 -13.18 5.96 -52.10
C LEU A 451 -14.41 5.36 -52.75
N LEU A 452 -15.16 6.16 -53.52
CA LEU A 452 -16.37 5.64 -54.15
C LEU A 452 -16.04 4.52 -55.13
N ASP A 453 -14.83 4.51 -55.68
CA ASP A 453 -14.42 3.37 -56.50
C ASP A 453 -14.34 2.09 -55.66
N ILE A 454 -13.97 2.23 -54.38
CA ILE A 454 -13.92 1.07 -53.50
C ILE A 454 -15.31 0.72 -52.99
N VAL A 455 -16.01 1.69 -52.41
CA VAL A 455 -17.34 1.48 -51.85
C VAL A 455 -18.36 1.92 -52.89
N GLN A 456 -19.07 0.95 -53.47
CA GLN A 456 -20.05 1.28 -54.51
C GLN A 456 -21.20 2.09 -53.92
N GLY A 457 -21.65 1.74 -52.72
CA GLY A 457 -22.76 2.41 -52.08
C GLY A 457 -23.37 1.55 -51.01
N PRO A 458 -24.63 1.79 -50.67
CA PRO A 458 -25.29 0.96 -49.66
C PRO A 458 -25.39 -0.48 -50.12
N ASP A 459 -25.42 -1.40 -49.14
CA ASP A 459 -25.58 -2.82 -49.39
C ASP A 459 -26.63 -3.32 -48.41
N PHE A 460 -27.87 -3.43 -48.88
CA PHE A 460 -28.97 -3.90 -48.06
C PHE A 460 -28.98 -5.42 -47.99
N PRO A 461 -29.63 -6.00 -46.97
CA PRO A 461 -29.78 -7.46 -46.88
C PRO A 461 -30.82 -8.03 -47.83
N THR A 462 -30.71 -7.67 -49.11
CA THR A 462 -31.62 -8.13 -50.14
C THR A 462 -30.85 -8.24 -51.44
N GLU A 463 -31.35 -9.08 -52.35
CA GLU A 463 -30.73 -9.25 -53.66
C GLU A 463 -31.30 -8.29 -54.70
N ALA A 464 -32.14 -7.35 -54.28
CA ALA A 464 -32.67 -6.36 -55.22
C ALA A 464 -31.58 -5.36 -55.58
N GLU A 465 -31.72 -4.76 -56.77
CA GLU A 465 -30.70 -3.86 -57.29
C GLU A 465 -30.99 -2.42 -56.87
N ILE A 466 -29.91 -1.66 -56.68
CA ILE A 466 -30.00 -0.24 -56.38
C ILE A 466 -29.92 0.51 -57.70
N ILE A 467 -30.99 1.25 -58.02
CA ILE A 467 -31.08 1.92 -59.32
C ILE A 467 -30.48 3.32 -59.30
N THR A 468 -30.15 3.86 -58.13
CA THR A 468 -29.57 5.20 -58.07
C THR A 468 -28.25 5.22 -58.82
N SER A 469 -28.02 6.30 -59.56
CA SER A 469 -26.81 6.43 -60.35
C SER A 469 -25.61 6.72 -59.44
N ARG A 470 -24.42 6.35 -59.94
CA ARG A 470 -23.21 6.61 -59.17
C ARG A 470 -22.99 8.09 -58.93
N ALA A 471 -23.39 8.93 -59.89
CA ALA A 471 -23.25 10.37 -59.71
C ALA A 471 -24.17 10.89 -58.62
N GLU A 472 -25.40 10.38 -58.56
CA GLU A 472 -26.32 10.81 -57.51
C GLU A 472 -25.89 10.28 -56.15
N ILE A 473 -25.31 9.08 -56.12
CA ILE A 473 -24.82 8.52 -54.85
C ILE A 473 -23.65 9.35 -54.33
N ARG A 474 -22.78 9.82 -55.21
CA ARG A 474 -21.65 10.63 -54.79
C ARG A 474 -22.12 11.86 -54.03
N LYS A 475 -23.23 12.47 -54.47
CA LYS A 475 -23.76 13.63 -53.76
C LYS A 475 -24.29 13.23 -52.39
N ILE A 476 -24.74 11.98 -52.22
CA ILE A 476 -25.26 11.53 -50.94
C ILE A 476 -24.13 11.43 -49.92
N TYR A 477 -23.05 10.75 -50.28
CA TYR A 477 -21.93 10.57 -49.36
C TYR A 477 -21.11 11.84 -49.17
N GLN A 478 -21.29 12.85 -50.02
CA GLN A 478 -20.56 14.11 -49.88
C GLN A 478 -21.31 15.09 -49.00
N ASN A 479 -22.60 15.27 -49.23
CA ASN A 479 -23.40 16.20 -48.44
C ASN A 479 -23.90 15.59 -47.14
N GLY A 480 -23.91 14.26 -47.05
CA GLY A 480 -24.40 13.58 -45.86
C GLY A 480 -25.88 13.27 -45.87
N ARG A 481 -26.65 13.93 -46.74
CA ARG A 481 -28.08 13.71 -46.84
C ARG A 481 -28.44 13.35 -48.28
N GLY A 482 -29.59 12.72 -48.44
CA GLY A 482 -30.05 12.31 -49.75
C GLY A 482 -31.01 11.14 -49.64
N SER A 483 -31.25 10.52 -50.80
CA SER A 483 -32.16 9.38 -50.87
C SER A 483 -31.66 8.43 -51.95
N VAL A 484 -31.81 7.13 -51.69
CA VAL A 484 -31.44 6.09 -52.63
C VAL A 484 -32.70 5.28 -52.95
N ARG A 485 -32.70 4.66 -54.12
CA ARG A 485 -33.86 3.91 -54.60
C ARG A 485 -33.45 2.49 -54.96
N MET A 486 -34.36 1.56 -54.72
CA MET A 486 -34.15 0.15 -55.03
C MET A 486 -35.33 -0.36 -55.87
N ARG A 487 -35.03 -1.30 -56.75
CA ARG A 487 -36.03 -1.88 -57.64
C ARG A 487 -35.95 -3.40 -57.57
N ALA A 488 -37.10 -4.05 -57.61
CA ALA A 488 -37.14 -5.50 -57.50
C ALA A 488 -36.47 -6.14 -58.71
N VAL A 489 -35.84 -7.29 -58.47
CA VAL A 489 -35.19 -8.05 -59.53
C VAL A 489 -36.19 -9.07 -60.07
N TRP A 490 -36.36 -9.08 -61.39
CA TRP A 490 -37.36 -9.95 -62.00
C TRP A 490 -36.86 -10.39 -63.37
N SER A 491 -37.46 -11.46 -63.87
CA SER A 491 -37.17 -11.98 -65.19
C SER A 491 -38.36 -12.80 -65.66
N LYS A 492 -38.85 -12.50 -66.86
CA LYS A 492 -40.04 -13.18 -67.36
C LYS A 492 -39.64 -14.53 -67.94
N GLU A 493 -40.22 -15.60 -67.41
CA GLU A 493 -39.97 -16.96 -67.85
C GLU A 493 -41.28 -17.58 -68.31
N ASP A 494 -41.24 -18.27 -69.46
CA ASP A 494 -42.44 -18.87 -70.03
C ASP A 494 -43.50 -17.81 -70.30
N GLY A 495 -43.06 -16.62 -70.69
CA GLY A 495 -43.97 -15.52 -70.98
C GLY A 495 -44.61 -14.87 -69.77
N ALA A 496 -44.23 -15.27 -68.56
CA ALA A 496 -44.79 -14.72 -67.34
C ALA A 496 -43.68 -14.09 -66.51
N VAL A 497 -43.96 -12.89 -65.99
CA VAL A 497 -42.99 -12.22 -65.13
C VAL A 497 -42.86 -12.97 -63.81
N VAL A 498 -41.62 -13.14 -63.35
CA VAL A 498 -41.32 -13.80 -62.08
C VAL A 498 -40.42 -12.87 -61.29
N ILE A 499 -40.87 -12.47 -60.11
CA ILE A 499 -40.15 -11.55 -59.24
C ILE A 499 -39.37 -12.38 -58.23
N THR A 500 -38.05 -12.33 -58.31
CA THR A 500 -37.20 -13.18 -57.48
C THR A 500 -36.79 -12.52 -56.17
N ALA A 501 -36.53 -11.21 -56.19
CA ALA A 501 -36.08 -10.50 -55.00
C ALA A 501 -36.75 -9.14 -54.94
N LEU A 502 -37.29 -8.81 -53.77
CA LEU A 502 -37.96 -7.54 -53.53
C LEU A 502 -37.01 -6.56 -52.88
N PRO A 503 -37.34 -5.26 -52.88
CA PRO A 503 -36.47 -4.28 -52.23
C PRO A 503 -36.37 -4.53 -50.73
N HIS A 504 -35.53 -3.75 -50.05
CA HIS A 504 -35.36 -3.92 -48.61
C HIS A 504 -36.60 -3.44 -47.88
N GLN A 505 -36.98 -4.17 -46.83
CA GLN A 505 -38.16 -3.85 -46.04
C GLN A 505 -39.41 -3.72 -46.93
N VAL A 506 -39.51 -4.61 -47.91
CA VAL A 506 -40.68 -4.70 -48.78
C VAL A 506 -41.32 -6.05 -48.55
N SER A 507 -42.57 -6.06 -48.11
CA SER A 507 -43.28 -7.29 -47.79
C SER A 507 -43.84 -7.92 -49.05
N GLY A 508 -43.58 -9.21 -49.22
CA GLY A 508 -44.14 -9.91 -50.37
C GLY A 508 -45.65 -9.93 -50.34
N ALA A 509 -46.24 -10.19 -49.17
CA ALA A 509 -47.69 -10.19 -49.06
C ALA A 509 -48.26 -8.80 -49.36
N LYS A 510 -47.60 -7.75 -48.88
CA LYS A 510 -48.08 -6.39 -49.15
C LYS A 510 -48.02 -6.09 -50.65
N VAL A 511 -46.97 -6.56 -51.32
CA VAL A 511 -46.86 -6.34 -52.76
C VAL A 511 -47.99 -7.05 -53.49
N LEU A 512 -48.26 -8.30 -53.11
CA LEU A 512 -49.33 -9.06 -53.76
C LEU A 512 -50.68 -8.41 -53.52
N GLU A 513 -50.90 -7.86 -52.32
CA GLU A 513 -52.16 -7.21 -52.03
C GLU A 513 -52.34 -5.94 -52.86
N GLN A 514 -51.24 -5.20 -53.09
CA GLN A 514 -51.33 -3.99 -53.90
C GLN A 514 -51.63 -4.32 -55.36
N ILE A 515 -50.95 -5.32 -55.91
CA ILE A 515 -51.21 -5.69 -57.30
C ILE A 515 -52.60 -6.31 -57.43
N ALA A 516 -53.01 -7.10 -56.43
CA ALA A 516 -54.34 -7.70 -56.46
C ALA A 516 -55.42 -6.63 -56.36
N ALA A 517 -55.20 -5.61 -55.53
CA ALA A 517 -56.17 -4.53 -55.41
C ALA A 517 -56.35 -3.80 -56.74
N GLN A 518 -55.25 -3.62 -57.49
CA GLN A 518 -55.36 -3.03 -58.83
C GLN A 518 -56.12 -3.96 -59.76
N MET A 519 -55.87 -5.26 -59.64
CA MET A 519 -56.59 -6.23 -60.48
C MET A 519 -58.08 -6.22 -60.15
N ARG A 520 -58.42 -6.00 -58.88
CA ARG A 520 -59.83 -5.96 -58.47
C ARG A 520 -60.53 -4.72 -59.01
N ASN A 521 -59.82 -3.60 -59.11
CA ASN A 521 -60.41 -2.35 -59.57
C ASN A 521 -60.52 -2.26 -61.08
N LYS A 522 -59.85 -3.15 -61.81
CA LYS A 522 -59.92 -3.20 -63.27
C LYS A 522 -58.89 -2.23 -63.87
N LYS A 523 -57.87 -1.89 -63.09
CA LYS A 523 -56.78 -1.05 -63.57
C LYS A 523 -55.67 -1.86 -64.23
N LEU A 524 -55.68 -3.19 -64.06
CA LEU A 524 -54.73 -4.09 -64.72
C LEU A 524 -55.50 -5.23 -65.37
N PRO A 525 -56.19 -4.95 -66.47
CA PRO A 525 -56.97 -6.01 -67.13
C PRO A 525 -56.12 -6.94 -67.98
N MET A 526 -54.90 -6.53 -68.34
CA MET A 526 -54.05 -7.36 -69.20
C MET A 526 -53.48 -8.56 -68.44
N VAL A 527 -53.25 -8.43 -67.14
CA VAL A 527 -52.69 -9.53 -66.36
C VAL A 527 -53.76 -10.57 -66.11
N ASP A 528 -53.39 -11.84 -66.29
CA ASP A 528 -54.34 -12.93 -66.12
C ASP A 528 -54.47 -13.33 -64.66
N ASP A 529 -53.39 -13.87 -64.09
CA ASP A 529 -53.40 -14.37 -62.72
C ASP A 529 -52.18 -13.84 -61.97
N LEU A 530 -52.28 -13.90 -60.64
CA LEU A 530 -51.23 -13.43 -59.74
C LEU A 530 -51.01 -14.49 -58.67
N ARG A 531 -49.89 -15.22 -58.76
CA ARG A 531 -49.62 -16.35 -57.89
C ARG A 531 -48.42 -16.06 -57.00
N ASP A 532 -48.39 -16.70 -55.85
CA ASP A 532 -47.30 -16.60 -54.89
C ASP A 532 -46.67 -17.99 -54.75
N GLU A 533 -45.58 -18.22 -55.46
CA GLU A 533 -44.89 -19.51 -55.44
C GLU A 533 -43.75 -19.55 -54.42
N SER A 534 -43.68 -18.56 -53.52
CA SER A 534 -42.61 -18.54 -52.52
C SER A 534 -42.67 -19.79 -51.67
N ASP A 535 -41.56 -20.55 -51.65
CA ASP A 535 -41.48 -21.77 -50.85
C ASP A 535 -40.29 -21.69 -49.91
N HIS A 536 -39.84 -22.84 -49.41
CA HIS A 536 -38.67 -22.86 -48.53
C HIS A 536 -37.37 -22.89 -49.32
N GLU A 537 -37.38 -23.47 -50.53
CA GLU A 537 -36.19 -23.45 -51.36
C GLU A 537 -35.91 -22.06 -51.90
N ASN A 538 -36.91 -21.46 -52.57
CA ASN A 538 -36.78 -20.11 -53.09
C ASN A 538 -37.43 -19.13 -52.10
N PRO A 539 -36.68 -18.18 -51.54
CA PRO A 539 -37.29 -17.32 -50.51
C PRO A 539 -38.42 -16.45 -51.03
N THR A 540 -38.25 -15.85 -52.21
CA THR A 540 -39.24 -14.95 -52.77
C THR A 540 -39.43 -15.27 -54.25
N ARG A 541 -40.68 -15.52 -54.65
CA ARG A 541 -40.99 -15.86 -56.04
C ARG A 541 -42.45 -15.46 -56.29
N LEU A 542 -42.65 -14.25 -56.81
CA LEU A 542 -43.96 -13.77 -57.20
C LEU A 542 -44.08 -13.82 -58.71
N VAL A 543 -45.14 -14.45 -59.20
CA VAL A 543 -45.36 -14.64 -60.63
C VAL A 543 -46.53 -13.76 -61.06
N ILE A 544 -46.38 -13.12 -62.21
CA ILE A 544 -47.41 -12.26 -62.80
C ILE A 544 -47.60 -12.74 -64.23
N VAL A 545 -48.75 -13.31 -64.54
CA VAL A 545 -49.03 -13.93 -65.84
C VAL A 545 -49.87 -12.96 -66.66
N PRO A 546 -49.48 -12.64 -67.90
CA PRO A 546 -50.33 -11.82 -68.75
C PRO A 546 -51.38 -12.67 -69.47
N ARG A 547 -52.39 -11.97 -70.00
CA ARG A 547 -53.45 -12.65 -70.71
C ARG A 547 -52.99 -13.15 -72.08
N SER A 548 -51.98 -12.52 -72.66
CA SER A 548 -51.48 -12.93 -73.97
C SER A 548 -50.03 -12.48 -74.11
N ASN A 549 -49.35 -13.05 -75.10
CA ASN A 549 -47.98 -12.65 -75.38
C ASN A 549 -47.92 -11.26 -75.99
N ARG A 550 -48.98 -10.84 -76.69
CA ARG A 550 -49.01 -9.51 -77.27
C ARG A 550 -48.96 -8.42 -76.21
N VAL A 551 -49.31 -8.75 -74.96
CA VAL A 551 -49.26 -7.77 -73.88
C VAL A 551 -47.81 -7.53 -73.51
N ASP A 552 -47.38 -6.27 -73.55
CA ASP A 552 -46.02 -5.88 -73.20
C ASP A 552 -45.91 -5.85 -71.68
N MET A 553 -45.15 -6.80 -71.12
CA MET A 553 -44.92 -6.79 -69.68
C MET A 553 -43.95 -5.70 -69.26
N GLU A 554 -43.11 -5.22 -70.17
CA GLU A 554 -42.20 -4.13 -69.82
C GLU A 554 -42.98 -2.86 -69.49
N GLN A 555 -44.05 -2.59 -70.25
CA GLN A 555 -44.87 -1.42 -69.96
C GLN A 555 -45.65 -1.61 -68.67
N VAL A 556 -46.11 -2.84 -68.40
CA VAL A 556 -46.82 -3.12 -67.16
C VAL A 556 -45.87 -3.03 -65.97
N MET A 557 -44.65 -3.56 -66.14
CA MET A 557 -43.69 -3.54 -65.04
C MET A 557 -43.33 -2.10 -64.66
N ASN A 558 -43.10 -1.25 -65.65
CA ASN A 558 -42.80 0.15 -65.34
C ASN A 558 -43.95 0.80 -64.59
N HIS A 559 -45.19 0.40 -64.88
CA HIS A 559 -46.33 0.96 -64.17
C HIS A 559 -46.38 0.46 -62.73
N LEU A 560 -46.09 -0.82 -62.51
CA LEU A 560 -46.15 -1.37 -61.15
C LEU A 560 -45.02 -0.84 -60.28
N PHE A 561 -43.89 -0.48 -60.89
CA PHE A 561 -42.80 0.11 -60.11
C PHE A 561 -43.23 1.45 -59.52
N ALA A 562 -44.04 2.21 -60.25
CA ALA A 562 -44.55 3.48 -59.76
C ALA A 562 -45.84 3.33 -58.95
N THR A 563 -46.57 2.22 -59.13
CA THR A 563 -47.85 2.01 -58.47
C THR A 563 -47.72 1.15 -57.21
N THR A 564 -46.96 0.05 -57.28
CA THR A 564 -46.80 -0.85 -56.16
C THR A 564 -45.47 -0.59 -55.46
N ASP A 565 -45.19 -1.39 -54.43
CA ASP A 565 -43.96 -1.28 -53.65
C ASP A 565 -42.78 -1.98 -54.31
N LEU A 566 -42.94 -2.51 -55.53
CA LEU A 566 -41.82 -3.14 -56.22
C LEU A 566 -40.63 -2.20 -56.37
N GLU A 567 -40.88 -0.89 -56.33
CA GLU A 567 -39.82 0.11 -56.31
C GLU A 567 -40.05 1.01 -55.11
N LYS A 568 -39.05 1.08 -54.23
CA LYS A 568 -39.14 1.84 -53.00
C LYS A 568 -37.87 2.66 -52.81
N SER A 569 -38.04 3.85 -52.23
CA SER A 569 -36.93 4.74 -51.94
C SER A 569 -36.65 4.75 -50.44
N TYR A 570 -35.42 5.10 -50.09
CA TYR A 570 -34.97 5.12 -48.71
C TYR A 570 -34.23 6.42 -48.43
N ARG A 571 -34.67 7.12 -47.40
CA ARG A 571 -34.05 8.38 -47.01
C ARG A 571 -32.69 8.12 -46.36
N ILE A 572 -31.75 9.02 -46.61
CA ILE A 572 -30.40 8.92 -46.07
C ILE A 572 -30.07 10.23 -45.38
N ASN A 573 -29.75 10.15 -44.09
CA ASN A 573 -29.38 11.34 -43.30
C ASN A 573 -28.29 10.88 -42.33
N LEU A 574 -27.04 11.03 -42.76
CA LEU A 574 -25.91 10.54 -41.98
C LEU A 574 -25.67 11.41 -40.75
N ASN A 575 -26.54 11.28 -39.75
CA ASN A 575 -26.45 12.02 -38.50
C ASN A 575 -26.09 11.06 -37.38
N MET A 576 -25.12 11.46 -36.56
CA MET A 576 -24.62 10.57 -35.51
C MET A 576 -23.90 11.40 -34.47
N ILE A 577 -23.73 10.81 -33.29
CA ILE A 577 -22.98 11.42 -32.21
C ILE A 577 -21.50 11.15 -32.47
N GLY A 578 -20.73 12.19 -32.73
CA GLY A 578 -19.32 12.05 -33.01
C GLY A 578 -18.50 11.85 -31.74
N LEU A 579 -17.19 11.75 -31.94
CA LEU A 579 -16.29 11.58 -30.80
C LEU A 579 -16.33 12.81 -29.89
N ASP A 580 -16.67 13.97 -30.43
CA ASP A 580 -16.80 15.18 -29.63
C ASP A 580 -18.04 15.18 -28.75
N GLY A 581 -18.85 14.13 -28.80
CA GLY A 581 -20.04 14.05 -27.97
C GLY A 581 -21.19 14.89 -28.43
N ARG A 582 -21.19 15.33 -29.69
CA ARG A 582 -22.25 16.17 -30.22
C ARG A 582 -22.74 15.61 -31.54
N PRO A 583 -24.06 15.65 -31.80
CA PRO A 583 -24.57 15.15 -33.07
C PRO A 583 -24.24 16.10 -34.21
N ALA A 584 -24.01 15.52 -35.38
CA ALA A 584 -23.65 16.31 -36.56
C ALA A 584 -23.76 15.45 -37.80
N VAL A 585 -24.16 16.08 -38.90
CA VAL A 585 -24.22 15.40 -40.20
C VAL A 585 -22.80 15.28 -40.73
N LYS A 586 -22.37 14.05 -41.00
CA LYS A 586 -21.01 13.77 -41.42
C LYS A 586 -21.01 13.04 -42.75
N ASN A 587 -20.08 13.44 -43.64
CA ASN A 587 -19.96 12.80 -44.94
C ASN A 587 -19.16 11.50 -44.80
N LEU A 588 -19.04 10.76 -45.91
CA LEU A 588 -18.37 9.47 -45.87
C LEU A 588 -16.92 9.61 -45.42
N LEU A 589 -16.25 10.67 -45.88
CA LEU A 589 -14.85 10.87 -45.50
C LEU A 589 -14.72 11.28 -44.03
N GLU A 590 -15.68 12.08 -43.54
CA GLU A 590 -15.64 12.48 -42.14
C GLU A 590 -15.94 11.30 -41.21
N ILE A 591 -16.70 10.32 -41.69
CA ILE A 591 -17.04 9.17 -40.87
C ILE A 591 -15.83 8.24 -40.74
N LEU A 592 -15.30 7.80 -41.87
CA LEU A 592 -14.13 6.90 -41.83
C LEU A 592 -12.94 7.58 -41.18
N SER A 593 -12.72 8.87 -41.47
CA SER A 593 -11.61 9.59 -40.86
C SER A 593 -11.79 9.69 -39.35
N GLU A 594 -13.01 9.97 -38.90
CA GLU A 594 -13.25 10.12 -37.47
C GLU A 594 -13.24 8.77 -36.76
N TRP A 595 -13.64 7.70 -37.47
CA TRP A 595 -13.61 6.38 -36.85
C TRP A 595 -12.20 5.85 -36.71
N LEU A 596 -11.35 6.09 -37.72
CA LEU A 596 -9.96 5.65 -37.63
C LEU A 596 -9.23 6.35 -36.48
N VAL A 597 -9.63 7.58 -36.16
CA VAL A 597 -9.11 8.22 -34.96
C VAL A 597 -9.60 7.48 -33.73
N PHE A 598 -10.85 7.03 -33.74
CA PHE A 598 -11.38 6.26 -32.62
C PHE A 598 -10.73 4.89 -32.54
N ARG A 599 -10.46 4.25 -33.68
CA ARG A 599 -9.84 2.93 -33.67
C ARG A 599 -8.38 3.01 -33.26
N ARG A 600 -7.63 3.97 -33.81
CA ARG A 600 -6.24 4.14 -33.41
C ARG A 600 -6.13 4.46 -31.93
N ASP A 601 -7.12 5.17 -31.38
CA ASP A 601 -7.09 5.47 -29.96
C ASP A 601 -7.37 4.23 -29.12
N THR A 602 -8.29 3.37 -29.56
CA THR A 602 -8.61 2.18 -28.80
C THR A 602 -7.45 1.18 -28.84
N VAL A 603 -6.79 1.05 -29.99
CA VAL A 603 -5.66 0.13 -30.08
C VAL A 603 -4.51 0.65 -29.24
N ARG A 604 -4.24 1.96 -29.30
CA ARG A 604 -3.20 2.54 -28.45
C ARG A 604 -3.49 2.28 -26.97
N ARG A 605 -4.77 2.25 -26.58
CA ARG A 605 -5.13 1.92 -25.22
C ARG A 605 -5.03 0.43 -24.94
N ARG A 606 -5.27 -0.42 -25.96
CA ARG A 606 -5.13 -1.85 -25.75
C ARG A 606 -3.67 -2.22 -25.49
N LEU A 607 -2.75 -1.67 -26.28
CA LEU A 607 -1.34 -2.02 -26.13
C LEU A 607 -0.78 -1.55 -24.80
N ASN A 608 -1.13 -0.33 -24.39
CA ASN A 608 -0.71 0.14 -23.07
C ASN A 608 -1.25 -0.77 -21.98
N HIS A 609 -2.48 -1.26 -22.14
CA HIS A 609 -3.06 -2.14 -21.14
C HIS A 609 -2.28 -3.46 -21.05
N ARG A 610 -2.07 -4.11 -22.19
CA ARG A 610 -1.30 -5.35 -22.19
C ARG A 610 0.13 -5.10 -21.76
N LEU A 611 0.69 -3.95 -22.13
CA LEU A 611 2.06 -3.63 -21.75
C LEU A 611 2.19 -3.56 -20.24
N GLU A 612 1.25 -2.86 -19.57
CA GLU A 612 1.31 -2.75 -18.13
C GLU A 612 1.16 -4.11 -17.45
N LYS A 613 0.43 -5.03 -18.09
CA LYS A 613 0.30 -6.38 -17.54
C LYS A 613 1.60 -7.16 -17.71
N VAL A 614 2.28 -6.98 -18.84
CA VAL A 614 3.55 -7.66 -19.07
C VAL A 614 4.62 -7.09 -18.16
N LEU A 615 4.64 -5.76 -17.97
CA LEU A 615 5.64 -5.15 -17.10
C LEU A 615 5.46 -5.58 -15.65
N LYS A 616 4.21 -5.60 -15.16
CA LYS A 616 3.98 -5.96 -13.77
C LYS A 616 4.33 -7.42 -13.52
N ARG A 617 4.06 -8.30 -14.47
CA ARG A 617 4.43 -9.70 -14.30
C ARG A 617 5.95 -9.87 -14.33
N LEU A 618 6.61 -9.25 -15.30
CA LEU A 618 8.06 -9.31 -15.33
C LEU A 618 8.65 -8.75 -14.04
N HIS A 619 8.01 -7.76 -13.43
CA HIS A 619 8.45 -7.26 -12.14
C HIS A 619 8.23 -8.30 -11.04
N ILE A 620 7.16 -9.08 -11.16
CA ILE A 620 6.91 -10.15 -10.19
C ILE A 620 7.81 -11.35 -10.46
N LEU A 621 7.98 -11.72 -11.72
CA LEU A 621 8.85 -12.85 -12.04
C LEU A 621 10.28 -12.56 -11.63
N GLU A 622 10.70 -11.29 -11.69
CA GLU A 622 12.03 -10.93 -11.24
C GLU A 622 12.22 -11.27 -9.75
N GLY A 623 11.21 -10.99 -8.94
CA GLY A 623 11.32 -11.27 -7.51
C GLY A 623 11.34 -12.75 -7.20
N LEU A 624 10.60 -13.56 -7.97
CA LEU A 624 10.59 -14.99 -7.72
C LEU A 624 11.97 -15.59 -7.99
N LEU A 625 12.58 -15.23 -9.13
CA LEU A 625 13.91 -15.73 -9.44
C LEU A 625 14.92 -15.31 -8.36
N VAL A 626 14.78 -14.09 -7.84
CA VAL A 626 15.62 -13.67 -6.72
C VAL A 626 15.37 -14.56 -5.51
N ALA A 627 14.10 -14.88 -5.24
CA ALA A 627 13.78 -15.76 -4.13
C ALA A 627 14.34 -17.17 -4.36
N PHE A 628 14.26 -17.66 -5.59
CA PHE A 628 14.79 -18.99 -5.88
C PHE A 628 16.29 -19.04 -5.65
N LEU A 629 17.02 -18.01 -6.09
CA LEU A 629 18.46 -18.00 -5.92
C LEU A 629 18.86 -17.94 -4.44
N ASN A 630 18.06 -17.25 -3.62
CA ASN A 630 18.36 -17.13 -2.20
C ASN A 630 17.22 -17.73 -1.38
N ILE A 631 16.75 -18.92 -1.77
CA ILE A 631 15.64 -19.54 -1.06
C ILE A 631 16.00 -19.81 0.39
N ASP A 632 17.26 -20.17 0.65
CA ASP A 632 17.68 -20.46 2.02
C ASP A 632 17.49 -19.24 2.91
N GLU A 633 17.94 -18.07 2.46
CA GLU A 633 17.81 -16.86 3.26
C GLU A 633 16.36 -16.40 3.34
N VAL A 634 15.61 -16.55 2.24
CA VAL A 634 14.22 -16.11 2.23
C VAL A 634 13.41 -16.82 3.31
N ILE A 635 13.56 -18.15 3.39
CA ILE A 635 12.79 -18.93 4.36
C ILE A 635 13.26 -18.61 5.77
N GLU A 636 14.57 -18.42 5.96
CA GLU A 636 15.07 -18.07 7.28
C GLU A 636 14.50 -16.74 7.75
N ILE A 637 14.33 -15.79 6.83
CA ILE A 637 13.74 -14.51 7.19
C ILE A 637 12.29 -14.68 7.61
N ILE A 638 11.55 -15.56 6.91
CA ILE A 638 10.14 -15.75 7.20
C ILE A 638 9.96 -16.34 8.59
N ARG A 639 10.75 -17.34 8.94
CA ARG A 639 10.56 -18.03 10.21
C ARG A 639 10.99 -17.17 11.39
N THR A 640 12.09 -16.42 11.24
CA THR A 640 12.59 -15.63 12.36
C THR A 640 11.76 -14.36 12.58
N GLU A 641 11.68 -13.51 11.57
CA GLU A 641 10.98 -12.24 11.71
C GLU A 641 9.48 -12.48 11.91
N ASP A 642 8.88 -11.71 12.81
CA ASP A 642 7.45 -11.82 13.04
C ASP A 642 6.67 -11.43 11.79
N GLU A 643 6.98 -10.27 11.22
CA GLU A 643 6.39 -9.79 9.97
C GLU A 643 7.49 -9.73 8.92
N PRO A 644 7.59 -10.72 8.02
CA PRO A 644 8.75 -10.77 7.12
C PRO A 644 8.64 -9.89 5.89
N LYS A 645 7.48 -9.29 5.63
CA LYS A 645 7.35 -8.47 4.43
C LYS A 645 8.36 -7.32 4.40
N PRO A 646 8.51 -6.52 5.46
CA PRO A 646 9.55 -5.47 5.39
C PRO A 646 10.96 -6.03 5.36
N ALA A 647 11.23 -7.10 6.11
CA ALA A 647 12.57 -7.66 6.14
C ALA A 647 13.01 -8.14 4.77
N LEU A 648 12.10 -8.78 4.02
CA LEU A 648 12.44 -9.25 2.68
C LEU A 648 12.79 -8.08 1.77
N MET A 649 12.11 -6.95 1.93
CA MET A 649 12.38 -5.81 1.08
C MET A 649 13.77 -5.22 1.35
N SER A 650 14.20 -5.24 2.60
CA SER A 650 15.50 -4.67 2.94
C SER A 650 16.64 -5.61 2.59
N ARG A 651 16.48 -6.91 2.87
CA ARG A 651 17.57 -7.86 2.67
C ARG A 651 17.91 -8.02 1.19
N PHE A 652 16.91 -8.01 0.32
CA PHE A 652 17.11 -8.23 -1.11
C PHE A 652 16.83 -7.00 -1.94
N GLY A 653 16.47 -5.88 -1.33
CA GLY A 653 16.11 -4.69 -2.10
C GLY A 653 14.97 -4.94 -3.06
N ILE A 654 13.93 -5.63 -2.61
CA ILE A 654 12.79 -5.97 -3.46
C ILE A 654 11.61 -5.09 -3.03
N SER A 655 10.62 -5.01 -3.91
CA SER A 655 9.46 -4.15 -3.68
C SER A 655 8.39 -4.89 -2.89
N GLU A 656 7.46 -4.13 -2.33
CA GLU A 656 6.39 -4.72 -1.54
C GLU A 656 5.53 -5.65 -2.39
N THR A 657 5.22 -5.25 -3.63
CA THR A 657 4.45 -6.13 -4.50
C THR A 657 5.22 -7.39 -4.86
N GLN A 658 6.55 -7.30 -4.96
CA GLN A 658 7.36 -8.48 -5.23
C GLN A 658 7.38 -9.41 -4.02
N ALA A 659 7.45 -8.85 -2.81
CA ALA A 659 7.48 -9.67 -1.61
C ALA A 659 6.20 -10.48 -1.45
N GLU A 660 5.04 -9.85 -1.72
CA GLU A 660 3.78 -10.56 -1.58
C GLU A 660 3.71 -11.77 -2.51
N ALA A 661 4.30 -11.66 -3.70
CA ALA A 661 4.32 -12.80 -4.61
C ALA A 661 5.20 -13.92 -4.06
N ILE A 662 6.31 -13.57 -3.42
CA ILE A 662 7.19 -14.58 -2.83
C ILE A 662 6.47 -15.27 -1.68
N LEU A 663 5.78 -14.51 -0.83
CA LEU A 663 5.08 -15.11 0.30
C LEU A 663 3.95 -16.03 -0.16
N GLU A 664 3.32 -15.72 -1.29
CA GLU A 664 2.22 -16.52 -1.82
C GLU A 664 2.71 -17.64 -2.73
N LEU A 665 3.99 -17.98 -2.68
CA LEU A 665 4.55 -19.04 -3.50
C LEU A 665 4.36 -20.39 -2.81
N LYS A 666 3.91 -21.38 -3.57
CA LYS A 666 3.68 -22.71 -3.04
C LYS A 666 4.97 -23.52 -3.02
N LEU A 667 5.06 -24.44 -2.06
CA LEU A 667 6.26 -25.27 -1.96
C LEU A 667 6.50 -26.08 -3.22
N ARG A 668 5.43 -26.44 -3.93
CA ARG A 668 5.59 -27.15 -5.19
C ARG A 668 6.41 -26.34 -6.18
N HIS A 669 6.31 -25.01 -6.12
CA HIS A 669 7.02 -24.14 -7.04
C HIS A 669 8.52 -24.11 -6.78
N LEU A 670 8.97 -24.62 -5.63
CA LEU A 670 10.40 -24.67 -5.35
C LEU A 670 11.12 -25.73 -6.17
N ALA A 671 10.39 -26.65 -6.80
CA ALA A 671 11.02 -27.66 -7.62
C ALA A 671 11.73 -27.02 -8.81
N LYS A 672 12.74 -27.71 -9.32
CA LYS A 672 13.53 -27.16 -10.40
C LYS A 672 12.72 -27.00 -11.68
N LEU A 673 11.71 -27.83 -11.89
CA LEU A 673 10.90 -27.72 -13.11
C LEU A 673 10.10 -26.44 -13.12
N GLU A 674 9.52 -26.05 -11.98
CA GLU A 674 8.73 -24.83 -11.92
C GLU A 674 9.58 -23.57 -12.07
N GLU A 675 10.88 -23.64 -11.74
CA GLU A 675 11.76 -22.52 -12.01
C GLU A 675 12.02 -22.35 -13.49
N MET A 676 12.27 -23.46 -14.20
CA MET A 676 12.47 -23.40 -15.64
C MET A 676 11.23 -22.89 -16.35
N LYS A 677 10.04 -23.20 -15.83
CA LYS A 677 8.82 -22.68 -16.44
C LYS A 677 8.74 -21.17 -16.30
N ILE A 678 9.23 -20.61 -15.19
CA ILE A 678 9.21 -19.16 -15.01
C ILE A 678 10.24 -18.51 -15.92
N ARG A 679 11.45 -19.07 -15.99
CA ARG A 679 12.48 -18.50 -16.85
C ARG A 679 12.04 -18.52 -18.31
N GLY A 680 11.26 -19.53 -18.70
CA GLY A 680 10.74 -19.55 -20.06
C GLY A 680 9.65 -18.52 -20.25
N GLU A 681 8.77 -18.37 -19.26
CA GLU A 681 7.73 -17.35 -19.33
C GLU A 681 8.35 -15.95 -19.37
N GLN A 682 9.47 -15.75 -18.68
CA GLN A 682 10.12 -14.44 -18.71
C GLN A 682 10.76 -14.17 -20.06
N SER A 683 11.39 -15.18 -20.65
CA SER A 683 12.00 -15.01 -21.96
C SER A 683 10.96 -14.60 -23.00
N GLU A 684 9.75 -15.17 -22.89
CA GLU A 684 8.68 -14.81 -23.82
C GLU A 684 8.14 -13.43 -23.51
N LEU A 685 7.88 -13.15 -22.22
CA LEU A 685 7.33 -11.84 -21.85
C LEU A 685 8.29 -10.72 -22.20
N GLU A 686 9.60 -10.96 -22.11
CA GLU A 686 10.56 -9.95 -22.50
C GLU A 686 10.46 -9.66 -23.99
N LYS A 687 10.20 -10.69 -24.80
CA LYS A 687 9.97 -10.48 -26.23
C LYS A 687 8.71 -9.65 -26.45
N GLU A 688 7.65 -9.93 -25.68
CA GLU A 688 6.42 -9.18 -25.85
C GLU A 688 6.56 -7.75 -25.32
N ARG A 689 7.47 -7.51 -24.38
CA ARG A 689 7.63 -6.18 -23.83
C ARG A 689 8.21 -5.23 -24.87
N ASP A 690 9.26 -5.65 -25.56
CA ASP A 690 9.89 -4.79 -26.56
C ASP A 690 9.04 -4.64 -27.80
N GLN A 691 8.21 -5.65 -28.13
CA GLN A 691 7.35 -5.53 -29.30
C GLN A 691 6.28 -4.48 -29.08
N LEU A 692 5.63 -4.50 -27.91
CA LEU A 692 4.59 -3.51 -27.63
C LEU A 692 5.17 -2.11 -27.54
N GLN A 693 6.34 -1.96 -26.92
CA GLN A 693 6.97 -0.65 -26.81
C GLN A 693 7.37 -0.11 -28.17
N ALA A 694 7.69 -0.98 -29.12
CA ALA A 694 8.08 -0.53 -30.44
C ALA A 694 6.87 0.00 -31.21
N ILE A 695 5.76 -0.73 -31.17
CA ILE A 695 4.56 -0.29 -31.86
C ILE A 695 4.02 1.00 -31.24
N LEU A 696 4.16 1.14 -29.92
CA LEU A 696 3.67 2.34 -29.26
C LEU A 696 4.55 3.56 -29.53
N ALA A 697 5.79 3.36 -29.96
CA ALA A 697 6.70 4.47 -30.20
C ALA A 697 6.58 5.04 -31.61
N SER A 698 6.44 4.18 -32.61
CA SER A 698 6.38 4.60 -34.00
C SER A 698 4.94 4.59 -34.49
N GLU A 699 4.51 5.69 -35.12
CA GLU A 699 3.18 5.73 -35.70
C GLU A 699 3.09 4.83 -36.93
N ARG A 700 4.18 4.71 -37.69
CA ARG A 700 4.16 3.82 -38.84
C ARG A 700 3.97 2.37 -38.42
N LYS A 701 4.60 1.96 -37.32
CA LYS A 701 4.46 0.59 -36.87
C LYS A 701 3.04 0.30 -36.41
N MET A 702 2.36 1.30 -35.83
CA MET A 702 0.98 1.10 -35.41
C MET A 702 0.04 1.07 -36.61
N ASN A 703 0.31 1.90 -37.63
CA ASN A 703 -0.54 1.92 -38.81
C ASN A 703 -0.50 0.59 -39.54
N ASN A 704 0.66 -0.06 -39.56
CA ASN A 704 0.75 -1.39 -40.18
C ASN A 704 -0.06 -2.41 -39.40
N LEU A 705 -0.18 -2.24 -38.07
CA LEU A 705 -1.03 -3.14 -37.28
C LEU A 705 -2.50 -2.92 -37.62
N LEU A 706 -2.95 -1.65 -37.62
CA LEU A 706 -4.32 -1.37 -38.02
C LEU A 706 -4.60 -1.87 -39.42
N LYS A 707 -3.68 -1.63 -40.35
CA LYS A 707 -3.86 -2.12 -41.71
C LYS A 707 -3.95 -3.63 -41.75
N LYS A 708 -3.35 -4.32 -40.77
CA LYS A 708 -3.40 -5.78 -40.74
C LYS A 708 -4.68 -6.28 -40.09
N GLU A 709 -5.09 -5.67 -38.98
CA GLU A 709 -6.29 -6.12 -38.29
C GLU A 709 -7.54 -5.89 -39.12
N LEU A 710 -7.62 -4.76 -39.81
CA LEU A 710 -8.78 -4.49 -40.65
C LEU A 710 -8.89 -5.52 -41.77
N GLN A 711 -7.75 -5.91 -42.35
CA GLN A 711 -7.76 -6.92 -43.40
C GLN A 711 -8.07 -8.29 -42.82
N ALA A 712 -7.57 -8.57 -41.61
CA ALA A 712 -7.83 -9.86 -40.98
C ALA A 712 -9.31 -10.02 -40.64
N ASP A 713 -9.93 -8.96 -40.11
CA ASP A 713 -11.35 -9.03 -39.78
C ASP A 713 -12.21 -9.10 -41.04
N ALA A 714 -11.78 -8.46 -42.12
CA ALA A 714 -12.56 -8.50 -43.35
C ALA A 714 -12.51 -9.89 -43.99
N ASP A 715 -11.39 -10.60 -43.84
CA ASP A 715 -11.30 -11.93 -44.43
C ASP A 715 -12.13 -12.94 -43.65
N ALA A 716 -12.39 -12.69 -42.37
CA ALA A 716 -13.13 -13.63 -41.54
C ALA A 716 -14.63 -13.33 -41.53
N PHE A 717 -15.01 -12.09 -41.25
CA PHE A 717 -16.42 -11.72 -41.13
C PHE A 717 -16.99 -11.14 -42.42
N GLY A 718 -16.16 -10.77 -43.38
CA GLY A 718 -16.66 -10.18 -44.60
C GLY A 718 -17.46 -11.16 -45.44
N ASP A 719 -18.28 -10.60 -46.31
CA ASP A 719 -19.11 -11.39 -47.21
C ASP A 719 -19.31 -10.64 -48.52
N ASP A 720 -19.83 -11.37 -49.51
CA ASP A 720 -20.04 -10.81 -50.83
C ASP A 720 -21.12 -9.73 -50.80
N ARG A 721 -21.18 -8.97 -51.89
CA ARG A 721 -22.20 -7.94 -52.03
C ARG A 721 -23.56 -8.57 -52.31
N ARG A 722 -24.56 -8.20 -51.52
CA ARG A 722 -25.90 -8.76 -51.68
C ARG A 722 -26.74 -7.95 -52.66
N SER A 723 -26.87 -6.65 -52.43
CA SER A 723 -27.70 -5.80 -53.28
C SER A 723 -26.83 -5.22 -54.39
N PRO A 724 -27.01 -5.62 -55.65
CA PRO A 724 -26.14 -5.10 -56.71
C PRO A 724 -26.50 -3.66 -57.08
N LEU A 725 -25.47 -2.94 -57.51
CA LEU A 725 -25.61 -1.55 -57.94
C LEU A 725 -25.50 -1.48 -59.46
N HIS A 726 -26.46 -0.81 -60.08
CA HIS A 726 -26.46 -0.66 -61.54
C HIS A 726 -27.29 0.54 -61.97
N LEU B 10 -65.27 -18.78 -41.94
CA LEU B 10 -64.48 -17.65 -42.43
C LEU B 10 -64.14 -16.68 -41.30
N PRO B 11 -65.15 -16.22 -40.56
CA PRO B 11 -64.89 -15.28 -39.47
C PRO B 11 -63.92 -15.87 -38.46
N GLY B 12 -63.05 -15.00 -37.93
CA GLY B 12 -62.10 -15.41 -36.91
C GLY B 12 -60.65 -15.30 -37.36
N LYS B 13 -59.73 -15.31 -36.40
CA LYS B 13 -58.29 -15.25 -36.69
C LYS B 13 -57.79 -16.65 -37.01
N LEU B 14 -58.24 -17.16 -38.16
CA LEU B 14 -57.90 -18.49 -38.63
C LEU B 14 -57.39 -18.40 -40.05
N ALA B 15 -56.21 -18.99 -40.29
CA ALA B 15 -55.62 -19.02 -41.63
C ALA B 15 -56.36 -20.04 -42.48
N ASP B 16 -56.87 -19.60 -43.63
CA ASP B 16 -57.67 -20.42 -44.51
C ASP B 16 -56.81 -20.91 -45.68
N CYS B 17 -57.18 -22.08 -46.21
CA CYS B 17 -56.47 -22.66 -47.33
C CYS B 17 -57.14 -22.29 -48.65
N THR B 18 -56.31 -22.21 -49.70
CA THR B 18 -56.81 -21.77 -51.00
C THR B 18 -57.64 -22.86 -51.67
N ALA B 19 -57.16 -24.10 -51.62
CA ALA B 19 -57.86 -25.20 -52.30
C ALA B 19 -59.15 -25.55 -51.57
N GLN B 20 -60.10 -26.10 -52.33
CA GLN B 20 -61.38 -26.53 -51.79
C GLN B 20 -61.62 -28.02 -51.97
N ASP B 21 -60.60 -28.79 -52.33
CA ASP B 21 -60.75 -30.23 -52.51
C ASP B 21 -60.61 -30.89 -51.14
N LEU B 22 -61.72 -31.41 -50.61
CA LEU B 22 -61.68 -32.03 -49.29
C LEU B 22 -60.77 -33.24 -49.24
N ASN B 23 -60.48 -33.87 -50.37
CA ASN B 23 -59.62 -35.04 -50.37
C ASN B 23 -58.19 -34.69 -49.98
N ARG B 24 -57.74 -33.47 -50.29
CA ARG B 24 -56.37 -33.05 -50.04
C ARG B 24 -56.25 -31.97 -48.98
N THR B 25 -57.35 -31.35 -48.57
CA THR B 25 -57.28 -30.24 -47.63
C THR B 25 -57.18 -30.74 -46.19
N GLU B 26 -56.43 -29.99 -45.37
CA GLU B 26 -56.20 -30.34 -43.98
C GLU B 26 -56.30 -29.09 -43.12
N LEU B 27 -56.89 -29.23 -41.93
CA LEU B 27 -56.99 -28.16 -40.96
C LEU B 27 -56.29 -28.58 -39.68
N PHE B 28 -55.51 -27.67 -39.10
CA PHE B 28 -54.74 -27.93 -37.89
C PHE B 28 -55.19 -27.00 -36.77
N LEU B 29 -55.44 -27.57 -35.60
CA LEU B 29 -55.82 -26.82 -34.40
C LEU B 29 -54.61 -26.75 -33.49
N VAL B 30 -54.09 -25.53 -33.27
CA VAL B 30 -52.87 -25.31 -32.51
C VAL B 30 -53.22 -24.94 -31.09
N GLU B 31 -52.34 -25.32 -30.15
CA GLU B 31 -52.59 -25.06 -28.73
C GLU B 31 -52.14 -23.66 -28.33
N GLY B 32 -50.94 -23.28 -28.70
CA GLY B 32 -50.40 -21.97 -28.35
C GLY B 32 -50.49 -21.00 -29.50
N ASP B 33 -50.79 -19.73 -29.19
CA ASP B 33 -50.79 -18.71 -30.21
C ASP B 33 -49.39 -18.49 -30.76
N SER B 34 -48.38 -18.60 -29.91
CA SER B 34 -47.00 -18.52 -30.37
C SER B 34 -46.70 -19.66 -31.35
N ALA B 35 -47.12 -20.88 -31.00
CA ALA B 35 -46.97 -22.00 -31.92
C ALA B 35 -47.83 -21.82 -33.16
N GLY B 36 -48.99 -21.19 -33.02
CA GLY B 36 -49.83 -20.96 -34.19
C GLY B 36 -49.17 -20.02 -35.18
N GLY B 37 -48.58 -18.94 -34.69
CA GLY B 37 -47.83 -18.06 -35.58
C GLY B 37 -46.69 -18.79 -36.28
N SER B 38 -46.00 -19.66 -35.55
CA SER B 38 -44.96 -20.48 -36.17
C SER B 38 -45.55 -21.44 -37.19
N ALA B 39 -46.76 -21.95 -36.92
CA ALA B 39 -47.39 -22.87 -37.86
C ALA B 39 -47.83 -22.13 -39.13
N LYS B 40 -48.30 -20.89 -39.00
CA LYS B 40 -48.73 -20.13 -40.17
C LYS B 40 -47.54 -19.82 -41.09
N GLN B 41 -46.35 -19.67 -40.53
CA GLN B 41 -45.18 -19.38 -41.35
C GLN B 41 -44.73 -20.61 -42.13
N ALA B 42 -44.93 -21.80 -41.57
CA ALA B 42 -44.46 -23.03 -42.18
C ALA B 42 -45.54 -23.81 -42.92
N ARG B 43 -46.80 -23.40 -42.82
CA ARG B 43 -47.86 -24.13 -43.49
C ARG B 43 -47.73 -24.00 -45.01
N ASP B 44 -48.12 -25.05 -45.71
CA ASP B 44 -48.21 -25.03 -47.17
C ASP B 44 -49.57 -24.46 -47.55
N ARG B 45 -49.58 -23.23 -48.06
CA ARG B 45 -50.83 -22.57 -48.39
C ARG B 45 -51.67 -23.36 -49.39
N GLU B 46 -51.06 -24.31 -50.09
CA GLU B 46 -51.78 -25.07 -51.11
C GLU B 46 -52.88 -25.94 -50.49
N TYR B 47 -52.59 -26.56 -49.34
CA TYR B 47 -53.56 -27.50 -48.76
C TYR B 47 -53.51 -27.56 -47.23
N GLN B 48 -52.90 -26.59 -46.56
CA GLN B 48 -52.77 -26.60 -45.11
C GLN B 48 -53.38 -25.33 -44.53
N ALA B 49 -54.26 -25.49 -43.55
CA ALA B 49 -54.89 -24.39 -42.84
C ALA B 49 -54.57 -24.49 -41.35
N ILE B 50 -54.36 -23.34 -40.73
CA ILE B 50 -53.96 -23.27 -39.32
C ILE B 50 -54.99 -22.45 -38.55
N MET B 51 -55.30 -22.89 -37.33
CA MET B 51 -56.17 -22.15 -36.43
C MET B 51 -55.62 -22.21 -35.01
N PRO B 52 -55.20 -21.08 -34.43
CA PRO B 52 -54.68 -21.12 -33.06
C PRO B 52 -55.82 -21.13 -32.04
N LEU B 53 -55.63 -21.93 -30.99
CA LEU B 53 -56.58 -22.03 -29.88
C LEU B 53 -55.95 -21.36 -28.67
N LYS B 54 -56.29 -20.09 -28.46
CA LYS B 54 -55.72 -19.33 -27.34
C LYS B 54 -56.21 -19.91 -26.03
N GLY B 55 -55.29 -20.48 -25.25
CA GLY B 55 -55.64 -21.06 -23.97
C GLY B 55 -56.34 -22.38 -24.11
N LYS B 56 -56.92 -22.84 -23.00
CA LYS B 56 -57.66 -24.08 -22.99
C LYS B 56 -59.07 -23.87 -23.52
N ILE B 57 -59.71 -24.96 -23.91
CA ILE B 57 -61.04 -24.94 -24.50
C ILE B 57 -62.05 -25.45 -23.48
N LEU B 58 -63.29 -24.98 -23.61
CA LEU B 58 -64.35 -25.38 -22.70
C LEU B 58 -64.62 -26.88 -22.80
N ASN B 59 -64.86 -27.50 -21.64
CA ASN B 59 -65.21 -28.92 -21.57
C ASN B 59 -66.64 -29.07 -22.08
N THR B 60 -66.77 -29.18 -23.40
CA THR B 60 -68.09 -29.22 -24.05
C THR B 60 -68.59 -30.67 -24.13
N TRP B 61 -68.76 -31.27 -22.97
CA TRP B 61 -69.35 -32.61 -22.83
C TRP B 61 -70.73 -32.56 -22.20
N GLU B 62 -70.87 -31.84 -21.09
CA GLU B 62 -72.17 -31.64 -20.44
C GLU B 62 -72.82 -30.32 -20.86
N VAL B 63 -72.17 -29.54 -21.72
CA VAL B 63 -72.72 -28.27 -22.17
C VAL B 63 -73.74 -28.52 -23.28
N SER B 64 -74.81 -27.73 -23.27
CA SER B 64 -75.84 -27.88 -24.28
C SER B 64 -75.34 -27.38 -25.64
N SER B 65 -76.09 -27.72 -26.69
CA SER B 65 -75.71 -27.29 -28.03
C SER B 65 -75.61 -25.78 -28.12
N ASP B 66 -76.53 -25.06 -27.47
CA ASP B 66 -76.46 -23.60 -27.46
C ASP B 66 -75.27 -23.13 -26.62
N GLU B 67 -74.97 -23.82 -25.53
CA GLU B 67 -73.84 -23.44 -24.70
C GLU B 67 -72.51 -23.62 -25.43
N VAL B 68 -72.42 -24.62 -26.32
CA VAL B 68 -71.19 -24.82 -27.09
C VAL B 68 -70.97 -23.65 -28.04
N LEU B 69 -72.06 -23.11 -28.61
CA LEU B 69 -71.95 -21.95 -29.48
C LEU B 69 -71.71 -20.67 -28.70
N ALA B 70 -71.92 -20.67 -27.39
CA ALA B 70 -71.69 -19.47 -26.59
C ALA B 70 -70.21 -19.20 -26.37
N SER B 71 -69.42 -20.24 -26.15
CA SER B 71 -67.99 -20.07 -25.92
C SER B 71 -67.31 -19.64 -27.21
N GLN B 72 -66.54 -18.55 -27.15
CA GLN B 72 -65.92 -18.01 -28.35
C GLN B 72 -64.94 -19.00 -28.96
N GLU B 73 -64.18 -19.70 -28.12
CA GLU B 73 -63.19 -20.64 -28.62
C GLU B 73 -63.85 -21.77 -29.39
N VAL B 74 -64.76 -22.50 -28.74
CA VAL B 74 -65.40 -23.64 -29.39
C VAL B 74 -66.32 -23.18 -30.51
N HIS B 75 -66.93 -22.01 -30.38
CA HIS B 75 -67.77 -21.49 -31.46
C HIS B 75 -66.96 -21.27 -32.73
N ASP B 76 -65.81 -20.59 -32.60
CA ASP B 76 -64.96 -20.37 -33.77
C ASP B 76 -64.44 -21.68 -34.33
N ILE B 77 -64.31 -22.71 -33.49
CA ILE B 77 -63.89 -24.03 -33.97
C ILE B 77 -64.96 -24.63 -34.87
N SER B 78 -66.23 -24.49 -34.49
CA SER B 78 -67.30 -25.02 -35.31
C SER B 78 -67.40 -24.29 -36.64
N VAL B 79 -67.21 -22.97 -36.62
CA VAL B 79 -67.27 -22.20 -37.87
C VAL B 79 -66.13 -22.61 -38.80
N ALA B 80 -64.92 -22.78 -38.27
CA ALA B 80 -63.79 -23.16 -39.10
C ALA B 80 -63.97 -24.57 -39.67
N ILE B 81 -64.44 -25.50 -38.85
CA ILE B 81 -64.65 -26.86 -39.33
C ILE B 81 -65.78 -26.89 -40.36
N GLY B 82 -66.82 -26.09 -40.14
CA GLY B 82 -67.94 -26.02 -41.05
C GLY B 82 -69.12 -26.93 -40.70
N ILE B 83 -69.15 -27.50 -39.50
CA ILE B 83 -70.21 -28.40 -39.09
C ILE B 83 -70.85 -27.86 -37.83
N ASP B 84 -72.18 -27.88 -37.79
CA ASP B 84 -72.93 -27.46 -36.63
C ASP B 84 -72.96 -28.58 -35.58
N PRO B 85 -73.20 -28.23 -34.32
CA PRO B 85 -73.19 -29.26 -33.25
C PRO B 85 -74.39 -30.19 -33.28
N ASP B 86 -75.26 -30.08 -34.28
CA ASP B 86 -76.33 -31.05 -34.49
C ASP B 86 -75.89 -32.25 -35.32
N SER B 87 -74.62 -32.32 -35.71
CA SER B 87 -74.12 -33.42 -36.53
C SER B 87 -74.81 -33.48 -37.88
N ASP B 88 -74.97 -32.32 -38.51
CA ASP B 88 -75.61 -32.22 -39.82
C ASP B 88 -74.68 -31.57 -40.83
N TYR B 95 -63.18 -28.40 -44.69
CA TYR B 95 -61.88 -29.07 -44.78
C TYR B 95 -62.04 -30.58 -44.67
N GLY B 96 -61.03 -31.32 -45.15
CA GLY B 96 -61.09 -32.77 -45.15
C GLY B 96 -60.66 -33.40 -43.84
N LYS B 97 -59.44 -33.07 -43.40
CA LYS B 97 -58.87 -33.64 -42.19
C LYS B 97 -58.73 -32.55 -41.14
N ILE B 98 -59.19 -32.84 -39.92
CA ILE B 98 -59.07 -31.93 -38.78
C ILE B 98 -58.05 -32.55 -37.83
N CYS B 99 -56.89 -31.91 -37.71
CA CYS B 99 -55.79 -32.42 -36.91
C CYS B 99 -55.65 -31.60 -35.64
N ILE B 100 -55.55 -32.28 -34.51
CA ILE B 100 -55.34 -31.63 -33.21
C ILE B 100 -53.83 -31.60 -32.95
N LEU B 101 -53.24 -30.41 -33.07
CA LEU B 101 -51.80 -30.22 -32.92
C LEU B 101 -51.53 -29.48 -31.61
N ALA B 102 -50.91 -30.17 -30.66
CA ALA B 102 -50.61 -29.59 -29.36
C ALA B 102 -49.21 -30.01 -28.93
N ASP B 103 -48.66 -29.27 -27.97
CA ASP B 103 -47.34 -29.57 -27.44
C ASP B 103 -47.32 -30.96 -26.80
N ALA B 104 -46.11 -31.51 -26.65
CA ALA B 104 -45.90 -32.80 -25.99
C ALA B 104 -45.74 -32.67 -24.50
N ASP B 105 -46.46 -31.75 -23.87
CA ASP B 105 -46.48 -31.60 -22.42
C ASP B 105 -47.86 -31.97 -21.88
N SER B 106 -47.92 -32.17 -20.56
CA SER B 106 -49.12 -32.71 -19.95
C SER B 106 -50.37 -31.92 -20.34
N ASP B 107 -50.25 -30.61 -20.57
CA ASP B 107 -51.40 -29.82 -20.97
C ASP B 107 -51.80 -30.08 -22.41
N GLY B 108 -50.82 -30.31 -23.28
CA GLY B 108 -51.14 -30.65 -24.67
C GLY B 108 -52.04 -31.86 -24.75
N LEU B 109 -51.75 -32.90 -23.96
CA LEU B 109 -52.65 -34.04 -23.88
C LEU B 109 -53.99 -33.66 -23.27
N HIS B 110 -53.98 -32.71 -22.33
CA HIS B 110 -55.23 -32.25 -21.73
C HIS B 110 -56.07 -31.47 -22.74
N ILE B 111 -55.44 -30.53 -23.46
CA ILE B 111 -56.16 -29.77 -24.48
C ILE B 111 -56.69 -30.69 -25.56
N ALA B 112 -55.93 -31.74 -25.89
CA ALA B 112 -56.38 -32.70 -26.89
C ALA B 112 -57.60 -33.48 -26.41
N THR B 113 -57.57 -33.94 -25.16
CA THR B 113 -58.71 -34.68 -24.62
C THR B 113 -59.98 -33.82 -24.63
N LEU B 114 -59.85 -32.53 -24.30
CA LEU B 114 -61.00 -31.64 -24.34
C LEU B 114 -61.55 -31.50 -25.75
N LEU B 115 -60.67 -31.52 -26.76
CA LEU B 115 -61.14 -31.47 -28.14
C LEU B 115 -61.77 -32.79 -28.57
N CYS B 116 -61.28 -33.92 -28.04
CA CYS B 116 -61.91 -35.20 -28.32
C CYS B 116 -63.32 -35.24 -27.76
N ALA B 117 -63.51 -34.74 -26.54
CA ALA B 117 -64.85 -34.68 -25.97
C ALA B 117 -65.77 -33.80 -26.81
N LEU B 118 -65.22 -32.73 -27.38
CA LEU B 118 -66.02 -31.87 -28.26
C LEU B 118 -66.43 -32.60 -29.53
N PHE B 119 -65.50 -33.36 -30.12
CA PHE B 119 -65.77 -34.06 -31.37
C PHE B 119 -66.62 -35.31 -31.17
N VAL B 120 -66.58 -35.91 -29.98
CA VAL B 120 -67.31 -37.16 -29.76
C VAL B 120 -68.77 -36.90 -29.44
N ARG B 121 -69.07 -35.89 -28.62
CA ARG B 121 -70.44 -35.68 -28.18
C ARG B 121 -71.24 -34.85 -29.17
N HIS B 122 -70.65 -33.77 -29.70
CA HIS B 122 -71.38 -32.86 -30.58
C HIS B 122 -71.17 -33.13 -32.06
N PHE B 123 -69.98 -33.59 -32.45
CA PHE B 123 -69.70 -33.89 -33.85
C PHE B 123 -69.39 -35.38 -34.02
N ARG B 124 -70.29 -36.24 -33.54
CA ARG B 124 -70.04 -37.67 -33.61
C ARG B 124 -69.85 -38.14 -35.06
N THR B 125 -70.54 -37.51 -36.01
CA THR B 125 -70.39 -37.90 -37.40
C THR B 125 -68.98 -37.62 -37.90
N LEU B 126 -68.32 -36.59 -37.35
CA LEU B 126 -66.97 -36.27 -37.79
C LEU B 126 -65.97 -37.30 -37.28
N VAL B 127 -66.04 -37.63 -35.99
CA VAL B 127 -65.07 -38.56 -35.41
C VAL B 127 -65.30 -39.97 -35.93
N LYS B 128 -66.56 -40.35 -36.14
CA LYS B 128 -66.85 -41.70 -36.63
C LYS B 128 -66.43 -41.85 -38.10
N GLU B 129 -66.55 -40.79 -38.89
CA GLU B 129 -66.16 -40.87 -40.29
C GLU B 129 -64.65 -40.92 -40.49
N GLY B 130 -63.88 -40.52 -39.47
CA GLY B 130 -62.43 -40.56 -39.58
C GLY B 130 -61.79 -39.28 -40.05
N HIS B 131 -62.39 -38.12 -39.76
CA HIS B 131 -61.85 -36.84 -40.16
C HIS B 131 -61.04 -36.16 -39.07
N VAL B 132 -60.99 -36.73 -37.88
CA VAL B 132 -60.23 -36.18 -36.76
C VAL B 132 -58.89 -36.88 -36.67
N TYR B 133 -57.82 -36.10 -36.45
CA TYR B 133 -56.47 -36.62 -36.34
C TYR B 133 -55.80 -36.03 -35.12
N VAL B 134 -54.75 -36.71 -34.67
CA VAL B 134 -53.97 -36.29 -33.50
C VAL B 134 -52.50 -36.22 -33.92
N ALA B 135 -51.91 -35.04 -33.80
CA ALA B 135 -50.51 -34.85 -34.15
C ALA B 135 -49.63 -35.37 -33.04
N LEU B 136 -48.52 -36.01 -33.42
CA LEU B 136 -47.59 -36.60 -32.47
C LEU B 136 -46.25 -35.87 -32.53
N PRO B 137 -45.98 -34.93 -31.63
CA PRO B 137 -44.67 -34.25 -31.64
C PRO B 137 -43.64 -35.06 -30.89
N PRO B 138 -42.36 -34.91 -31.22
CA PRO B 138 -41.31 -35.69 -30.57
C PRO B 138 -40.86 -35.07 -29.25
N LEU B 139 -40.29 -35.93 -28.41
CA LEU B 139 -39.73 -35.52 -27.13
C LEU B 139 -38.22 -35.32 -27.19
N TYR B 140 -37.52 -36.10 -28.01
CA TYR B 140 -36.07 -35.98 -28.15
C TYR B 140 -35.68 -36.00 -29.62
N ALA B 151 -39.99 -40.47 -30.67
CA ALA B 151 -39.56 -40.71 -29.30
C ALA B 151 -40.58 -40.14 -28.32
N LEU B 152 -41.86 -40.31 -28.65
CA LEU B 152 -42.94 -39.83 -27.79
C LEU B 152 -43.04 -40.60 -26.48
N THR B 153 -42.37 -41.74 -26.35
CA THR B 153 -42.46 -42.54 -25.15
C THR B 153 -41.55 -41.98 -24.06
N GLU B 154 -41.59 -42.61 -22.89
CA GLU B 154 -40.77 -42.19 -21.76
C GLU B 154 -39.39 -42.81 -21.84
N GLU B 155 -38.71 -42.62 -22.98
CA GLU B 155 -37.37 -43.16 -23.19
C GLU B 155 -37.34 -44.67 -22.99
N GLU B 156 -38.32 -45.36 -23.56
CA GLU B 156 -38.37 -46.81 -23.45
C GLU B 156 -37.50 -47.49 -24.48
N LYS B 157 -37.26 -46.84 -25.63
CA LYS B 157 -36.39 -47.42 -26.65
C LYS B 157 -34.92 -47.25 -26.32
N THR B 158 -34.56 -46.19 -25.59
CA THR B 158 -33.16 -45.98 -25.23
C THR B 158 -32.63 -47.14 -24.40
N GLY B 159 -33.45 -47.67 -23.48
CA GLY B 159 -33.01 -48.78 -22.66
C GLY B 159 -32.68 -50.03 -23.45
N VAL B 160 -33.16 -50.13 -24.69
CA VAL B 160 -32.88 -51.29 -25.53
C VAL B 160 -31.47 -51.18 -26.12
N ARG B 175 -33.31 -32.82 -25.83
CA ARG B 175 -34.65 -32.44 -25.42
C ARG B 175 -35.32 -31.57 -26.48
N PHE B 176 -36.54 -31.93 -26.85
CA PHE B 176 -37.31 -31.20 -27.84
C PHE B 176 -38.13 -30.11 -27.16
N LYS B 177 -37.81 -28.86 -27.46
CA LYS B 177 -38.59 -27.75 -26.91
C LYS B 177 -40.02 -27.80 -27.43
N GLY B 178 -40.91 -27.06 -26.76
CA GLY B 178 -42.30 -27.04 -27.14
C GLY B 178 -42.51 -26.45 -28.52
N LEU B 179 -43.74 -26.60 -29.01
CA LEU B 179 -44.06 -26.09 -30.34
C LEU B 179 -43.86 -24.59 -30.43
N GLY B 180 -44.05 -23.87 -29.32
CA GLY B 180 -43.86 -22.44 -29.35
C GLY B 180 -42.40 -22.03 -29.44
N GLU B 181 -41.51 -22.84 -28.87
CA GLU B 181 -40.08 -22.57 -28.89
C GLU B 181 -39.37 -23.22 -30.08
N MET B 182 -40.10 -23.95 -30.91
CA MET B 182 -39.52 -24.63 -32.06
C MET B 182 -39.46 -23.69 -33.26
N ASN B 183 -38.46 -23.91 -34.11
CA ASN B 183 -38.34 -23.11 -35.32
C ASN B 183 -39.44 -23.47 -36.30
N PRO B 184 -39.89 -22.51 -37.11
CA PRO B 184 -40.93 -22.84 -38.11
C PRO B 184 -40.55 -23.99 -39.02
N MET B 185 -39.31 -24.00 -39.52
CA MET B 185 -38.88 -25.10 -40.40
C MET B 185 -38.87 -26.43 -39.64
N GLN B 186 -38.42 -26.42 -38.38
CA GLN B 186 -38.46 -27.64 -37.59
C GLN B 186 -39.88 -28.06 -37.30
N LEU B 187 -40.79 -27.09 -37.13
CA LEU B 187 -42.18 -27.43 -36.84
C LEU B 187 -42.86 -28.08 -38.04
N ARG B 188 -42.42 -27.75 -39.26
CA ARG B 188 -43.02 -28.35 -40.45
C ARG B 188 -42.54 -29.79 -40.62
N GLU B 189 -41.24 -30.00 -40.50
CA GLU B 189 -40.69 -31.34 -40.65
C GLU B 189 -41.25 -32.30 -39.60
N THR B 190 -41.84 -31.76 -38.53
CA THR B 190 -42.30 -32.55 -37.40
C THR B 190 -43.80 -32.81 -37.42
N THR B 191 -44.62 -31.83 -37.82
CA THR B 191 -46.07 -31.97 -37.74
C THR B 191 -46.78 -31.69 -39.05
N LEU B 192 -46.34 -30.70 -39.82
CA LEU B 192 -47.08 -30.26 -40.99
C LEU B 192 -46.68 -31.00 -42.27
N ASP B 193 -45.39 -31.17 -42.50
CA ASP B 193 -44.91 -31.79 -43.73
C ASP B 193 -45.31 -33.26 -43.78
N PRO B 194 -46.19 -33.67 -44.69
CA PRO B 194 -46.60 -35.09 -44.73
C PRO B 194 -45.45 -36.05 -44.98
N ASN B 195 -44.37 -35.59 -45.61
CA ASN B 195 -43.26 -36.49 -45.92
C ASN B 195 -42.46 -36.88 -44.68
N THR B 196 -42.58 -36.13 -43.58
CA THR B 196 -41.80 -36.41 -42.39
C THR B 196 -42.59 -36.21 -41.09
N ARG B 197 -43.90 -36.00 -41.16
CA ARG B 197 -44.69 -35.78 -39.96
C ARG B 197 -45.07 -37.11 -39.31
N ARG B 198 -45.71 -37.02 -38.16
CA ARG B 198 -46.20 -38.18 -37.41
C ARG B 198 -47.64 -37.88 -37.02
N LEU B 199 -48.58 -38.27 -37.87
CA LEU B 199 -50.00 -37.99 -37.67
C LEU B 199 -50.76 -39.31 -37.59
N VAL B 200 -51.43 -39.53 -36.47
CA VAL B 200 -52.22 -40.74 -36.23
C VAL B 200 -53.69 -40.42 -36.46
N GLN B 201 -54.41 -41.38 -37.04
CA GLN B 201 -55.83 -41.21 -37.35
C GLN B 201 -56.66 -41.64 -36.14
N LEU B 202 -57.49 -40.72 -35.65
CA LEU B 202 -58.36 -41.01 -34.52
C LEU B 202 -59.72 -41.53 -34.99
N ILE B 204 -63.57 -44.01 -33.97
CA ILE B 204 -64.36 -44.85 -33.08
C ILE B 204 -64.82 -46.09 -33.83
N SER B 205 -64.31 -47.25 -33.41
CA SER B 205 -64.68 -48.50 -34.05
C SER B 205 -66.13 -48.85 -33.75
N ASP B 206 -66.64 -49.85 -34.48
CA ASP B 206 -68.02 -50.27 -34.28
C ASP B 206 -68.21 -50.88 -32.90
N GLU B 207 -67.30 -51.77 -32.49
CA GLU B 207 -67.38 -52.37 -31.17
C GLU B 207 -66.94 -51.41 -30.09
N ASP B 208 -66.03 -50.48 -30.42
CA ASP B 208 -65.53 -49.52 -29.45
C ASP B 208 -66.44 -48.31 -29.29
N GLU B 209 -67.49 -48.19 -30.10
CA GLU B 209 -68.40 -47.05 -29.97
C GLU B 209 -69.08 -47.04 -28.61
N GLN B 210 -69.29 -48.21 -28.01
CA GLN B 210 -69.93 -48.28 -26.71
C GLN B 210 -68.95 -47.87 -25.60
N GLN B 211 -67.71 -48.34 -25.66
CA GLN B 211 -66.72 -48.01 -24.64
C GLN B 211 -66.17 -46.60 -24.83
N THR B 212 -66.08 -46.12 -26.08
CA THR B 212 -65.62 -44.76 -26.30
C THR B 212 -66.58 -43.74 -25.71
N THR B 213 -67.88 -43.96 -25.88
CA THR B 213 -68.88 -43.06 -25.29
C THR B 213 -69.02 -43.26 -23.80
N ALA B 214 -68.50 -44.35 -23.24
CA ALA B 214 -68.58 -44.63 -21.81
C ALA B 214 -67.29 -44.25 -21.07
N ILE B 215 -66.13 -44.52 -21.66
CA ILE B 215 -64.87 -44.18 -21.01
C ILE B 215 -64.73 -42.66 -20.90
N MET B 216 -64.99 -41.96 -22.00
CA MET B 216 -64.88 -40.50 -21.99
C MET B 216 -65.89 -39.87 -21.04
N ASP B 217 -67.04 -40.53 -20.83
CA ASP B 217 -68.05 -39.98 -19.93
C ASP B 217 -67.52 -39.91 -18.50
N MET B 218 -67.05 -41.03 -17.96
CA MET B 218 -66.50 -41.03 -16.60
C MET B 218 -65.33 -40.06 -16.47
N LEU B 219 -64.58 -39.85 -17.56
CA LEU B 219 -63.42 -38.98 -17.50
C LEU B 219 -63.81 -37.51 -17.49
N LEU B 220 -64.77 -37.12 -18.32
CA LEU B 220 -65.11 -35.72 -18.51
C LEU B 220 -66.39 -35.31 -17.78
N ALA B 221 -66.86 -36.13 -16.83
CA ALA B 221 -68.06 -35.82 -16.06
C ALA B 221 -67.67 -35.06 -14.80
N LYS B 222 -68.32 -33.89 -14.60
CA LYS B 222 -68.02 -33.09 -13.42
C LYS B 222 -68.43 -33.80 -12.15
N LYS B 223 -69.62 -34.41 -12.14
CA LYS B 223 -70.11 -35.08 -10.94
C LYS B 223 -69.34 -36.36 -10.67
N ARG B 224 -68.85 -37.04 -11.72
CA ARG B 224 -68.15 -38.30 -11.56
C ARG B 224 -66.67 -38.06 -11.23
N SER B 225 -66.46 -37.41 -10.08
CA SER B 225 -65.10 -37.19 -9.59
C SER B 225 -64.59 -38.41 -8.85
N GLU B 226 -65.44 -39.04 -8.03
CA GLU B 226 -65.04 -40.27 -7.36
C GLU B 226 -64.77 -41.38 -8.37
N ASP B 227 -65.48 -41.37 -9.51
CA ASP B 227 -65.22 -42.37 -10.54
C ASP B 227 -63.83 -42.19 -11.15
N ARG B 228 -63.34 -40.95 -11.25
CA ARG B 228 -62.02 -40.72 -11.79
C ARG B 228 -60.91 -41.10 -10.82
N ARG B 229 -61.11 -40.83 -9.53
CA ARG B 229 -60.07 -41.18 -8.54
C ARG B 229 -59.90 -42.68 -8.43
N ASN B 230 -61.02 -43.43 -8.36
CA ASN B 230 -60.92 -44.88 -8.30
C ASN B 230 -60.39 -45.46 -9.61
N TRP B 231 -60.57 -44.74 -10.72
CA TRP B 231 -60.02 -45.20 -11.99
C TRP B 231 -58.50 -45.07 -12.02
N LEU B 232 -57.98 -43.99 -11.43
CA LEU B 232 -56.52 -43.81 -11.38
C LEU B 232 -55.86 -44.86 -10.49
N GLN B 233 -56.52 -45.22 -9.38
CA GLN B 233 -55.96 -46.24 -8.50
C GLN B 233 -55.79 -47.57 -9.24
N GLU B 234 -56.79 -47.94 -10.04
CA GLU B 234 -56.68 -49.18 -10.81
C GLU B 234 -55.65 -49.06 -11.92
N LYS B 235 -55.61 -47.92 -12.60
CA LYS B 235 -54.64 -47.71 -13.66
C LYS B 235 -53.23 -47.45 -13.13
N GLY B 236 -53.08 -47.17 -11.83
CA GLY B 236 -51.79 -46.94 -11.24
C GLY B 236 -50.97 -48.22 -11.11
N ARG B 252 -53.08 -45.44 -37.33
CA ARG B 252 -54.37 -45.13 -36.72
C ARG B 252 -54.34 -45.40 -35.22
N LEU B 253 -55.30 -44.82 -34.51
CA LEU B 253 -55.40 -44.97 -33.06
C LEU B 253 -56.86 -44.89 -32.66
N ALA B 254 -57.26 -45.74 -31.72
CA ALA B 254 -58.63 -45.75 -31.24
C ALA B 254 -58.91 -44.52 -30.39
N LEU B 255 -60.15 -44.02 -30.48
CA LEU B 255 -60.51 -42.83 -29.72
C LEU B 255 -60.68 -43.15 -28.24
N HIS B 256 -61.04 -44.39 -27.91
CA HIS B 256 -61.16 -44.78 -26.51
C HIS B 256 -59.80 -45.05 -25.87
N GLU B 257 -58.83 -45.54 -26.64
CA GLU B 257 -57.50 -45.78 -26.11
C GLU B 257 -56.69 -44.50 -25.97
N PHE B 258 -56.95 -43.50 -26.82
CA PHE B 258 -56.20 -42.25 -26.75
C PHE B 258 -56.65 -41.40 -25.57
N THR B 259 -57.97 -41.18 -25.44
CA THR B 259 -58.46 -40.32 -24.37
C THR B 259 -58.09 -40.87 -22.99
N GLU B 260 -58.08 -42.19 -22.84
CA GLU B 260 -57.75 -42.78 -21.55
C GLU B 260 -56.28 -42.55 -21.19
N ASN B 261 -55.37 -42.86 -22.13
CA ASN B 261 -53.95 -42.66 -21.85
C ASN B 261 -53.62 -41.17 -21.71
N ALA B 262 -54.25 -40.32 -22.51
CA ALA B 262 -53.96 -38.89 -22.45
C ALA B 262 -54.40 -38.29 -21.12
N TYR B 263 -55.64 -38.56 -20.71
CA TYR B 263 -56.14 -37.98 -19.47
C TYR B 263 -55.42 -38.55 -18.26
N LEU B 264 -54.87 -39.76 -18.38
CA LEU B 264 -54.13 -40.35 -17.26
C LEU B 264 -52.84 -39.59 -17.00
N ASN B 265 -52.09 -39.28 -18.07
CA ASN B 265 -50.84 -38.54 -17.90
C ASN B 265 -51.08 -37.17 -17.29
N TYR B 266 -52.19 -36.51 -17.67
CA TYR B 266 -52.49 -35.21 -17.10
C TYR B 266 -52.99 -35.31 -15.68
N SER B 267 -53.85 -36.29 -15.40
CA SER B 267 -54.39 -36.45 -14.05
C SER B 267 -53.27 -36.74 -13.05
N MET B 268 -52.40 -37.70 -13.37
CA MET B 268 -51.31 -38.03 -12.46
C MET B 268 -50.27 -36.90 -12.40
N TYR B 269 -50.00 -36.26 -13.54
CA TYR B 269 -49.01 -35.19 -13.56
C TYR B 269 -49.44 -34.00 -12.70
N VAL B 270 -50.69 -33.57 -12.86
CA VAL B 270 -51.16 -32.39 -12.15
C VAL B 270 -51.08 -32.59 -10.63
N ILE B 271 -51.44 -33.78 -10.16
CA ILE B 271 -51.37 -34.06 -8.73
C ILE B 271 -49.93 -34.06 -8.25
N MET B 272 -49.06 -34.80 -8.93
CA MET B 272 -47.70 -34.98 -8.44
C MET B 272 -46.85 -33.73 -8.65
N ASP B 273 -47.02 -33.05 -9.78
CA ASP B 273 -46.11 -31.98 -10.18
C ASP B 273 -46.75 -30.60 -10.16
N ARG B 274 -47.83 -30.40 -9.39
CA ARG B 274 -48.47 -29.09 -9.35
C ARG B 274 -49.26 -28.85 -8.08
N ALA B 275 -50.46 -29.44 -7.99
CA ALA B 275 -51.41 -29.02 -6.96
C ALA B 275 -51.05 -29.58 -5.59
N LEU B 276 -50.80 -30.88 -5.50
CA LEU B 276 -50.58 -31.50 -4.20
C LEU B 276 -49.19 -31.11 -3.70
N PRO B 277 -49.05 -30.67 -2.44
CA PRO B 277 -47.74 -30.31 -1.91
C PRO B 277 -47.03 -31.49 -1.27
N PHE B 278 -45.71 -31.32 -1.11
CA PHE B 278 -44.89 -32.32 -0.43
C PHE B 278 -44.93 -32.10 1.08
N ILE B 279 -45.09 -33.20 1.82
CA ILE B 279 -45.26 -33.09 3.27
C ILE B 279 -44.03 -32.46 3.91
N GLY B 280 -42.84 -32.79 3.42
CA GLY B 280 -41.61 -32.29 4.00
C GLY B 280 -41.52 -30.78 4.07
N ASP B 281 -41.53 -30.11 2.92
CA ASP B 281 -41.43 -28.66 2.87
C ASP B 281 -42.77 -27.98 2.71
N GLY B 282 -43.85 -28.73 2.50
CA GLY B 282 -45.16 -28.12 2.35
C GLY B 282 -45.24 -27.15 1.20
N LEU B 283 -44.55 -27.43 0.11
CA LEU B 283 -44.50 -26.57 -1.05
C LEU B 283 -44.83 -27.36 -2.31
N LYS B 284 -45.50 -26.70 -3.25
CA LYS B 284 -45.72 -27.29 -4.55
C LYS B 284 -44.47 -27.09 -5.41
N PRO B 285 -44.29 -27.90 -6.45
CA PRO B 285 -43.08 -27.77 -7.28
C PRO B 285 -42.82 -26.35 -7.75
N VAL B 286 -43.84 -25.65 -8.23
CA VAL B 286 -43.65 -24.26 -8.65
C VAL B 286 -43.22 -23.41 -7.47
N GLN B 287 -43.81 -23.66 -6.29
CA GLN B 287 -43.41 -22.92 -5.10
C GLN B 287 -41.97 -23.24 -4.72
N ARG B 288 -41.59 -24.52 -4.75
CA ARG B 288 -40.26 -24.91 -4.32
C ARG B 288 -39.20 -24.34 -5.25
N ARG B 289 -39.44 -24.37 -6.56
CA ARG B 289 -38.47 -23.85 -7.52
C ARG B 289 -38.31 -22.34 -7.42
N ILE B 290 -39.30 -21.63 -6.89
CA ILE B 290 -39.18 -20.17 -6.74
C ILE B 290 -38.21 -19.83 -5.61
N VAL B 291 -38.38 -20.47 -4.45
CA VAL B 291 -37.54 -20.14 -3.30
C VAL B 291 -36.09 -20.53 -3.56
N TYR B 292 -35.86 -21.66 -4.23
CA TYR B 292 -34.48 -22.09 -4.49
C TYR B 292 -33.80 -21.12 -5.46
N ALA B 293 -34.50 -20.72 -6.52
CA ALA B 293 -33.91 -19.81 -7.50
C ALA B 293 -33.59 -18.46 -6.88
N MET B 294 -34.41 -18.00 -5.93
CA MET B 294 -34.12 -16.72 -5.28
C MET B 294 -32.89 -16.82 -4.38
N SER B 295 -32.66 -17.98 -3.76
CA SER B 295 -31.44 -18.15 -2.97
C SER B 295 -30.21 -18.22 -3.88
N GLU B 296 -30.36 -18.85 -5.05
CA GLU B 296 -29.25 -18.92 -5.99
C GLU B 296 -28.90 -17.54 -6.54
N LEU B 297 -29.90 -16.66 -6.68
CA LEU B 297 -29.68 -15.30 -7.14
C LEU B 297 -29.19 -14.38 -6.03
N GLY B 298 -28.87 -14.92 -4.86
CA GLY B 298 -28.37 -14.10 -3.76
C GLY B 298 -29.39 -13.18 -3.14
N LEU B 299 -30.68 -13.45 -3.32
CA LEU B 299 -31.74 -12.60 -2.79
C LEU B 299 -32.08 -13.01 -1.35
N ASN B 300 -31.08 -12.94 -0.50
CA ASN B 300 -31.27 -13.22 0.92
C ASN B 300 -31.93 -12.04 1.61
N ALA B 301 -32.32 -12.26 2.87
CA ALA B 301 -32.99 -11.21 3.64
C ALA B 301 -32.13 -9.97 3.83
N SER B 302 -30.81 -10.10 3.73
CA SER B 302 -29.91 -8.97 3.90
C SER B 302 -29.59 -8.26 2.60
N ALA B 303 -29.79 -8.92 1.46
CA ALA B 303 -29.45 -8.33 0.18
C ALA B 303 -30.47 -7.27 -0.22
N LYS B 304 -30.13 -6.51 -1.26
CA LYS B 304 -31.02 -5.50 -1.79
C LYS B 304 -32.08 -6.13 -2.68
N PHE B 305 -33.20 -5.45 -2.83
CA PHE B 305 -34.29 -5.98 -3.63
C PHE B 305 -33.92 -6.00 -5.11
N LYS B 306 -34.43 -7.00 -5.81
CA LYS B 306 -34.22 -7.16 -7.25
C LYS B 306 -35.57 -7.27 -7.94
N LYS B 307 -35.64 -6.74 -9.16
CA LYS B 307 -36.89 -6.77 -9.90
C LYS B 307 -37.42 -8.19 -10.04
N SER B 308 -38.69 -8.37 -9.70
CA SER B 308 -39.28 -9.71 -9.71
C SER B 308 -39.24 -10.33 -11.10
N ALA B 309 -39.30 -9.51 -12.15
CA ALA B 309 -39.26 -10.05 -13.50
C ALA B 309 -38.01 -10.89 -13.72
N ARG B 310 -36.88 -10.47 -13.15
CA ARG B 310 -35.66 -11.26 -13.29
C ARG B 310 -35.79 -12.60 -12.57
N THR B 311 -36.32 -12.60 -11.35
CA THR B 311 -36.50 -13.84 -10.62
C THR B 311 -37.40 -14.81 -11.39
N VAL B 312 -38.54 -14.32 -11.85
CA VAL B 312 -39.44 -15.18 -12.63
C VAL B 312 -38.73 -15.67 -13.88
N GLY B 313 -37.99 -14.79 -14.54
CA GLY B 313 -37.27 -15.19 -15.74
C GLY B 313 -36.33 -16.35 -15.51
N ASP B 314 -35.58 -16.30 -14.40
CA ASP B 314 -34.65 -17.39 -14.10
C ASP B 314 -35.41 -18.67 -13.73
N VAL B 315 -36.47 -18.54 -12.94
CA VAL B 315 -37.26 -19.72 -12.56
C VAL B 315 -37.84 -20.41 -13.79
N LEU B 316 -38.29 -19.62 -14.77
CA LEU B 316 -38.89 -20.20 -15.97
C LEU B 316 -37.83 -20.85 -16.86
N GLY B 317 -36.69 -20.17 -17.05
CA GLY B 317 -35.66 -20.70 -17.92
C GLY B 317 -34.90 -21.86 -17.32
N LYS B 318 -34.75 -21.88 -15.99
CA LYS B 318 -33.93 -22.88 -15.32
C LYS B 318 -34.71 -24.16 -15.02
N TYR B 319 -35.83 -24.04 -14.31
CA TYR B 319 -36.45 -25.23 -13.72
C TYR B 319 -37.92 -25.39 -14.10
N HIS B 320 -38.66 -24.29 -14.27
CA HIS B 320 -40.11 -24.33 -14.40
C HIS B 320 -40.52 -23.98 -15.82
N PRO B 321 -40.70 -24.96 -16.71
CA PRO B 321 -41.13 -24.64 -18.09
C PRO B 321 -42.64 -24.49 -18.20
N HIS B 322 -43.15 -23.37 -17.71
CA HIS B 322 -44.58 -23.09 -17.73
C HIS B 322 -44.78 -21.59 -17.86
N GLY B 323 -46.02 -21.15 -17.63
CA GLY B 323 -46.36 -19.76 -17.87
C GLY B 323 -45.77 -18.83 -16.82
N ASP B 324 -45.53 -17.59 -17.24
CA ASP B 324 -44.96 -16.58 -16.35
C ASP B 324 -45.99 -16.05 -15.36
N SER B 325 -47.24 -15.88 -15.81
CA SER B 325 -48.27 -15.34 -14.94
C SER B 325 -48.54 -16.27 -13.76
N ALA B 326 -48.67 -17.57 -14.03
CA ALA B 326 -48.92 -18.53 -12.96
C ALA B 326 -47.77 -18.57 -11.96
N CYS B 327 -46.54 -18.32 -12.42
CA CYS B 327 -45.40 -18.34 -11.52
C CYS B 327 -45.38 -17.10 -10.62
N TYR B 328 -45.55 -15.92 -11.22
CA TYR B 328 -45.54 -14.69 -10.42
C TYR B 328 -46.71 -14.63 -9.46
N GLU B 329 -47.87 -15.17 -9.85
CA GLU B 329 -49.01 -15.21 -8.94
C GLU B 329 -48.68 -16.01 -7.70
N ALA B 330 -47.97 -17.13 -7.87
CA ALA B 330 -47.53 -17.90 -6.71
C ALA B 330 -46.54 -17.10 -5.88
N MET B 331 -45.69 -16.31 -6.54
CA MET B 331 -44.76 -15.45 -5.82
C MET B 331 -45.51 -14.38 -5.04
N VAL B 332 -46.56 -13.81 -5.64
CA VAL B 332 -47.33 -12.78 -4.96
C VAL B 332 -48.02 -13.36 -3.73
N LEU B 333 -48.55 -14.59 -3.85
CA LEU B 333 -49.23 -15.21 -2.72
C LEU B 333 -48.26 -15.42 -1.56
N MET B 334 -47.04 -15.90 -1.86
CA MET B 334 -46.04 -16.11 -0.82
C MET B 334 -45.54 -14.80 -0.21
N ALA B 335 -45.83 -13.65 -0.83
CA ALA B 335 -45.36 -12.37 -0.33
C ALA B 335 -46.41 -11.59 0.43
N GLN B 336 -47.69 -11.82 0.16
CA GLN B 336 -48.74 -11.06 0.81
C GLN B 336 -48.88 -11.49 2.27
N PRO B 337 -48.72 -10.58 3.24
CA PRO B 337 -48.91 -11.00 4.64
C PRO B 337 -50.34 -11.42 4.94
N PHE B 338 -51.32 -10.93 4.19
CA PHE B 338 -52.72 -11.25 4.43
C PHE B 338 -53.16 -12.54 3.75
N SER B 339 -52.32 -13.15 2.91
CA SER B 339 -52.64 -14.42 2.28
C SER B 339 -51.85 -15.58 2.89
N TYR B 340 -50.60 -15.36 3.26
CA TYR B 340 -49.77 -16.37 3.92
C TYR B 340 -49.56 -15.96 5.37
N ARG B 341 -49.76 -16.92 6.29
CA ARG B 341 -49.54 -16.63 7.70
C ARG B 341 -48.08 -16.25 7.97
N TYR B 342 -47.14 -16.99 7.37
CA TYR B 342 -45.71 -16.74 7.50
C TYR B 342 -45.14 -16.59 6.09
N PRO B 343 -45.22 -15.39 5.52
CA PRO B 343 -44.78 -15.20 4.13
C PRO B 343 -43.34 -15.64 3.93
N LEU B 344 -43.06 -16.15 2.73
CA LEU B 344 -41.71 -16.54 2.34
C LEU B 344 -40.96 -15.43 1.62
N VAL B 345 -41.67 -14.43 1.09
CA VAL B 345 -41.08 -13.37 0.27
C VAL B 345 -41.41 -12.02 0.88
N ASP B 346 -40.44 -11.11 0.83
CA ASP B 346 -40.63 -9.72 1.20
C ASP B 346 -40.33 -8.86 -0.02
N GLY B 347 -41.25 -7.96 -0.36
CA GLY B 347 -41.14 -7.18 -1.57
C GLY B 347 -41.44 -5.71 -1.33
N GLN B 348 -41.07 -4.90 -2.31
CA GLN B 348 -41.37 -3.47 -2.33
C GLN B 348 -42.28 -3.18 -3.51
N GLY B 349 -43.11 -2.15 -3.36
CA GLY B 349 -44.06 -1.78 -4.38
C GLY B 349 -45.48 -2.17 -3.98
N ASN B 350 -46.33 -2.31 -5.01
CA ASN B 350 -47.73 -2.64 -4.83
C ASN B 350 -47.88 -4.16 -4.93
N TRP B 351 -47.94 -4.83 -3.79
CA TRP B 351 -48.13 -6.28 -3.72
C TRP B 351 -49.55 -6.65 -3.36
N GLY B 352 -50.52 -5.79 -3.68
CA GLY B 352 -51.90 -6.05 -3.39
C GLY B 352 -52.32 -5.51 -2.03
N ALA B 353 -53.63 -5.51 -1.80
CA ALA B 353 -54.23 -5.03 -0.57
C ALA B 353 -55.22 -6.06 -0.05
N PRO B 354 -55.54 -6.02 1.25
CA PRO B 354 -56.53 -6.98 1.79
C PRO B 354 -57.88 -6.90 1.09
N ASP B 355 -58.30 -5.71 0.67
CA ASP B 355 -59.61 -5.60 0.02
C ASP B 355 -59.61 -6.27 -1.35
N ASP B 356 -58.54 -6.12 -2.12
CA ASP B 356 -58.41 -6.71 -3.45
C ASP B 356 -57.02 -7.34 -3.55
N PRO B 357 -56.88 -8.60 -3.14
CA PRO B 357 -55.55 -9.25 -3.23
C PRO B 357 -55.01 -9.32 -4.64
N LYS B 358 -55.87 -9.34 -5.65
CA LYS B 358 -55.44 -9.41 -7.04
C LYS B 358 -54.97 -8.07 -7.58
N SER B 359 -55.11 -6.99 -6.80
CA SER B 359 -54.73 -5.65 -7.25
C SER B 359 -53.26 -5.37 -6.91
N PHE B 360 -52.39 -6.18 -7.49
CA PHE B 360 -50.94 -6.05 -7.32
C PHE B 360 -50.29 -5.63 -8.62
N ALA B 361 -49.21 -4.87 -8.51
CA ALA B 361 -48.51 -4.38 -9.68
C ALA B 361 -47.82 -5.52 -10.44
N ALA B 362 -47.60 -5.29 -11.73
CA ALA B 362 -46.96 -6.29 -12.56
C ALA B 362 -45.53 -6.56 -12.08
N MET B 363 -44.99 -7.71 -12.48
CA MET B 363 -43.67 -8.12 -12.02
C MET B 363 -42.58 -7.17 -12.48
N ARG B 364 -42.83 -6.38 -13.52
CA ARG B 364 -41.83 -5.45 -14.05
C ARG B 364 -41.69 -4.23 -13.14
N THR B 366 -42.23 -4.41 -9.67
CA THR B 366 -42.02 -4.82 -8.28
C THR B 366 -40.64 -5.44 -8.09
N GLU B 367 -40.02 -5.14 -6.94
CA GLU B 367 -38.74 -5.72 -6.55
C GLU B 367 -38.95 -6.58 -5.32
N SER B 368 -38.37 -7.77 -5.32
CA SER B 368 -38.62 -8.77 -4.28
C SER B 368 -37.30 -9.26 -3.69
N ARG B 369 -37.43 -10.06 -2.64
CA ARG B 369 -36.31 -10.67 -1.93
C ARG B 369 -36.88 -11.64 -0.90
N LEU B 370 -36.12 -12.69 -0.59
CA LEU B 370 -36.58 -13.68 0.36
C LEU B 370 -36.64 -13.09 1.77
N SER B 371 -37.61 -13.56 2.54
CA SER B 371 -37.83 -13.09 3.89
C SER B 371 -36.96 -13.88 4.88
N LYS B 372 -36.88 -13.35 6.11
CA LYS B 372 -36.12 -14.05 7.15
C LYS B 372 -36.72 -15.42 7.46
N TYR B 373 -38.05 -15.56 7.34
CA TYR B 373 -38.68 -16.85 7.56
C TYR B 373 -38.26 -17.87 6.52
N ALA B 374 -37.94 -17.42 5.30
CA ALA B 374 -37.53 -18.35 4.26
C ALA B 374 -36.20 -19.04 4.57
N GLU B 375 -35.40 -18.48 5.48
CA GLU B 375 -34.14 -19.11 5.83
C GLU B 375 -34.34 -20.48 6.47
N LEU B 376 -35.50 -20.75 7.05
CA LEU B 376 -35.78 -22.04 7.64
C LEU B 376 -35.83 -23.17 6.61
N LEU B 377 -35.91 -22.85 5.32
CA LEU B 377 -35.99 -23.86 4.28
C LEU B 377 -34.72 -24.01 3.45
N LEU B 378 -33.77 -23.07 3.56
CA LEU B 378 -32.58 -23.07 2.72
C LEU B 378 -31.27 -22.98 3.48
N SER B 379 -31.29 -22.67 4.77
CA SER B 379 -30.04 -22.49 5.51
C SER B 379 -29.18 -23.74 5.51
N GLU B 380 -29.81 -24.91 5.57
CA GLU B 380 -29.12 -26.19 5.61
C GLU B 380 -29.13 -26.90 4.26
N LEU B 381 -29.36 -26.16 3.17
CA LEU B 381 -29.53 -26.78 1.86
C LEU B 381 -28.21 -27.32 1.33
N GLY B 382 -27.16 -26.50 1.34
CA GLY B 382 -25.88 -26.88 0.79
C GLY B 382 -25.07 -27.84 1.63
N GLN B 383 -25.63 -28.36 2.73
CA GLN B 383 -24.91 -29.26 3.63
C GLN B 383 -25.30 -30.71 3.40
N GLY B 384 -25.55 -31.08 2.14
CA GLY B 384 -25.84 -32.46 1.79
C GLY B 384 -27.02 -33.05 2.55
N THR B 385 -28.14 -32.35 2.56
CA THR B 385 -29.32 -32.76 3.30
C THR B 385 -30.48 -33.21 2.41
N VAL B 386 -30.41 -32.98 1.10
CA VAL B 386 -31.51 -33.27 0.20
C VAL B 386 -30.99 -33.82 -1.12
N ASP B 387 -31.81 -34.62 -1.78
CA ASP B 387 -31.46 -35.16 -3.08
C ASP B 387 -31.58 -34.08 -4.16
N TRP B 388 -30.86 -34.27 -5.26
CA TRP B 388 -30.83 -33.32 -6.36
C TRP B 388 -31.14 -34.06 -7.65
N VAL B 389 -32.19 -33.62 -8.35
CA VAL B 389 -32.63 -34.23 -9.59
C VAL B 389 -32.40 -33.26 -10.75
N PRO B 390 -32.25 -33.74 -11.98
CA PRO B 390 -32.05 -32.82 -13.10
C PRO B 390 -33.35 -32.11 -13.47
N ASN B 391 -33.19 -30.97 -14.14
CA ASN B 391 -34.33 -30.16 -14.56
C ASN B 391 -34.91 -30.73 -15.86
N PHE B 392 -35.86 -30.00 -16.46
CA PHE B 392 -36.57 -30.51 -17.62
C PHE B 392 -35.62 -30.82 -18.78
N ASP B 393 -34.74 -29.88 -19.10
CA ASP B 393 -33.78 -30.07 -20.18
C ASP B 393 -32.49 -30.75 -19.71
N GLY B 394 -32.26 -30.83 -18.41
CA GLY B 394 -31.10 -31.54 -17.88
C GLY B 394 -29.83 -30.72 -17.80
N THR B 395 -29.85 -29.43 -18.13
CA THR B 395 -28.64 -28.63 -18.10
C THR B 395 -28.23 -28.24 -16.70
N LEU B 396 -29.16 -28.20 -15.75
CA LEU B 396 -28.86 -27.84 -14.37
C LEU B 396 -29.47 -28.88 -13.43
N GLN B 397 -29.20 -28.73 -12.14
CA GLN B 397 -29.73 -29.61 -11.11
C GLN B 397 -30.64 -28.82 -10.18
N GLU B 398 -31.70 -29.46 -9.70
CA GLU B 398 -32.69 -28.86 -8.83
C GLU B 398 -32.89 -29.73 -7.60
N PRO B 399 -33.09 -29.13 -6.42
CA PRO B 399 -33.34 -29.95 -5.23
C PRO B 399 -34.77 -30.50 -5.23
N LYS B 400 -34.88 -31.79 -4.90
CA LYS B 400 -36.20 -32.42 -4.84
C LYS B 400 -37.01 -31.91 -3.66
N MET B 401 -36.36 -31.59 -2.54
CA MET B 401 -37.03 -31.09 -1.35
C MET B 401 -36.24 -29.93 -0.79
N LEU B 402 -36.69 -29.39 0.34
CA LEU B 402 -36.00 -28.32 1.03
C LEU B 402 -35.85 -28.68 2.50
N PRO B 403 -34.66 -28.53 3.09
CA PRO B 403 -34.50 -28.84 4.52
C PRO B 403 -35.24 -27.85 5.40
N ALA B 404 -36.43 -28.23 5.86
CA ALA B 404 -37.27 -27.34 6.66
C ALA B 404 -36.91 -27.51 8.14
N ARG B 405 -36.44 -26.42 8.77
CA ARG B 405 -36.22 -26.48 10.21
C ARG B 405 -37.52 -26.57 10.97
N LEU B 406 -38.62 -26.10 10.39
CA LEU B 406 -39.95 -26.18 10.97
C LEU B 406 -40.94 -26.71 9.93
N PRO B 407 -42.00 -27.40 10.37
CA PRO B 407 -42.92 -28.02 9.40
C PRO B 407 -43.76 -26.99 8.64
N ASN B 408 -43.22 -26.50 7.53
CA ASN B 408 -43.90 -25.43 6.77
C ASN B 408 -45.26 -25.87 6.23
N ILE B 409 -45.50 -27.17 6.06
CA ILE B 409 -46.77 -27.61 5.49
C ILE B 409 -47.93 -27.20 6.39
N LEU B 410 -47.73 -27.21 7.70
CA LEU B 410 -48.79 -26.84 8.64
C LEU B 410 -48.75 -25.37 9.01
N LEU B 411 -47.57 -24.74 8.94
CA LEU B 411 -47.46 -23.34 9.32
C LEU B 411 -48.17 -22.43 8.32
N ASN B 412 -47.85 -22.57 7.04
CA ASN B 412 -48.43 -21.71 6.01
C ASN B 412 -49.69 -22.31 5.39
N GLY B 413 -49.68 -23.61 5.09
CA GLY B 413 -50.83 -24.25 4.49
C GLY B 413 -51.04 -23.85 3.05
N THR B 414 -51.56 -24.77 2.24
CA THR B 414 -51.77 -24.53 0.81
C THR B 414 -53.09 -25.14 0.38
N THR B 415 -53.79 -24.43 -0.51
CA THR B 415 -55.05 -24.90 -1.08
C THR B 415 -54.85 -25.14 -2.58
N GLY B 416 -55.12 -26.35 -3.03
CA GLY B 416 -54.89 -26.71 -4.41
C GLY B 416 -56.04 -27.53 -4.97
N ILE B 417 -56.12 -27.53 -6.30
CA ILE B 417 -57.15 -28.28 -7.03
C ILE B 417 -56.45 -29.11 -8.10
N ALA B 418 -56.66 -30.41 -8.06
CA ALA B 418 -56.03 -31.31 -9.03
C ALA B 418 -57.09 -32.05 -9.84
N VAL B 419 -56.70 -33.16 -10.47
CA VAL B 419 -57.62 -34.01 -11.22
C VAL B 419 -57.94 -35.22 -10.35
N GLY B 420 -59.22 -35.37 -9.99
CA GLY B 420 -59.65 -36.45 -9.14
C GLY B 420 -59.56 -36.17 -7.66
N MET B 421 -58.70 -35.24 -7.24
CA MET B 421 -58.52 -34.95 -5.82
C MET B 421 -58.15 -33.47 -5.66
N ALA B 422 -58.18 -33.02 -4.42
CA ALA B 422 -57.84 -31.64 -4.09
C ALA B 422 -57.22 -31.61 -2.71
N THR B 423 -56.64 -30.45 -2.37
CA THR B 423 -55.98 -30.27 -1.08
C THR B 423 -56.36 -28.91 -0.51
N ASP B 424 -56.66 -28.88 0.79
CA ASP B 424 -57.02 -27.64 1.49
C ASP B 424 -56.49 -27.76 2.91
N ILE B 425 -55.38 -27.07 3.19
CA ILE B 425 -54.72 -27.13 4.48
C ILE B 425 -54.68 -25.71 5.05
N PRO B 426 -55.24 -25.47 6.24
CA PRO B 426 -55.22 -24.11 6.79
C PRO B 426 -53.91 -23.82 7.51
N PRO B 427 -53.60 -22.55 7.75
CA PRO B 427 -52.38 -22.23 8.48
C PRO B 427 -52.55 -22.38 9.99
N HIS B 428 -51.43 -22.64 10.65
CA HIS B 428 -51.39 -22.82 12.10
C HIS B 428 -50.32 -21.92 12.69
N ASN B 429 -50.35 -21.78 14.01
CA ASN B 429 -49.37 -20.95 14.71
C ASN B 429 -48.02 -21.64 14.74
N LEU B 430 -46.95 -20.84 14.77
CA LEU B 430 -45.60 -21.39 14.73
C LEU B 430 -45.19 -21.96 16.08
N ARG B 431 -45.26 -21.15 17.14
CA ARG B 431 -44.84 -21.62 18.45
C ARG B 431 -45.69 -22.79 18.93
N GLU B 432 -46.97 -22.82 18.57
CA GLU B 432 -47.83 -23.92 19.00
C GLU B 432 -47.48 -25.22 18.29
N VAL B 433 -47.25 -25.16 16.97
CA VAL B 433 -46.89 -26.37 16.24
C VAL B 433 -45.49 -26.83 16.63
N ALA B 434 -44.59 -25.88 16.88
CA ALA B 434 -43.23 -26.23 17.28
C ALA B 434 -43.23 -26.93 18.63
N LYS B 435 -43.94 -26.36 19.61
CA LYS B 435 -44.02 -26.99 20.92
C LYS B 435 -44.70 -28.35 20.84
N ALA B 436 -45.66 -28.52 19.92
CA ALA B 436 -46.29 -29.82 19.73
C ALA B 436 -45.31 -30.85 19.18
N ALA B 437 -44.49 -30.44 18.21
CA ALA B 437 -43.49 -31.35 17.68
C ALA B 437 -42.47 -31.74 18.75
N ILE B 438 -42.12 -30.81 19.63
CA ILE B 438 -41.20 -31.14 20.71
C ILE B 438 -41.81 -32.18 21.63
N THR B 439 -43.10 -32.05 21.92
CA THR B 439 -43.77 -33.02 22.80
C THR B 439 -43.88 -34.38 22.13
N LEU B 440 -44.05 -34.41 20.81
CA LEU B 440 -44.15 -35.69 20.10
C LEU B 440 -42.82 -36.44 20.13
N ILE B 441 -41.71 -35.73 20.26
CA ILE B 441 -40.42 -36.39 20.37
C ILE B 441 -40.25 -36.99 21.76
N GLU B 442 -40.66 -36.26 22.80
CA GLU B 442 -40.52 -36.77 24.16
C GLU B 442 -41.37 -38.01 24.39
N GLN B 443 -42.67 -37.93 24.09
CA GLN B 443 -43.59 -39.05 24.26
C GLN B 443 -44.17 -39.43 22.91
N PRO B 444 -43.63 -40.43 22.22
CA PRO B 444 -44.17 -40.79 20.90
C PRO B 444 -45.59 -41.32 20.96
N LYS B 445 -46.06 -41.79 22.11
CA LYS B 445 -47.41 -42.30 22.25
C LYS B 445 -48.43 -41.19 22.55
N THR B 446 -48.10 -39.95 22.25
CA THR B 446 -49.03 -38.85 22.51
C THR B 446 -50.25 -38.97 21.61
N THR B 447 -51.42 -38.69 22.16
CA THR B 447 -52.68 -38.79 21.44
C THR B 447 -53.06 -37.44 20.85
N LEU B 448 -54.05 -37.47 19.95
CA LEU B 448 -54.52 -36.23 19.34
C LEU B 448 -55.17 -35.31 20.36
N ASP B 449 -55.91 -35.88 21.32
CA ASP B 449 -56.54 -35.07 22.35
C ASP B 449 -55.49 -34.33 23.18
N GLU B 450 -54.37 -34.99 23.46
CA GLU B 450 -53.30 -34.32 24.19
C GLU B 450 -52.63 -33.25 23.34
N LEU B 451 -52.50 -33.50 22.03
CA LEU B 451 -51.90 -32.51 21.13
C LEU B 451 -52.81 -31.30 20.96
N LEU B 452 -54.13 -31.53 20.90
CA LEU B 452 -55.06 -30.42 20.71
C LEU B 452 -55.00 -29.43 21.85
N ASP B 453 -54.60 -29.87 23.04
CA ASP B 453 -54.41 -28.94 24.16
C ASP B 453 -53.26 -27.97 23.89
N ILE B 454 -52.24 -28.39 23.16
CA ILE B 454 -51.12 -27.51 22.87
C ILE B 454 -51.46 -26.57 21.71
N VAL B 455 -51.90 -27.12 20.59
CA VAL B 455 -52.26 -26.34 19.42
C VAL B 455 -53.77 -26.15 19.43
N GLN B 456 -54.22 -24.91 19.64
CA GLN B 456 -55.65 -24.64 19.72
C GLN B 456 -56.33 -24.96 18.39
N GLY B 457 -55.68 -24.64 17.28
CA GLY B 457 -56.24 -24.90 15.97
C GLY B 457 -55.58 -24.05 14.90
N PRO B 458 -56.28 -23.84 13.77
CA PRO B 458 -55.72 -23.01 12.72
C PRO B 458 -55.52 -21.57 13.19
N ASP B 459 -54.54 -20.91 12.58
CA ASP B 459 -54.24 -19.51 12.88
C ASP B 459 -54.11 -18.76 11.55
N PHE B 460 -55.18 -18.09 11.14
CA PHE B 460 -55.16 -17.31 9.91
C PHE B 460 -54.53 -15.94 10.15
N PRO B 461 -54.06 -15.27 9.10
CA PRO B 461 -53.49 -13.92 9.21
C PRO B 461 -54.55 -12.83 9.39
N THR B 462 -55.44 -13.02 10.36
CA THR B 462 -56.48 -12.05 10.65
C THR B 462 -56.76 -12.07 12.14
N GLU B 463 -57.31 -10.95 12.63
CA GLU B 463 -57.68 -10.82 14.04
C GLU B 463 -59.11 -11.28 14.32
N ALA B 464 -59.77 -11.87 13.33
CA ALA B 464 -61.12 -12.39 13.54
C ALA B 464 -61.10 -13.65 14.39
N GLU B 465 -62.21 -13.92 15.06
CA GLU B 465 -62.33 -15.04 15.97
C GLU B 465 -62.84 -16.28 15.23
N ILE B 466 -62.37 -17.44 15.66
CA ILE B 466 -62.84 -18.72 15.13
C ILE B 466 -63.97 -19.22 16.03
N ILE B 467 -65.16 -19.38 15.45
CA ILE B 467 -66.34 -19.75 16.23
C ILE B 467 -66.52 -21.25 16.36
N THR B 468 -65.77 -22.06 15.62
CA THR B 468 -65.91 -23.50 15.70
C THR B 468 -65.57 -23.99 17.12
N SER B 469 -66.37 -24.94 17.60
CA SER B 469 -66.16 -25.47 18.94
C SER B 469 -64.93 -26.37 18.98
N ARG B 470 -64.35 -26.48 20.18
CA ARG B 470 -63.19 -27.35 20.36
C ARG B 470 -63.51 -28.80 20.03
N ALA B 471 -64.75 -29.24 20.32
CA ALA B 471 -65.13 -30.61 20.02
C ALA B 471 -65.20 -30.84 18.52
N GLU B 472 -65.71 -29.86 17.76
CA GLU B 472 -65.78 -30.01 16.32
C GLU B 472 -64.40 -29.93 15.68
N ILE B 473 -63.49 -29.14 16.25
CA ILE B 473 -62.12 -29.07 15.73
C ILE B 473 -61.42 -30.40 15.93
N ARG B 474 -61.64 -31.05 17.07
CA ARG B 474 -61.02 -32.35 17.31
C ARG B 474 -61.42 -33.36 16.24
N LYS B 475 -62.67 -33.31 15.80
CA LYS B 475 -63.11 -34.20 14.73
C LYS B 475 -62.44 -33.87 13.41
N ILE B 476 -62.05 -32.62 13.21
CA ILE B 476 -61.38 -32.24 11.97
C ILE B 476 -60.00 -32.86 11.91
N TYR B 477 -59.22 -32.71 12.98
CA TYR B 477 -57.87 -33.26 13.02
C TYR B 477 -57.85 -34.77 13.18
N GLN B 478 -58.98 -35.39 13.51
CA GLN B 478 -59.05 -36.84 13.66
C GLN B 478 -59.41 -37.53 12.35
N ASN B 479 -60.45 -37.04 11.66
CA ASN B 479 -60.86 -37.63 10.39
C ASN B 479 -60.05 -37.11 9.21
N GLY B 480 -59.36 -35.98 9.36
CA GLY B 480 -58.60 -35.39 8.30
C GLY B 480 -59.36 -34.42 7.41
N ARG B 481 -60.69 -34.47 7.44
CA ARG B 481 -61.53 -33.59 6.65
C ARG B 481 -62.50 -32.86 7.56
N GLY B 482 -63.02 -31.74 7.07
CA GLY B 482 -63.96 -30.95 7.83
C GLY B 482 -63.96 -29.51 7.36
N SER B 483 -64.58 -28.65 8.18
CA SER B 483 -64.68 -27.24 7.88
C SER B 483 -64.67 -26.45 9.17
N VAL B 484 -64.03 -25.28 9.14
CA VAL B 484 -63.99 -24.37 10.27
C VAL B 484 -64.66 -23.07 9.87
N ARG B 485 -65.16 -22.34 10.87
CA ARG B 485 -65.88 -21.10 10.65
C ARG B 485 -65.24 -19.98 11.46
N MET B 486 -65.24 -18.78 10.88
CA MET B 486 -64.69 -17.60 11.52
C MET B 486 -65.72 -16.47 11.44
N ARG B 487 -65.70 -15.61 12.45
CA ARG B 487 -66.60 -14.47 12.55
C ARG B 487 -65.81 -13.21 12.83
N ALA B 488 -66.22 -12.11 12.21
CA ALA B 488 -65.51 -10.85 12.38
C ALA B 488 -65.61 -10.37 13.82
N VAL B 489 -64.55 -9.71 14.27
CA VAL B 489 -64.51 -9.14 15.62
C VAL B 489 -64.97 -7.68 15.57
N ALA B 501 -61.98 -6.20 12.28
CA ALA B 501 -61.20 -7.18 11.52
C ALA B 501 -62.12 -8.19 10.84
N LEU B 502 -61.90 -8.42 9.55
CA LEU B 502 -62.69 -9.36 8.78
C LEU B 502 -62.02 -10.71 8.71
N PRO B 503 -62.76 -11.77 8.35
CA PRO B 503 -62.16 -13.09 8.23
C PRO B 503 -61.10 -13.18 7.15
N HIS B 504 -60.48 -14.35 7.01
CA HIS B 504 -59.43 -14.54 6.01
C HIS B 504 -60.04 -14.54 4.61
N GLN B 505 -59.32 -13.94 3.67
CA GLN B 505 -59.76 -13.83 2.27
C GLN B 505 -61.17 -13.22 2.20
N VAL B 506 -61.43 -12.25 3.05
CA VAL B 506 -62.67 -11.49 3.05
C VAL B 506 -62.33 -10.04 2.77
N SER B 507 -62.91 -9.49 1.69
CA SER B 507 -62.59 -8.13 1.28
C SER B 507 -63.40 -7.13 2.10
N GLY B 508 -62.71 -6.15 2.67
CA GLY B 508 -63.39 -5.11 3.43
C GLY B 508 -64.33 -4.28 2.57
N ALA B 509 -63.87 -3.89 1.38
CA ALA B 509 -64.70 -3.10 0.49
C ALA B 509 -65.93 -3.89 0.05
N LYS B 510 -65.75 -5.18 -0.24
CA LYS B 510 -66.89 -6.01 -0.64
C LYS B 510 -67.91 -6.13 0.47
N VAL B 511 -67.45 -6.19 1.73
CA VAL B 511 -68.37 -6.31 2.85
C VAL B 511 -69.27 -5.08 2.93
N LEU B 512 -68.69 -3.89 2.74
CA LEU B 512 -69.49 -2.66 2.82
C LEU B 512 -70.59 -2.65 1.76
N GLU B 513 -70.31 -3.19 0.57
CA GLU B 513 -71.33 -3.23 -0.48
C GLU B 513 -72.48 -4.15 -0.09
N GLN B 514 -72.18 -5.25 0.60
CA GLN B 514 -73.24 -6.17 1.02
C GLN B 514 -74.12 -5.52 2.08
N ILE B 515 -73.52 -4.83 3.04
CA ILE B 515 -74.29 -4.17 4.09
C ILE B 515 -75.07 -2.99 3.52
N ALA B 516 -74.49 -2.29 2.55
CA ALA B 516 -75.18 -1.15 1.95
C ALA B 516 -76.46 -1.58 1.25
N ALA B 517 -76.43 -2.72 0.56
CA ALA B 517 -77.64 -3.21 -0.10
C ALA B 517 -78.74 -3.50 0.92
N GLN B 518 -78.36 -4.05 2.08
CA GLN B 518 -79.34 -4.27 3.13
C GLN B 518 -79.83 -2.94 3.71
N MET B 519 -78.92 -1.99 3.88
CA MET B 519 -79.32 -0.67 4.36
C MET B 519 -80.24 0.03 3.36
N ARG B 520 -80.03 -0.21 2.06
CA ARG B 520 -80.87 0.41 1.05
C ARG B 520 -82.30 -0.12 1.09
N ASN B 521 -82.48 -1.40 1.42
CA ASN B 521 -83.81 -2.00 1.45
C ASN B 521 -84.56 -1.70 2.73
N LYS B 522 -83.85 -1.22 3.76
CA LYS B 522 -84.43 -0.86 5.04
C LYS B 522 -84.81 -2.08 5.88
N LYS B 523 -83.85 -2.98 6.07
CA LYS B 523 -84.02 -4.12 6.98
C LYS B 523 -83.49 -3.83 8.37
N LEU B 524 -82.64 -2.80 8.51
CA LEU B 524 -82.09 -2.37 9.79
C LEU B 524 -82.25 -0.86 9.91
N PRO B 525 -83.45 -0.38 10.22
CA PRO B 525 -83.67 1.08 10.25
C PRO B 525 -83.12 1.79 11.46
N MET B 526 -82.82 1.07 12.55
CA MET B 526 -82.31 1.74 13.75
C MET B 526 -80.87 2.20 13.56
N VAL B 527 -80.09 1.50 12.76
CA VAL B 527 -78.67 1.82 12.57
C VAL B 527 -78.58 3.05 11.68
N ASP B 528 -77.87 4.07 12.15
CA ASP B 528 -77.63 5.28 11.37
C ASP B 528 -76.40 5.11 10.49
N ASP B 552 -78.65 -3.78 21.72
CA ASP B 552 -79.44 -3.55 20.52
C ASP B 552 -78.68 -4.01 19.27
N MET B 553 -77.36 -3.84 19.31
CA MET B 553 -76.52 -4.23 18.19
C MET B 553 -76.24 -5.72 18.16
N GLU B 554 -76.39 -6.43 19.28
CA GLU B 554 -76.15 -7.87 19.29
C GLU B 554 -77.12 -8.60 18.39
N GLN B 555 -78.39 -8.17 18.38
CA GLN B 555 -79.36 -8.81 17.50
C GLN B 555 -79.08 -8.52 16.04
N VAL B 556 -78.64 -7.29 15.73
CA VAL B 556 -78.32 -6.94 14.36
C VAL B 556 -77.07 -7.68 13.89
N MET B 557 -76.08 -7.81 14.77
CA MET B 557 -74.84 -8.49 14.39
C MET B 557 -75.09 -9.95 14.06
N ASN B 558 -75.91 -10.62 14.88
CA ASN B 558 -76.20 -12.03 14.61
C ASN B 558 -76.88 -12.22 13.26
N HIS B 559 -77.67 -11.24 12.83
CA HIS B 559 -78.32 -11.35 11.52
C HIS B 559 -77.31 -11.17 10.39
N LEU B 560 -76.39 -10.22 10.54
CA LEU B 560 -75.41 -9.96 9.48
C LEU B 560 -74.38 -11.08 9.38
N PHE B 561 -74.12 -11.80 10.47
CA PHE B 561 -73.17 -12.90 10.41
C PHE B 561 -73.67 -14.00 9.48
N ALA B 562 -74.98 -14.23 9.45
CA ALA B 562 -75.56 -15.24 8.57
C ALA B 562 -75.90 -14.70 7.18
N THR B 563 -76.06 -13.38 7.05
CA THR B 563 -76.47 -12.76 5.79
C THR B 563 -75.28 -12.26 4.98
N THR B 564 -74.35 -11.57 5.63
CA THR B 564 -73.19 -10.99 4.96
C THR B 564 -71.98 -11.90 5.14
N ASP B 565 -70.84 -11.45 4.60
CA ASP B 565 -69.59 -12.20 4.68
C ASP B 565 -68.87 -12.00 6.01
N LEU B 566 -69.48 -11.30 6.97
CA LEU B 566 -68.86 -11.13 8.27
C LEU B 566 -68.56 -12.48 8.94
N GLU B 567 -69.28 -13.53 8.57
CA GLU B 567 -69.00 -14.88 9.03
C GLU B 567 -68.85 -15.79 7.82
N LYS B 568 -67.68 -16.43 7.70
CA LYS B 568 -67.37 -17.28 6.57
C LYS B 568 -66.72 -18.56 7.06
N SER B 569 -67.01 -19.65 6.37
CA SER B 569 -66.42 -20.96 6.68
C SER B 569 -65.40 -21.34 5.61
N TYR B 570 -64.49 -22.23 5.98
CA TYR B 570 -63.42 -22.68 5.11
C TYR B 570 -63.31 -24.19 5.21
N ARG B 571 -63.36 -24.87 4.06
CA ARG B 571 -63.24 -26.32 4.06
C ARG B 571 -61.80 -26.73 4.33
N ILE B 572 -61.65 -27.86 5.03
CA ILE B 572 -60.34 -28.38 5.42
C ILE B 572 -60.24 -29.81 4.91
N ASN B 573 -59.19 -30.08 4.13
CA ASN B 573 -58.95 -31.41 3.55
C ASN B 573 -57.45 -31.66 3.59
N LEU B 574 -56.99 -32.32 4.66
CA LEU B 574 -55.57 -32.55 4.87
C LEU B 574 -55.06 -33.62 3.91
N ASN B 575 -54.92 -33.26 2.63
CA ASN B 575 -54.42 -34.14 1.60
C ASN B 575 -53.05 -33.66 1.14
N MET B 576 -52.09 -34.58 1.03
CA MET B 576 -50.73 -34.20 0.69
C MET B 576 -49.98 -35.43 0.21
N ILE B 577 -48.88 -35.17 -0.51
CA ILE B 577 -48.00 -36.24 -0.98
C ILE B 577 -47.06 -36.60 0.16
N GLY B 578 -47.17 -37.83 0.65
CA GLY B 578 -46.36 -38.28 1.75
C GLY B 578 -44.95 -38.67 1.31
N LEU B 579 -44.16 -39.13 2.29
CA LEU B 579 -42.80 -39.55 2.00
C LEU B 579 -42.77 -40.74 1.05
N ASP B 580 -43.84 -41.54 1.03
CA ASP B 580 -43.91 -42.67 0.11
C ASP B 580 -44.13 -42.24 -1.34
N GLY B 581 -44.22 -40.95 -1.62
CA GLY B 581 -44.41 -40.49 -2.97
C GLY B 581 -45.81 -40.66 -3.51
N ARG B 582 -46.80 -40.85 -2.63
CA ARG B 582 -48.18 -41.04 -3.05
C ARG B 582 -49.10 -40.13 -2.24
N PRO B 583 -50.12 -39.55 -2.87
CA PRO B 583 -51.05 -38.71 -2.10
C PRO B 583 -51.96 -39.54 -1.21
N ALA B 584 -52.31 -38.97 -0.06
CA ALA B 584 -53.16 -39.63 0.90
C ALA B 584 -53.61 -38.62 1.94
N VAL B 585 -54.85 -38.79 2.40
CA VAL B 585 -55.40 -37.94 3.46
C VAL B 585 -54.78 -38.37 4.79
N LYS B 586 -54.15 -37.42 5.48
CA LYS B 586 -53.45 -37.69 6.72
C LYS B 586 -53.99 -36.80 7.82
N ASN B 587 -54.18 -37.37 9.01
CA ASN B 587 -54.66 -36.63 10.16
C ASN B 587 -53.52 -35.87 10.82
N LEU B 588 -53.85 -35.08 11.84
CA LEU B 588 -52.84 -34.25 12.49
C LEU B 588 -51.72 -35.09 13.08
N LEU B 589 -52.06 -36.27 13.64
CA LEU B 589 -51.03 -37.11 14.24
C LEU B 589 -50.15 -37.75 13.17
N GLU B 590 -50.73 -38.12 12.03
CA GLU B 590 -49.94 -38.70 10.96
C GLU B 590 -49.02 -37.69 10.31
N ILE B 591 -49.40 -36.40 10.34
CA ILE B 591 -48.58 -35.37 9.73
C ILE B 591 -47.36 -35.08 10.59
N LEU B 592 -47.58 -34.75 11.87
CA LEU B 592 -46.46 -34.45 12.76
C LEU B 592 -45.54 -35.66 12.91
N SER B 593 -46.12 -36.85 13.00
CA SER B 593 -45.29 -38.06 13.13
C SER B 593 -44.46 -38.29 11.87
N GLU B 594 -45.06 -38.09 10.69
CA GLU B 594 -44.34 -38.35 9.45
C GLU B 594 -43.31 -37.27 9.15
N TRP B 595 -43.55 -36.03 9.60
CA TRP B 595 -42.59 -34.97 9.35
C TRP B 595 -41.34 -35.12 10.22
N LEU B 596 -41.51 -35.56 11.48
CA LEU B 596 -40.36 -35.79 12.34
C LEU B 596 -39.47 -36.88 11.78
N VAL B 597 -40.05 -37.86 11.06
CA VAL B 597 -39.23 -38.84 10.36
C VAL B 597 -38.43 -38.16 9.25
N PHE B 598 -39.04 -37.19 8.57
CA PHE B 598 -38.32 -36.44 7.54
C PHE B 598 -37.23 -35.56 8.16
N ARG B 599 -37.52 -34.99 9.34
CA ARG B 599 -36.53 -34.13 9.99
C ARG B 599 -35.38 -34.96 10.55
N ARG B 600 -35.68 -36.10 11.18
CA ARG B 600 -34.61 -36.96 11.68
C ARG B 600 -33.73 -37.45 10.54
N ASP B 601 -34.31 -37.69 9.36
CA ASP B 601 -33.51 -38.07 8.21
C ASP B 601 -32.67 -36.90 7.71
N THR B 602 -33.24 -35.70 7.73
CA THR B 602 -32.51 -34.53 7.25
C THR B 602 -31.35 -34.19 8.17
N VAL B 603 -31.54 -34.33 9.48
CA VAL B 603 -30.44 -34.09 10.42
C VAL B 603 -29.39 -35.18 10.30
N ARG B 604 -29.83 -36.45 10.18
CA ARG B 604 -28.88 -37.55 10.02
C ARG B 604 -27.99 -37.35 8.80
N ARG B 605 -28.54 -36.77 7.73
CA ARG B 605 -27.74 -36.47 6.55
C ARG B 605 -26.86 -35.24 6.76
N ARG B 606 -27.34 -34.28 7.56
CA ARG B 606 -26.53 -33.09 7.85
C ARG B 606 -25.30 -33.46 8.67
N LEU B 607 -25.46 -34.34 9.66
CA LEU B 607 -24.34 -34.69 10.53
C LEU B 607 -23.25 -35.42 9.76
N ASN B 608 -23.63 -36.35 8.86
CA ASN B 608 -22.63 -37.02 8.04
C ASN B 608 -21.83 -36.02 7.20
N HIS B 609 -22.49 -34.97 6.71
CA HIS B 609 -21.80 -33.97 5.91
C HIS B 609 -20.77 -33.22 6.73
N ARG B 610 -21.17 -32.70 7.89
CA ARG B 610 -20.24 -31.96 8.74
C ARG B 610 -19.11 -32.85 9.24
N LEU B 611 -19.41 -34.13 9.50
CA LEU B 611 -18.38 -35.04 10.02
C LEU B 611 -17.23 -35.18 9.03
N GLU B 612 -17.55 -35.38 7.75
CA GLU B 612 -16.50 -35.56 6.75
C GLU B 612 -15.65 -34.30 6.59
N LYS B 613 -16.23 -33.12 6.81
CA LYS B 613 -15.43 -31.90 6.71
C LYS B 613 -14.51 -31.71 7.91
N VAL B 614 -14.98 -32.06 9.11
CA VAL B 614 -14.14 -31.93 10.29
C VAL B 614 -13.06 -32.99 10.29
N LEU B 615 -13.40 -34.22 9.91
CA LEU B 615 -12.43 -35.31 9.92
C LEU B 615 -11.32 -35.08 8.90
N LYS B 616 -11.69 -34.69 7.68
CA LYS B 616 -10.68 -34.50 6.64
C LYS B 616 -9.77 -33.32 6.94
N ARG B 617 -10.31 -32.25 7.52
CA ARG B 617 -9.49 -31.09 7.85
C ARG B 617 -8.49 -31.44 8.95
N LEU B 618 -8.96 -32.07 10.03
CA LEU B 618 -8.06 -32.52 11.08
C LEU B 618 -7.02 -33.50 10.54
N HIS B 619 -7.41 -34.29 9.54
CA HIS B 619 -6.47 -35.20 8.89
C HIS B 619 -5.43 -34.43 8.09
N ILE B 620 -5.81 -33.31 7.49
CA ILE B 620 -4.86 -32.52 6.72
C ILE B 620 -3.94 -31.72 7.63
N LEU B 621 -4.49 -31.11 8.69
CA LEU B 621 -3.67 -30.35 9.61
C LEU B 621 -2.67 -31.23 10.34
N GLU B 622 -3.00 -32.50 10.56
CA GLU B 622 -2.05 -33.41 11.19
C GLU B 622 -0.77 -33.53 10.38
N GLY B 623 -0.89 -33.62 9.06
CA GLY B 623 0.29 -33.72 8.22
C GLY B 623 1.11 -32.46 8.20
N LEU B 624 0.46 -31.29 8.32
CA LEU B 624 1.18 -30.03 8.30
C LEU B 624 2.14 -29.92 9.47
N LEU B 625 1.66 -30.26 10.68
CA LEU B 625 2.54 -30.23 11.85
C LEU B 625 3.72 -31.17 11.68
N VAL B 626 3.48 -32.35 11.08
CA VAL B 626 4.59 -33.24 10.77
C VAL B 626 5.56 -32.56 9.81
N ALA B 627 5.01 -31.86 8.81
CA ALA B 627 5.86 -31.12 7.88
C ALA B 627 6.55 -29.97 8.59
N PHE B 628 5.84 -29.28 9.51
CA PHE B 628 6.45 -28.18 10.24
C PHE B 628 7.63 -28.65 11.07
N LEU B 629 7.50 -29.81 11.72
CA LEU B 629 8.60 -30.32 12.51
C LEU B 629 9.79 -30.67 11.64
N ASN B 630 9.55 -31.10 10.41
CA ASN B 630 10.62 -31.48 9.49
C ASN B 630 10.62 -30.62 8.23
N ILE B 631 10.49 -29.30 8.38
CA ILE B 631 10.49 -28.43 7.20
C ILE B 631 11.82 -28.55 6.46
N ASP B 632 12.91 -28.70 7.20
CA ASP B 632 14.21 -28.82 6.57
C ASP B 632 14.26 -30.03 5.64
N GLU B 633 13.82 -31.19 6.14
CA GLU B 633 13.81 -32.39 5.31
C GLU B 633 12.71 -32.33 4.26
N VAL B 634 11.54 -31.79 4.62
CA VAL B 634 10.44 -31.70 3.67
C VAL B 634 10.84 -30.85 2.47
N ILE B 635 11.40 -29.67 2.73
CA ILE B 635 11.78 -28.77 1.64
C ILE B 635 12.95 -29.35 0.87
N GLU B 636 13.91 -29.96 1.57
CA GLU B 636 15.05 -30.56 0.88
C GLU B 636 14.60 -31.69 -0.05
N ILE B 637 13.59 -32.46 0.35
CA ILE B 637 13.08 -33.51 -0.51
C ILE B 637 12.43 -32.93 -1.76
N ILE B 638 11.70 -31.83 -1.61
CA ILE B 638 11.02 -31.22 -2.75
C ILE B 638 12.05 -30.68 -3.74
N ARG B 639 13.07 -29.99 -3.23
CA ARG B 639 14.05 -29.37 -4.13
C ARG B 639 14.96 -30.41 -4.78
N THR B 640 15.35 -31.44 -4.01
CA THR B 640 16.29 -32.43 -4.53
C THR B 640 15.59 -33.43 -5.44
N GLU B 641 14.60 -34.14 -4.92
CA GLU B 641 13.96 -35.19 -5.70
C GLU B 641 13.25 -34.62 -6.92
N ASP B 642 13.38 -35.31 -8.05
CA ASP B 642 12.74 -34.86 -9.28
C ASP B 642 11.23 -34.89 -9.15
N GLU B 643 10.68 -36.02 -8.72
CA GLU B 643 9.24 -36.18 -8.49
C GLU B 643 9.00 -36.42 -7.01
N PRO B 644 8.61 -35.40 -6.23
CA PRO B 644 8.53 -35.57 -4.77
C PRO B 644 7.24 -36.20 -4.28
N LYS B 645 6.22 -36.33 -5.12
CA LYS B 645 4.95 -36.88 -4.64
C LYS B 645 5.13 -38.27 -4.04
N PRO B 646 5.79 -39.23 -4.71
CA PRO B 646 6.02 -40.52 -4.04
C PRO B 646 7.03 -40.43 -2.91
N ALA B 647 8.07 -39.60 -3.06
CA ALA B 647 9.11 -39.50 -2.04
C ALA B 647 8.54 -39.01 -0.71
N LEU B 648 7.66 -38.00 -0.75
CA LEU B 648 7.08 -37.50 0.49
C LEU B 648 6.28 -38.58 1.19
N MET B 649 5.61 -39.44 0.42
CA MET B 649 4.82 -40.51 1.03
C MET B 649 5.71 -41.55 1.70
N SER B 650 6.90 -41.80 1.14
CA SER B 650 7.78 -42.82 1.70
C SER B 650 8.55 -42.29 2.92
N ARG B 651 9.03 -41.05 2.86
CA ARG B 651 9.86 -40.54 3.93
C ARG B 651 9.10 -40.40 5.24
N PHE B 652 7.83 -39.97 5.17
CA PHE B 652 7.03 -39.74 6.36
C PHE B 652 5.86 -40.71 6.50
N GLY B 653 5.70 -41.65 5.57
CA GLY B 653 4.57 -42.56 5.63
C GLY B 653 3.24 -41.83 5.61
N ILE B 654 3.11 -40.84 4.73
CA ILE B 654 1.90 -40.03 4.63
C ILE B 654 1.14 -40.43 3.37
N SER B 655 -0.12 -40.02 3.32
CA SER B 655 -1.02 -40.38 2.23
C SER B 655 -0.87 -39.41 1.07
N GLU B 656 -1.38 -39.83 -0.10
CA GLU B 656 -1.30 -39.00 -1.29
C GLU B 656 -2.02 -37.68 -1.10
N THR B 657 -3.21 -37.72 -0.47
CA THR B 657 -3.93 -36.49 -0.21
C THR B 657 -3.17 -35.60 0.78
N GLN B 658 -2.41 -36.22 1.70
CA GLN B 658 -1.62 -35.43 2.63
C GLN B 658 -0.45 -34.76 1.92
N ALA B 659 0.18 -35.45 0.98
CA ALA B 659 1.30 -34.87 0.25
C ALA B 659 0.88 -33.65 -0.55
N GLU B 660 -0.27 -33.72 -1.21
CA GLU B 660 -0.75 -32.58 -2.00
C GLU B 660 -0.95 -31.35 -1.13
N ALA B 661 -1.37 -31.53 0.12
CA ALA B 661 -1.54 -30.39 1.02
C ALA B 661 -0.20 -29.77 1.36
N ILE B 662 0.83 -30.60 1.57
CA ILE B 662 2.16 -30.05 1.83
C ILE B 662 2.68 -29.31 0.60
N LEU B 663 2.50 -29.90 -0.59
CA LEU B 663 2.97 -29.26 -1.81
C LEU B 663 2.21 -27.96 -2.08
N GLU B 664 0.95 -27.88 -1.67
CA GLU B 664 0.14 -26.69 -1.86
C GLU B 664 0.26 -25.70 -0.70
N LEU B 665 1.29 -25.84 0.13
CA LEU B 665 1.50 -24.95 1.25
C LEU B 665 2.30 -23.73 0.77
N LYS B 666 1.87 -22.54 1.17
CA LYS B 666 2.53 -21.31 0.78
C LYS B 666 3.69 -21.02 1.72
N LEU B 667 4.72 -20.35 1.17
CA LEU B 667 5.88 -19.99 1.98
C LEU B 667 5.46 -19.11 3.15
N ARG B 668 4.40 -18.32 2.98
CA ARG B 668 3.90 -17.49 4.06
C ARG B 668 3.50 -18.33 5.27
N HIS B 669 3.05 -19.57 5.04
CA HIS B 669 2.63 -20.45 6.13
C HIS B 669 3.78 -20.99 6.95
N LEU B 670 5.03 -20.82 6.49
CA LEU B 670 6.17 -21.31 7.25
C LEU B 670 6.47 -20.47 8.48
N ALA B 671 5.89 -19.28 8.61
CA ALA B 671 6.15 -18.44 9.76
C ALA B 671 5.65 -19.11 11.04
N LYS B 672 6.23 -18.71 12.17
CA LYS B 672 5.88 -19.31 13.44
C LYS B 672 4.43 -19.00 13.82
N LEU B 673 3.91 -17.85 13.37
CA LEU B 673 2.54 -17.49 13.72
C LEU B 673 1.54 -18.41 13.03
N GLU B 674 1.79 -18.75 11.77
CA GLU B 674 0.89 -19.63 11.04
C GLU B 674 0.90 -21.05 11.59
N GLU B 675 2.00 -21.45 12.25
CA GLU B 675 1.99 -22.74 12.93
C GLU B 675 1.11 -22.69 14.17
N MET B 676 1.22 -21.62 14.96
CA MET B 676 0.34 -21.46 16.12
C MET B 676 -1.11 -21.38 15.70
N LYS B 677 -1.40 -20.76 14.55
CA LYS B 677 -2.76 -20.72 14.06
C LYS B 677 -3.26 -22.12 13.69
N ILE B 678 -2.37 -22.97 13.17
CA ILE B 678 -2.75 -24.34 12.85
C ILE B 678 -2.96 -25.14 14.12
N ARG B 679 -2.06 -25.01 15.10
CA ARG B 679 -2.23 -25.70 16.37
C ARG B 679 -3.50 -25.26 17.08
N GLY B 680 -3.88 -23.99 16.93
CA GLY B 680 -5.13 -23.53 17.53
C GLY B 680 -6.35 -24.06 16.80
N GLU B 681 -6.31 -24.05 15.47
CA GLU B 681 -7.42 -24.59 14.68
C GLU B 681 -7.61 -26.07 14.93
N GLN B 682 -6.53 -26.81 15.18
CA GLN B 682 -6.63 -28.24 15.41
C GLN B 682 -7.28 -28.55 16.74
N SER B 683 -6.95 -27.79 17.79
CA SER B 683 -7.52 -28.06 19.11
C SER B 683 -9.04 -27.94 19.10
N GLU B 684 -9.58 -26.98 18.35
CA GLU B 684 -11.03 -26.80 18.30
C GLU B 684 -11.69 -27.89 17.47
N LEU B 685 -11.13 -28.18 16.29
CA LEU B 685 -11.74 -29.18 15.42
C LEU B 685 -11.76 -30.56 16.05
N GLU B 686 -10.75 -30.89 16.87
CA GLU B 686 -10.71 -32.20 17.50
C GLU B 686 -11.90 -32.42 18.44
N LYS B 687 -12.33 -31.37 19.14
CA LYS B 687 -13.48 -31.49 20.02
C LYS B 687 -14.76 -31.80 19.24
N GLU B 688 -14.94 -31.15 18.08
CA GLU B 688 -16.14 -31.34 17.29
C GLU B 688 -16.19 -32.69 16.58
N ARG B 689 -15.06 -33.35 16.39
CA ARG B 689 -15.05 -34.60 15.62
C ARG B 689 -15.83 -35.69 16.32
N ASP B 690 -15.61 -35.90 17.61
CA ASP B 690 -16.30 -36.97 18.34
C ASP B 690 -17.77 -36.66 18.57
N GLN B 691 -18.16 -35.39 18.59
CA GLN B 691 -19.56 -35.06 18.84
C GLN B 691 -20.47 -35.56 17.73
N LEU B 692 -20.06 -35.39 16.46
CA LEU B 692 -20.91 -35.81 15.36
C LEU B 692 -21.10 -37.32 15.36
N GLN B 693 -20.03 -38.08 15.61
CA GLN B 693 -20.17 -39.54 15.65
C GLN B 693 -20.98 -39.99 16.86
N ALA B 694 -20.93 -39.22 17.95
CA ALA B 694 -21.69 -39.60 19.15
C ALA B 694 -23.17 -39.36 18.94
N ILE B 695 -23.55 -38.21 18.37
CA ILE B 695 -24.96 -37.91 18.15
C ILE B 695 -25.54 -38.88 17.13
N LEU B 696 -24.75 -39.29 16.14
CA LEU B 696 -25.25 -40.21 15.13
C LEU B 696 -25.39 -41.64 15.67
N ALA B 697 -24.71 -41.95 16.77
CA ALA B 697 -24.75 -43.29 17.34
C ALA B 697 -25.90 -43.46 18.33
N SER B 698 -26.15 -42.46 19.16
CA SER B 698 -27.18 -42.53 20.20
C SER B 698 -28.43 -41.82 19.74
N GLU B 699 -29.58 -42.50 19.84
CA GLU B 699 -30.85 -41.87 19.49
C GLU B 699 -31.27 -40.83 20.53
N ARG B 700 -30.95 -41.07 21.80
CA ARG B 700 -31.30 -40.10 22.85
C ARG B 700 -30.55 -38.79 22.65
N LYS B 701 -29.27 -38.86 22.29
CA LYS B 701 -28.50 -37.63 22.10
C LYS B 701 -28.97 -36.85 20.89
N MET B 702 -29.44 -37.53 19.84
CA MET B 702 -29.95 -36.82 18.67
C MET B 702 -31.32 -36.22 18.93
N ASN B 703 -32.18 -36.95 19.67
CA ASN B 703 -33.50 -36.44 19.97
C ASN B 703 -33.44 -35.18 20.81
N ASN B 704 -32.46 -35.10 21.73
CA ASN B 704 -32.30 -33.88 22.51
C ASN B 704 -31.88 -32.71 21.63
N LEU B 705 -31.14 -32.98 20.56
CA LEU B 705 -30.79 -31.93 19.60
C LEU B 705 -32.03 -31.42 18.87
N LEU B 706 -32.84 -32.35 18.34
CA LEU B 706 -34.07 -31.95 17.66
C LEU B 706 -34.96 -31.13 18.59
N LYS B 707 -35.12 -31.59 19.83
CA LYS B 707 -35.90 -30.83 20.80
C LYS B 707 -35.31 -29.46 21.05
N LYS B 708 -34.00 -29.31 20.87
CA LYS B 708 -33.35 -28.02 21.07
C LYS B 708 -33.49 -27.12 19.86
N GLU B 709 -33.33 -27.68 18.66
CA GLU B 709 -33.43 -26.87 17.44
C GLU B 709 -34.85 -26.35 17.25
N LEU B 710 -35.85 -27.19 17.54
CA LEU B 710 -37.24 -26.75 17.40
C LEU B 710 -37.55 -25.58 18.33
N GLN B 711 -37.05 -25.63 19.56
CA GLN B 711 -37.30 -24.54 20.50
C GLN B 711 -36.50 -23.30 20.11
N ALA B 712 -35.29 -23.48 19.59
CA ALA B 712 -34.49 -22.32 19.17
C ALA B 712 -35.12 -21.61 17.99
N ASP B 713 -35.60 -22.36 17.00
CA ASP B 713 -36.24 -21.74 15.84
C ASP B 713 -37.57 -21.10 16.21
N ALA B 714 -38.31 -21.69 17.16
CA ALA B 714 -39.59 -21.12 17.57
C ALA B 714 -39.40 -19.82 18.33
N ASP B 715 -38.30 -19.70 19.09
CA ASP B 715 -38.08 -18.48 19.86
C ASP B 715 -37.69 -17.30 18.98
N ALA B 716 -37.12 -17.57 17.80
CA ALA B 716 -36.67 -16.53 16.89
C ALA B 716 -37.74 -16.14 15.88
N PHE B 717 -38.32 -17.12 15.19
CA PHE B 717 -39.30 -16.88 14.14
C PHE B 717 -40.73 -16.98 14.62
N GLY B 718 -40.98 -17.53 15.80
CA GLY B 718 -42.33 -17.65 16.29
C GLY B 718 -42.94 -16.31 16.62
N ASP B 719 -44.28 -16.28 16.65
CA ASP B 719 -45.00 -15.06 16.96
C ASP B 719 -46.29 -15.43 17.68
N ASP B 720 -46.93 -14.40 18.24
CA ASP B 720 -48.14 -14.59 19.02
C ASP B 720 -49.30 -15.07 18.15
N ARG B 721 -50.33 -15.58 18.81
CA ARG B 721 -51.53 -16.02 18.11
C ARG B 721 -52.34 -14.80 17.65
N ARG B 722 -52.66 -14.75 16.36
CA ARG B 722 -53.42 -13.64 15.81
C ARG B 722 -54.92 -13.88 15.90
N SER B 723 -55.38 -14.99 15.32
CA SER B 723 -56.80 -15.31 15.30
C SER B 723 -57.13 -16.19 16.50
N PRO B 724 -57.87 -15.70 17.50
CA PRO B 724 -58.18 -16.54 18.66
C PRO B 724 -59.24 -17.57 18.35
N LEU B 725 -59.12 -18.72 19.03
CA LEU B 725 -60.05 -19.83 18.88
C LEU B 725 -60.93 -19.93 20.13
N HIS B 726 -62.24 -20.01 19.92
CA HIS B 726 -63.19 -20.13 21.01
C HIS B 726 -64.51 -20.73 20.53
N GLY C 12 66.14 10.31 2.17
CA GLY C 12 65.44 10.50 3.42
C GLY C 12 64.71 9.25 3.88
N LYS C 13 63.50 9.43 4.42
CA LYS C 13 62.67 8.32 4.88
C LYS C 13 61.91 7.73 3.69
N LEU C 14 62.69 7.11 2.80
CA LEU C 14 62.17 6.50 1.57
C LEU C 14 62.66 5.07 1.50
N ALA C 15 61.72 4.13 1.30
CA ALA C 15 62.07 2.73 1.15
C ALA C 15 62.64 2.50 -0.24
N ASP C 16 63.87 1.97 -0.29
CA ASP C 16 64.60 1.77 -1.54
C ASP C 16 64.53 0.31 -1.95
N CYS C 17 64.63 0.08 -3.25
CA CYS C 17 64.62 -1.25 -3.83
C CYS C 17 66.05 -1.74 -4.03
N THR C 18 66.23 -3.05 -3.98
CA THR C 18 67.57 -3.62 -4.03
C THR C 18 68.16 -3.50 -5.44
N ALA C 19 67.36 -3.76 -6.47
CA ALA C 19 67.89 -3.74 -7.82
C ALA C 19 68.21 -2.32 -8.25
N GLN C 20 69.18 -2.20 -9.17
CA GLN C 20 69.59 -0.91 -9.71
C GLN C 20 69.38 -0.83 -11.22
N ASP C 21 68.62 -1.76 -11.79
CA ASP C 21 68.35 -1.76 -13.23
C ASP C 21 67.22 -0.78 -13.52
N LEU C 22 67.55 0.32 -14.20
CA LEU C 22 66.54 1.33 -14.51
C LEU C 22 65.42 0.78 -15.38
N ASN C 23 65.68 -0.30 -16.12
CA ASN C 23 64.65 -0.87 -16.98
C ASN C 23 63.52 -1.50 -16.18
N ARG C 24 63.82 -2.03 -14.99
CA ARG C 24 62.84 -2.74 -14.18
C ARG C 24 62.45 -2.03 -12.90
N THR C 25 63.20 -0.99 -12.50
CA THR C 25 62.93 -0.32 -11.23
C THR C 25 61.81 0.72 -11.39
N GLU C 26 61.03 0.87 -10.33
CA GLU C 26 59.91 1.80 -10.30
C GLU C 26 59.88 2.52 -8.96
N LEU C 27 59.54 3.80 -9.00
CA LEU C 27 59.42 4.63 -7.80
C LEU C 27 57.99 5.12 -7.68
N PHE C 28 57.45 5.05 -6.46
CA PHE C 28 56.07 5.44 -6.18
C PHE C 28 56.05 6.59 -5.19
N LEU C 29 55.30 7.65 -5.52
CA LEU C 29 55.11 8.80 -4.65
C LEU C 29 53.70 8.73 -4.05
N VAL C 30 53.63 8.57 -2.74
CA VAL C 30 52.36 8.40 -2.03
C VAL C 30 51.94 9.72 -1.41
N GLU C 31 50.63 9.93 -1.33
CA GLU C 31 50.07 11.17 -0.79
C GLU C 31 49.96 11.17 0.72
N GLY C 32 50.41 10.13 1.39
CA GLY C 32 50.28 10.08 2.84
C GLY C 32 51.25 9.12 3.50
N ASP C 33 51.75 9.48 4.68
CA ASP C 33 52.60 8.55 5.41
C ASP C 33 51.81 7.32 5.84
N SER C 34 50.54 7.50 6.20
CA SER C 34 49.70 6.34 6.51
C SER C 34 49.52 5.46 5.28
N ALA C 35 49.21 6.07 4.13
CA ALA C 35 49.14 5.32 2.89
C ALA C 35 50.51 4.84 2.45
N GLY C 36 51.56 5.62 2.73
CA GLY C 36 52.90 5.19 2.38
C GLY C 36 53.35 3.98 3.16
N GLY C 37 53.08 3.96 4.47
CA GLY C 37 53.42 2.80 5.26
C GLY C 37 52.74 1.54 4.77
N SER C 38 51.47 1.64 4.38
CA SER C 38 50.77 0.50 3.81
C SER C 38 51.38 0.08 2.48
N ALA C 39 51.88 1.04 1.69
CA ALA C 39 52.48 0.69 0.41
C ALA C 39 53.81 -0.02 0.60
N LYS C 40 54.59 0.38 1.60
CA LYS C 40 55.88 -0.26 1.84
C LYS C 40 55.72 -1.72 2.27
N GLN C 41 54.61 -2.04 2.95
CA GLN C 41 54.40 -3.42 3.37
C GLN C 41 54.05 -4.32 2.19
N ALA C 42 53.39 -3.78 1.17
CA ALA C 42 52.97 -4.55 0.01
C ALA C 42 53.89 -4.38 -1.19
N ARG C 43 54.84 -3.45 -1.14
CA ARG C 43 55.74 -3.23 -2.25
C ARG C 43 56.69 -4.43 -2.42
N ASP C 44 57.06 -4.69 -3.67
CA ASP C 44 58.08 -5.70 -3.98
C ASP C 44 59.46 -5.06 -3.83
N ARG C 45 60.17 -5.41 -2.76
CA ARG C 45 61.47 -4.83 -2.52
C ARG C 45 62.45 -5.09 -3.66
N GLU C 46 62.15 -6.06 -4.53
CA GLU C 46 63.07 -6.39 -5.61
C GLU C 46 63.19 -5.24 -6.61
N TYR C 47 62.07 -4.56 -6.92
CA TYR C 47 62.11 -3.54 -7.95
C TYR C 47 61.11 -2.41 -7.70
N GLN C 48 60.57 -2.27 -6.50
CA GLN C 48 59.60 -1.23 -6.18
C GLN C 48 60.11 -0.41 -5.01
N ALA C 49 60.15 0.91 -5.19
CA ALA C 49 60.55 1.85 -4.15
C ALA C 49 59.43 2.83 -3.90
N ILE C 50 59.21 3.18 -2.63
CA ILE C 50 58.12 4.04 -2.22
C ILE C 50 58.68 5.24 -1.48
N MET C 51 58.09 6.41 -1.72
CA MET C 51 58.44 7.64 -1.02
C MET C 51 57.15 8.38 -0.66
N PRO C 52 56.81 8.50 0.62
CA PRO C 52 55.57 9.19 0.98
C PRO C 52 55.74 10.71 0.95
N LEU C 53 54.71 11.39 0.46
CA LEU C 53 54.69 12.85 0.40
C LEU C 53 53.71 13.35 1.47
N LYS C 54 54.25 13.68 2.64
CA LYS C 54 53.42 14.15 3.74
C LYS C 54 52.85 15.52 3.41
N GLY C 55 51.52 15.60 3.29
CA GLY C 55 50.85 16.84 2.98
C GLY C 55 50.97 17.23 1.52
N LYS C 56 50.62 18.48 1.24
CA LYS C 56 50.68 19.00 -0.12
C LYS C 56 52.10 19.45 -0.46
N ILE C 57 52.33 19.59 -1.77
CA ILE C 57 53.63 19.96 -2.32
C ILE C 57 53.59 21.40 -2.78
N LEU C 58 54.75 22.05 -2.76
CA LEU C 58 54.85 23.43 -3.20
C LEU C 58 54.50 23.55 -4.68
N ASN C 59 53.77 24.61 -5.03
CA ASN C 59 53.43 24.91 -6.42
C ASN C 59 54.69 25.41 -7.11
N THR C 60 55.51 24.48 -7.57
CA THR C 60 56.82 24.80 -8.14
C THR C 60 56.71 25.07 -9.65
N TRP C 61 55.95 26.11 -9.97
CA TRP C 61 55.83 26.59 -11.35
C TRP C 61 56.54 27.92 -11.56
N GLU C 62 56.29 28.89 -10.69
CA GLU C 62 56.97 30.18 -10.72
C GLU C 62 58.18 30.24 -9.79
N VAL C 63 58.48 29.15 -9.08
CA VAL C 63 59.61 29.12 -8.17
C VAL C 63 60.88 28.84 -8.96
N SER C 64 61.97 29.49 -8.54
CA SER C 64 63.26 29.31 -9.20
C SER C 64 63.83 27.92 -8.87
N SER C 65 64.85 27.53 -9.63
CA SER C 65 65.48 26.23 -9.40
C SER C 65 66.01 26.12 -7.97
N ASP C 66 66.58 27.21 -7.44
CA ASP C 66 67.07 27.19 -6.06
C ASP C 66 65.91 27.14 -5.08
N GLU C 67 64.79 27.80 -5.41
CA GLU C 67 63.63 27.77 -4.54
C GLU C 67 63.03 26.37 -4.44
N VAL C 68 63.11 25.59 -5.53
CA VAL C 68 62.59 24.23 -5.49
C VAL C 68 63.43 23.37 -4.55
N LEU C 69 64.74 23.61 -4.51
CA LEU C 69 65.60 22.86 -3.59
C LEU C 69 65.45 23.33 -2.15
N ALA C 70 64.85 24.49 -1.93
CA ALA C 70 64.67 24.99 -0.57
C ALA C 70 63.54 24.25 0.15
N SER C 71 62.45 23.96 -0.55
CA SER C 71 61.33 23.25 0.05
C SER C 71 61.71 21.80 0.31
N GLN C 72 61.52 21.35 1.55
CA GLN C 72 61.95 20.01 1.94
C GLN C 72 61.23 18.92 1.16
N GLU C 73 59.94 19.09 0.92
CA GLU C 73 59.16 18.04 0.26
C GLU C 73 59.67 17.75 -1.14
N VAL C 74 59.67 18.77 -2.01
CA VAL C 74 60.12 18.55 -3.38
C VAL C 74 61.62 18.27 -3.42
N HIS C 75 62.37 18.83 -2.47
CA HIS C 75 63.81 18.58 -2.43
C HIS C 75 64.09 17.09 -2.29
N ASP C 76 63.44 16.43 -1.34
CA ASP C 76 63.63 14.99 -1.18
C ASP C 76 63.17 14.23 -2.42
N ILE C 77 62.22 14.78 -3.17
CA ILE C 77 61.79 14.14 -4.40
C ILE C 77 62.89 14.21 -5.45
N SER C 78 63.56 15.36 -5.57
CA SER C 78 64.63 15.50 -6.55
C SER C 78 65.82 14.59 -6.21
N VAL C 79 66.15 14.48 -4.93
CA VAL C 79 67.27 13.63 -4.53
C VAL C 79 66.98 12.17 -4.87
N ALA C 80 65.77 11.71 -4.61
CA ALA C 80 65.42 10.33 -4.88
C ALA C 80 65.45 10.04 -6.38
N ILE C 81 64.93 10.96 -7.19
CA ILE C 81 64.94 10.76 -8.64
C ILE C 81 66.37 10.78 -9.18
N GLY C 82 67.21 11.66 -8.64
CA GLY C 82 68.59 11.76 -9.07
C GLY C 82 68.88 12.80 -10.13
N ILE C 83 67.95 13.70 -10.40
CA ILE C 83 68.11 14.73 -11.42
C ILE C 83 67.94 16.09 -10.77
N ASP C 84 68.80 17.06 -11.15
CA ASP C 84 68.69 18.39 -10.59
C ASP C 84 67.55 19.17 -11.25
N PRO C 85 66.98 20.15 -10.55
CA PRO C 85 65.83 20.87 -11.08
C PRO C 85 66.16 21.91 -12.16
N ASP C 86 65.18 22.11 -13.03
CA ASP C 86 65.08 23.22 -13.98
C ASP C 86 66.26 23.33 -14.94
N SER C 87 67.11 22.30 -15.05
CA SER C 87 68.22 22.42 -15.99
C SER C 87 68.89 21.08 -16.25
N ASP C 88 69.01 20.24 -15.22
CA ASP C 88 69.67 18.95 -15.39
C ASP C 88 68.91 18.08 -16.39
N ASP C 89 69.64 17.14 -16.99
CA ASP C 89 69.07 16.14 -17.88
C ASP C 89 69.42 14.75 -17.37
N LEU C 90 68.51 13.81 -17.59
CA LEU C 90 68.68 12.45 -17.10
C LEU C 90 70.05 11.89 -17.49
N SER C 91 70.73 11.27 -16.53
CA SER C 91 72.03 10.66 -16.78
C SER C 91 72.29 9.66 -15.65
N GLN C 92 71.88 8.41 -15.88
CA GLN C 92 71.98 7.36 -14.88
C GLN C 92 70.98 7.60 -13.75
N LEU C 93 69.70 7.67 -14.09
CA LEU C 93 68.67 7.90 -13.09
C LEU C 93 68.61 6.74 -12.10
N ARG C 94 68.06 7.04 -10.92
CA ARG C 94 67.97 6.03 -9.87
C ARG C 94 66.88 5.01 -10.14
N TYR C 95 65.74 5.45 -10.68
CA TYR C 95 64.61 4.58 -10.93
C TYR C 95 64.11 4.78 -12.36
N GLY C 96 63.37 3.79 -12.84
CA GLY C 96 62.86 3.82 -14.21
C GLY C 96 61.55 4.57 -14.36
N LYS C 97 60.54 4.18 -13.59
CA LYS C 97 59.21 4.77 -13.66
C LYS C 97 58.92 5.56 -12.39
N ILE C 98 58.44 6.79 -12.55
CA ILE C 98 58.03 7.64 -11.45
C ILE C 98 56.51 7.71 -11.48
N CYS C 99 55.86 7.08 -10.49
CA CYS C 99 54.42 6.96 -10.44
C CYS C 99 53.86 7.88 -9.35
N ILE C 100 52.85 8.66 -9.69
CA ILE C 100 52.17 9.52 -8.74
C ILE C 100 50.98 8.74 -8.19
N LEU C 101 51.08 8.31 -6.93
CA LEU C 101 50.04 7.53 -6.28
C LEU C 101 49.37 8.42 -5.24
N ALA C 102 48.12 8.79 -5.50
CA ALA C 102 47.38 9.72 -4.66
C ALA C 102 45.96 9.23 -4.49
N ASP C 103 45.26 9.84 -3.52
CA ASP C 103 43.87 9.51 -3.27
C ASP C 103 43.04 9.72 -4.53
N ALA C 104 41.90 9.02 -4.59
CA ALA C 104 40.93 9.23 -5.67
C ALA C 104 39.93 10.31 -5.31
N ASP C 105 40.35 11.31 -4.54
CA ASP C 105 39.54 12.46 -4.16
C ASP C 105 40.11 13.72 -4.77
N SER C 106 39.31 14.79 -4.71
CA SER C 106 39.68 16.04 -5.38
C SER C 106 41.08 16.49 -5.00
N ASP C 107 41.52 16.18 -3.78
CA ASP C 107 42.86 16.58 -3.36
C ASP C 107 43.93 15.73 -4.04
N GLY C 108 43.65 14.44 -4.23
CA GLY C 108 44.59 13.60 -4.94
C GLY C 108 44.92 14.14 -6.32
N LEU C 109 43.90 14.60 -7.04
CA LEU C 109 44.14 15.26 -8.32
C LEU C 109 44.92 16.56 -8.15
N HIS C 110 44.71 17.26 -7.04
CA HIS C 110 45.47 18.49 -6.80
C HIS C 110 46.95 18.17 -6.55
N ILE C 111 47.22 17.20 -5.67
CA ILE C 111 48.59 16.80 -5.42
C ILE C 111 49.24 16.29 -6.70
N ALA C 112 48.46 15.59 -7.53
CA ALA C 112 49.00 15.10 -8.80
C ALA C 112 49.32 16.26 -9.73
N THR C 113 48.43 17.24 -9.83
CA THR C 113 48.69 18.39 -10.68
C THR C 113 49.93 19.15 -10.21
N LEU C 114 50.10 19.29 -8.89
CA LEU C 114 51.29 19.95 -8.37
C LEU C 114 52.54 19.16 -8.70
N LEU C 115 52.46 17.84 -8.74
CA LEU C 115 53.61 17.04 -9.16
C LEU C 115 53.82 17.14 -10.67
N CYS C 116 52.75 17.31 -11.44
CA CYS C 116 52.90 17.55 -12.87
C CYS C 116 53.63 18.86 -13.12
N ALA C 117 53.27 19.90 -12.36
CA ALA C 117 53.98 21.17 -12.48
C ALA C 117 55.45 21.02 -12.14
N LEU C 118 55.75 20.15 -11.16
CA LEU C 118 57.16 19.91 -10.81
C LEU C 118 57.89 19.20 -11.94
N PHE C 119 57.26 18.20 -12.56
CA PHE C 119 57.93 17.45 -13.63
C PHE C 119 57.91 18.20 -14.96
N VAL C 120 56.93 19.08 -15.17
CA VAL C 120 56.81 19.76 -16.45
C VAL C 120 57.75 20.97 -16.50
N ARG C 121 57.82 21.74 -15.42
CA ARG C 121 58.58 22.98 -15.44
C ARG C 121 60.06 22.73 -15.15
N HIS C 122 60.37 21.90 -14.16
CA HIS C 122 61.75 21.69 -13.74
C HIS C 122 62.38 20.44 -14.33
N PHE C 123 61.62 19.37 -14.53
CA PHE C 123 62.17 18.13 -15.08
C PHE C 123 61.49 17.78 -16.41
N ARG C 124 61.48 18.72 -17.35
CA ARG C 124 60.81 18.50 -18.62
C ARG C 124 61.35 17.28 -19.36
N THR C 125 62.64 16.99 -19.20
CA THR C 125 63.22 15.84 -19.88
C THR C 125 62.58 14.53 -19.41
N LEU C 126 62.13 14.48 -18.16
CA LEU C 126 61.50 13.26 -17.66
C LEU C 126 60.12 13.06 -18.26
N VAL C 127 59.30 14.12 -18.26
CA VAL C 127 57.94 14.00 -18.76
C VAL C 127 57.94 13.81 -20.28
N LYS C 128 58.87 14.48 -20.98
CA LYS C 128 58.91 14.35 -22.43
C LYS C 128 59.38 12.97 -22.85
N GLU C 129 60.30 12.37 -22.09
CA GLU C 129 60.78 11.04 -22.40
C GLU C 129 59.76 9.96 -22.08
N GLY C 130 58.79 10.25 -21.22
CA GLY C 130 57.76 9.27 -20.90
C GLY C 130 58.04 8.43 -19.67
N HIS C 131 58.75 8.98 -18.68
CA HIS C 131 59.08 8.25 -17.46
C HIS C 131 58.12 8.55 -16.31
N VAL C 132 57.19 9.49 -16.49
CA VAL C 132 56.22 9.85 -15.46
C VAL C 132 54.93 9.09 -15.73
N TYR C 133 54.33 8.55 -14.67
CA TYR C 133 53.11 7.78 -14.77
C TYR C 133 52.10 8.27 -13.74
N VAL C 134 50.83 7.93 -13.98
CA VAL C 134 49.74 8.31 -13.10
C VAL C 134 48.99 7.04 -12.71
N ALA C 135 48.96 6.74 -11.41
CA ALA C 135 48.26 5.55 -10.92
C ALA C 135 46.77 5.81 -10.81
N LEU C 136 45.98 4.78 -11.11
CA LEU C 136 44.52 4.87 -11.05
C LEU C 136 44.01 4.00 -9.92
N PRO C 137 43.72 4.56 -8.74
CA PRO C 137 43.23 3.74 -7.63
C PRO C 137 41.72 3.55 -7.72
N PRO C 138 41.19 2.48 -7.13
CA PRO C 138 39.75 2.23 -7.21
C PRO C 138 38.98 3.03 -6.18
N LEU C 139 37.69 3.22 -6.47
CA LEU C 139 36.79 3.93 -5.58
C LEU C 139 35.95 3.01 -4.71
N TYR C 140 35.59 1.84 -5.21
CA TYR C 140 34.79 0.87 -4.46
C TYR C 140 35.40 -0.51 -4.59
N ARG C 141 35.08 -1.37 -3.63
CA ARG C 141 35.50 -2.77 -3.63
C ARG C 141 34.28 -3.62 -3.28
N ILE C 142 33.80 -4.40 -4.25
CA ILE C 142 32.63 -5.26 -4.07
C ILE C 142 33.12 -6.68 -3.92
N ASP C 143 32.63 -7.38 -2.89
CA ASP C 143 33.01 -8.75 -2.60
C ASP C 143 31.76 -9.57 -2.33
N LEU C 144 31.61 -10.68 -3.05
CA LEU C 144 30.50 -11.61 -2.87
C LEU C 144 31.09 -13.01 -2.79
N GLY C 145 31.37 -13.47 -1.58
CA GLY C 145 32.00 -14.76 -1.42
C GLY C 145 33.47 -14.69 -1.78
N LYS C 146 33.92 -15.64 -2.59
CA LYS C 146 35.31 -15.68 -3.01
C LYS C 146 35.64 -14.62 -4.06
N GLU C 147 34.64 -14.13 -4.78
CA GLU C 147 34.88 -13.15 -5.83
C GLU C 147 35.12 -11.77 -5.21
N VAL C 148 35.96 -10.98 -5.89
CA VAL C 148 36.29 -9.63 -5.46
C VAL C 148 36.46 -8.76 -6.70
N TYR C 149 35.70 -7.68 -6.79
CA TYR C 149 35.77 -6.75 -7.90
C TYR C 149 36.11 -5.36 -7.38
N TYR C 150 36.63 -4.52 -8.28
CA TYR C 150 36.93 -3.13 -7.98
C TYR C 150 36.24 -2.24 -9.00
N ALA C 151 36.08 -0.96 -8.65
CA ALA C 151 35.19 -0.06 -9.39
C ALA C 151 35.77 1.36 -9.29
N LEU C 152 36.63 1.72 -10.24
CA LEU C 152 37.23 3.05 -10.26
C LEU C 152 36.22 4.16 -10.53
N THR C 153 35.01 3.83 -10.98
CA THR C 153 33.99 4.82 -11.28
C THR C 153 32.65 4.39 -10.69
N GLU C 154 31.87 5.37 -10.25
CA GLU C 154 30.53 5.08 -9.73
C GLU C 154 29.69 4.33 -10.75
N GLU C 155 29.91 4.60 -12.05
CA GLU C 155 29.22 3.85 -13.08
C GLU C 155 29.70 2.41 -13.13
N GLU C 156 30.97 2.16 -12.79
CA GLU C 156 31.48 0.79 -12.81
C GLU C 156 30.91 -0.02 -11.66
N LYS C 157 30.70 0.61 -10.51
CA LYS C 157 30.12 -0.09 -9.37
C LYS C 157 28.78 -0.71 -9.74
N THR C 158 27.82 0.12 -10.14
CA THR C 158 26.50 -0.39 -10.53
C THR C 158 26.62 -1.41 -11.65
N GLY C 159 27.64 -1.28 -12.50
CA GLY C 159 27.87 -2.30 -13.51
C GLY C 159 28.25 -3.63 -12.90
N VAL C 160 29.03 -3.61 -11.82
CA VAL C 160 29.35 -4.83 -11.09
C VAL C 160 28.15 -5.29 -10.29
N LEU C 161 27.46 -4.37 -9.61
CA LEU C 161 26.32 -4.73 -8.78
C LEU C 161 25.19 -5.33 -9.61
N GLU C 162 24.99 -4.84 -10.84
CA GLU C 162 23.94 -5.38 -11.68
C GLU C 162 24.29 -6.77 -12.18
N GLN C 163 25.57 -7.02 -12.48
CA GLN C 163 26.01 -8.34 -12.89
C GLN C 163 26.12 -9.31 -11.73
N LEU C 164 26.06 -8.83 -10.48
CA LEU C 164 26.12 -9.70 -9.32
C LEU C 164 24.76 -10.14 -8.83
N LYS C 165 23.70 -9.43 -9.20
CA LYS C 165 22.34 -9.91 -8.91
C LYS C 165 22.14 -11.32 -9.45
N ARG C 166 22.94 -11.73 -10.43
CA ARG C 166 22.85 -13.07 -10.99
C ARG C 166 23.28 -14.14 -10.02
N LYS C 167 24.02 -13.79 -8.97
CA LYS C 167 24.61 -14.76 -8.05
C LYS C 167 23.96 -14.67 -6.67
N LYS C 168 24.25 -15.67 -5.85
CA LYS C 168 23.69 -15.76 -4.51
C LYS C 168 24.51 -14.90 -3.54
N GLY C 169 23.83 -14.29 -2.60
CA GLY C 169 24.47 -13.54 -1.53
C GLY C 169 24.21 -12.05 -1.64
N LYS C 170 24.55 -11.35 -0.55
CA LYS C 170 24.41 -9.90 -0.46
C LYS C 170 25.79 -9.26 -0.55
N PRO C 171 26.16 -8.68 -1.69
CA PRO C 171 27.51 -8.11 -1.82
C PRO C 171 27.72 -6.96 -0.85
N ASN C 172 28.97 -6.77 -0.46
CA ASN C 172 29.37 -5.71 0.48
C ASN C 172 30.22 -4.71 -0.28
N VAL C 173 29.64 -3.55 -0.57
CA VAL C 173 30.34 -2.49 -1.29
C VAL C 173 31.11 -1.65 -0.28
N GLN C 174 32.44 -1.66 -0.41
CA GLN C 174 33.32 -0.89 0.47
C GLN C 174 33.90 0.27 -0.33
N ARG C 175 33.50 1.50 0.03
CA ARG C 175 34.01 2.69 -0.62
C ARG C 175 35.30 3.14 0.06
N PHE C 176 36.33 3.39 -0.75
CA PHE C 176 37.62 3.83 -0.23
C PHE C 176 37.63 5.36 -0.17
N LYS C 177 37.64 5.92 1.04
CA LYS C 177 37.79 7.36 1.19
C LYS C 177 39.17 7.83 0.75
N GLY C 178 40.14 6.93 0.72
CA GLY C 178 41.50 7.29 0.34
C GLY C 178 42.40 6.08 0.52
N LEU C 179 43.63 6.23 0.03
CA LEU C 179 44.60 5.15 0.11
C LEU C 179 44.90 4.75 1.55
N GLY C 180 44.71 5.65 2.51
CA GLY C 180 45.01 5.34 3.89
C GLY C 180 44.11 4.29 4.49
N GLU C 181 42.87 4.18 4.01
CA GLU C 181 41.92 3.23 4.53
C GLU C 181 42.00 1.85 3.84
N MET C 182 42.88 1.69 2.86
CA MET C 182 43.01 0.43 2.14
C MET C 182 43.97 -0.51 2.85
N ASN C 183 43.69 -1.80 2.73
CA ASN C 183 44.58 -2.81 3.27
C ASN C 183 45.85 -2.91 2.43
N PRO C 184 46.99 -3.25 3.04
CA PRO C 184 48.21 -3.40 2.22
C PRO C 184 48.06 -4.38 1.08
N MET C 185 47.46 -5.55 1.35
CA MET C 185 47.26 -6.53 0.28
C MET C 185 46.32 -5.99 -0.79
N GLN C 186 45.25 -5.29 -0.37
CA GLN C 186 44.33 -4.70 -1.34
C GLN C 186 45.01 -3.60 -2.15
N LEU C 187 45.92 -2.85 -1.52
CA LEU C 187 46.60 -1.77 -2.24
C LEU C 187 47.54 -2.30 -3.31
N ARG C 188 48.07 -3.52 -3.13
CA ARG C 188 48.98 -4.08 -4.10
C ARG C 188 48.26 -4.52 -5.37
N GLU C 189 47.11 -5.20 -5.21
CA GLU C 189 46.37 -5.68 -6.37
C GLU C 189 45.90 -4.55 -7.27
N THR C 190 45.82 -3.32 -6.76
CA THR C 190 45.24 -2.21 -7.50
C THR C 190 46.27 -1.26 -8.08
N THR C 191 47.38 -1.01 -7.39
CA THR C 191 48.32 0.02 -7.81
C THR C 191 49.74 -0.48 -7.97
N LEU C 192 50.21 -1.37 -7.08
CA LEU C 192 51.61 -1.75 -7.06
C LEU C 192 51.91 -2.94 -7.96
N ASP C 193 51.10 -3.98 -7.89
CA ASP C 193 51.34 -5.20 -8.67
C ASP C 193 51.17 -4.92 -10.17
N PRO C 194 52.22 -4.99 -10.98
CA PRO C 194 52.05 -4.69 -12.41
C PRO C 194 51.11 -5.65 -13.12
N ASN C 195 50.92 -6.87 -12.61
CA ASN C 195 50.07 -7.84 -13.28
C ASN C 195 48.59 -7.50 -13.17
N THR C 196 48.20 -6.65 -12.21
CA THR C 196 46.79 -6.34 -12.02
C THR C 196 46.54 -4.87 -11.69
N ARG C 197 47.56 -4.01 -11.75
CA ARG C 197 47.38 -2.61 -11.44
C ARG C 197 46.82 -1.87 -12.65
N ARG C 198 46.52 -0.59 -12.45
CA ARG C 198 46.00 0.28 -13.51
C ARG C 198 46.82 1.57 -13.47
N LEU C 199 47.89 1.61 -14.25
CA LEU C 199 48.82 2.74 -14.28
C LEU C 199 48.82 3.31 -15.70
N VAL C 200 48.50 4.60 -15.81
CA VAL C 200 48.46 5.29 -17.10
C VAL C 200 49.76 6.07 -17.26
N GLN C 201 50.28 6.09 -18.50
CA GLN C 201 51.52 6.78 -18.80
C GLN C 201 51.23 8.23 -19.16
N LEU C 202 51.85 9.15 -18.44
CA LEU C 202 51.70 10.58 -18.70
C LEU C 202 52.80 11.01 -19.67
N VAL C 203 52.41 11.35 -20.89
CA VAL C 203 53.35 11.73 -21.94
C VAL C 203 52.96 13.10 -22.48
N ILE C 204 53.96 13.77 -23.08
CA ILE C 204 53.77 15.06 -23.72
C ILE C 204 54.21 14.91 -25.17
N SER C 205 53.25 15.03 -26.09
CA SER C 205 53.56 14.88 -27.51
C SER C 205 54.41 16.05 -27.98
N ASP C 206 54.94 15.91 -29.20
CA ASP C 206 55.78 16.96 -29.77
C ASP C 206 54.97 18.21 -30.06
N GLU C 207 53.80 18.06 -30.66
CA GLU C 207 52.96 19.21 -30.98
C GLU C 207 52.27 19.76 -29.74
N ASP C 208 52.01 18.93 -28.73
CA ASP C 208 51.33 19.36 -27.53
C ASP C 208 52.25 20.05 -26.53
N GLU C 209 53.56 20.06 -26.77
CA GLU C 209 54.47 20.70 -25.83
C GLU C 209 54.17 22.19 -25.68
N GLN C 210 53.63 22.82 -26.72
CA GLN C 210 53.32 24.24 -26.64
C GLN C 210 52.08 24.48 -25.78
N GLN C 211 51.04 23.67 -25.96
CA GLN C 211 49.82 23.84 -25.19
C GLN C 211 49.96 23.32 -23.76
N THR C 212 50.76 22.27 -23.56
CA THR C 212 50.98 21.76 -22.22
C THR C 212 51.70 22.80 -21.36
N THR C 213 52.71 23.47 -21.91
CA THR C 213 53.41 24.52 -21.19
C THR C 213 52.58 25.78 -21.05
N ALA C 214 51.48 25.91 -21.80
CA ALA C 214 50.60 27.06 -21.72
C ALA C 214 49.36 26.79 -20.88
N ILE C 215 48.77 25.59 -21.00
CA ILE C 215 47.58 25.26 -20.22
C ILE C 215 47.92 25.22 -18.73
N MET C 216 49.02 24.53 -18.39
CA MET C 216 49.41 24.44 -16.98
C MET C 216 49.77 25.80 -16.41
N ASP C 217 50.24 26.73 -17.25
CA ASP C 217 50.59 28.05 -16.77
C ASP C 217 49.37 28.77 -16.21
N MET C 218 48.30 28.86 -17.01
CA MET C 218 47.09 29.52 -16.54
C MET C 218 46.56 28.88 -15.28
N LEU C 219 46.78 27.57 -15.11
CA LEU C 219 46.27 26.86 -13.95
C LEU C 219 47.11 27.14 -12.71
N LEU C 220 48.43 27.13 -12.85
CA LEU C 220 49.33 27.23 -11.71
C LEU C 220 49.97 28.60 -11.56
N ALA C 221 49.47 29.62 -12.28
CA ALA C 221 49.99 30.97 -12.17
C ALA C 221 49.23 31.74 -11.12
N LYS C 222 49.94 32.33 -10.15
CA LYS C 222 49.28 33.07 -9.09
C LYS C 222 48.60 34.33 -9.62
N LYS C 223 49.27 35.06 -10.52
CA LYS C 223 48.69 36.30 -11.01
C LYS C 223 47.49 36.07 -11.91
N ARG C 224 47.48 34.95 -12.65
CA ARG C 224 46.40 34.66 -13.59
C ARG C 224 45.21 34.03 -12.88
N SER C 225 44.65 34.78 -11.93
CA SER C 225 43.44 34.33 -11.24
C SER C 225 42.18 34.64 -12.04
N GLU C 226 42.11 35.83 -12.64
CA GLU C 226 40.97 36.16 -13.48
C GLU C 226 40.90 35.27 -14.70
N ASP C 227 42.05 34.83 -15.22
CA ASP C 227 42.05 33.89 -16.33
C ASP C 227 41.44 32.55 -15.94
N ARG C 228 41.60 32.16 -14.67
CA ARG C 228 41.00 30.91 -14.20
C ARG C 228 39.50 31.05 -14.03
N ARG C 229 39.03 32.23 -13.59
CA ARG C 229 37.59 32.42 -13.41
C ARG C 229 36.86 32.31 -14.73
N ASN C 230 37.37 32.97 -15.78
CA ASN C 230 36.75 32.86 -17.08
C ASN C 230 36.90 31.46 -17.66
N TRP C 231 37.93 30.73 -17.23
CA TRP C 231 38.10 29.35 -17.68
C TRP C 231 37.04 28.45 -17.07
N LEU C 232 36.70 28.69 -15.80
CA LEU C 232 35.65 27.91 -15.14
C LEU C 232 34.28 28.24 -15.73
N GLN C 233 34.05 29.52 -16.05
CA GLN C 233 32.78 29.91 -16.66
C GLN C 233 32.56 29.19 -17.98
N GLU C 234 33.61 29.10 -18.80
CA GLU C 234 33.49 28.39 -20.07
C GLU C 234 33.37 26.89 -19.85
N LYS C 235 34.15 26.35 -18.92
CA LYS C 235 34.09 24.92 -18.62
C LYS C 235 32.84 24.54 -17.83
N GLY C 236 32.12 25.51 -17.27
CA GLY C 236 30.90 25.20 -16.56
C GLY C 236 29.76 24.76 -17.45
N ASP C 237 29.81 25.10 -18.74
CA ASP C 237 28.82 24.62 -19.69
C ASP C 237 29.11 23.20 -20.14
N MET C 238 30.39 22.84 -20.25
CA MET C 238 30.79 21.49 -20.64
C MET C 238 30.19 21.11 -21.99
N ALA C 250 43.23 3.32 -20.05
CA ALA C 250 43.99 3.40 -21.29
C ALA C 250 45.46 3.12 -21.03
N GLU C 251 46.27 3.21 -22.10
CA GLU C 251 47.71 2.96 -21.99
C GLU C 251 48.45 4.23 -21.61
N ARG C 252 48.34 5.28 -22.42
CA ARG C 252 49.00 6.55 -22.19
C ARG C 252 47.96 7.67 -22.19
N LEU C 253 48.36 8.82 -21.65
CA LEU C 253 47.47 9.97 -21.58
C LEU C 253 48.29 11.25 -21.64
N ALA C 254 47.78 12.23 -22.37
CA ALA C 254 48.45 13.52 -22.47
C ALA C 254 48.32 14.30 -21.17
N LEU C 255 49.38 15.06 -20.84
CA LEU C 255 49.37 15.82 -19.59
C LEU C 255 48.47 17.03 -19.68
N HIS C 256 48.23 17.56 -20.88
CA HIS C 256 47.35 18.72 -20.99
C HIS C 256 45.88 18.31 -20.83
N GLU C 257 45.52 17.10 -21.24
CA GLU C 257 44.16 16.62 -20.99
C GLU C 257 43.97 16.19 -19.54
N PHE C 258 45.04 15.68 -18.90
CA PHE C 258 44.94 15.24 -17.52
C PHE C 258 44.95 16.42 -16.55
N THR C 259 45.94 17.31 -16.68
CA THR C 259 46.05 18.43 -15.76
C THR C 259 44.83 19.34 -15.86
N GLU C 260 44.28 19.51 -17.06
CA GLU C 260 43.12 20.37 -17.21
C GLU C 260 41.89 19.74 -16.56
N ASN C 261 41.63 18.48 -16.85
CA ASN C 261 40.50 17.79 -16.23
C ASN C 261 40.71 17.61 -14.73
N ALA C 262 41.94 17.31 -14.33
CA ALA C 262 42.22 17.07 -12.91
C ALA C 262 42.04 18.36 -12.11
N TYR C 263 42.66 19.45 -12.55
CA TYR C 263 42.57 20.71 -11.83
C TYR C 263 41.15 21.28 -11.86
N LEU C 264 40.38 20.94 -12.89
CA LEU C 264 39.01 21.44 -12.98
C LEU C 264 38.13 20.82 -11.89
N ASN C 265 38.22 19.50 -11.71
CA ASN C 265 37.43 18.85 -10.67
C ASN C 265 37.80 19.39 -9.29
N TYR C 266 39.08 19.70 -9.07
CA TYR C 266 39.48 20.24 -7.78
C TYR C 266 39.05 21.69 -7.64
N SER C 267 39.19 22.49 -8.70
CA SER C 267 38.78 23.88 -8.64
C SER C 267 37.30 24.01 -8.33
N MET C 268 36.46 23.24 -9.02
CA MET C 268 35.02 23.31 -8.76
C MET C 268 34.69 22.75 -7.38
N TYR C 269 35.40 21.70 -6.94
CA TYR C 269 35.12 21.12 -5.64
C TYR C 269 35.34 22.14 -4.53
N VAL C 270 36.48 22.82 -4.55
CA VAL C 270 36.78 23.79 -3.50
C VAL C 270 35.75 24.91 -3.55
N ILE C 271 35.34 25.31 -4.76
CA ILE C 271 34.35 26.39 -4.89
C ILE C 271 33.03 25.96 -4.30
N MET C 272 32.50 24.82 -4.76
CA MET C 272 31.17 24.39 -4.35
C MET C 272 31.17 23.76 -2.95
N ASP C 273 32.19 22.97 -2.62
CA ASP C 273 32.17 22.11 -1.46
C ASP C 273 33.16 22.52 -0.36
N ARG C 274 33.55 23.79 -0.30
CA ARG C 274 34.51 24.20 0.72
C ARG C 274 34.41 25.68 1.11
N ALA C 275 34.95 26.55 0.27
CA ALA C 275 35.17 27.93 0.70
C ALA C 275 33.90 28.76 0.63
N LEU C 276 33.19 28.70 -0.49
CA LEU C 276 32.04 29.57 -0.70
C LEU C 276 30.85 29.06 0.10
N PRO C 277 30.15 29.92 0.83
CA PRO C 277 28.97 29.50 1.58
C PRO C 277 27.68 29.61 0.78
N PHE C 278 26.65 28.92 1.25
CA PHE C 278 25.33 29.02 0.65
C PHE C 278 24.59 30.23 1.23
N ILE C 279 23.95 31.00 0.35
CA ILE C 279 23.30 32.24 0.78
C ILE C 279 22.20 31.95 1.79
N GLY C 280 21.47 30.86 1.61
CA GLY C 280 20.35 30.54 2.48
C GLY C 280 20.75 30.46 3.94
N ASP C 281 21.62 29.52 4.27
CA ASP C 281 22.06 29.35 5.65
C ASP C 281 23.40 30.00 5.94
N GLY C 282 24.08 30.54 4.92
CA GLY C 282 25.35 31.20 5.14
C GLY C 282 26.40 30.31 5.75
N LEU C 283 26.42 29.03 5.37
CA LEU C 283 27.33 28.05 5.94
C LEU C 283 28.09 27.32 4.85
N LYS C 284 29.34 26.97 5.14
CA LYS C 284 30.11 26.09 4.30
C LYS C 284 29.74 24.64 4.59
N PRO C 285 29.97 23.73 3.64
CA PRO C 285 29.59 22.33 3.89
C PRO C 285 30.12 21.77 5.19
N VAL C 286 31.40 22.01 5.49
CA VAL C 286 31.97 21.51 6.75
C VAL C 286 31.24 22.12 7.94
N GLN C 287 30.89 23.40 7.85
CA GLN C 287 30.15 24.05 8.94
C GLN C 287 28.77 23.42 9.12
N ARG C 288 28.07 23.20 8.00
CA ARG C 288 26.72 22.68 8.06
C ARG C 288 26.69 21.25 8.59
N ARG C 289 27.63 20.42 8.17
CA ARG C 289 27.68 19.05 8.65
C ARG C 289 28.02 18.98 10.13
N ILE C 290 28.69 19.99 10.67
CA ILE C 290 28.94 20.03 12.11
C ILE C 290 27.67 20.38 12.85
N VAL C 291 26.97 21.43 12.41
CA VAL C 291 25.75 21.86 13.10
C VAL C 291 24.66 20.81 12.98
N TYR C 292 24.54 20.18 11.80
CA TYR C 292 23.52 19.17 11.62
C TYR C 292 23.83 17.92 12.46
N ALA C 293 25.08 17.48 12.45
CA ALA C 293 25.43 16.28 13.22
C ALA C 293 25.23 16.49 14.70
N MET C 294 25.44 17.72 15.20
CA MET C 294 25.21 17.99 16.61
C MET C 294 23.72 17.97 16.94
N SER C 295 22.87 18.38 16.01
CA SER C 295 21.43 18.30 16.24
C SER C 295 20.96 16.86 16.29
N GLU C 296 21.53 15.99 15.44
CA GLU C 296 21.16 14.58 15.47
C GLU C 296 21.62 13.91 16.75
N LEU C 297 22.73 14.37 17.32
CA LEU C 297 23.21 13.86 18.60
C LEU C 297 22.50 14.48 19.78
N GLY C 298 21.45 15.27 19.54
CA GLY C 298 20.69 15.88 20.62
C GLY C 298 21.43 16.95 21.38
N LEU C 299 22.47 17.54 20.80
CA LEU C 299 23.26 18.56 21.48
C LEU C 299 22.63 19.94 21.29
N ASN C 300 21.40 20.06 21.75
CA ASN C 300 20.72 21.35 21.73
C ASN C 300 21.24 22.22 22.86
N ALA C 301 20.81 23.49 22.86
CA ALA C 301 21.28 24.43 23.87
C ALA C 301 20.90 23.99 25.28
N SER C 302 19.87 23.16 25.42
CA SER C 302 19.43 22.72 26.74
C SER C 302 20.11 21.43 27.19
N ALA C 303 20.68 20.66 26.26
CA ALA C 303 21.29 19.40 26.62
C ALA C 303 22.64 19.61 27.30
N LYS C 304 23.18 18.54 27.86
CA LYS C 304 24.47 18.60 28.52
C LYS C 304 25.60 18.56 27.49
N PHE C 305 26.75 19.09 27.90
CA PHE C 305 27.91 19.14 27.00
C PHE C 305 28.45 17.74 26.74
N LYS C 306 28.96 17.55 25.53
CA LYS C 306 29.58 16.28 25.14
C LYS C 306 30.97 16.57 24.60
N LYS C 307 31.89 15.64 24.85
CA LYS C 307 33.26 15.81 24.38
C LYS C 307 33.28 16.03 22.88
N SER C 308 34.02 17.07 22.45
CA SER C 308 34.04 17.42 21.03
C SER C 308 34.55 16.27 20.18
N ALA C 309 35.45 15.44 20.72
CA ALA C 309 35.97 14.32 19.95
C ALA C 309 34.84 13.42 19.45
N ARG C 310 33.79 13.25 20.26
CA ARG C 310 32.64 12.46 19.83
C ARG C 310 31.91 13.13 18.68
N THR C 311 31.68 14.45 18.79
CA THR C 311 31.03 15.18 17.71
C THR C 311 31.83 15.06 16.42
N VAL C 312 33.13 15.32 16.49
CA VAL C 312 33.99 15.25 15.31
C VAL C 312 33.94 13.84 14.71
N GLY C 313 33.98 12.82 15.57
CA GLY C 313 33.94 11.46 15.06
C GLY C 313 32.71 11.18 14.22
N ASP C 314 31.54 11.63 14.69
CA ASP C 314 30.31 11.42 13.92
C ASP C 314 30.31 12.23 12.64
N VAL C 315 30.78 13.47 12.69
CA VAL C 315 30.82 14.31 11.49
C VAL C 315 31.69 13.66 10.42
N LEU C 316 32.81 13.05 10.83
CA LEU C 316 33.71 12.44 9.85
C LEU C 316 33.13 11.14 9.31
N GLY C 317 32.58 10.30 10.18
CA GLY C 317 32.07 9.01 9.74
C GLY C 317 30.77 9.11 8.97
N LYS C 318 29.94 10.10 9.30
CA LYS C 318 28.60 10.20 8.72
C LYS C 318 28.61 10.96 7.38
N TYR C 319 29.11 12.19 7.38
CA TYR C 319 28.88 13.09 6.25
C TYR C 319 30.16 13.69 5.66
N HIS C 320 31.16 13.96 6.49
CA HIS C 320 32.33 14.76 6.10
C HIS C 320 33.58 13.90 6.01
N PRO C 321 33.91 13.35 4.83
CA PRO C 321 35.13 12.53 4.70
C PRO C 321 36.40 13.33 4.47
N HIS C 322 36.90 13.94 5.54
CA HIS C 322 38.11 14.76 5.47
C HIS C 322 38.85 14.65 6.80
N GLY C 323 39.83 15.52 6.98
CA GLY C 323 40.68 15.43 8.15
C GLY C 323 39.98 15.88 9.41
N ASP C 324 40.42 15.33 10.55
CA ASP C 324 39.82 15.68 11.82
C ASP C 324 40.29 17.04 12.32
N SER C 325 41.57 17.38 12.08
CA SER C 325 42.09 18.65 12.56
C SER C 325 41.39 19.82 11.88
N ALA C 326 41.27 19.77 10.55
CA ALA C 326 40.62 20.87 9.84
C ALA C 326 39.16 21.01 10.23
N CYS C 327 38.49 19.91 10.57
CA CYS C 327 37.10 19.97 10.97
C CYS C 327 36.95 20.57 12.37
N TYR C 328 37.77 20.12 13.32
CA TYR C 328 37.67 20.64 14.68
C TYR C 328 38.00 22.12 14.73
N GLU C 329 38.94 22.58 13.89
CA GLU C 329 39.24 24.01 13.85
C GLU C 329 38.01 24.82 13.44
N ALA C 330 37.23 24.30 12.49
CA ALA C 330 36.00 24.98 12.10
C ALA C 330 35.00 25.00 13.26
N MET C 331 34.96 23.94 14.06
CA MET C 331 34.09 23.93 15.22
C MET C 331 34.53 24.95 16.25
N VAL C 332 35.85 25.07 16.48
CA VAL C 332 36.35 26.04 17.45
C VAL C 332 36.01 27.46 17.02
N LEU C 333 36.15 27.74 15.72
CA LEU C 333 35.84 29.08 15.22
C LEU C 333 34.38 29.43 15.45
N MET C 334 33.48 28.49 15.19
CA MET C 334 32.05 28.73 15.39
C MET C 334 31.69 28.90 16.87
N ALA C 335 32.59 28.58 17.79
CA ALA C 335 32.32 28.67 19.22
C ALA C 335 32.92 29.91 19.87
N GLN C 336 33.96 30.48 19.30
CA GLN C 336 34.64 31.62 19.90
C GLN C 336 33.81 32.89 19.77
N PRO C 337 33.45 33.56 20.87
CA PRO C 337 32.69 34.81 20.75
C PRO C 337 33.48 35.92 20.08
N PHE C 338 34.82 35.89 20.15
CA PHE C 338 35.64 36.95 19.57
C PHE C 338 35.93 36.73 18.08
N SER C 339 35.59 35.58 17.53
CA SER C 339 35.72 35.33 16.09
C SER C 339 34.39 35.34 15.37
N TYR C 340 33.32 34.87 16.01
CA TYR C 340 31.99 34.87 15.45
C TYR C 340 31.13 35.91 16.14
N ARG C 341 30.43 36.72 15.35
CA ARG C 341 29.53 37.72 15.93
C ARG C 341 28.41 37.05 16.71
N TYR C 342 27.81 36.01 16.13
CA TYR C 342 26.75 35.23 16.77
C TYR C 342 27.17 33.76 16.73
N PRO C 343 27.94 33.31 17.72
CA PRO C 343 28.46 31.94 17.66
C PRO C 343 27.35 30.91 17.53
N LEU C 344 27.67 29.83 16.83
CA LEU C 344 26.75 28.71 16.67
C LEU C 344 26.93 27.63 17.73
N VAL C 345 28.10 27.60 18.40
CA VAL C 345 28.43 26.56 19.36
C VAL C 345 28.79 27.21 20.68
N ASP C 346 28.37 26.56 21.77
CA ASP C 346 28.74 26.94 23.12
C ASP C 346 29.47 25.77 23.75
N GLY C 347 30.66 26.02 24.30
CA GLY C 347 31.50 24.98 24.82
C GLY C 347 32.07 25.32 26.18
N GLN C 348 32.58 24.29 26.85
CA GLN C 348 33.28 24.41 28.11
C GLN C 348 34.71 23.95 27.93
N GLY C 349 35.60 24.51 28.73
CA GLY C 349 37.02 24.22 28.65
C GLY C 349 37.80 25.37 28.02
N ASN C 350 38.96 25.02 27.48
CA ASN C 350 39.85 26.00 26.86
C ASN C 350 39.55 26.05 25.37
N TRP C 351 38.74 27.03 24.97
CA TRP C 351 38.40 27.26 23.58
C TRP C 351 39.16 28.44 22.97
N GLY C 352 40.32 28.78 23.52
CA GLY C 352 41.10 29.88 23.02
C GLY C 352 40.75 31.21 23.69
N ALA C 353 41.58 32.19 23.43
CA ALA C 353 41.44 33.54 23.98
C ALA C 353 41.60 34.55 22.86
N PRO C 354 41.10 35.78 23.05
CA PRO C 354 41.27 36.80 22.00
C PRO C 354 42.73 37.05 21.65
N ASP C 355 43.64 36.95 22.62
CA ASP C 355 45.05 37.22 22.35
C ASP C 355 45.65 36.14 21.46
N ASP C 356 45.28 34.88 21.68
CA ASP C 356 45.78 33.75 20.90
C ASP C 356 44.61 32.85 20.54
N PRO C 357 43.92 33.14 19.42
CA PRO C 357 42.78 32.29 19.05
C PRO C 357 43.14 30.85 18.77
N LYS C 358 44.38 30.58 18.36
CA LYS C 358 44.81 29.21 18.08
C LYS C 358 45.17 28.43 19.34
N SER C 359 45.16 29.08 20.51
CA SER C 359 45.55 28.43 21.76
C SER C 359 44.34 27.77 22.43
N PHE C 360 43.77 26.79 21.73
CA PHE C 360 42.63 26.04 22.21
C PHE C 360 43.03 24.60 22.51
N ALA C 361 42.40 24.02 23.52
CA ALA C 361 42.71 22.65 23.91
C ALA C 361 42.23 21.68 22.84
N ALA C 362 42.87 20.51 22.81
CA ALA C 362 42.51 19.49 21.84
C ALA C 362 41.07 19.05 22.05
N MET C 363 40.49 18.45 21.00
CA MET C 363 39.09 18.06 21.03
C MET C 363 38.80 17.02 22.11
N ARG C 364 39.83 16.34 22.60
CA ARG C 364 39.66 15.31 23.62
C ARG C 364 39.39 15.94 24.98
N THR C 366 37.94 19.27 25.27
CA THR C 366 36.84 20.22 25.18
C THR C 366 35.48 19.56 25.01
N GLU C 367 34.48 20.14 25.66
CA GLU C 367 33.09 19.72 25.54
C GLU C 367 32.30 20.85 24.89
N SER C 368 31.45 20.49 23.93
CA SER C 368 30.75 21.47 23.11
C SER C 368 29.24 21.25 23.19
N ARG C 369 28.52 22.19 22.58
CA ARG C 369 27.06 22.16 22.56
C ARG C 369 26.57 23.29 21.66
N LEU C 370 25.44 23.06 21.01
CA LEU C 370 24.88 24.09 20.14
C LEU C 370 24.35 25.25 20.96
N SER C 371 24.47 26.45 20.41
CA SER C 371 24.01 27.65 21.09
C SER C 371 22.53 27.88 20.83
N LYS C 372 21.94 28.78 21.61
CA LYS C 372 20.55 29.13 21.40
C LYS C 372 20.35 29.79 20.04
N TYR C 373 21.36 30.51 19.55
CA TYR C 373 21.28 31.12 18.23
C TYR C 373 21.23 30.05 17.13
N ALA C 374 21.85 28.90 17.36
CA ALA C 374 21.86 27.86 16.35
C ALA C 374 20.46 27.32 16.07
N GLU C 375 19.52 27.53 16.99
CA GLU C 375 18.14 27.09 16.75
C GLU C 375 17.53 27.78 15.55
N LEU C 376 18.02 28.95 15.18
CA LEU C 376 17.52 29.66 14.01
C LEU C 376 17.79 28.90 12.72
N LEU C 377 18.66 27.90 12.75
CA LEU C 377 18.99 27.11 11.57
C LEU C 377 18.43 25.70 11.61
N LEU C 378 17.95 25.24 12.77
CA LEU C 378 17.54 23.85 12.94
C LEU C 378 16.13 23.66 13.48
N SER C 379 15.49 24.71 14.00
CA SER C 379 14.18 24.54 14.62
C SER C 379 13.16 23.97 13.64
N GLU C 380 13.23 24.37 12.38
CA GLU C 380 12.28 23.94 11.35
C GLU C 380 12.85 22.85 10.45
N LEU C 381 13.85 22.11 10.93
CA LEU C 381 14.54 21.16 10.06
C LEU C 381 13.65 19.97 9.72
N GLY C 382 13.08 19.33 10.74
CA GLY C 382 12.26 18.15 10.54
C GLY C 382 10.88 18.39 9.99
N GLN C 383 10.56 19.64 9.62
CA GLN C 383 9.23 20.01 9.14
C GLN C 383 9.18 20.14 7.62
N GLY C 384 9.93 19.31 6.90
CA GLY C 384 9.90 19.30 5.45
C GLY C 384 10.18 20.65 4.83
N THR C 385 11.28 21.29 5.24
CA THR C 385 11.62 22.62 4.77
C THR C 385 12.85 22.66 3.86
N VAL C 386 13.59 21.56 3.75
CA VAL C 386 14.83 21.52 2.97
C VAL C 386 14.95 20.17 2.29
N ASP C 387 15.65 20.16 1.16
CA ASP C 387 15.91 18.92 0.45
C ASP C 387 16.98 18.11 1.19
N TRP C 388 16.95 16.79 0.96
CA TRP C 388 17.85 15.86 1.64
C TRP C 388 18.54 14.99 0.60
N VAL C 389 19.86 15.01 0.59
CA VAL C 389 20.66 14.23 -0.35
C VAL C 389 21.41 13.15 0.42
N PRO C 390 21.79 12.05 -0.23
CA PRO C 390 22.54 11.01 0.48
C PRO C 390 23.97 11.45 0.73
N ASN C 391 24.61 10.80 1.71
CA ASN C 391 25.97 11.13 2.09
C ASN C 391 26.94 10.46 1.12
N PHE C 392 28.25 10.54 1.42
CA PHE C 392 29.26 10.09 0.46
C PHE C 392 29.09 8.62 0.12
N ASP C 393 28.92 7.76 1.14
CA ASP C 393 28.74 6.34 0.90
C ASP C 393 27.29 5.95 0.67
N GLY C 394 26.35 6.85 0.95
CA GLY C 394 24.94 6.59 0.72
C GLY C 394 24.21 5.86 1.83
N THR C 395 24.87 5.58 2.96
CA THR C 395 24.22 4.87 4.05
C THR C 395 23.27 5.76 4.85
N LEU C 396 23.47 7.08 4.83
CA LEU C 396 22.62 8.01 5.56
C LEU C 396 22.20 9.14 4.59
N GLN C 397 21.34 10.03 5.10
CA GLN C 397 20.90 11.19 4.36
C GLN C 397 21.35 12.46 5.09
N GLU C 398 21.71 13.47 4.32
CA GLU C 398 22.21 14.74 4.85
C GLU C 398 21.39 15.88 4.25
N PRO C 399 21.10 16.93 5.03
CA PRO C 399 20.34 18.05 4.47
C PRO C 399 21.23 18.90 3.55
N LYS C 400 20.66 19.24 2.38
CA LYS C 400 21.38 20.10 1.45
C LYS C 400 21.49 21.52 1.97
N MET C 401 20.48 21.98 2.70
CA MET C 401 20.45 23.32 3.27
C MET C 401 19.92 23.22 4.70
N LEU C 402 19.80 24.37 5.36
CA LEU C 402 19.21 24.46 6.68
C LEU C 402 18.18 25.57 6.67
N PRO C 403 16.98 25.35 7.19
CA PRO C 403 15.98 26.42 7.19
C PRO C 403 16.36 27.56 8.13
N ALA C 404 16.92 28.63 7.56
CA ALA C 404 17.40 29.75 8.35
C ALA C 404 16.26 30.74 8.58
N ARG C 405 15.91 30.94 9.85
CA ARG C 405 14.91 31.95 10.17
C ARG C 405 15.45 33.36 9.94
N LEU C 406 16.76 33.54 10.01
CA LEU C 406 17.41 34.81 9.75
C LEU C 406 18.58 34.61 8.81
N PRO C 407 18.93 35.62 8.00
CA PRO C 407 20.00 35.46 7.00
C PRO C 407 21.38 35.38 7.65
N ASN C 408 21.80 34.17 8.03
CA ASN C 408 23.08 34.01 8.72
C ASN C 408 24.25 34.43 7.84
N ILE C 409 24.08 34.47 6.51
CA ILE C 409 25.19 34.82 5.62
C ILE C 409 25.70 36.22 5.95
N LEU C 410 24.81 37.13 6.32
CA LEU C 410 25.21 38.49 6.66
C LEU C 410 25.45 38.68 8.15
N LEU C 411 24.77 37.91 9.00
CA LEU C 411 24.92 38.08 10.43
C LEU C 411 26.30 37.66 10.90
N ASN C 412 26.70 36.44 10.56
CA ASN C 412 27.99 35.91 10.99
C ASN C 412 29.08 36.17 9.97
N GLY C 413 28.79 35.95 8.69
CA GLY C 413 29.78 36.17 7.65
C GLY C 413 30.87 35.12 7.68
N THR C 414 31.40 34.78 6.51
CA THR C 414 32.45 33.77 6.39
C THR C 414 33.46 34.24 5.37
N THR C 415 34.73 33.95 5.63
CA THR C 415 35.83 34.26 4.73
C THR C 415 36.42 32.96 4.22
N GLY C 416 36.47 32.81 2.90
CA GLY C 416 36.95 31.58 2.30
C GLY C 416 37.86 31.87 1.12
N ILE C 417 38.68 30.86 0.80
CA ILE C 417 39.62 30.93 -0.32
C ILE C 417 39.41 29.69 -1.16
N ALA C 418 39.10 29.90 -2.45
CA ALA C 418 38.86 28.79 -3.36
C ALA C 418 39.86 28.84 -4.50
N VAL C 419 39.56 28.19 -5.61
CA VAL C 419 40.40 28.20 -6.80
C VAL C 419 39.79 29.18 -7.79
N GLY C 420 40.52 30.24 -8.11
CA GLY C 420 40.05 31.28 -9.00
C GLY C 420 39.25 32.38 -8.35
N MET C 421 38.65 32.12 -7.18
CA MET C 421 37.82 33.12 -6.53
C MET C 421 37.90 32.93 -5.03
N ALA C 422 37.39 33.92 -4.31
CA ALA C 422 37.36 33.89 -2.85
C ALA C 422 36.12 34.65 -2.38
N THR C 423 35.83 34.52 -1.09
CA THR C 423 34.67 35.16 -0.49
C THR C 423 35.08 35.78 0.84
N ASP C 424 34.60 37.00 1.09
CA ASP C 424 34.90 37.72 2.32
C ASP C 424 33.66 38.53 2.68
N ILE C 425 32.92 38.06 3.67
CA ILE C 425 31.67 38.67 4.10
C ILE C 425 31.82 39.05 5.57
N PRO C 426 31.64 40.32 5.93
CA PRO C 426 31.79 40.70 7.34
C PRO C 426 30.51 40.47 8.10
N PRO C 427 30.57 40.40 9.43
CA PRO C 427 29.35 40.22 10.22
C PRO C 427 28.59 41.52 10.38
N HIS C 428 27.27 41.39 10.54
CA HIS C 428 26.39 42.54 10.73
C HIS C 428 25.53 42.30 11.96
N ASN C 429 24.88 43.37 12.40
CA ASN C 429 23.99 43.28 13.56
C ASN C 429 22.71 42.55 13.19
N LEU C 430 22.12 41.86 14.16
CA LEU C 430 20.93 41.09 13.91
C LEU C 430 19.69 41.98 13.80
N ARG C 431 19.46 42.83 14.81
CA ARG C 431 18.30 43.70 14.77
C ARG C 431 18.32 44.62 13.57
N GLU C 432 19.50 45.05 13.13
CA GLU C 432 19.58 45.91 11.96
C GLU C 432 19.24 45.14 10.69
N VAL C 433 19.77 43.92 10.54
CA VAL C 433 19.47 43.12 9.37
C VAL C 433 18.02 42.65 9.40
N ALA C 434 17.50 42.36 10.58
CA ALA C 434 16.10 41.94 10.69
C ALA C 434 15.16 43.05 10.27
N LYS C 435 15.38 44.27 10.79
CA LYS C 435 14.55 45.39 10.41
C LYS C 435 14.66 45.68 8.92
N ALA C 436 15.83 45.46 8.32
CA ALA C 436 15.99 45.67 6.89
C ALA C 436 15.16 44.67 6.09
N ALA C 437 15.18 43.39 6.50
CA ALA C 437 14.38 42.40 5.80
C ALA C 437 12.89 42.68 5.94
N ILE C 438 12.47 43.15 7.11
CA ILE C 438 11.07 43.50 7.31
C ILE C 438 10.67 44.66 6.40
N THR C 439 11.55 45.65 6.29
CA THR C 439 11.24 46.81 5.45
C THR C 439 11.18 46.43 3.98
N LEU C 440 12.02 45.47 3.55
CA LEU C 440 11.99 45.05 2.16
C LEU C 440 10.70 44.30 1.84
N ILE C 441 10.09 43.66 2.83
CA ILE C 441 8.82 42.98 2.61
C ILE C 441 7.69 43.99 2.46
N GLU C 442 7.67 45.01 3.32
CA GLU C 442 6.62 46.02 3.25
C GLU C 442 6.68 46.78 1.93
N GLN C 443 7.84 47.34 1.60
CA GLN C 443 8.04 48.06 0.35
C GLN C 443 9.13 47.36 -0.45
N PRO C 444 8.76 46.47 -1.39
CA PRO C 444 9.80 45.78 -2.15
C PRO C 444 10.64 46.69 -3.02
N LYS C 445 10.14 47.88 -3.35
CA LYS C 445 10.88 48.85 -4.15
C LYS C 445 11.85 49.69 -3.33
N THR C 446 12.22 49.23 -2.14
CA THR C 446 13.15 49.99 -1.30
C THR C 446 14.53 50.01 -1.94
N THR C 447 15.18 51.16 -1.85
CA THR C 447 16.51 51.35 -2.45
C THR C 447 17.60 51.06 -1.43
N LEU C 448 18.84 50.96 -1.93
CA LEU C 448 19.97 50.71 -1.05
C LEU C 448 20.21 51.88 -0.11
N ASP C 449 20.01 53.10 -0.58
CA ASP C 449 20.19 54.28 0.27
C ASP C 449 19.25 54.23 1.46
N GLU C 450 18.01 53.77 1.25
CA GLU C 450 17.06 53.65 2.36
C GLU C 450 17.46 52.53 3.30
N LEU C 451 18.02 51.43 2.78
CA LEU C 451 18.43 50.34 3.63
C LEU C 451 19.64 50.70 4.47
N LEU C 452 20.58 51.48 3.91
CA LEU C 452 21.76 51.86 4.66
C LEU C 452 21.41 52.71 5.87
N ASP C 453 20.29 53.44 5.81
CA ASP C 453 19.81 54.17 6.97
C ASP C 453 19.40 53.20 8.08
N ILE C 454 18.89 52.02 7.71
CA ILE C 454 18.51 51.02 8.69
C ILE C 454 19.73 50.25 9.17
N VAL C 455 20.49 49.69 8.24
CA VAL C 455 21.69 48.91 8.55
C VAL C 455 22.89 49.84 8.41
N GLN C 456 23.52 50.18 9.53
CA GLN C 456 24.64 51.11 9.50
C GLN C 456 25.83 50.53 8.74
N GLY C 457 26.10 49.24 8.93
CA GLY C 457 27.22 48.60 8.28
C GLY C 457 27.63 47.34 9.01
N PRO C 458 28.87 46.91 8.83
CA PRO C 458 29.35 45.71 9.54
C PRO C 458 29.33 45.93 11.04
N ASP C 459 29.16 44.84 11.78
CA ASP C 459 29.18 44.86 13.24
C ASP C 459 30.06 43.70 13.69
N PHE C 460 31.33 44.00 13.98
CA PHE C 460 32.27 42.98 14.43
C PHE C 460 32.08 42.71 15.91
N PRO C 461 32.55 41.54 16.41
CA PRO C 461 32.50 41.24 17.83
C PRO C 461 33.58 41.96 18.64
N THR C 462 33.67 43.28 18.43
CA THR C 462 34.63 44.11 19.15
C THR C 462 34.02 45.49 19.34
N GLU C 463 34.50 46.20 20.35
CA GLU C 463 34.06 47.56 20.63
C GLU C 463 34.89 48.61 19.90
N ALA C 464 35.79 48.19 19.01
CA ALA C 464 36.59 49.13 18.25
C ALA C 464 35.75 49.83 17.19
N GLU C 465 36.21 51.01 16.79
CA GLU C 465 35.46 51.85 15.87
C GLU C 465 35.80 51.53 14.43
N ILE C 466 34.79 51.61 13.56
CA ILE C 466 34.98 51.50 12.11
C ILE C 466 35.12 52.91 11.56
N ILE C 467 36.28 53.20 10.96
CA ILE C 467 36.56 54.55 10.49
C ILE C 467 36.07 54.80 9.07
N THR C 468 35.63 53.77 8.36
CA THR C 468 35.15 53.96 7.00
C THR C 468 33.96 54.90 6.98
N SER C 469 33.94 55.80 6.00
CA SER C 469 32.87 56.78 5.89
C SER C 469 31.59 56.12 5.38
N ARG C 470 30.46 56.75 5.71
CA ARG C 470 29.18 56.24 5.24
C ARG C 470 29.10 56.26 3.72
N ALA C 471 29.72 57.25 3.08
CA ALA C 471 29.71 57.29 1.61
C ALA C 471 30.53 56.14 1.03
N GLU C 472 31.67 55.83 1.65
CA GLU C 472 32.48 54.71 1.18
C GLU C 472 31.81 53.38 1.47
N ILE C 473 31.06 53.29 2.57
CA ILE C 473 30.32 52.07 2.87
C ILE C 473 29.25 51.82 1.83
N ARG C 474 28.58 52.88 1.37
CA ARG C 474 27.56 52.73 0.35
C ARG C 474 28.14 52.11 -0.91
N LYS C 475 29.38 52.46 -1.26
CA LYS C 475 30.02 51.85 -2.41
C LYS C 475 30.31 50.38 -2.18
N ILE C 476 30.51 49.98 -0.93
CA ILE C 476 30.79 48.57 -0.63
C ILE C 476 29.54 47.73 -0.87
N TYR C 477 28.41 48.15 -0.30
CA TYR C 477 27.17 47.40 -0.44
C TYR C 477 26.52 47.54 -1.80
N GLN C 478 26.97 48.50 -2.62
CA GLN C 478 26.43 48.68 -3.96
C GLN C 478 27.20 47.85 -4.99
N ASN C 479 28.53 47.93 -4.96
CA ASN C 479 29.35 47.17 -5.89
C ASN C 479 29.62 45.75 -5.44
N GLY C 480 29.42 45.46 -4.16
CA GLY C 480 29.66 44.14 -3.61
C GLY C 480 31.08 43.89 -3.14
N ARG C 481 32.03 44.70 -3.58
CA ARG C 481 33.43 44.56 -3.20
C ARG C 481 33.93 45.86 -2.59
N GLY C 482 35.01 45.75 -1.83
CA GLY C 482 35.59 46.91 -1.18
C GLY C 482 36.40 46.48 0.03
N SER C 483 36.71 47.47 0.86
CA SER C 483 37.49 47.23 2.06
C SER C 483 37.03 48.18 3.15
N VAL C 484 37.00 47.68 4.38
CA VAL C 484 36.63 48.47 5.55
C VAL C 484 37.81 48.49 6.51
N ARG C 485 37.88 49.53 7.33
CA ARG C 485 38.98 49.71 8.26
C ARG C 485 38.45 49.89 9.67
N MET C 486 39.21 49.39 10.64
CA MET C 486 38.88 49.50 12.05
C MET C 486 40.07 50.07 12.80
N ARG C 487 39.78 50.85 13.84
CA ARG C 487 40.79 51.48 14.66
C ARG C 487 40.50 51.23 16.13
N ALA C 488 41.55 50.99 16.90
CA ALA C 488 41.39 50.72 18.32
C ALA C 488 40.85 51.95 19.04
N VAL C 489 40.06 51.70 20.07
CA VAL C 489 39.53 52.78 20.91
C VAL C 489 40.48 52.97 22.08
N TRP C 490 40.74 54.23 22.43
CA TRP C 490 41.69 54.54 23.49
C TRP C 490 41.33 55.87 24.12
N SER C 491 41.90 56.10 25.30
CA SER C 491 41.71 57.34 26.04
C SER C 491 43.01 57.72 26.72
N LYS C 492 43.12 58.99 27.09
CA LYS C 492 44.29 59.52 27.77
C LYS C 492 43.88 59.89 29.20
N GLU C 493 44.17 58.99 30.14
CA GLU C 493 43.87 59.21 31.55
C GLU C 493 45.17 59.34 32.33
N ASP C 494 45.29 60.44 33.07
CA ASP C 494 46.50 60.74 33.84
C ASP C 494 47.72 60.88 32.93
N GLY C 495 47.51 61.38 31.71
CA GLY C 495 48.58 61.61 30.77
C GLY C 495 48.93 60.41 29.91
N ALA C 496 48.65 59.20 30.39
CA ALA C 496 48.98 57.99 29.66
C ALA C 496 47.81 57.56 28.78
N VAL C 497 48.12 57.02 27.61
CA VAL C 497 47.11 56.53 26.69
C VAL C 497 46.76 55.10 27.06
N VAL C 498 45.46 54.84 27.25
CA VAL C 498 44.95 53.53 27.60
C VAL C 498 44.04 53.06 26.48
N ILE C 499 44.37 51.92 25.88
CA ILE C 499 43.60 51.34 24.79
C ILE C 499 42.65 50.32 25.37
N THR C 500 41.35 50.57 25.25
CA THR C 500 40.34 49.73 25.89
C THR C 500 39.80 48.64 24.97
N ALA C 501 39.80 48.85 23.65
CA ALA C 501 39.26 47.88 22.71
C ALA C 501 40.11 47.85 21.46
N LEU C 502 40.49 46.65 21.03
CA LEU C 502 41.30 46.45 19.84
C LEU C 502 40.42 46.11 18.64
N PRO C 503 40.96 46.24 17.43
CA PRO C 503 40.18 45.88 16.23
C PRO C 503 39.85 44.39 16.22
N HIS C 504 39.06 44.00 15.24
CA HIS C 504 38.68 42.61 15.10
C HIS C 504 39.87 41.76 14.64
N GLN C 505 39.97 40.56 15.19
CA GLN C 505 41.06 39.65 14.86
C GLN C 505 42.42 40.33 15.04
N VAL C 506 42.55 41.13 16.09
CA VAL C 506 43.79 41.80 16.44
C VAL C 506 44.22 41.28 17.80
N SER C 507 45.41 40.68 17.87
CA SER C 507 45.91 40.09 19.10
C SER C 507 46.52 41.17 19.98
N GLY C 508 46.11 41.20 21.25
CA GLY C 508 46.69 42.16 22.17
C GLY C 508 48.17 41.94 22.38
N ALA C 509 48.59 40.69 22.51
CA ALA C 509 50.00 40.39 22.68
C ALA C 509 50.79 40.79 21.43
N LYS C 510 50.22 40.56 20.26
CA LYS C 510 50.92 40.93 19.02
C LYS C 510 51.10 42.44 18.92
N VAL C 511 50.11 43.21 19.37
CA VAL C 511 50.23 44.67 19.33
C VAL C 511 51.36 45.13 20.23
N LEU C 512 51.45 44.58 21.45
CA LEU C 512 52.50 44.98 22.37
C LEU C 512 53.88 44.65 21.80
N GLU C 513 54.00 43.51 21.12
CA GLU C 513 55.28 43.14 20.55
C GLU C 513 55.70 44.11 19.44
N GLN C 514 54.73 44.61 18.66
CA GLN C 514 55.06 45.56 17.61
C GLN C 514 55.51 46.89 18.19
N ILE C 515 54.81 47.40 19.21
CA ILE C 515 55.20 48.67 19.81
C ILE C 515 56.50 48.52 20.57
N ALA C 516 56.69 47.39 21.25
CA ALA C 516 57.93 47.16 21.99
C ALA C 516 59.11 47.04 21.03
N ALA C 517 58.91 46.38 19.89
CA ALA C 517 59.99 46.24 18.90
C ALA C 517 60.42 47.60 18.38
N GLN C 518 59.47 48.53 18.20
CA GLN C 518 59.84 49.88 17.78
C GLN C 518 60.62 50.59 18.86
N MET C 519 60.25 50.39 20.13
CA MET C 519 60.98 51.03 21.22
C MET C 519 62.43 50.55 21.28
N ARG C 520 62.67 49.27 20.95
CA ARG C 520 64.03 48.75 20.95
C ARG C 520 64.87 49.38 19.82
N ASN C 521 64.25 49.68 18.69
CA ASN C 521 64.97 50.22 17.54
C ASN C 521 65.22 51.72 17.65
N LYS C 522 64.54 52.39 18.59
CA LYS C 522 64.72 53.82 18.80
C LYS C 522 63.83 54.61 17.86
N LYS C 523 62.78 53.97 17.34
CA LYS C 523 61.81 54.64 16.50
C LYS C 523 60.68 55.28 17.30
N LEU C 524 60.57 54.97 18.59
CA LEU C 524 59.59 55.58 19.49
C LEU C 524 60.30 56.03 20.76
N PRO C 525 61.07 57.11 20.68
CA PRO C 525 61.80 57.58 21.88
C PRO C 525 60.93 58.32 22.86
N MET C 526 59.75 58.78 22.44
CA MET C 526 58.87 59.52 23.33
C MET C 526 58.19 58.62 24.37
N VAL C 527 57.95 57.36 24.00
CA VAL C 527 57.28 56.43 24.91
C VAL C 527 58.26 55.99 25.99
N ASP C 528 57.84 56.11 27.25
CA ASP C 528 58.69 55.74 28.38
C ASP C 528 58.56 54.26 28.72
N ASP C 529 57.36 53.82 29.11
CA ASP C 529 57.12 52.45 29.50
C ASP C 529 55.84 51.94 28.85
N LEU C 530 55.81 50.65 28.58
CA LEU C 530 54.67 49.98 27.97
C LEU C 530 54.19 48.89 28.91
N ARG C 531 52.93 48.98 29.34
CA ARG C 531 52.37 48.06 30.32
C ARG C 531 51.13 47.37 29.76
N ASP C 532 50.75 46.28 30.41
CA ASP C 532 49.58 45.48 30.04
C ASP C 532 48.79 45.21 31.29
N GLU C 533 47.63 45.85 31.41
CA GLU C 533 46.81 45.75 32.61
C GLU C 533 45.51 45.00 32.34
N SER C 534 45.60 43.85 31.68
CA SER C 534 44.42 43.05 31.40
C SER C 534 44.01 42.24 32.62
N ASP C 535 42.71 41.95 32.70
CA ASP C 535 42.16 41.17 33.81
C ASP C 535 40.78 40.66 33.37
N HIS C 536 39.96 40.26 34.34
CA HIS C 536 38.63 39.76 34.01
C HIS C 536 37.63 40.89 33.82
N GLU C 537 37.77 41.98 34.59
CA GLU C 537 36.86 43.11 34.43
C GLU C 537 37.20 43.94 33.20
N ASN C 538 38.48 44.16 32.93
CA ASN C 538 38.94 44.84 31.73
C ASN C 538 39.54 43.82 30.78
N PRO C 539 38.78 43.31 29.81
CA PRO C 539 39.33 42.23 28.95
C PRO C 539 40.55 42.67 28.17
N THR C 540 40.60 43.93 27.73
CA THR C 540 41.73 44.46 26.98
C THR C 540 42.05 45.84 27.50
N ARG C 541 43.24 46.02 28.08
CA ARG C 541 43.66 47.31 28.61
C ARG C 541 45.17 47.43 28.37
N LEU C 542 45.55 48.22 27.37
CA LEU C 542 46.95 48.46 27.05
C LEU C 542 47.27 49.92 27.38
N VAL C 543 48.22 50.12 28.28
CA VAL C 543 48.61 51.45 28.73
C VAL C 543 49.93 51.82 28.07
N ILE C 544 50.02 53.06 27.60
CA ILE C 544 51.23 53.60 27.00
C ILE C 544 51.52 54.92 27.71
N VAL C 545 52.59 54.96 28.48
CA VAL C 545 52.97 56.13 29.26
C VAL C 545 54.02 56.91 28.48
N PRO C 546 53.84 58.21 28.28
CA PRO C 546 54.86 59.00 27.58
C PRO C 546 56.00 59.38 28.51
N ARG C 547 57.04 59.98 27.91
CA ARG C 547 58.19 60.41 28.69
C ARG C 547 57.85 61.61 29.57
N SER C 548 57.07 62.55 29.03
CA SER C 548 56.65 63.72 29.79
C SER C 548 55.26 64.12 29.30
N ASN C 549 54.79 65.28 29.77
CA ASN C 549 53.48 65.78 29.38
C ASN C 549 53.52 66.71 28.18
N ARG C 550 54.69 67.26 27.85
CA ARG C 550 54.80 68.15 26.70
C ARG C 550 54.60 67.41 25.40
N VAL C 551 55.00 66.13 25.35
CA VAL C 551 54.81 65.35 24.13
C VAL C 551 53.33 65.16 23.86
N ASP C 552 52.94 65.32 22.60
CA ASP C 552 51.56 65.18 22.18
C ASP C 552 51.32 63.73 21.75
N MET C 553 50.62 62.97 22.60
CA MET C 553 50.31 61.58 22.27
C MET C 553 49.47 61.46 21.01
N GLU C 554 48.77 62.53 20.61
CA GLU C 554 47.96 62.46 19.40
C GLU C 554 48.82 62.19 18.18
N GLN C 555 50.01 62.79 18.12
CA GLN C 555 50.92 62.53 17.02
C GLN C 555 51.48 61.11 17.10
N VAL C 556 51.73 60.63 18.32
CA VAL C 556 52.25 59.27 18.49
C VAL C 556 51.18 58.25 18.10
N MET C 557 49.93 58.49 18.48
CA MET C 557 48.87 57.53 18.17
C MET C 557 48.67 57.42 16.67
N ASN C 558 48.65 58.54 15.96
CA ASN C 558 48.48 58.48 14.51
C ASN C 558 49.60 57.70 13.84
N HIS C 559 50.81 57.77 14.39
CA HIS C 559 51.92 57.02 13.83
C HIS C 559 51.76 55.52 14.08
N LEU C 560 51.31 55.15 15.29
CA LEU C 560 51.15 53.74 15.61
C LEU C 560 50.00 53.12 14.87
N PHE C 561 48.98 53.90 14.50
CA PHE C 561 47.87 53.36 13.73
C PHE C 561 48.34 52.87 12.37
N ALA C 562 49.31 53.56 11.77
CA ALA C 562 49.85 53.16 10.48
C ALA C 562 50.99 52.16 10.61
N THR C 563 51.65 52.10 11.76
CA THR C 563 52.80 51.24 11.98
C THR C 563 52.43 49.91 12.65
N THR C 564 51.59 49.95 13.68
CA THR C 564 51.19 48.76 14.42
C THR C 564 49.82 48.28 13.93
N ASP C 565 49.33 47.20 14.54
CA ASP C 565 48.04 46.63 14.20
C ASP C 565 46.89 47.34 14.89
N LEU C 566 47.15 48.43 15.60
CA LEU C 566 46.05 49.18 16.24
C LEU C 566 45.02 49.65 15.22
N GLU C 567 45.39 49.75 13.95
CA GLU C 567 44.46 50.03 12.87
C GLU C 567 44.64 48.96 11.81
N LYS C 568 43.56 48.22 11.50
CA LYS C 568 43.63 47.11 10.58
C LYS C 568 42.46 47.20 9.61
N SER C 569 42.70 46.75 8.37
CA SER C 569 41.71 46.74 7.32
C SER C 569 41.25 45.30 7.07
N TYR C 570 40.06 45.18 6.51
CA TYR C 570 39.43 43.88 6.25
C TYR C 570 38.85 43.87 4.85
N ARG C 571 39.21 42.86 4.06
CA ARG C 571 38.70 42.75 2.71
C ARG C 571 37.22 42.38 2.73
N ILE C 572 36.48 42.92 1.77
CA ILE C 572 35.05 42.63 1.63
C ILE C 572 34.80 42.19 0.20
N ASN C 573 34.32 40.96 0.03
CA ASN C 573 34.02 40.42 -1.29
C ASN C 573 32.80 39.52 -1.11
N LEU C 574 31.61 40.10 -1.31
CA LEU C 574 30.37 39.38 -1.06
C LEU C 574 30.12 38.36 -2.16
N ASN C 575 30.88 37.27 -2.12
CA ASN C 575 30.76 36.18 -3.09
C ASN C 575 30.19 34.97 -2.37
N MET C 576 29.19 34.34 -2.98
CA MET C 576 28.48 33.23 -2.34
C MET C 576 27.74 32.44 -3.39
N ILE C 577 27.38 31.21 -3.04
CA ILE C 577 26.59 30.35 -3.91
C ILE C 577 25.12 30.70 -3.74
N GLY C 578 24.50 31.21 -4.79
CA GLY C 578 23.11 31.62 -4.75
C GLY C 578 22.16 30.44 -4.85
N LEU C 579 20.87 30.78 -4.86
CA LEU C 579 19.85 29.75 -4.98
C LEU C 579 19.96 29.00 -6.30
N ASP C 580 20.52 29.64 -7.32
CA ASP C 580 20.73 28.99 -8.62
C ASP C 580 21.85 27.97 -8.59
N GLY C 581 22.50 27.76 -7.45
CA GLY C 581 23.56 26.77 -7.36
C GLY C 581 24.88 27.20 -7.97
N ARG C 582 25.07 28.49 -8.21
CA ARG C 582 26.28 29.00 -8.83
C ARG C 582 26.82 30.18 -8.00
N PRO C 583 28.14 30.27 -7.85
CA PRO C 583 28.71 31.40 -7.11
C PRO C 583 28.63 32.69 -7.91
N ALA C 584 28.43 33.80 -7.18
CA ALA C 584 28.34 35.09 -7.82
C ALA C 584 28.45 36.18 -6.75
N VAL C 585 29.07 37.29 -7.13
CA VAL C 585 29.18 38.44 -6.24
C VAL C 585 27.84 39.17 -6.24
N LYS C 586 27.26 39.33 -5.06
CA LYS C 586 25.94 39.92 -4.90
C LYS C 586 26.01 41.10 -3.95
N ASN C 587 25.29 42.16 -4.28
CA ASN C 587 25.25 43.35 -3.44
C ASN C 587 24.27 43.16 -2.30
N LEU C 588 24.21 44.16 -1.40
CA LEU C 588 23.35 44.03 -0.23
C LEU C 588 21.90 43.85 -0.62
N LEU C 589 21.45 44.54 -1.66
CA LEU C 589 20.07 44.43 -2.09
C LEU C 589 19.79 43.07 -2.72
N GLU C 590 20.77 42.53 -3.46
CA GLU C 590 20.60 41.21 -4.06
C GLU C 590 20.63 40.12 -3.00
N ILE C 591 21.31 40.34 -1.89
CA ILE C 591 21.38 39.32 -0.83
C ILE C 591 20.06 39.28 -0.07
N LEU C 592 19.63 40.42 0.47
CA LEU C 592 18.38 40.45 1.21
C LEU C 592 17.21 40.04 0.34
N SER C 593 17.18 40.52 -0.91
CA SER C 593 16.09 40.16 -1.82
C SER C 593 16.10 38.67 -2.11
N GLU C 594 17.28 38.09 -2.35
CA GLU C 594 17.34 36.67 -2.67
C GLU C 594 17.11 35.80 -1.45
N TRP C 595 17.47 36.27 -0.26
CA TRP C 595 17.24 35.47 0.94
C TRP C 595 15.77 35.43 1.30
N LEU C 596 15.07 36.56 1.16
CA LEU C 596 13.63 36.57 1.42
C LEU C 596 12.90 35.66 0.45
N VAL C 597 13.42 35.51 -0.77
CA VAL C 597 12.88 34.50 -1.68
C VAL C 597 13.15 33.11 -1.13
N PHE C 598 14.32 32.90 -0.55
CA PHE C 598 14.62 31.61 0.07
C PHE C 598 13.81 31.39 1.33
N ARG C 599 13.59 32.45 2.12
CA ARG C 599 12.83 32.29 3.35
C ARG C 599 11.34 32.09 3.06
N ARG C 600 10.78 32.87 2.15
CA ARG C 600 9.38 32.68 1.78
C ARG C 600 9.16 31.29 1.21
N ASP C 601 10.15 30.74 0.51
CA ASP C 601 10.02 29.40 -0.03
C ASP C 601 10.07 28.35 1.08
N THR C 602 10.95 28.57 2.08
CA THR C 602 11.06 27.60 3.16
C THR C 602 9.82 27.60 4.04
N VAL C 603 9.23 28.77 4.28
CA VAL C 603 8.01 28.83 5.07
C VAL C 603 6.83 28.23 4.31
N ARG C 604 6.73 28.52 3.02
CA ARG C 604 5.68 27.92 2.21
C ARG C 604 5.77 26.40 2.24
N ARG C 605 6.99 25.85 2.32
CA ARG C 605 7.13 24.41 2.45
C ARG C 605 6.79 23.92 3.84
N ARG C 606 7.00 24.75 4.87
CA ARG C 606 6.63 24.34 6.22
C ARG C 606 5.12 24.18 6.35
N LEU C 607 4.36 25.15 5.82
CA LEU C 607 2.91 25.11 5.96
C LEU C 607 2.33 23.92 5.19
N ASN C 608 2.83 23.68 3.98
CA ASN C 608 2.37 22.51 3.23
C ASN C 608 2.66 21.23 4.00
N HIS C 609 3.81 21.17 4.68
CA HIS C 609 4.13 19.99 5.47
C HIS C 609 3.18 19.85 6.65
N ARG C 610 2.99 20.92 7.42
CA ARG C 610 2.06 20.87 8.56
C ARG C 610 0.64 20.66 8.08
N LEU C 611 0.27 21.22 6.93
CA LEU C 611 -1.08 21.04 6.41
C LEU C 611 -1.37 19.58 6.14
N GLU C 612 -0.43 18.88 5.47
CA GLU C 612 -0.64 17.47 5.17
C GLU C 612 -0.73 16.63 6.44
N LYS C 613 -0.07 17.05 7.51
CA LYS C 613 -0.18 16.31 8.77
C LYS C 613 -1.55 16.53 9.42
N VAL C 614 -2.08 17.75 9.32
CA VAL C 614 -3.40 18.04 9.87
C VAL C 614 -4.48 17.33 9.05
N LEU C 615 -4.33 17.33 7.72
CA LEU C 615 -5.34 16.68 6.88
C LEU C 615 -5.36 15.18 7.12
N LYS C 616 -4.18 14.55 7.19
CA LYS C 616 -4.14 13.11 7.41
C LYS C 616 -4.66 12.74 8.79
N ARG C 617 -4.39 13.58 9.79
CA ARG C 617 -4.92 13.31 11.13
C ARG C 617 -6.43 13.48 11.14
N LEU C 618 -6.93 14.59 10.58
CA LEU C 618 -8.37 14.77 10.47
C LEU C 618 -9.02 13.65 9.67
N HIS C 619 -8.30 13.12 8.68
CA HIS C 619 -8.83 11.98 7.92
C HIS C 619 -8.92 10.73 8.78
N ILE C 620 -7.98 10.55 9.71
CA ILE C 620 -8.04 9.40 10.60
C ILE C 620 -9.07 9.63 11.70
N LEU C 621 -9.13 10.84 12.27
CA LEU C 621 -10.11 11.10 13.31
C LEU C 621 -11.53 10.97 12.78
N GLU C 622 -11.74 11.28 11.49
CA GLU C 622 -13.06 11.08 10.90
C GLU C 622 -13.46 9.61 10.96
N GLY C 623 -12.53 8.71 10.64
CA GLY C 623 -12.84 7.29 10.68
C GLY C 623 -13.09 6.76 12.07
N LEU C 624 -12.36 7.29 13.07
CA LEU C 624 -12.56 6.82 14.43
C LEU C 624 -13.97 7.17 14.93
N LEU C 625 -14.40 8.42 14.70
CA LEU C 625 -15.74 8.81 15.13
C LEU C 625 -16.80 7.95 14.45
N VAL C 626 -16.61 7.63 13.17
CA VAL C 626 -17.52 6.72 12.48
C VAL C 626 -17.52 5.36 13.16
N ALA C 627 -16.34 4.87 13.56
CA ALA C 627 -16.26 3.59 14.24
C ALA C 627 -16.95 3.65 15.60
N PHE C 628 -16.79 4.78 16.31
CA PHE C 628 -17.44 4.91 17.61
C PHE C 628 -18.96 4.86 17.48
N LEU C 629 -19.51 5.54 16.46
CA LEU C 629 -20.95 5.53 16.25
C LEU C 629 -21.46 4.14 15.90
N ASN C 630 -20.65 3.36 15.20
CA ASN C 630 -21.03 2.01 14.80
C ASN C 630 -20.10 0.99 15.42
N ILE C 631 -19.83 1.13 16.71
CA ILE C 631 -18.90 0.23 17.40
C ILE C 631 -19.45 -1.20 17.38
N ASP C 632 -20.76 -1.36 17.50
CA ASP C 632 -21.34 -2.69 17.51
C ASP C 632 -21.05 -3.42 16.19
N GLU C 633 -21.27 -2.75 15.07
CA GLU C 633 -21.03 -3.36 13.77
C GLU C 633 -19.55 -3.53 13.50
N VAL C 634 -18.74 -2.56 13.92
CA VAL C 634 -17.29 -2.63 13.69
C VAL C 634 -16.71 -3.88 14.33
N ILE C 635 -17.06 -4.14 15.59
CA ILE C 635 -16.50 -5.28 16.29
C ILE C 635 -17.02 -6.59 15.69
N GLU C 636 -18.29 -6.62 15.29
CA GLU C 636 -18.83 -7.82 14.67
C GLU C 636 -18.10 -8.15 13.38
N ILE C 637 -17.73 -7.11 12.62
CA ILE C 637 -16.99 -7.34 11.38
C ILE C 637 -15.62 -7.91 11.66
N ILE C 638 -14.95 -7.39 12.70
CA ILE C 638 -13.59 -7.83 13.02
C ILE C 638 -13.58 -9.29 13.46
N ARG C 639 -14.52 -9.68 14.33
CA ARG C 639 -14.49 -11.03 14.89
C ARG C 639 -14.88 -12.08 13.87
N THR C 640 -15.85 -11.78 13.01
CA THR C 640 -16.33 -12.77 12.05
C THR C 640 -15.38 -12.90 10.87
N GLU C 641 -15.16 -11.81 10.14
CA GLU C 641 -14.33 -11.87 8.95
C GLU C 641 -12.88 -12.18 9.29
N ASP C 642 -12.25 -13.03 8.48
CA ASP C 642 -10.84 -13.36 8.70
C ASP C 642 -9.97 -12.12 8.54
N GLU C 643 -10.14 -11.40 7.43
CA GLU C 643 -9.43 -10.16 7.17
C GLU C 643 -10.44 -9.02 7.16
N PRO C 644 -10.58 -8.25 8.25
CA PRO C 644 -11.69 -7.27 8.31
C PRO C 644 -11.40 -5.96 7.60
N LYS C 645 -10.16 -5.70 7.17
CA LYS C 645 -9.86 -4.41 6.54
C LYS C 645 -10.72 -4.15 5.32
N PRO C 646 -10.89 -5.09 4.38
CA PRO C 646 -11.78 -4.81 3.24
C PRO C 646 -13.23 -4.70 3.64
N ALA C 647 -13.69 -5.52 4.58
CA ALA C 647 -15.10 -5.48 5.00
C ALA C 647 -15.44 -4.12 5.62
N LEU C 648 -14.54 -3.59 6.45
CA LEU C 648 -14.80 -2.28 7.06
C LEU C 648 -14.92 -1.19 6.02
N MET C 649 -14.14 -1.27 4.94
CA MET C 649 -14.18 -0.23 3.92
C MET C 649 -15.51 -0.21 3.17
N SER C 650 -16.11 -1.38 2.95
CA SER C 650 -17.35 -1.44 2.20
C SER C 650 -18.56 -1.08 3.07
N ARG C 651 -18.58 -1.57 4.31
CA ARG C 651 -19.76 -1.36 5.17
C ARG C 651 -19.93 0.11 5.53
N PHE C 652 -18.84 0.83 5.74
CA PHE C 652 -18.88 2.22 6.17
C PHE C 652 -18.37 3.19 5.12
N GLY C 653 -17.96 2.69 3.94
CA GLY C 653 -17.38 3.56 2.93
C GLY C 653 -16.17 4.30 3.44
N ILE C 654 -15.28 3.62 4.15
CA ILE C 654 -14.09 4.24 4.72
C ILE C 654 -12.87 3.76 3.92
N SER C 655 -11.77 4.50 4.08
CA SER C 655 -10.56 4.21 3.33
C SER C 655 -9.69 3.20 4.07
N GLU C 656 -8.74 2.62 3.34
CA GLU C 656 -7.84 1.63 3.93
C GLU C 656 -7.03 2.23 5.06
N THR C 657 -6.53 3.46 4.88
CA THR C 657 -5.78 4.11 5.95
C THR C 657 -6.66 4.40 7.15
N GLN C 658 -7.95 4.68 6.92
CA GLN C 658 -8.87 4.87 8.03
C GLN C 658 -9.17 3.55 8.72
N ALA C 659 -9.31 2.47 7.95
CA ALA C 659 -9.58 1.17 8.53
C ALA C 659 -8.43 0.72 9.42
N GLU C 660 -7.19 0.93 8.95
CA GLU C 660 -6.03 0.53 9.75
C GLU C 660 -6.00 1.24 11.10
N ALA C 661 -6.48 2.49 11.15
CA ALA C 661 -6.54 3.20 12.42
C ALA C 661 -7.57 2.57 13.34
N ILE C 662 -8.69 2.11 12.78
CA ILE C 662 -9.71 1.44 13.59
C ILE C 662 -9.15 0.15 14.16
N LEU C 663 -8.44 -0.63 13.33
CA LEU C 663 -7.87 -1.88 13.81
C LEU C 663 -6.81 -1.65 14.88
N GLU C 664 -6.10 -0.52 14.82
CA GLU C 664 -5.07 -0.17 15.79
C GLU C 664 -5.63 0.59 16.98
N LEU C 665 -6.93 0.57 17.18
CA LEU C 665 -7.56 1.28 18.29
C LEU C 665 -7.56 0.39 19.53
N LYS C 666 -7.18 0.95 20.68
CA LYS C 666 -7.13 0.23 21.93
C LYS C 666 -8.49 0.24 22.61
N LEU C 667 -8.77 -0.81 23.38
CA LEU C 667 -10.05 -0.91 24.07
C LEU C 667 -10.27 0.26 25.02
N ARG C 668 -9.20 0.77 25.64
CA ARG C 668 -9.36 1.94 26.49
C ARG C 668 -9.90 3.13 25.72
N HIS C 669 -9.61 3.21 24.42
CA HIS C 669 -10.09 4.32 23.61
C HIS C 669 -11.58 4.25 23.35
N LEU C 670 -12.24 3.12 23.63
CA LEU C 670 -13.68 3.03 23.45
C LEU C 670 -14.45 3.79 24.51
N ALA C 671 -13.80 4.17 25.61
CA ALA C 671 -14.49 4.90 26.67
C ALA C 671 -14.97 6.26 26.15
N LYS C 672 -16.00 6.79 26.81
CA LYS C 672 -16.58 8.05 26.36
C LYS C 672 -15.60 9.20 26.48
N LEU C 673 -14.68 9.14 27.44
CA LEU C 673 -13.73 10.23 27.62
C LEU C 673 -12.75 10.30 26.45
N GLU C 674 -12.27 9.14 25.98
CA GLU C 674 -11.35 9.13 24.86
C GLU C 674 -12.00 9.55 23.56
N GLU C 675 -13.33 9.40 23.44
CA GLU C 675 -14.02 9.95 22.28
C GLU C 675 -14.10 11.46 22.36
N MET C 676 -14.43 12.00 23.54
CA MET C 676 -14.48 13.45 23.70
C MET C 676 -13.12 14.08 23.44
N LYS C 677 -12.04 13.40 23.81
CA LYS C 677 -10.71 13.92 23.54
C LYS C 677 -10.44 13.97 22.04
N ILE C 678 -10.98 13.03 21.28
CA ILE C 678 -10.80 13.04 19.83
C ILE C 678 -11.60 14.17 19.20
N ARG C 679 -12.85 14.34 19.63
CA ARG C 679 -13.66 15.43 19.09
C ARG C 679 -13.02 16.78 19.37
N GLY C 680 -12.32 16.91 20.49
CA GLY C 680 -11.62 18.16 20.77
C GLY C 680 -10.42 18.35 19.88
N GLU C 681 -9.65 17.28 19.64
CA GLU C 681 -8.52 17.38 18.73
C GLU C 681 -8.98 17.73 17.32
N GLN C 682 -10.16 17.25 16.91
CA GLN C 682 -10.67 17.56 15.58
C GLN C 682 -11.12 19.01 15.51
N SER C 683 -11.78 19.51 16.55
CA SER C 683 -12.22 20.90 16.54
C SER C 683 -11.03 21.85 16.41
N GLU C 684 -9.92 21.52 17.06
CA GLU C 684 -8.73 22.35 16.97
C GLU C 684 -8.07 22.18 15.60
N LEU C 685 -7.93 20.95 15.13
CA LEU C 685 -7.29 20.72 13.83
C LEU C 685 -8.09 21.37 12.72
N GLU C 686 -9.42 21.38 12.83
CA GLU C 686 -10.23 22.04 11.80
C GLU C 686 -9.97 23.53 11.79
N LYS C 687 -9.78 24.14 12.96
CA LYS C 687 -9.41 25.55 13.00
C LYS C 687 -8.02 25.75 12.41
N GLU C 688 -7.09 24.85 12.70
CA GLU C 688 -5.75 24.96 12.13
C GLU C 688 -5.75 24.63 10.65
N ARG C 689 -6.71 23.81 10.20
CA ARG C 689 -6.76 23.45 8.78
C ARG C 689 -7.11 24.66 7.93
N ASP C 690 -8.13 25.41 8.32
CA ASP C 690 -8.52 26.59 7.55
C ASP C 690 -7.51 27.71 7.71
N GLN C 691 -6.80 27.75 8.84
CA GLN C 691 -5.79 28.80 9.04
C GLN C 691 -4.62 28.61 8.09
N LEU C 692 -4.12 27.38 7.97
CA LEU C 692 -3.01 27.12 7.07
C LEU C 692 -3.40 27.34 5.62
N GLN C 693 -4.60 26.93 5.24
CA GLN C 693 -5.06 27.11 3.87
C GLN C 693 -5.20 28.57 3.51
N ALA C 694 -5.51 29.42 4.51
CA ALA C 694 -5.67 30.85 4.24
C ALA C 694 -4.34 31.51 3.95
N ILE C 695 -3.32 31.22 4.76
CA ILE C 695 -2.01 31.82 4.54
C ILE C 695 -1.41 31.32 3.23
N LEU C 696 -1.67 30.07 2.87
CA LEU C 696 -1.12 29.54 1.62
C LEU C 696 -1.83 30.09 0.40
N ALA C 697 -3.03 30.64 0.56
CA ALA C 697 -3.81 31.16 -0.56
C ALA C 697 -3.48 32.62 -0.87
N SER C 698 -3.31 33.45 0.16
CA SER C 698 -3.09 34.87 0.00
C SER C 698 -1.61 35.20 0.16
N GLU C 699 -1.06 35.97 -0.79
CA GLU C 699 0.32 36.41 -0.68
C GLU C 699 0.48 37.46 0.42
N ARG C 700 -0.54 38.31 0.62
CA ARG C 700 -0.47 39.30 1.69
C ARG C 700 -0.41 38.64 3.05
N LYS C 701 -1.19 37.57 3.24
CA LYS C 701 -1.17 36.86 4.51
C LYS C 701 0.15 36.17 4.75
N MET C 702 0.83 35.73 3.68
CA MET C 702 2.13 35.10 3.82
C MET C 702 3.20 36.13 4.17
N ASN C 703 3.14 37.32 3.55
CA ASN C 703 4.12 38.35 3.85
C ASN C 703 3.98 38.87 5.26
N ASN C 704 2.75 38.96 5.77
CA ASN C 704 2.56 39.40 7.15
C ASN C 704 3.13 38.39 8.14
N LEU C 705 3.13 37.10 7.78
CA LEU C 705 3.74 36.11 8.66
C LEU C 705 5.24 36.29 8.74
N LEU C 706 5.90 36.42 7.59
CA LEU C 706 7.34 36.66 7.58
C LEU C 706 7.69 37.93 8.34
N LYS C 707 6.95 39.01 8.09
CA LYS C 707 7.20 40.25 8.81
C LYS C 707 7.04 40.08 10.32
N LYS C 708 6.23 39.13 10.74
CA LYS C 708 6.04 38.89 12.17
C LYS C 708 7.14 38.00 12.73
N GLU C 709 7.51 36.94 12.02
CA GLU C 709 8.55 36.04 12.50
C GLU C 709 9.91 36.72 12.56
N LEU C 710 10.23 37.56 11.57
CA LEU C 710 11.50 38.25 11.57
C LEU C 710 11.63 39.17 12.78
N GLN C 711 10.54 39.86 13.14
CA GLN C 711 10.59 40.72 14.32
C GLN C 711 10.62 39.90 15.60
N ALA C 712 9.95 38.75 15.62
CA ALA C 712 9.97 37.90 16.81
C ALA C 712 11.36 37.35 17.07
N ASP C 713 12.04 36.90 16.02
CA ASP C 713 13.39 36.37 16.18
C ASP C 713 14.37 37.48 16.55
N ALA C 714 14.14 38.70 16.05
CA ALA C 714 15.03 39.81 16.39
C ALA C 714 14.88 40.21 17.85
N ASP C 715 13.68 40.08 18.41
CA ASP C 715 13.47 40.45 19.81
C ASP C 715 14.12 39.45 20.77
N ALA C 716 14.27 38.20 20.34
CA ALA C 716 14.83 37.16 21.20
C ALA C 716 16.34 37.04 21.05
N PHE C 717 16.82 36.90 19.82
CA PHE C 717 18.23 36.68 19.54
C PHE C 717 19.00 37.95 19.25
N GLY C 718 18.32 39.07 18.99
CA GLY C 718 19.02 40.30 18.68
C GLY C 718 19.76 40.86 19.87
N ASP C 719 20.76 41.69 19.57
CA ASP C 719 21.57 42.33 20.60
C ASP C 719 22.02 43.69 20.09
N ASP C 720 22.56 44.48 21.00
CA ASP C 720 22.98 45.83 20.66
C ASP C 720 24.17 45.78 19.69
N ARG C 721 24.45 46.93 19.08
CA ARG C 721 25.56 47.04 18.15
C ARG C 721 26.89 47.05 18.91
N ARG C 722 27.80 46.18 18.49
CA ARG C 722 29.10 46.06 19.14
C ARG C 722 30.12 47.04 18.57
N SER C 723 30.33 47.00 17.24
CA SER C 723 31.32 47.85 16.60
C SER C 723 30.65 49.14 16.15
N PRO C 724 30.91 50.27 16.79
CA PRO C 724 30.28 51.52 16.37
C PRO C 724 30.93 52.09 15.12
N LEU C 725 30.12 52.83 14.35
CA LEU C 725 30.57 53.49 13.13
C LEU C 725 30.76 54.97 13.41
N HIS C 726 31.94 55.49 13.05
CA HIS C 726 32.25 56.89 13.27
C HIS C 726 31.21 57.80 12.63
N GLU C 727 30.02 57.86 13.24
CA GLU C 727 28.92 58.71 12.78
C GLU C 727 28.39 59.49 13.98
N ARG C 728 29.16 60.49 14.42
CA ARG C 728 28.81 61.30 15.57
C ARG C 728 27.99 62.51 15.15
N GLU C 729 27.32 63.11 16.12
CA GLU C 729 26.50 64.28 15.87
C GLU C 729 27.35 65.46 15.41
N PRO D 8 72.92 28.75 31.10
CA PRO D 8 71.74 27.89 30.93
C PRO D 8 70.43 28.61 31.25
N ALA D 9 69.91 29.36 30.27
CA ALA D 9 68.67 30.11 30.42
C ALA D 9 67.77 29.82 29.21
N LEU D 10 67.31 28.58 29.12
CA LEU D 10 66.42 28.12 28.04
C LEU D 10 65.13 27.61 28.67
N PRO D 11 64.27 28.51 29.16
CA PRO D 11 63.01 28.06 29.77
C PRO D 11 62.12 27.30 28.81
N GLY D 12 62.23 27.56 27.51
CA GLY D 12 61.41 26.84 26.56
C GLY D 12 59.95 27.30 26.61
N LYS D 13 59.04 26.33 26.52
CA LYS D 13 57.60 26.60 26.58
C LYS D 13 57.17 26.74 28.04
N LEU D 14 57.65 27.82 28.67
CA LEU D 14 57.36 28.11 30.06
C LEU D 14 56.85 29.54 30.17
N ALA D 15 55.68 29.71 30.80
CA ALA D 15 55.11 31.03 31.01
C ALA D 15 55.82 31.72 32.16
N ASP D 16 56.38 32.89 31.90
CA ASP D 16 57.15 33.63 32.89
C ASP D 16 56.33 34.77 33.49
N CYS D 17 56.63 35.09 34.74
CA CYS D 17 56.00 36.19 35.46
C CYS D 17 56.90 37.43 35.41
N THR D 18 56.28 38.60 35.47
CA THR D 18 57.04 39.85 35.35
C THR D 18 57.84 40.14 36.60
N ALA D 19 57.24 39.95 37.78
CA ALA D 19 57.91 40.31 39.02
C ALA D 19 59.03 39.31 39.35
N GLN D 20 60.02 39.79 40.10
CA GLN D 20 61.15 38.97 40.52
C GLN D 20 61.27 38.90 42.04
N ASP D 21 60.24 39.31 42.78
CA ASP D 21 60.27 39.28 44.25
C ASP D 21 59.91 37.88 44.72
N LEU D 22 60.88 37.18 45.31
CA LEU D 22 60.65 35.81 45.77
C LEU D 22 59.57 35.75 46.85
N ASN D 23 59.31 36.85 47.55
CA ASN D 23 58.30 36.82 48.60
C ASN D 23 56.89 36.66 48.05
N ARG D 24 56.65 37.18 46.84
CA ARG D 24 55.31 37.16 46.25
C ARG D 24 55.20 36.26 45.03
N THR D 25 56.30 35.77 44.47
CA THR D 25 56.26 34.98 43.25
C THR D 25 55.94 33.52 43.56
N GLU D 26 55.22 32.89 42.63
CA GLU D 26 54.79 31.51 42.77
C GLU D 26 54.98 30.80 41.43
N LEU D 27 55.41 29.55 41.49
CA LEU D 27 55.59 28.72 40.30
C LEU D 27 54.66 27.51 40.38
N PHE D 28 53.99 27.21 39.26
CA PHE D 28 53.06 26.11 39.17
C PHE D 28 53.55 25.13 38.12
N LEU D 29 53.63 23.85 38.50
CA LEU D 29 53.99 22.79 37.56
C LEU D 29 52.72 22.03 37.23
N VAL D 30 52.26 22.17 35.98
CA VAL D 30 50.99 21.61 35.54
C VAL D 30 51.23 20.35 34.74
N GLU D 31 50.33 19.38 34.88
CA GLU D 31 50.41 18.12 34.14
C GLU D 31 49.68 18.30 32.82
N GLY D 32 50.40 18.12 31.72
CA GLY D 32 49.81 18.26 30.40
C GLY D 32 49.75 19.69 29.89
N ASP D 33 49.97 19.85 28.58
CA ASP D 33 49.87 21.15 27.95
C ASP D 33 48.44 21.69 27.95
N SER D 34 47.44 20.81 27.85
CA SER D 34 46.05 21.27 27.88
C SER D 34 45.74 22.00 29.18
N ALA D 35 46.14 21.43 30.31
CA ALA D 35 45.96 22.14 31.57
C ALA D 35 46.85 23.36 31.66
N GLY D 36 48.05 23.30 31.07
CA GLY D 36 48.93 24.45 31.09
C GLY D 36 48.41 25.63 30.30
N GLY D 37 47.90 25.38 29.10
CA GLY D 37 47.33 26.47 28.32
C GLY D 37 46.20 27.16 29.05
N SER D 38 45.32 26.39 29.70
CA SER D 38 44.26 27.00 30.49
C SER D 38 44.81 27.77 31.68
N ALA D 39 45.91 27.29 32.26
CA ALA D 39 46.51 27.99 33.40
C ALA D 39 47.16 29.30 32.96
N LYS D 40 47.76 29.32 31.77
CA LYS D 40 48.41 30.54 31.29
C LYS D 40 47.40 31.65 31.03
N GLN D 41 46.18 31.30 30.65
CA GLN D 41 45.17 32.34 30.43
C GLN D 41 44.68 32.95 31.74
N ALA D 42 44.68 32.16 32.82
CA ALA D 42 44.18 32.61 34.11
C ALA D 42 45.27 33.04 35.08
N ARG D 43 46.54 32.82 34.75
CA ARG D 43 47.61 33.20 35.66
C ARG D 43 47.68 34.72 35.79
N ASP D 44 48.08 35.18 36.97
CA ASP D 44 48.34 36.59 37.21
C ASP D 44 49.74 36.92 36.71
N ARG D 45 49.83 37.66 35.61
CA ARG D 45 51.12 37.95 35.01
C ARG D 45 52.07 38.65 35.99
N GLU D 46 51.54 39.22 37.07
CA GLU D 46 52.39 39.95 38.01
C GLU D 46 53.35 39.02 38.74
N TYR D 47 52.88 37.84 39.17
CA TYR D 47 53.72 37.00 40.01
C TYR D 47 53.48 35.50 39.85
N GLN D 48 52.85 35.04 38.78
CA GLN D 48 52.56 33.63 38.59
C GLN D 48 53.17 33.14 37.29
N ALA D 49 53.95 32.07 37.38
CA ALA D 49 54.59 31.44 36.23
C ALA D 49 54.15 29.99 36.13
N ILE D 50 53.91 29.54 34.90
CA ILE D 50 53.43 28.18 34.63
C ILE D 50 54.40 27.51 33.67
N MET D 51 54.67 26.23 33.90
CA MET D 51 55.48 25.42 33.01
C MET D 51 54.85 24.05 32.86
N PRO D 52 54.39 23.67 31.68
CA PRO D 52 53.76 22.35 31.51
C PRO D 52 54.78 21.23 31.43
N LEU D 53 54.43 20.10 32.04
CA LEU D 53 55.26 18.90 32.06
C LEU D 53 54.61 17.89 31.12
N LYS D 54 55.08 17.84 29.88
CA LYS D 54 54.52 16.94 28.88
C LYS D 54 54.79 15.49 29.26
N GLY D 55 53.71 14.74 29.52
CA GLY D 55 53.84 13.35 29.88
C GLY D 55 54.31 13.14 31.30
N LYS D 56 54.74 11.91 31.57
CA LYS D 56 55.22 11.54 32.88
C LYS D 56 56.66 12.02 33.07
N ILE D 57 57.09 12.06 34.33
CA ILE D 57 58.42 12.54 34.69
C ILE D 57 59.29 11.34 35.03
N LEU D 58 60.57 11.47 34.77
CA LEU D 58 61.51 10.38 35.07
C LEU D 58 61.59 10.14 36.57
N ASN D 59 61.64 8.86 36.94
CA ASN D 59 61.81 8.46 38.34
C ASN D 59 63.25 8.75 38.74
N THR D 60 63.49 10.01 39.12
CA THR D 60 64.85 10.48 39.42
C THR D 60 65.16 10.26 40.90
N TRP D 61 65.14 8.98 41.29
CA TRP D 61 65.51 8.56 42.63
C TRP D 61 66.84 7.81 42.67
N GLU D 62 67.01 6.82 41.79
CA GLU D 62 68.27 6.10 41.68
C GLU D 62 69.16 6.66 40.58
N VAL D 63 68.71 7.69 39.87
CA VAL D 63 69.50 8.30 38.81
C VAL D 63 70.50 9.26 39.44
N SER D 64 71.70 9.31 38.87
CA SER D 64 72.74 10.19 39.39
C SER D 64 72.40 11.65 39.07
N SER D 65 73.12 12.55 39.74
CA SER D 65 72.90 13.98 39.51
C SER D 65 73.10 14.33 38.05
N ASP D 66 74.10 13.74 37.40
CA ASP D 66 74.32 13.99 35.98
C ASP D 66 73.21 13.36 35.15
N GLU D 67 72.71 12.20 35.57
CA GLU D 67 71.63 11.55 34.86
C GLU D 67 70.34 12.37 34.91
N VAL D 68 70.12 13.09 36.01
CA VAL D 68 68.93 13.93 36.11
C VAL D 68 68.99 15.06 35.10
N LEU D 69 70.18 15.58 34.84
CA LEU D 69 70.34 16.64 33.85
C LEU D 69 70.21 16.13 32.42
N ALA D 70 70.26 14.82 32.20
CA ALA D 70 70.14 14.28 30.86
C ALA D 70 68.71 14.34 30.35
N SER D 71 67.74 14.06 31.22
CA SER D 71 66.34 14.08 30.81
C SER D 71 65.89 15.51 30.52
N GLN D 72 65.31 15.71 29.34
CA GLN D 72 64.91 17.06 28.92
C GLN D 72 63.86 17.63 29.85
N GLU D 73 62.91 16.79 30.30
CA GLU D 73 61.85 17.27 31.17
C GLU D 73 62.42 17.76 32.50
N VAL D 74 63.16 16.90 33.18
CA VAL D 74 63.69 17.27 34.49
C VAL D 74 64.73 18.38 34.35
N HIS D 75 65.48 18.38 33.23
CA HIS D 75 66.45 19.45 33.01
C HIS D 75 65.76 20.80 32.95
N ASP D 76 64.68 20.90 32.16
CA ASP D 76 63.93 22.16 32.10
C ASP D 76 63.33 22.52 33.45
N ILE D 77 63.05 21.51 34.27
CA ILE D 77 62.55 21.78 35.62
C ILE D 77 63.63 22.43 36.47
N SER D 78 64.87 21.93 36.37
CA SER D 78 65.97 22.53 37.11
C SER D 78 66.27 23.94 36.62
N VAL D 79 66.23 24.15 35.30
CA VAL D 79 66.49 25.47 34.76
C VAL D 79 65.40 26.46 35.18
N ALA D 80 64.14 26.03 35.13
CA ALA D 80 63.04 26.92 35.50
C ALA D 80 63.11 27.28 36.98
N ILE D 81 63.39 26.32 37.85
CA ILE D 81 63.48 26.60 39.28
C ILE D 81 64.66 27.51 39.56
N GLY D 82 65.77 27.31 38.85
CA GLY D 82 66.97 28.11 39.03
C GLY D 82 67.99 27.50 39.96
N ILE D 83 67.85 26.22 40.31
CA ILE D 83 68.76 25.51 41.19
C ILE D 83 69.29 24.29 40.46
N ASP D 84 70.58 24.02 40.60
CA ASP D 84 71.18 22.87 39.97
C ASP D 84 70.88 21.61 40.77
N PRO D 85 70.94 20.44 40.13
CA PRO D 85 70.60 19.19 40.83
C PRO D 85 71.68 18.81 41.82
N ASP D 86 71.26 18.48 43.04
CA ASP D 86 72.15 17.92 44.06
C ASP D 86 73.26 18.92 44.40
N SER D 87 72.86 20.16 44.63
CA SER D 87 73.79 21.24 44.96
C SER D 87 73.66 21.71 46.41
N ASP D 88 72.43 21.97 46.86
CA ASP D 88 72.16 22.42 48.22
C ASP D 88 72.41 23.92 48.35
N ASP D 89 72.24 24.64 47.25
CA ASP D 89 72.47 26.09 47.21
C ASP D 89 71.20 26.76 46.71
N LEU D 90 70.64 27.65 47.53
CA LEU D 90 69.45 28.41 47.17
C LEU D 90 69.79 29.66 46.37
N SER D 91 71.05 29.87 46.02
CA SER D 91 71.43 31.07 45.28
C SER D 91 70.78 31.08 43.90
N GLN D 92 70.41 32.27 43.43
CA GLN D 92 69.80 32.44 42.12
C GLN D 92 68.47 31.69 42.01
N LEU D 93 67.73 31.59 43.11
CA LEU D 93 66.44 30.94 43.09
C LEU D 93 65.47 31.75 42.23
N ARG D 94 65.02 31.17 41.12
CA ARG D 94 64.17 31.90 40.19
C ARG D 94 62.84 32.28 40.84
N TYR D 95 62.18 31.31 41.48
CA TYR D 95 60.86 31.52 42.07
C TYR D 95 60.89 31.14 43.54
N GLY D 96 59.90 31.65 44.27
CA GLY D 96 59.80 31.42 45.69
C GLY D 96 59.13 30.10 46.02
N LYS D 97 57.93 29.88 45.48
CA LYS D 97 57.15 28.68 45.74
C LYS D 97 57.05 27.84 44.48
N ILE D 98 57.33 26.55 44.62
CA ILE D 98 57.20 25.58 43.53
C ILE D 98 55.99 24.71 43.86
N CYS D 99 54.91 24.87 43.10
CA CYS D 99 53.65 24.18 43.36
C CYS D 99 53.45 23.07 42.34
N ILE D 100 53.12 21.88 42.83
CA ILE D 100 52.84 20.73 41.98
C ILE D 100 51.34 20.68 41.73
N LEU D 101 50.94 21.01 40.50
CA LEU D 101 49.53 21.05 40.10
C LEU D 101 49.29 19.86 39.16
N ALA D 102 48.49 18.90 39.61
CA ALA D 102 48.24 17.67 38.87
C ALA D 102 46.77 17.30 38.95
N ASP D 103 46.35 16.38 38.08
CA ASP D 103 44.98 15.92 38.06
C ASP D 103 44.56 15.36 39.41
N ALA D 104 43.24 15.35 39.65
CA ALA D 104 42.68 14.73 40.84
C ALA D 104 42.32 13.25 40.61
N ASP D 105 43.02 12.58 39.72
CA ASP D 105 42.89 11.15 39.47
C ASP D 105 44.20 10.44 39.78
N SER D 106 44.14 9.11 39.81
CA SER D 106 45.24 8.30 40.31
C SER D 106 46.59 8.70 39.72
N ASP D 107 46.62 9.14 38.46
CA ASP D 107 47.89 9.54 37.86
C ASP D 107 48.36 10.89 38.38
N GLY D 108 47.44 11.83 38.62
CA GLY D 108 47.84 13.10 39.17
C GLY D 108 48.62 12.95 40.47
N LEU D 109 48.17 12.05 41.34
CA LEU D 109 48.94 11.73 42.53
C LEU D 109 50.27 11.09 42.17
N HIS D 110 50.30 10.31 41.10
CA HIS D 110 51.56 9.68 40.67
C HIS D 110 52.53 10.72 40.14
N ILE D 111 52.06 11.63 39.29
CA ILE D 111 52.93 12.69 38.77
C ILE D 111 53.46 13.54 39.92
N ALA D 112 52.64 13.77 40.94
CA ALA D 112 53.09 14.52 42.10
C ALA D 112 54.16 13.76 42.88
N THR D 113 53.95 12.47 43.09
CA THR D 113 54.93 11.66 43.81
C THR D 113 56.28 11.64 43.09
N LEU D 114 56.26 11.56 41.75
CA LEU D 114 57.50 11.58 41.00
C LEU D 114 58.24 12.90 41.16
N LEU D 115 57.50 14.01 41.27
CA LEU D 115 58.13 15.30 41.50
C LEU D 115 58.62 15.42 42.95
N CYS D 116 57.92 14.78 43.90
CA CYS D 116 58.40 14.77 45.27
C CYS D 116 59.72 14.02 45.38
N ALA D 117 59.84 12.89 44.70
CA ALA D 117 61.11 12.16 44.71
C ALA D 117 62.24 12.99 44.14
N LEU D 118 61.95 13.81 43.12
CA LEU D 118 62.97 14.67 42.56
C LEU D 118 63.37 15.78 43.53
N PHE D 119 62.40 16.38 44.21
CA PHE D 119 62.70 17.50 45.09
C PHE D 119 63.29 17.07 46.43
N VAL D 120 63.02 15.84 46.88
CA VAL D 120 63.50 15.42 48.19
C VAL D 120 64.95 14.96 48.14
N ARG D 121 65.32 14.20 47.11
CA ARG D 121 66.65 13.62 47.04
C ARG D 121 67.68 14.58 46.44
N HIS D 122 67.31 15.29 45.38
CA HIS D 122 68.25 16.17 44.68
C HIS D 122 68.17 17.61 45.16
N PHE D 123 66.99 18.08 45.54
CA PHE D 123 66.84 19.44 46.03
C PHE D 123 66.35 19.43 47.48
N ARG D 124 67.07 18.70 48.35
CA ARG D 124 66.65 18.57 49.73
C ARG D 124 66.55 19.94 50.41
N THR D 125 67.45 20.86 50.05
CA THR D 125 67.39 22.20 50.65
C THR D 125 66.10 22.91 50.27
N LEU D 126 65.55 22.60 49.10
CA LEU D 126 64.32 23.25 48.66
C LEU D 126 63.12 22.73 49.44
N VAL D 127 63.00 21.41 49.58
CA VAL D 127 61.84 20.84 50.24
C VAL D 127 61.88 21.11 51.74
N LYS D 128 63.08 21.09 52.33
CA LYS D 128 63.18 21.31 53.78
C LYS D 128 62.89 22.76 54.15
N GLU D 129 63.23 23.72 53.28
CA GLU D 129 62.96 25.12 53.59
C GLU D 129 61.48 25.46 53.48
N GLY D 130 60.69 24.62 52.81
CA GLY D 130 59.27 24.85 52.70
C GLY D 130 58.84 25.63 51.48
N HIS D 131 59.57 25.51 50.38
CA HIS D 131 59.24 26.21 49.14
C HIS D 131 58.48 25.33 48.15
N VAL D 132 58.29 24.05 48.46
CA VAL D 132 57.55 23.14 47.60
C VAL D 132 56.13 23.03 48.12
N TYR D 133 55.16 23.09 47.19
CA TYR D 133 53.75 23.02 47.53
C TYR D 133 53.06 22.02 46.62
N VAL D 134 51.90 21.55 47.07
CA VAL D 134 51.07 20.61 46.31
C VAL D 134 49.67 21.20 46.21
N ALA D 135 49.23 21.47 45.00
CA ALA D 135 47.89 22.02 44.79
C ALA D 135 46.85 20.90 44.88
N LEU D 136 45.74 21.20 45.52
CA LEU D 136 44.66 20.22 45.72
C LEU D 136 43.40 20.66 44.99
N PRO D 137 43.14 20.15 43.79
CA PRO D 137 41.88 20.49 43.11
C PRO D 137 40.76 19.59 43.60
N PRO D 138 39.52 20.06 43.56
CA PRO D 138 38.42 19.22 44.04
C PRO D 138 37.88 18.28 42.97
N LEU D 139 37.30 17.17 43.46
CA LEU D 139 36.66 16.18 42.59
C LEU D 139 35.14 16.28 42.58
N TYR D 140 34.54 16.61 43.73
CA TYR D 140 33.10 16.76 43.85
C TYR D 140 32.80 18.02 44.65
N ARG D 141 32.36 19.07 43.96
CA ARG D 141 32.08 20.35 44.60
C ARG D 141 30.61 20.75 44.58
N ILE D 142 29.86 20.33 43.57
CA ILE D 142 28.45 20.67 43.45
C ILE D 142 28.29 22.17 43.26
N TYR D 149 29.07 23.11 49.64
CA TYR D 149 30.25 22.50 50.24
C TYR D 149 31.12 21.86 49.17
N TYR D 150 32.42 22.18 49.19
CA TYR D 150 33.38 21.64 48.24
C TYR D 150 34.23 20.59 48.95
N ALA D 151 34.40 19.43 48.31
CA ALA D 151 35.14 18.31 48.87
C ALA D 151 36.30 17.95 47.97
N LEU D 152 37.50 17.90 48.55
CA LEU D 152 38.70 17.57 47.80
C LEU D 152 38.67 16.10 47.37
N ARG D 175 30.26 16.28 39.48
CA ARG D 175 31.65 15.85 39.33
C ARG D 175 32.47 16.88 38.57
N PHE D 176 33.63 17.24 39.13
CA PHE D 176 34.53 18.21 38.52
C PHE D 176 35.50 17.47 37.60
N LYS D 177 35.43 17.79 36.31
CA LYS D 177 36.32 17.19 35.33
C LYS D 177 37.77 17.58 35.61
N GLY D 178 38.68 16.87 34.94
CA GLY D 178 40.10 17.10 35.13
C GLY D 178 40.51 18.52 34.78
N LEU D 179 41.76 18.84 35.13
CA LEU D 179 42.28 20.18 34.88
C LEU D 179 42.28 20.52 33.40
N GLY D 180 42.43 19.52 32.53
CA GLY D 180 42.43 19.79 31.10
C GLY D 180 41.06 20.15 30.57
N GLU D 181 40.02 19.59 31.17
CA GLU D 181 38.64 19.84 30.75
C GLU D 181 38.00 21.01 31.47
N MET D 182 38.72 21.66 32.39
CA MET D 182 38.17 22.76 33.16
C MET D 182 38.33 24.08 32.40
N ASN D 183 37.40 24.99 32.64
CA ASN D 183 37.48 26.30 32.03
C ASN D 183 38.60 27.12 32.68
N PRO D 184 39.24 28.02 31.93
CA PRO D 184 40.29 28.84 32.54
C PRO D 184 39.81 29.62 33.76
N MET D 185 38.63 30.24 33.68
CA MET D 185 38.12 30.98 34.83
C MET D 185 37.86 30.06 36.01
N GLN D 186 37.33 28.87 35.75
CA GLN D 186 37.13 27.90 36.83
C GLN D 186 38.47 27.42 37.39
N LEU D 187 39.47 27.29 36.52
CA LEU D 187 40.79 26.85 36.98
C LEU D 187 41.44 27.89 37.88
N ARG D 188 41.13 29.17 37.68
CA ARG D 188 41.70 30.21 38.53
C ARG D 188 41.07 30.18 39.91
N GLU D 189 39.75 30.07 39.96
CA GLU D 189 39.05 30.02 41.24
C GLU D 189 39.45 28.81 42.07
N THR D 190 40.04 27.79 41.44
CA THR D 190 40.33 26.53 42.10
C THR D 190 41.79 26.39 42.53
N THR D 191 42.74 26.84 41.71
CA THR D 191 44.14 26.58 41.99
C THR D 191 45.01 27.82 42.00
N LEU D 192 44.78 28.78 41.10
CA LEU D 192 45.72 29.89 40.94
C LEU D 192 45.39 31.06 41.86
N ASP D 193 44.13 31.45 41.93
CA ASP D 193 43.75 32.61 42.73
C ASP D 193 43.98 32.31 44.21
N PRO D 194 44.92 32.97 44.88
CA PRO D 194 45.17 32.63 46.30
C PRO D 194 43.97 32.86 47.20
N ASN D 195 43.04 33.73 46.82
CA ASN D 195 41.90 34.02 47.68
C ASN D 195 40.90 32.87 47.76
N THR D 196 40.95 31.92 46.81
CA THR D 196 39.98 30.84 46.80
C THR D 196 40.59 29.49 46.44
N ARG D 197 41.91 29.38 46.33
CA ARG D 197 42.54 28.12 45.97
C ARG D 197 42.69 27.23 47.19
N ARG D 198 43.21 26.02 46.97
CA ARG D 198 43.46 25.03 48.03
C ARG D 198 44.87 24.50 47.79
N LEU D 199 45.86 25.15 48.42
CA LEU D 199 47.26 24.80 48.25
C LEU D 199 47.83 24.41 49.60
N VAL D 200 48.34 23.18 49.69
CA VAL D 200 48.93 22.65 50.92
C VAL D 200 50.45 22.72 50.81
N GLN D 201 51.11 23.06 51.92
CA GLN D 201 52.56 23.17 51.94
C GLN D 201 53.18 21.83 52.31
N LEU D 202 54.04 21.31 51.45
CA LEU D 202 54.75 20.06 51.71
C LEU D 202 56.08 20.37 52.37
N VAL D 203 56.26 19.90 53.60
CA VAL D 203 57.48 20.15 54.36
C VAL D 203 57.88 18.87 55.09
N ILE D 204 59.17 18.74 55.35
CA ILE D 204 59.74 17.60 56.05
C ILE D 204 60.28 18.09 57.38
N SER D 205 59.66 17.65 58.47
CA SER D 205 60.09 18.06 59.80
C SER D 205 61.45 17.46 60.14
N ASP D 206 62.02 17.93 61.24
CA ASP D 206 63.33 17.46 61.66
C ASP D 206 63.29 15.99 62.05
N GLU D 207 62.28 15.59 62.83
CA GLU D 207 62.19 14.20 63.25
C GLU D 207 61.74 13.29 62.11
N ASP D 208 60.99 13.83 61.15
CA ASP D 208 60.48 13.05 60.03
C ASP D 208 61.50 12.87 58.91
N GLU D 209 62.66 13.52 59.01
CA GLU D 209 63.66 13.39 57.94
C GLU D 209 64.13 11.95 57.79
N GLN D 210 64.10 11.16 58.87
CA GLN D 210 64.54 9.77 58.79
C GLN D 210 63.50 8.89 58.09
N GLN D 211 62.22 9.06 58.43
CA GLN D 211 61.19 8.24 57.83
C GLN D 211 60.83 8.69 56.41
N THR D 212 60.97 9.98 56.11
CA THR D 212 60.70 10.44 54.75
C THR D 212 61.65 9.81 53.75
N THR D 213 62.94 9.72 54.11
CA THR D 213 63.93 9.10 53.24
C THR D 213 63.79 7.58 53.19
N ALA D 214 63.04 6.97 54.09
CA ALA D 214 62.86 5.53 54.11
C ALA D 214 61.56 5.07 53.46
N ILE D 215 60.45 5.78 53.70
CA ILE D 215 59.18 5.38 53.10
C ILE D 215 59.24 5.54 51.59
N MET D 216 59.71 6.70 51.12
CA MET D 216 59.77 6.95 49.68
C MET D 216 60.73 5.98 48.98
N ASP D 217 61.75 5.49 49.70
CA ASP D 217 62.71 4.59 49.08
C ASP D 217 62.03 3.29 48.65
N MET D 218 61.34 2.62 49.57
CA MET D 218 60.67 1.37 49.24
C MET D 218 59.66 1.55 48.12
N LEU D 219 59.07 2.74 48.00
CA LEU D 219 58.05 2.97 46.99
C LEU D 219 58.66 3.14 45.60
N LEU D 220 59.74 3.91 45.49
CA LEU D 220 60.32 4.26 44.20
C LEU D 220 61.59 3.48 43.89
N ALA D 221 61.87 2.40 44.63
CA ALA D 221 63.06 1.58 44.39
C ALA D 221 62.72 0.45 43.43
N LYS D 222 63.54 0.31 42.38
CA LYS D 222 63.30 -0.74 41.41
C LYS D 222 63.45 -2.13 42.02
N LYS D 223 64.51 -2.33 42.83
CA LYS D 223 64.74 -3.64 43.40
C LYS D 223 63.73 -3.96 44.50
N ARG D 224 63.25 -2.94 45.22
CA ARG D 224 62.31 -3.14 46.32
C ARG D 224 60.88 -3.23 45.79
N SER D 225 60.65 -4.23 44.93
CA SER D 225 59.30 -4.47 44.43
C SER D 225 58.50 -5.32 45.40
N GLU D 226 59.11 -6.35 45.99
CA GLU D 226 58.41 -7.15 46.98
C GLU D 226 58.08 -6.33 48.22
N ASP D 227 58.92 -5.35 48.56
CA ASP D 227 58.62 -4.48 49.69
C ASP D 227 57.38 -3.63 49.42
N ARG D 228 57.15 -3.25 48.17
CA ARG D 228 55.93 -2.51 47.83
C ARG D 228 54.72 -3.43 47.83
N ARG D 229 54.90 -4.67 47.38
CA ARG D 229 53.78 -5.62 47.35
C ARG D 229 53.30 -5.94 48.75
N ASN D 230 54.23 -6.23 49.66
CA ASN D 230 53.85 -6.49 51.06
C ASN D 230 53.35 -5.23 51.73
N TRP D 231 53.76 -4.06 51.26
CA TRP D 231 53.29 -2.81 51.84
C TRP D 231 51.83 -2.55 51.51
N LEU D 232 51.42 -2.85 50.27
CA LEU D 232 50.02 -2.62 49.89
C LEU D 232 49.08 -3.59 50.59
N GLN D 233 49.48 -4.86 50.71
CA GLN D 233 48.63 -5.83 51.40
C GLN D 233 48.47 -5.46 52.87
N GLU D 234 49.54 -5.04 53.53
CA GLU D 234 49.45 -4.68 54.95
C GLU D 234 48.66 -3.40 55.14
N LYS D 235 48.88 -2.40 54.28
CA LYS D 235 48.14 -1.15 54.41
C LYS D 235 46.70 -1.27 53.93
N GLY D 236 46.35 -2.35 53.24
CA GLY D 236 44.99 -2.55 52.79
C GLY D 236 44.05 -2.91 53.92
N ASP D 237 43.58 -1.90 54.65
CA ASP D 237 42.66 -2.11 55.76
C ASP D 237 41.70 -0.93 55.84
N MET D 238 40.56 -1.17 56.49
CA MET D 238 39.53 -0.14 56.62
C MET D 238 39.16 0.44 55.27
N GLU D 251 47.07 25.48 54.76
CA GLU D 251 47.43 24.37 55.63
C GLU D 251 48.70 23.68 55.15
N ARG D 252 49.35 22.94 56.04
CA ARG D 252 50.56 22.20 55.73
C ARG D 252 50.30 20.71 55.71
N LEU D 253 51.22 19.97 55.12
CA LEU D 253 51.11 18.52 55.02
C LEU D 253 52.50 17.91 55.00
N ALA D 254 52.65 16.78 55.70
CA ALA D 254 53.93 16.10 55.74
C ALA D 254 54.20 15.40 54.41
N LEU D 255 55.48 15.36 54.03
CA LEU D 255 55.85 14.74 52.76
C LEU D 255 55.76 13.23 52.82
N HIS D 256 55.94 12.64 54.01
CA HIS D 256 55.80 11.20 54.15
C HIS D 256 54.35 10.76 54.19
N GLU D 257 53.46 11.61 54.73
CA GLU D 257 52.04 11.29 54.72
C GLU D 257 51.42 11.51 53.35
N PHE D 258 51.95 12.46 52.58
CA PHE D 258 51.43 12.71 51.24
C PHE D 258 51.88 11.64 50.26
N THR D 259 53.19 11.37 50.21
CA THR D 259 53.71 10.41 49.25
C THR D 259 53.15 9.01 49.52
N GLU D 260 52.99 8.65 50.80
CA GLU D 260 52.49 7.32 51.12
C GLU D 260 51.02 7.16 50.72
N ASN D 261 50.18 8.12 51.11
CA ASN D 261 48.77 8.06 50.75
C ASN D 261 48.58 8.23 49.25
N ALA D 262 49.38 9.10 48.64
CA ALA D 262 49.24 9.36 47.21
C ALA D 262 49.62 8.12 46.39
N TYR D 263 50.79 7.53 46.68
CA TYR D 263 51.23 6.37 45.93
C TYR D 263 50.35 5.16 46.17
N LEU D 264 49.66 5.09 47.32
CA LEU D 264 48.77 3.96 47.59
C LEU D 264 47.57 3.99 46.65
N ASN D 265 46.96 5.17 46.47
CA ASN D 265 45.82 5.28 45.57
C ASN D 265 46.21 4.90 44.14
N TYR D 266 47.43 5.25 43.73
CA TYR D 266 47.89 4.90 42.39
C TYR D 266 48.23 3.42 42.29
N SER D 267 48.90 2.88 43.32
CA SER D 267 49.26 1.47 43.30
C SER D 267 48.01 0.59 43.20
N MET D 268 47.00 0.87 44.02
CA MET D 268 45.78 0.06 43.98
C MET D 268 45.01 0.29 42.68
N TYR D 269 45.03 1.53 42.17
CA TYR D 269 44.29 1.82 40.94
C TYR D 269 44.85 1.02 39.76
N VAL D 270 46.17 1.03 39.59
CA VAL D 270 46.77 0.32 38.46
C VAL D 270 46.46 -1.17 38.55
N ILE D 271 46.52 -1.74 39.76
CA ILE D 271 46.25 -3.15 39.95
C ILE D 271 44.79 -3.47 39.62
N MET D 272 43.87 -2.73 40.25
CA MET D 272 42.45 -3.05 40.12
C MET D 272 41.89 -2.60 38.76
N ASP D 273 42.27 -1.41 38.30
CA ASP D 273 41.59 -0.76 37.18
C ASP D 273 42.48 -0.62 35.94
N ARG D 274 43.49 -1.48 35.77
CA ARG D 274 44.36 -1.33 34.62
C ARG D 274 45.03 -2.64 34.21
N ALA D 275 46.07 -3.04 34.92
CA ALA D 275 46.93 -4.12 34.43
C ALA D 275 46.29 -5.48 34.67
N LEU D 276 45.81 -5.73 35.87
CA LEU D 276 45.29 -7.05 36.21
C LEU D 276 43.92 -7.24 35.56
N PRO D 277 43.68 -8.36 34.87
CA PRO D 277 42.37 -8.60 34.26
C PRO D 277 41.43 -9.34 35.21
N PHE D 278 40.15 -9.29 34.87
CA PHE D 278 39.14 -10.02 35.64
C PHE D 278 39.10 -11.48 35.19
N ILE D 279 39.06 -12.39 36.15
CA ILE D 279 39.14 -13.82 35.82
C ILE D 279 37.95 -14.24 34.98
N GLY D 280 36.77 -13.71 35.27
CA GLY D 280 35.56 -14.11 34.57
C GLY D 280 35.65 -13.95 33.06
N ASP D 281 35.80 -12.71 32.59
CA ASP D 281 35.89 -12.42 31.17
C ASP D 281 37.32 -12.24 30.68
N GLY D 282 38.31 -12.26 31.57
CA GLY D 282 39.69 -12.11 31.14
C GLY D 282 39.97 -10.83 30.41
N LEU D 283 39.36 -9.72 30.83
CA LEU D 283 39.51 -8.44 30.18
C LEU D 283 39.90 -7.39 31.20
N LYS D 284 40.73 -6.44 30.77
CA LYS D 284 41.03 -5.26 31.57
C LYS D 284 39.93 -4.21 31.39
N PRO D 285 39.80 -3.29 32.33
CA PRO D 285 38.74 -2.27 32.20
C PRO D 285 38.72 -1.58 30.85
N VAL D 286 39.90 -1.16 30.35
CA VAL D 286 39.95 -0.53 29.04
C VAL D 286 39.47 -1.51 27.98
N GLN D 287 39.85 -2.78 28.11
CA GLN D 287 39.37 -3.79 27.17
C GLN D 287 37.86 -3.96 27.26
N ARG D 288 37.33 -3.96 28.49
CA ARG D 288 35.90 -4.19 28.68
C ARG D 288 35.09 -3.05 28.08
N ARG D 289 35.52 -1.80 28.31
CA ARG D 289 34.79 -0.65 27.80
C ARG D 289 34.85 -0.54 26.29
N ILE D 290 35.87 -1.11 25.65
CA ILE D 290 35.94 -1.07 24.19
C ILE D 290 34.92 -2.02 23.58
N VAL D 291 34.88 -3.27 24.06
CA VAL D 291 33.95 -4.25 23.49
C VAL D 291 32.51 -3.87 23.80
N TYR D 292 32.25 -3.38 25.01
CA TYR D 292 30.89 -2.99 25.36
C TYR D 292 30.43 -1.79 24.53
N ALA D 293 31.29 -0.79 24.38
CA ALA D 293 30.92 0.39 23.61
C ALA D 293 30.66 0.02 22.14
N MET D 294 31.40 -0.95 21.61
CA MET D 294 31.16 -1.39 20.24
C MET D 294 29.83 -2.13 20.13
N SER D 295 29.44 -2.86 21.17
CA SER D 295 28.14 -3.52 21.16
C SER D 295 27.00 -2.51 21.24
N GLU D 296 27.20 -1.45 22.02
CA GLU D 296 26.17 -0.40 22.10
C GLU D 296 26.03 0.34 20.78
N LEU D 297 27.11 0.46 20.02
CA LEU D 297 27.07 1.07 18.69
C LEU D 297 26.58 0.11 17.61
N GLY D 298 26.14 -1.08 17.99
CA GLY D 298 25.62 -2.03 17.03
C GLY D 298 26.67 -2.62 16.12
N LEU D 299 27.94 -2.58 16.52
CA LEU D 299 29.03 -3.07 15.67
C LEU D 299 29.24 -4.57 15.87
N ASN D 300 28.19 -5.34 15.59
CA ASN D 300 28.29 -6.79 15.64
C ASN D 300 29.01 -7.30 14.39
N ALA D 301 29.30 -8.61 14.40
CA ALA D 301 30.03 -9.21 13.29
C ALA D 301 29.30 -9.07 11.97
N SER D 302 27.98 -8.87 11.99
CA SER D 302 27.21 -8.76 10.76
C SER D 302 27.08 -7.33 10.25
N ALA D 303 27.30 -6.34 11.12
CA ALA D 303 27.13 -4.95 10.71
C ALA D 303 28.29 -4.50 9.83
N LYS D 304 28.11 -3.33 9.23
CA LYS D 304 29.16 -2.74 8.40
C LYS D 304 30.23 -2.10 9.28
N PHE D 305 31.42 -1.97 8.72
CA PHE D 305 32.54 -1.41 9.47
C PHE D 305 32.32 0.08 9.74
N LYS D 306 32.81 0.52 10.90
CA LYS D 306 32.76 1.91 11.32
C LYS D 306 34.16 2.39 11.66
N LYS D 307 34.44 3.66 11.35
CA LYS D 307 35.76 4.21 11.61
C LYS D 307 36.12 4.08 13.09
N SER D 308 37.32 3.55 13.36
CA SER D 308 37.73 3.32 14.73
C SER D 308 37.78 4.62 15.53
N ALA D 309 38.10 5.73 14.87
CA ALA D 309 38.16 7.00 15.59
C ALA D 309 36.83 7.30 16.28
N ARG D 310 35.71 6.97 15.63
CA ARG D 310 34.41 7.20 16.25
C ARG D 310 34.22 6.31 17.46
N THR D 311 34.59 5.02 17.35
CA THR D 311 34.48 4.12 18.48
C THR D 311 35.30 4.62 19.67
N VAL D 312 36.56 5.00 19.41
CA VAL D 312 37.41 5.50 20.48
C VAL D 312 36.78 6.74 21.11
N GLY D 313 36.22 7.63 20.29
CA GLY D 313 35.60 8.82 20.84
C GLY D 313 34.48 8.50 21.82
N ASP D 314 33.64 7.53 21.48
CA ASP D 314 32.57 7.13 22.39
C ASP D 314 33.12 6.45 23.64
N VAL D 315 34.13 5.59 23.48
CA VAL D 315 34.72 4.92 24.62
C VAL D 315 35.30 5.93 25.60
N LEU D 316 35.92 6.99 25.07
CA LEU D 316 36.53 7.99 25.95
C LEU D 316 35.46 8.87 26.60
N GLY D 317 34.45 9.29 25.83
CA GLY D 317 33.44 10.18 26.39
C GLY D 317 32.48 9.50 27.32
N LYS D 318 32.19 8.22 27.09
CA LYS D 318 31.18 7.51 27.86
C LYS D 318 31.74 6.93 29.16
N TYR D 319 32.78 6.09 29.06
CA TYR D 319 33.18 5.26 30.18
C TYR D 319 34.65 5.41 30.57
N HIS D 320 35.52 5.64 29.59
CA HIS D 320 36.98 5.58 29.80
C HIS D 320 37.60 6.97 29.73
N PRO D 321 37.73 7.67 30.86
CA PRO D 321 38.35 9.01 30.82
C PRO D 321 39.88 8.94 30.86
N HIS D 322 40.47 8.58 29.73
CA HIS D 322 41.92 8.43 29.63
C HIS D 322 42.34 8.79 28.20
N GLY D 323 43.59 8.50 27.87
CA GLY D 323 44.13 8.93 26.59
C GLY D 323 43.58 8.13 25.43
N ASP D 324 43.53 8.79 24.26
CA ASP D 324 43.02 8.14 23.06
C ASP D 324 44.04 7.18 22.47
N SER D 325 45.32 7.53 22.52
CA SER D 325 46.35 6.67 21.95
C SER D 325 46.42 5.34 22.68
N ALA D 326 46.44 5.38 24.01
CA ALA D 326 46.48 4.15 24.79
C ALA D 326 45.25 3.30 24.55
N CYS D 327 44.11 3.94 24.27
CA CYS D 327 42.88 3.18 24.02
C CYS D 327 42.93 2.49 22.67
N TYR D 328 43.31 3.22 21.62
CA TYR D 328 43.38 2.64 20.28
C TYR D 328 44.45 1.55 20.21
N GLU D 329 45.55 1.72 20.95
CA GLU D 329 46.57 0.67 20.96
C GLU D 329 46.01 -0.63 21.51
N ALA D 330 45.18 -0.55 22.55
CA ALA D 330 44.52 -1.75 23.07
C ALA D 330 43.55 -2.31 22.03
N MET D 331 42.86 -1.44 21.30
CA MET D 331 41.95 -1.90 20.26
C MET D 331 42.72 -2.57 19.13
N VAL D 332 43.87 -2.01 18.75
CA VAL D 332 44.68 -2.60 17.68
C VAL D 332 45.17 -3.98 18.10
N LEU D 333 45.58 -4.12 19.35
CA LEU D 333 46.08 -5.41 19.82
C LEU D 333 45.00 -6.48 19.74
N MET D 334 43.77 -6.14 20.15
CA MET D 334 42.66 -7.07 20.11
C MET D 334 42.25 -7.45 18.69
N ALA D 335 42.73 -6.72 17.67
CA ALA D 335 42.37 -6.98 16.29
C ALA D 335 43.42 -7.75 15.52
N GLN D 336 44.68 -7.68 15.94
CA GLN D 336 45.75 -8.34 15.20
C GLN D 336 45.67 -9.84 15.38
N PRO D 337 45.53 -10.63 14.31
CA PRO D 337 45.52 -12.09 14.48
C PRO D 337 46.82 -12.65 15.00
N PHE D 338 47.94 -11.96 14.78
CA PHE D 338 49.25 -12.43 15.23
C PHE D 338 49.56 -12.02 16.67
N SER D 339 48.73 -11.17 17.28
CA SER D 339 48.88 -10.80 18.68
C SER D 339 47.86 -11.45 19.59
N TYR D 340 46.63 -11.61 19.11
CA TYR D 340 45.56 -12.28 19.86
C TYR D 340 45.27 -13.62 19.21
N ARG D 341 45.23 -14.68 20.03
CA ARG D 341 44.91 -16.00 19.49
C ARG D 341 43.51 -16.02 18.90
N TYR D 342 42.54 -15.45 19.62
CA TYR D 342 41.16 -15.34 19.16
C TYR D 342 40.78 -13.87 19.22
N PRO D 343 41.08 -13.11 18.17
CA PRO D 343 40.84 -11.66 18.23
C PRO D 343 39.40 -11.33 18.56
N LEU D 344 39.22 -10.21 19.27
CA LEU D 344 37.89 -9.72 19.60
C LEU D 344 37.37 -8.71 18.58
N VAL D 345 38.24 -8.12 17.78
CA VAL D 345 37.87 -7.05 16.86
C VAL D 345 38.30 -7.45 15.45
N ASP D 346 37.48 -7.10 14.48
CA ASP D 346 37.80 -7.26 13.06
C ASP D 346 37.78 -5.90 12.40
N GLY D 347 38.85 -5.58 11.67
CA GLY D 347 38.99 -4.27 11.06
C GLY D 347 39.45 -4.38 9.62
N GLN D 348 39.29 -3.26 8.91
CA GLN D 348 39.79 -3.12 7.55
C GLN D 348 40.85 -2.03 7.53
N GLY D 349 41.78 -2.16 6.60
CA GLY D 349 42.91 -1.25 6.49
C GLY D 349 44.19 -1.88 6.99
N ASN D 350 45.13 -1.01 7.37
CA ASN D 350 46.43 -1.45 7.86
C ASN D 350 46.38 -1.54 9.38
N TRP D 351 46.20 -2.75 9.88
CA TRP D 351 46.18 -3.01 11.32
C TRP D 351 47.50 -3.62 11.80
N GLY D 352 48.60 -3.34 11.11
CA GLY D 352 49.90 -3.86 11.47
C GLY D 352 50.20 -5.19 10.80
N ALA D 353 51.45 -5.59 10.93
CA ALA D 353 51.96 -6.83 10.35
C ALA D 353 52.76 -7.58 11.41
N PRO D 354 52.94 -8.90 11.24
CA PRO D 354 53.73 -9.65 12.22
C PRO D 354 55.15 -9.13 12.38
N ASP D 355 55.76 -8.62 11.30
CA ASP D 355 57.13 -8.13 11.40
C ASP D 355 57.20 -6.86 12.24
N ASP D 356 56.22 -5.97 12.09
CA ASP D 356 56.17 -4.70 12.81
C ASP D 356 54.75 -4.54 13.37
N PRO D 357 54.49 -5.07 14.56
CA PRO D 357 53.13 -4.94 15.11
C PRO D 357 52.68 -3.51 15.31
N LYS D 358 53.62 -2.58 15.54
CA LYS D 358 53.29 -1.18 15.74
C LYS D 358 53.04 -0.44 14.44
N SER D 359 53.23 -1.07 13.28
CA SER D 359 53.07 -0.41 11.99
C SER D 359 51.62 -0.51 11.51
N PHE D 360 50.73 0.07 12.29
CA PHE D 360 49.30 0.11 12.00
C PHE D 360 48.87 1.54 11.69
N ALA D 361 47.88 1.67 10.82
CA ALA D 361 47.40 2.99 10.43
C ALA D 361 46.69 3.66 11.60
N ALA D 362 46.65 5.00 11.54
CA ALA D 362 46.00 5.76 12.60
C ALA D 362 44.51 5.43 12.65
N MET D 363 43.90 5.72 13.80
CA MET D 363 42.51 5.34 14.01
C MET D 363 41.56 6.07 13.06
N ARG D 364 41.96 7.20 12.51
CA ARG D 364 41.08 7.95 11.62
C ARG D 364 41.02 7.32 10.23
N THR D 366 41.42 3.78 9.93
CA THR D 366 40.98 2.39 10.11
C THR D 366 39.53 2.30 10.56
N GLU D 367 38.82 1.33 10.01
CA GLU D 367 37.45 1.02 10.38
C GLU D 367 37.40 -0.36 11.02
N SER D 368 36.66 -0.49 12.12
CA SER D 368 36.67 -1.68 12.94
C SER D 368 35.26 -2.24 13.10
N ARG D 369 35.19 -3.41 13.73
CA ARG D 369 33.93 -4.12 13.96
C ARG D 369 34.23 -5.32 14.85
N LEU D 370 33.26 -5.71 15.66
CA LEU D 370 33.44 -6.84 16.55
C LEU D 370 33.49 -8.14 15.74
N SER D 371 34.30 -9.08 16.22
CA SER D 371 34.44 -10.37 15.56
C SER D 371 33.35 -11.32 16.01
N LYS D 372 33.22 -12.43 15.28
CA LYS D 372 32.24 -13.44 15.68
C LYS D 372 32.60 -14.05 17.03
N TYR D 373 33.89 -14.14 17.35
CA TYR D 373 34.31 -14.64 18.65
C TYR D 373 33.86 -13.73 19.77
N ALA D 374 33.73 -12.43 19.50
CA ALA D 374 33.31 -11.50 20.54
C ALA D 374 31.89 -11.76 21.01
N GLU D 375 31.09 -12.47 20.23
CA GLU D 375 29.73 -12.80 20.65
C GLU D 375 29.71 -13.66 21.90
N LEU D 376 30.78 -14.41 22.17
CA LEU D 376 30.86 -15.23 23.37
C LEU D 376 30.89 -14.42 24.65
N LEU D 377 31.12 -13.10 24.57
CA LEU D 377 31.17 -12.25 25.75
C LEU D 377 29.98 -11.33 25.88
N LEU D 378 29.15 -11.20 24.85
CA LEU D 378 28.07 -10.22 24.84
C LEU D 378 26.70 -10.81 24.50
N SER D 379 26.63 -12.05 24.02
CA SER D 379 25.34 -12.60 23.58
C SER D 379 24.35 -12.66 24.74
N GLU D 380 24.82 -12.95 25.94
CA GLU D 380 23.97 -13.08 27.12
C GLU D 380 24.03 -11.84 28.02
N LEU D 381 24.46 -10.70 27.48
CA LEU D 381 24.69 -9.52 28.32
C LEU D 381 23.37 -8.92 28.80
N GLY D 382 22.44 -8.67 27.88
CA GLY D 382 21.19 -8.03 28.20
C GLY D 382 20.17 -8.90 28.91
N GLN D 383 20.54 -10.13 29.28
CA GLN D 383 19.63 -11.08 29.91
C GLN D 383 19.81 -11.13 31.42
N GLY D 384 20.10 -9.99 32.04
CA GLY D 384 20.22 -9.91 33.48
C GLY D 384 21.24 -10.86 34.06
N THR D 385 22.44 -10.87 33.50
CA THR D 385 23.52 -11.77 33.91
C THR D 385 24.67 -11.08 34.61
N VAL D 386 24.70 -9.75 34.62
CA VAL D 386 25.84 -9.00 35.14
C VAL D 386 25.35 -7.76 35.87
N ASP D 387 26.14 -7.33 36.86
CA ASP D 387 25.87 -6.09 37.59
C ASP D 387 26.25 -4.89 36.73
N TRP D 388 25.60 -3.76 37.02
CA TRP D 388 25.82 -2.54 36.25
C TRP D 388 26.13 -1.39 37.20
N VAL D 389 27.29 -0.76 37.00
CA VAL D 389 27.73 0.35 37.84
C VAL D 389 27.73 1.63 37.00
N PRO D 390 27.59 2.80 37.61
CA PRO D 390 27.61 4.04 36.84
C PRO D 390 29.02 4.40 36.35
N ASN D 391 29.05 5.23 35.32
CA ASN D 391 30.32 5.65 34.73
C ASN D 391 30.90 6.81 35.55
N PHE D 392 32.00 7.40 35.07
CA PHE D 392 32.70 8.41 35.85
C PHE D 392 31.79 9.60 36.15
N ASP D 393 31.07 10.09 35.13
CA ASP D 393 30.18 11.23 35.33
C ASP D 393 28.80 10.83 35.82
N GLY D 394 28.46 9.54 35.76
CA GLY D 394 27.19 9.07 36.28
C GLY D 394 26.02 9.20 35.33
N THR D 395 26.24 9.70 34.11
CA THR D 395 25.15 9.89 33.17
C THR D 395 24.70 8.60 32.51
N LEU D 396 25.56 7.59 32.46
CA LEU D 396 25.24 6.31 31.82
C LEU D 396 25.57 5.17 32.79
N GLN D 397 25.25 3.95 32.36
CA GLN D 397 25.53 2.74 33.12
C GLN D 397 26.52 1.87 32.36
N GLU D 398 27.41 1.22 33.11
CA GLU D 398 28.45 0.38 32.53
C GLU D 398 28.44 -0.99 33.19
N PRO D 399 28.65 -2.06 32.43
CA PRO D 399 28.70 -3.40 33.02
C PRO D 399 30.02 -3.63 33.76
N LYS D 400 29.92 -4.19 34.96
CA LYS D 400 31.13 -4.49 35.73
C LYS D 400 31.92 -5.63 35.10
N MET D 401 31.24 -6.61 34.50
CA MET D 401 31.89 -7.73 33.85
C MET D 401 31.12 -8.02 32.56
N LEU D 402 31.54 -9.07 31.85
CA LEU D 402 30.86 -9.52 30.65
C LEU D 402 30.61 -11.02 30.75
N PRO D 403 29.41 -11.51 30.45
CA PRO D 403 29.14 -12.94 30.55
C PRO D 403 29.91 -13.76 29.52
N ALA D 404 31.02 -14.36 29.94
CA ALA D 404 31.88 -15.11 29.03
C ALA D 404 31.38 -16.56 28.95
N ARG D 405 30.98 -16.98 27.74
CA ARG D 405 30.59 -18.37 27.54
C ARG D 405 31.79 -19.30 27.65
N LEU D 406 32.99 -18.79 27.37
CA LEU D 406 34.22 -19.54 27.51
C LEU D 406 35.23 -18.70 28.28
N PRO D 407 36.14 -19.33 29.03
CA PRO D 407 37.06 -18.56 29.87
C PRO D 407 38.09 -17.78 29.05
N ASN D 408 37.72 -16.57 28.62
CA ASN D 408 38.59 -15.80 27.74
C ASN D 408 39.95 -15.52 28.37
N ILE D 409 40.05 -15.59 29.69
CA ILE D 409 41.32 -15.32 30.36
C ILE D 409 42.38 -16.32 29.89
N LEU D 410 41.98 -17.57 29.62
CA LEU D 410 42.94 -18.60 29.21
C LEU D 410 43.06 -18.75 27.70
N LEU D 411 42.00 -18.47 26.94
CA LEU D 411 42.09 -18.63 25.49
C LEU D 411 42.99 -17.55 24.88
N ASN D 412 42.73 -16.29 25.17
CA ASN D 412 43.49 -15.19 24.60
C ASN D 412 44.68 -14.80 25.45
N GLY D 413 44.49 -14.71 26.77
CA GLY D 413 45.59 -14.36 27.65
C GLY D 413 45.99 -12.91 27.56
N THR D 414 46.43 -12.34 28.68
CA THR D 414 46.84 -10.93 28.73
C THR D 414 48.08 -10.79 29.59
N THR D 415 48.99 -9.92 29.17
CA THR D 415 50.21 -9.61 29.89
C THR D 415 50.16 -8.16 30.34
N GLY D 416 50.30 -7.94 31.65
CA GLY D 416 50.17 -6.61 32.20
C GLY D 416 51.24 -6.34 33.24
N ILE D 417 51.49 -5.04 33.47
CA ILE D 417 52.48 -4.56 34.43
C ILE D 417 51.79 -3.56 35.34
N ALA D 418 51.84 -3.81 36.64
CA ALA D 418 51.19 -2.92 37.60
C ALA D 418 52.21 -2.33 38.58
N VAL D 419 51.74 -1.84 39.71
CA VAL D 419 52.60 -1.31 40.76
C VAL D 419 52.71 -2.37 41.85
N GLY D 420 53.92 -2.86 42.08
CA GLY D 420 54.17 -3.92 43.04
C GLY D 420 53.99 -5.32 42.49
N MET D 421 53.22 -5.49 41.40
CA MET D 421 52.98 -6.80 40.83
C MET D 421 52.75 -6.65 39.33
N ALA D 422 52.74 -7.79 38.65
CA ALA D 422 52.52 -7.82 37.21
C ALA D 422 51.78 -9.11 36.86
N THR D 423 51.33 -9.19 35.61
CA THR D 423 50.58 -10.34 35.13
C THR D 423 51.07 -10.72 33.74
N ASP D 424 51.24 -12.03 33.52
CA ASP D 424 51.66 -12.54 32.21
C ASP D 424 50.99 -13.90 32.03
N ILE D 425 49.93 -13.94 31.22
CA ILE D 425 49.13 -15.13 31.00
C ILE D 425 49.20 -15.47 29.51
N PRO D 426 49.65 -16.67 29.15
CA PRO D 426 49.75 -17.01 27.73
C PRO D 426 48.42 -17.51 27.17
N PRO D 427 48.25 -17.50 25.86
CA PRO D 427 47.01 -18.02 25.27
C PRO D 427 46.99 -19.53 25.18
N HIS D 428 45.79 -20.09 25.21
CA HIS D 428 45.57 -21.52 25.11
C HIS D 428 44.57 -21.80 24.00
N ASN D 429 44.49 -23.07 23.61
CA ASN D 429 43.54 -23.47 22.57
C ASN D 429 42.12 -23.48 23.11
N LEU D 430 41.16 -23.24 22.21
CA LEU D 430 39.76 -23.16 22.61
C LEU D 430 39.18 -24.56 22.86
N ARG D 431 39.29 -25.44 21.87
CA ARG D 431 38.71 -26.77 22.00
C ARG D 431 39.36 -27.54 23.14
N GLU D 432 40.66 -27.33 23.38
CA GLU D 432 41.32 -28.04 24.47
C GLU D 432 40.86 -27.53 25.83
N VAL D 433 40.74 -26.21 25.98
CA VAL D 433 40.26 -25.65 27.24
C VAL D 433 38.80 -25.98 27.45
N ALA D 434 38.01 -26.03 26.37
CA ALA D 434 36.60 -26.36 26.51
C ALA D 434 36.40 -27.77 27.04
N LYS D 435 37.11 -28.74 26.45
CA LYS D 435 37.01 -30.11 26.93
C LYS D 435 37.51 -30.24 28.37
N ALA D 436 38.50 -29.43 28.75
CA ALA D 436 38.99 -29.46 30.12
C ALA D 436 37.92 -28.94 31.09
N ALA D 437 37.23 -27.86 30.71
CA ALA D 437 36.16 -27.35 31.55
C ALA D 437 34.99 -28.35 31.63
N ILE D 438 34.70 -29.03 30.52
CA ILE D 438 33.65 -30.03 30.52
C ILE D 438 34.02 -31.19 31.44
N THR D 439 35.29 -31.62 31.39
CA THR D 439 35.72 -32.73 32.23
C THR D 439 35.68 -32.37 33.70
N LEU D 440 35.97 -31.12 34.04
CA LEU D 440 35.93 -30.70 35.44
C LEU D 440 34.51 -30.69 35.96
N ILE D 441 33.52 -30.50 35.09
CA ILE D 441 32.12 -30.55 35.51
C ILE D 441 31.70 -31.99 35.78
N GLU D 442 32.11 -32.91 34.89
CA GLU D 442 31.73 -34.32 35.07
C GLU D 442 32.35 -34.88 36.35
N GLN D 443 33.66 -34.73 36.50
CA GLN D 443 34.38 -35.21 37.69
C GLN D 443 35.02 -34.01 38.38
N PRO D 444 34.38 -33.44 39.40
CA PRO D 444 34.99 -32.27 40.06
C PRO D 444 36.30 -32.59 40.75
N LYS D 445 36.56 -33.87 41.04
CA LYS D 445 37.81 -34.29 41.66
C LYS D 445 38.92 -34.52 40.63
N THR D 446 38.81 -33.95 39.45
CA THR D 446 39.84 -34.12 38.44
C THR D 446 41.13 -33.44 38.88
N THR D 447 42.25 -34.09 38.61
CA THR D 447 43.54 -33.60 39.04
C THR D 447 44.19 -32.74 37.95
N LEU D 448 45.25 -32.02 38.34
CA LEU D 448 45.96 -31.18 37.39
C LEU D 448 46.66 -32.03 36.33
N ASP D 449 47.21 -33.17 36.73
CA ASP D 449 47.86 -34.06 35.77
C ASP D 449 46.86 -34.54 34.72
N GLU D 450 45.61 -34.79 35.14
CA GLU D 450 44.59 -35.18 34.18
C GLU D 450 44.22 -34.01 33.27
N LEU D 451 44.23 -32.78 33.80
CA LEU D 451 43.91 -31.63 32.97
C LEU D 451 45.00 -31.39 31.93
N LEU D 452 46.26 -31.59 32.30
CA LEU D 452 47.35 -31.39 31.35
C LEU D 452 47.27 -32.37 30.19
N ASP D 453 46.67 -33.53 30.42
CA ASP D 453 46.46 -34.47 29.32
C ASP D 453 45.50 -33.91 28.28
N ILE D 454 44.52 -33.12 28.71
CA ILE D 454 43.58 -32.50 27.77
C ILE D 454 44.21 -31.26 27.15
N VAL D 455 44.66 -30.33 27.98
CA VAL D 455 45.29 -29.09 27.52
C VAL D 455 46.80 -29.29 27.61
N GLN D 456 47.45 -29.40 26.45
CA GLN D 456 48.89 -29.63 26.44
C GLN D 456 49.63 -28.43 27.03
N GLY D 457 49.16 -27.22 26.75
CA GLY D 457 49.80 -26.03 27.23
C GLY D 457 49.38 -24.81 26.43
N PRO D 458 50.20 -23.76 26.44
CA PRO D 458 49.86 -22.56 25.67
C PRO D 458 49.79 -22.85 24.17
N ASP D 459 48.96 -22.06 23.49
CA ASP D 459 48.81 -22.16 22.03
C ASP D 459 48.89 -20.75 21.46
N PHE D 460 50.06 -20.36 20.96
CA PHE D 460 50.26 -19.05 20.37
C PHE D 460 49.78 -19.05 18.93
N PRO D 461 49.50 -17.86 18.37
CA PRO D 461 49.10 -17.74 16.95
C PRO D 461 50.26 -17.87 15.97
N THR D 462 51.03 -18.94 16.11
CA THR D 462 52.17 -19.20 15.24
C THR D 462 52.30 -20.70 15.05
N GLU D 463 52.94 -21.09 13.95
CA GLU D 463 53.18 -22.51 13.65
C GLU D 463 54.49 -23.00 14.21
N ALA D 464 55.18 -22.20 15.02
CA ALA D 464 56.43 -22.64 15.64
C ALA D 464 56.15 -23.61 16.78
N GLU D 465 57.13 -24.45 17.07
CA GLU D 465 57.00 -25.49 18.07
C GLU D 465 57.42 -24.99 19.45
N ILE D 466 56.76 -25.49 20.48
CA ILE D 466 57.10 -25.21 21.86
C ILE D 466 58.03 -26.32 22.35
N ILE D 467 59.25 -25.94 22.74
CA ILE D 467 60.27 -26.92 23.12
C ILE D 467 60.24 -27.29 24.60
N THR D 468 59.48 -26.58 25.42
CA THR D 468 59.43 -26.88 26.84
C THR D 468 58.89 -28.30 27.06
N SER D 469 59.50 -29.02 28.00
CA SER D 469 59.09 -30.38 28.28
C SER D 469 57.77 -30.40 29.04
N ARG D 470 57.04 -31.52 28.91
CA ARG D 470 55.77 -31.65 29.62
C ARG D 470 55.96 -31.61 31.13
N ALA D 471 57.09 -32.12 31.63
CA ALA D 471 57.33 -32.10 33.07
C ALA D 471 57.55 -30.68 33.57
N GLU D 472 58.26 -29.86 32.80
CA GLU D 472 58.47 -28.47 33.20
C GLU D 472 57.19 -27.66 33.09
N ILE D 473 56.33 -27.99 32.12
CA ILE D 473 55.04 -27.31 32.00
C ILE D 473 54.16 -27.62 33.21
N ARG D 474 54.21 -28.86 33.69
CA ARG D 474 53.42 -29.23 34.86
C ARG D 474 53.77 -28.35 36.05
N LYS D 475 55.05 -28.02 36.21
CA LYS D 475 55.46 -27.12 37.29
C LYS D 475 54.92 -25.72 37.10
N ILE D 476 54.72 -25.30 35.84
CA ILE D 476 54.19 -23.96 35.58
C ILE D 476 52.73 -23.87 36.02
N TYR D 477 51.91 -24.83 35.58
CA TYR D 477 50.50 -24.81 35.93
C TYR D 477 50.25 -25.23 37.37
N GLN D 478 51.25 -25.79 38.06
CA GLN D 478 51.10 -26.18 39.45
C GLN D 478 51.49 -25.03 40.39
N ASN D 479 52.65 -24.41 40.14
CA ASN D 479 53.09 -23.30 40.97
C ASN D 479 52.50 -21.96 40.55
N GLY D 480 51.96 -21.87 39.34
CA GLY D 480 51.38 -20.65 38.84
C GLY D 480 52.34 -19.71 38.14
N ARG D 481 53.64 -19.89 38.35
CA ARG D 481 54.66 -19.07 37.71
C ARG D 481 55.65 -19.97 36.98
N GLY D 482 56.38 -19.37 36.04
CA GLY D 482 57.35 -20.11 35.27
C GLY D 482 57.61 -19.44 33.94
N SER D 483 58.26 -20.19 33.05
CA SER D 483 58.61 -19.70 31.73
C SER D 483 58.55 -20.84 30.73
N VAL D 484 58.10 -20.53 29.52
CA VAL D 484 58.04 -21.48 28.42
C VAL D 484 58.93 -20.96 27.30
N ARG D 485 59.40 -21.89 26.46
CA ARG D 485 60.30 -21.58 25.37
C ARG D 485 59.73 -22.08 24.06
N MET D 486 59.95 -21.32 22.99
CA MET D 486 59.50 -21.66 21.65
C MET D 486 60.67 -21.53 20.67
N ARG D 487 60.67 -22.38 19.64
CA ARG D 487 61.72 -22.41 18.64
C ARG D 487 61.09 -22.40 17.25
N ALA D 488 61.72 -21.67 16.34
CA ALA D 488 61.20 -21.57 14.98
C ALA D 488 61.23 -22.92 14.27
N VAL D 489 60.23 -23.14 13.41
CA VAL D 489 60.13 -24.35 12.61
C VAL D 489 60.80 -24.10 11.26
N TRP D 490 61.56 -25.08 10.79
CA TRP D 490 62.26 -24.96 9.52
C TRP D 490 62.39 -26.32 8.83
N VAL D 498 65.41 -22.81 5.39
CA VAL D 498 64.11 -22.20 5.13
C VAL D 498 63.23 -22.31 6.37
N ILE D 499 63.05 -21.17 7.05
CA ILE D 499 62.23 -21.11 8.25
C ILE D 499 60.78 -20.85 7.83
N THR D 500 59.90 -21.82 8.10
CA THR D 500 58.52 -21.71 7.67
C THR D 500 57.67 -20.84 8.60
N ALA D 501 58.10 -20.65 9.84
CA ALA D 501 57.31 -19.88 10.80
C ALA D 501 58.20 -19.47 11.95
N LEU D 502 58.11 -18.19 12.34
CA LEU D 502 58.91 -17.65 13.43
C LEU D 502 58.14 -17.70 14.74
N PRO D 503 58.82 -17.55 15.88
CA PRO D 503 58.12 -17.58 17.16
C PRO D 503 57.12 -16.45 17.34
N HIS D 504 56.41 -16.46 18.46
CA HIS D 504 55.42 -15.43 18.74
C HIS D 504 56.09 -14.09 19.01
N GLN D 505 55.48 -13.03 18.49
CA GLN D 505 55.97 -11.65 18.64
C GLN D 505 57.46 -11.56 18.32
N VAL D 506 57.87 -12.28 17.29
CA VAL D 506 59.25 -12.25 16.78
C VAL D 506 59.20 -11.71 15.36
N SER D 507 59.90 -10.61 15.13
CA SER D 507 59.89 -9.95 13.82
C SER D 507 60.86 -10.65 12.87
N GLY D 508 60.37 -10.97 11.66
CA GLY D 508 61.23 -11.59 10.68
C GLY D 508 62.38 -10.70 10.27
N ALA D 509 62.11 -9.41 10.06
CA ALA D 509 63.17 -8.47 9.69
C ALA D 509 64.20 -8.36 10.80
N LYS D 510 63.75 -8.33 12.05
CA LYS D 510 64.69 -8.24 13.17
C LYS D 510 65.57 -9.48 13.24
N VAL D 511 65.02 -10.65 12.93
CA VAL D 511 65.80 -11.88 12.92
C VAL D 511 66.89 -11.81 11.85
N LEU D 512 66.53 -11.32 10.66
CA LEU D 512 67.50 -11.23 9.58
C LEU D 512 68.65 -10.30 9.94
N GLU D 513 68.37 -9.22 10.68
CA GLU D 513 69.42 -8.30 11.07
C GLU D 513 70.42 -8.99 12.00
N GLN D 514 69.93 -9.87 12.88
CA GLN D 514 70.82 -10.60 13.77
C GLN D 514 71.70 -11.58 13.00
N ILE D 515 71.14 -12.27 12.02
CA ILE D 515 71.91 -13.22 11.23
C ILE D 515 72.94 -12.49 10.37
N ALA D 516 72.60 -11.31 9.85
CA ALA D 516 73.55 -10.56 9.05
C ALA D 516 74.75 -10.13 9.88
N ALA D 517 74.52 -9.72 11.12
CA ALA D 517 75.62 -9.37 12.01
C ALA D 517 76.50 -10.58 12.28
N GLN D 518 75.90 -11.76 12.42
CA GLN D 518 76.68 -12.98 12.60
C GLN D 518 77.45 -13.32 11.33
N MET D 519 76.83 -13.13 10.16
CA MET D 519 77.53 -13.40 8.91
C MET D 519 78.72 -12.47 8.74
N ARG D 520 78.60 -11.22 9.20
CA ARG D 520 79.70 -10.28 9.04
C ARG D 520 80.87 -10.63 9.96
N ASN D 521 80.59 -11.00 11.21
CA ASN D 521 81.65 -11.32 12.17
C ASN D 521 82.03 -12.79 12.19
N LYS D 522 81.18 -13.68 11.67
CA LYS D 522 81.46 -15.11 11.65
C LYS D 522 81.40 -15.64 10.23
N LYS D 523 81.96 -16.84 10.05
CA LYS D 523 81.97 -17.50 8.75
C LYS D 523 80.72 -18.35 8.56
N LEU D 524 80.05 -18.15 7.43
CA LEU D 524 78.91 -18.96 6.99
C LEU D 524 79.18 -19.34 5.54
N PRO D 525 80.11 -20.26 5.31
CA PRO D 525 80.53 -20.55 3.92
C PRO D 525 79.56 -21.42 3.13
N MET D 526 78.66 -22.16 3.77
CA MET D 526 77.76 -23.01 2.99
C MET D 526 76.69 -22.20 2.29
N VAL D 527 76.24 -21.10 2.89
CA VAL D 527 75.20 -20.26 2.30
C VAL D 527 75.81 -19.41 1.18
N SER D 534 65.33 -12.95 -0.79
CA SER D 534 64.82 -14.28 -1.07
C SER D 534 63.64 -14.60 -0.16
N ASP D 535 62.54 -13.88 -0.33
CA ASP D 535 61.33 -14.10 0.46
C ASP D 535 60.12 -13.75 -0.40
N HIS D 536 58.95 -14.17 0.06
CA HIS D 536 57.70 -13.92 -0.63
C HIS D 536 56.66 -13.41 0.36
N GLU D 537 55.79 -12.53 -0.14
CA GLU D 537 54.83 -11.87 0.74
C GLU D 537 53.75 -12.83 1.24
N ASN D 538 53.20 -13.65 0.34
CA ASN D 538 52.11 -14.54 0.74
C ASN D 538 52.57 -15.57 1.76
N PRO D 539 53.59 -16.39 1.51
CA PRO D 539 54.05 -17.34 2.53
C PRO D 539 55.24 -16.81 3.32
N THR D 540 55.09 -16.71 4.64
CA THR D 540 56.18 -16.26 5.49
C THR D 540 57.30 -17.28 5.47
N ARG D 541 58.45 -16.91 4.92
CA ARG D 541 59.59 -17.82 4.82
C ARG D 541 60.87 -17.01 4.75
N LEU D 542 61.88 -17.45 5.51
CA LEU D 542 63.18 -16.79 5.51
C LEU D 542 64.20 -17.62 4.73
N MET D 553 74.26 -28.20 8.37
CA MET D 553 73.44 -27.05 8.70
C MET D 553 72.83 -27.19 10.09
N GLU D 554 72.77 -28.43 10.58
CA GLU D 554 72.23 -28.68 11.92
C GLU D 554 73.08 -28.01 12.99
N GLN D 555 74.41 -28.04 12.82
CA GLN D 555 75.29 -27.40 13.79
C GLN D 555 75.13 -25.88 13.75
N VAL D 556 74.94 -25.32 12.55
CA VAL D 556 74.74 -23.88 12.43
C VAL D 556 73.40 -23.48 13.03
N MET D 557 72.36 -24.30 12.79
CA MET D 557 71.03 -23.96 13.30
C MET D 557 71.00 -23.92 14.82
N ASN D 558 71.63 -24.90 15.47
CA ASN D 558 71.65 -24.92 16.94
C ASN D 558 72.34 -23.70 17.52
N HIS D 559 73.36 -23.19 16.83
CA HIS D 559 74.08 -22.01 17.34
C HIS D 559 73.23 -20.75 17.21
N LEU D 560 72.52 -20.59 16.08
CA LEU D 560 71.73 -19.38 15.88
C LEU D 560 70.50 -19.35 16.79
N PHE D 561 70.01 -20.51 17.22
CA PHE D 561 68.88 -20.53 18.13
C PHE D 561 69.21 -19.82 19.44
N ALA D 562 70.47 -19.90 19.88
CA ALA D 562 70.90 -19.25 21.11
C ALA D 562 71.32 -17.80 20.90
N THR D 563 71.65 -17.40 19.67
CA THR D 563 72.15 -16.06 19.43
C THR D 563 71.06 -15.08 19.00
N THR D 564 70.18 -15.48 18.08
CA THR D 564 69.12 -14.62 17.59
C THR D 564 67.80 -14.98 18.27
N ASP D 565 66.74 -14.27 17.88
CA ASP D 565 65.41 -14.48 18.44
C ASP D 565 64.66 -15.65 17.84
N LEU D 566 65.30 -16.43 16.96
CA LEU D 566 64.63 -17.61 16.42
C LEU D 566 64.20 -18.58 17.51
N GLU D 567 64.83 -18.51 18.69
CA GLU D 567 64.40 -19.25 19.86
C GLU D 567 64.22 -18.25 20.99
N LYS D 568 63.00 -18.16 21.51
CA LYS D 568 62.66 -17.15 22.52
C LYS D 568 61.84 -17.80 23.63
N SER D 569 62.02 -17.28 24.85
CA SER D 569 61.27 -17.71 26.01
C SER D 569 60.26 -16.64 26.40
N TYR D 570 59.22 -17.06 27.11
CA TYR D 570 58.14 -16.18 27.52
C TYR D 570 57.80 -16.43 28.98
N ARG D 571 57.80 -15.37 29.78
CA ARG D 571 57.48 -15.49 31.19
C ARG D 571 55.98 -15.76 31.37
N ILE D 572 55.67 -16.55 32.40
CA ILE D 572 54.29 -16.91 32.72
C ILE D 572 54.04 -16.57 34.18
N ASN D 573 53.06 -15.72 34.44
CA ASN D 573 52.69 -15.30 35.80
C ASN D 573 51.17 -15.17 35.84
N LEU D 574 50.51 -16.25 36.24
CA LEU D 574 49.04 -16.31 36.25
C LEU D 574 48.50 -15.50 37.43
N ASN D 575 48.55 -14.19 37.29
CA ASN D 575 48.04 -13.25 38.29
C ASN D 575 46.83 -12.53 37.72
N MET D 576 45.75 -12.47 38.51
CA MET D 576 44.50 -11.89 38.05
C MET D 576 43.63 -11.55 39.25
N ILE D 577 42.65 -10.69 39.01
CA ILE D 577 41.67 -10.32 40.04
C ILE D 577 40.61 -11.40 40.09
N GLY D 578 40.53 -12.12 41.21
CA GLY D 578 39.57 -13.19 41.37
C GLY D 578 38.18 -12.68 41.69
N LEU D 579 37.26 -13.62 41.89
CA LEU D 579 35.89 -13.28 42.23
C LEU D 579 35.80 -12.57 43.58
N ASP D 580 36.78 -12.78 44.47
CA ASP D 580 36.80 -12.11 45.76
C ASP D 580 37.16 -10.64 45.65
N GLY D 581 37.40 -10.12 44.45
CA GLY D 581 37.75 -8.73 44.28
C GLY D 581 39.17 -8.40 44.67
N ARG D 582 40.04 -9.40 44.78
CA ARG D 582 41.43 -9.20 45.17
C ARG D 582 42.36 -9.92 44.21
N PRO D 583 43.49 -9.32 43.85
CA PRO D 583 44.43 -10.01 42.97
C PRO D 583 45.15 -11.13 43.68
N ALA D 584 45.45 -12.19 42.94
CA ALA D 584 46.15 -13.34 43.50
C ALA D 584 46.63 -14.23 42.37
N VAL D 585 47.79 -14.84 42.58
CA VAL D 585 48.33 -15.80 41.61
C VAL D 585 47.56 -17.11 41.76
N LYS D 586 46.98 -17.57 40.66
CA LYS D 586 46.15 -18.77 40.66
C LYS D 586 46.70 -19.77 39.66
N ASN D 587 46.71 -21.04 40.07
CA ASN D 587 47.17 -22.12 39.21
C ASN D 587 46.06 -22.54 38.24
N LEU D 588 46.38 -23.46 37.35
CA LEU D 588 45.41 -23.87 36.33
C LEU D 588 44.14 -24.42 36.95
N LEU D 589 44.26 -25.18 38.05
CA LEU D 589 43.09 -25.77 38.67
C LEU D 589 42.24 -24.71 39.36
N GLU D 590 42.88 -23.70 39.97
CA GLU D 590 42.13 -22.63 40.61
C GLU D 590 41.40 -21.76 39.59
N ILE D 591 41.94 -21.64 38.38
CA ILE D 591 41.30 -20.81 37.36
C ILE D 591 40.05 -21.50 36.81
N LEU D 592 40.21 -22.74 36.32
CA LEU D 592 39.07 -23.46 35.77
C LEU D 592 37.99 -23.67 36.82
N SER D 593 38.40 -23.97 38.06
CA SER D 593 37.41 -24.16 39.12
C SER D 593 36.69 -22.86 39.43
N GLU D 594 37.40 -21.75 39.45
CA GLU D 594 36.80 -20.47 39.80
C GLU D 594 35.96 -19.90 38.66
N TRP D 595 36.32 -20.18 37.41
CA TRP D 595 35.54 -19.66 36.29
C TRP D 595 34.21 -20.41 36.15
N LEU D 596 34.23 -21.73 36.35
CA LEU D 596 32.99 -22.49 36.26
C LEU D 596 31.99 -22.05 37.33
N VAL D 597 32.48 -21.60 38.48
CA VAL D 597 31.59 -20.98 39.46
C VAL D 597 31.03 -19.68 38.91
N PHE D 598 31.84 -18.93 38.18
CA PHE D 598 31.36 -17.70 37.56
C PHE D 598 30.39 -18.00 36.42
N ARG D 599 30.66 -19.07 35.65
CA ARG D 599 29.78 -19.42 34.55
C ARG D 599 28.46 -20.00 35.06
N ARG D 600 28.53 -20.90 36.04
CA ARG D 600 27.31 -21.44 36.62
C ARG D 600 26.45 -20.34 37.24
N ASP D 601 27.09 -19.31 37.80
CA ASP D 601 26.33 -18.20 38.37
C ASP D 601 25.69 -17.35 37.28
N THR D 602 26.39 -17.12 36.17
CA THR D 602 25.83 -16.30 35.10
C THR D 602 24.67 -17.01 34.41
N VAL D 603 24.77 -18.33 34.23
CA VAL D 603 23.66 -19.05 33.62
C VAL D 603 22.47 -19.09 34.58
N ARG D 604 22.73 -19.31 35.87
CA ARG D 604 21.64 -19.28 36.85
C ARG D 604 20.93 -17.94 36.83
N ARG D 605 21.66 -16.86 36.59
CA ARG D 605 21.04 -15.55 36.46
C ARG D 605 20.33 -15.38 35.13
N ARG D 606 20.86 -15.99 34.06
CA ARG D 606 20.20 -15.93 32.76
C ARG D 606 18.86 -16.65 32.79
N LEU D 607 18.81 -17.84 33.39
CA LEU D 607 17.58 -18.62 33.41
C LEU D 607 16.49 -17.93 34.23
N ASN D 608 16.86 -17.38 35.39
CA ASN D 608 15.89 -16.65 36.20
C ASN D 608 15.31 -15.47 35.42
N HIS D 609 16.12 -14.81 34.61
CA HIS D 609 15.63 -13.69 33.83
C HIS D 609 14.60 -14.14 32.81
N ARG D 610 14.92 -15.17 32.03
CA ARG D 610 13.95 -15.66 31.04
C ARG D 610 12.73 -16.23 31.72
N LEU D 611 12.90 -16.90 32.87
CA LEU D 611 11.75 -17.47 33.56
C LEU D 611 10.76 -16.41 33.99
N GLU D 612 11.25 -15.33 34.62
CA GLU D 612 10.36 -14.28 35.06
C GLU D 612 9.68 -13.60 33.88
N LYS D 613 10.34 -13.58 32.72
CA LYS D 613 9.71 -13.02 31.52
C LYS D 613 8.64 -13.95 30.99
N VAL D 614 8.87 -15.27 31.06
CA VAL D 614 7.85 -16.21 30.64
C VAL D 614 6.70 -16.22 31.62
N LEU D 615 7.00 -16.15 32.92
CA LEU D 615 5.95 -16.14 33.92
C LEU D 615 5.06 -14.91 33.79
N LYS D 616 5.68 -13.73 33.62
CA LYS D 616 4.91 -12.51 33.49
C LYS D 616 4.07 -12.52 32.22
N ARG D 617 4.60 -13.10 31.14
CA ARG D 617 3.83 -13.18 29.91
C ARG D 617 2.65 -14.14 30.06
N LEU D 618 2.90 -15.32 30.62
CA LEU D 618 1.81 -16.25 30.86
C LEU D 618 0.74 -15.64 31.76
N HIS D 619 1.14 -14.75 32.68
CA HIS D 619 0.17 -14.06 33.52
C HIS D 619 -0.68 -13.10 32.70
N ILE D 620 -0.11 -12.48 31.67
CA ILE D 620 -0.88 -11.60 30.81
C ILE D 620 -1.75 -12.40 29.85
N LEU D 621 -1.21 -13.48 29.29
CA LEU D 621 -2.00 -14.30 28.38
C LEU D 621 -3.19 -14.92 29.10
N GLU D 622 -3.05 -15.20 30.40
CA GLU D 622 -4.18 -15.72 31.16
C GLU D 622 -5.34 -14.72 31.16
N GLY D 623 -5.04 -13.44 31.34
CA GLY D 623 -6.09 -12.44 31.35
C GLY D 623 -6.73 -12.21 29.99
N LEU D 624 -5.95 -12.34 28.92
CA LEU D 624 -6.50 -12.12 27.59
C LEU D 624 -7.54 -13.17 27.25
N LEU D 625 -7.23 -14.45 27.50
CA LEU D 625 -8.21 -15.51 27.24
C LEU D 625 -9.49 -15.26 28.02
N VAL D 626 -9.37 -14.76 29.25
CA VAL D 626 -10.55 -14.38 30.02
C VAL D 626 -11.31 -13.27 29.30
N ALA D 627 -10.58 -12.30 28.73
CA ALA D 627 -11.24 -11.21 28.02
C ALA D 627 -11.94 -11.72 26.76
N PHE D 628 -11.32 -12.64 26.03
CA PHE D 628 -11.96 -13.16 24.82
C PHE D 628 -13.25 -13.90 25.15
N LEU D 629 -13.24 -14.71 26.23
CA LEU D 629 -14.44 -15.45 26.59
C LEU D 629 -15.57 -14.51 27.00
N ASN D 630 -15.24 -13.39 27.64
CA ASN D 630 -16.21 -12.39 28.07
C ASN D 630 -15.94 -11.05 27.41
N ILE D 631 -15.65 -11.06 26.10
CA ILE D 631 -15.36 -9.81 25.41
C ILE D 631 -16.58 -8.90 25.45
N ASP D 632 -17.78 -9.48 25.35
CA ASP D 632 -19.01 -8.68 25.39
C ASP D 632 -19.11 -7.91 26.70
N GLU D 633 -18.88 -8.60 27.83
CA GLU D 633 -18.94 -7.93 29.11
C GLU D 633 -17.74 -7.02 29.32
N VAL D 634 -16.56 -7.44 28.86
CA VAL D 634 -15.36 -6.62 29.00
C VAL D 634 -15.55 -5.28 28.30
N ILE D 635 -16.01 -5.32 27.05
CA ILE D 635 -16.20 -4.09 26.30
C ILE D 635 -17.34 -3.27 26.86
N GLU D 636 -18.42 -3.94 27.30
CA GLU D 636 -19.54 -3.22 27.89
C GLU D 636 -19.11 -2.51 29.17
N ILE D 637 -18.22 -3.12 29.95
CA ILE D 637 -17.73 -2.46 31.15
C ILE D 637 -16.94 -1.22 30.80
N ILE D 638 -16.13 -1.28 29.75
CA ILE D 638 -15.31 -0.14 29.36
C ILE D 638 -16.19 1.02 28.93
N ARG D 639 -17.20 0.74 28.11
CA ARG D 639 -18.05 1.82 27.58
C ARG D 639 -18.98 2.36 28.65
N THR D 640 -19.56 1.48 29.46
CA THR D 640 -20.52 1.91 30.47
C THR D 640 -19.81 2.47 31.71
N GLU D 641 -18.98 1.66 32.36
CA GLU D 641 -18.36 2.08 33.61
C GLU D 641 -17.42 3.24 33.37
N ASP D 642 -17.45 4.22 34.29
CA ASP D 642 -16.60 5.39 34.16
C ASP D 642 -15.12 5.03 34.26
N GLU D 643 -14.75 4.29 35.30
CA GLU D 643 -13.37 3.82 35.48
C GLU D 643 -13.36 2.31 35.42
N PRO D 644 -13.00 1.71 34.28
CA PRO D 644 -13.13 0.25 34.15
C PRO D 644 -11.99 -0.56 34.74
N LYS D 645 -10.88 0.07 35.11
CA LYS D 645 -9.75 -0.71 35.65
C LYS D 645 -10.16 -1.48 36.90
N PRO D 646 -10.76 -0.86 37.92
CA PRO D 646 -11.22 -1.66 39.07
C PRO D 646 -12.39 -2.56 38.73
N ALA D 647 -13.31 -2.09 37.88
CA ALA D 647 -14.47 -2.90 37.55
C ALA D 647 -14.06 -4.20 36.87
N LEU D 648 -13.09 -4.14 35.96
CA LEU D 648 -12.61 -5.35 35.31
C LEU D 648 -11.99 -6.31 36.31
N MET D 649 -11.29 -5.77 37.31
CA MET D 649 -10.65 -6.62 38.31
C MET D 649 -11.66 -7.32 39.19
N SER D 650 -12.77 -6.65 39.50
CA SER D 650 -13.77 -7.25 40.39
C SER D 650 -14.64 -8.26 39.64
N ARG D 651 -15.04 -7.94 38.41
CA ARG D 651 -15.95 -8.81 37.68
C ARG D 651 -15.28 -10.13 37.32
N PHE D 652 -13.99 -10.09 36.95
CA PHE D 652 -13.28 -11.27 36.50
C PHE D 652 -12.19 -11.73 37.45
N GLY D 653 -12.01 -11.06 38.58
CA GLY D 653 -10.93 -11.43 39.48
C GLY D 653 -9.57 -11.38 38.82
N ILE D 654 -9.30 -10.33 38.07
CA ILE D 654 -8.04 -10.18 37.36
C ILE D 654 -7.20 -9.13 38.08
N SER D 655 -5.90 -9.14 37.78
CA SER D 655 -4.95 -8.26 38.44
C SER D 655 -4.86 -6.93 37.71
N GLU D 656 -4.29 -5.94 38.40
CA GLU D 656 -4.15 -4.61 37.81
C GLU D 656 -3.28 -4.67 36.56
N THR D 657 -2.20 -5.45 36.60
CA THR D 657 -1.36 -5.60 35.42
C THR D 657 -2.09 -6.32 34.29
N GLN D 658 -2.99 -7.25 34.63
CA GLN D 658 -3.79 -7.91 33.61
C GLN D 658 -4.84 -6.97 33.05
N ALA D 659 -5.43 -6.14 33.91
CA ALA D 659 -6.44 -5.20 33.43
C ALA D 659 -5.84 -4.21 32.44
N GLU D 660 -4.64 -3.70 32.74
CA GLU D 660 -3.98 -2.78 31.81
C GLU D 660 -3.70 -3.46 30.48
N ALA D 661 -3.38 -4.77 30.50
CA ALA D 661 -3.17 -5.49 29.25
C ALA D 661 -4.46 -5.59 28.45
N ILE D 662 -5.59 -5.81 29.14
CA ILE D 662 -6.87 -5.82 28.45
C ILE D 662 -7.19 -4.44 27.90
N LEU D 663 -6.96 -3.40 28.69
CA LEU D 663 -7.22 -2.05 28.24
C LEU D 663 -6.30 -1.66 27.08
N GLU D 664 -5.08 -2.18 27.06
CA GLU D 664 -4.13 -1.89 25.99
C GLU D 664 -4.25 -2.86 24.82
N LEU D 665 -5.35 -3.60 24.74
CA LEU D 665 -5.57 -4.55 23.65
C LEU D 665 -6.17 -3.82 22.46
N LYS D 666 -5.64 -4.09 21.27
CA LYS D 666 -6.11 -3.46 20.05
C LYS D 666 -7.30 -4.21 19.47
N LEU D 667 -8.17 -3.46 18.78
CA LEU D 667 -9.33 -4.07 18.16
C LEU D 667 -8.92 -5.14 17.16
N ARG D 668 -7.75 -4.99 16.52
CA ARG D 668 -7.28 -6.02 15.61
C ARG D 668 -7.14 -7.36 16.32
N HIS D 669 -6.81 -7.34 17.61
CA HIS D 669 -6.60 -8.57 18.36
C HIS D 669 -7.89 -9.32 18.68
N LEU D 670 -9.05 -8.68 18.48
CA LEU D 670 -10.31 -9.36 18.76
C LEU D 670 -10.67 -10.41 17.73
N ALA D 671 -9.99 -10.46 16.59
CA ALA D 671 -10.30 -11.45 15.57
C ALA D 671 -10.07 -12.86 16.09
N LYS D 672 -10.77 -13.82 15.47
CA LYS D 672 -10.68 -15.20 15.93
C LYS D 672 -9.28 -15.77 15.73
N LEU D 673 -8.54 -15.29 14.72
CA LEU D 673 -7.19 -15.80 14.49
C LEU D 673 -6.26 -15.37 15.61
N GLU D 674 -6.38 -14.13 16.09
CA GLU D 674 -5.53 -13.65 17.16
C GLU D 674 -5.79 -14.38 18.48
N GLU D 675 -6.98 -14.93 18.66
CA GLU D 675 -7.23 -15.78 19.82
C GLU D 675 -6.48 -17.09 19.70
N MET D 676 -6.50 -17.69 18.51
CA MET D 676 -5.72 -18.90 18.29
C MET D 676 -4.23 -18.64 18.47
N LYS D 677 -3.77 -17.45 18.09
CA LYS D 677 -2.37 -17.09 18.29
C LYS D 677 -2.03 -16.99 19.77
N ILE D 678 -2.99 -16.55 20.59
CA ILE D 678 -2.75 -16.45 22.03
C ILE D 678 -2.68 -17.83 22.66
N ARG D 679 -3.61 -18.72 22.29
CA ARG D 679 -3.58 -20.07 22.82
C ARG D 679 -2.29 -20.80 22.44
N GLY D 680 -1.76 -20.49 21.26
CA GLY D 680 -0.50 -21.11 20.85
C GLY D 680 0.71 -20.55 21.61
N GLU D 681 0.73 -19.24 21.83
CA GLU D 681 1.84 -18.64 22.57
C GLU D 681 1.93 -19.18 23.99
N GLN D 682 0.78 -19.43 24.63
CA GLN D 682 0.82 -19.96 25.98
C GLN D 682 1.24 -21.41 26.01
N SER D 683 0.78 -22.21 25.04
CA SER D 683 1.17 -23.62 24.99
C SER D 683 2.67 -23.76 24.86
N GLU D 684 3.30 -22.88 24.09
CA GLU D 684 4.76 -22.93 23.95
C GLU D 684 5.43 -22.41 25.22
N LEU D 685 4.96 -21.27 25.73
CA LEU D 685 5.56 -20.71 26.93
C LEU D 685 5.40 -21.63 28.13
N GLU D 686 4.27 -22.35 28.20
CA GLU D 686 4.08 -23.29 29.31
C GLU D 686 5.11 -24.40 29.27
N LYS D 687 5.46 -24.88 28.07
CA LYS D 687 6.51 -25.89 27.95
C LYS D 687 7.86 -25.31 28.37
N GLU D 688 8.13 -24.06 27.98
CA GLU D 688 9.39 -23.42 28.35
C GLU D 688 9.43 -23.08 29.84
N ARG D 689 8.27 -22.91 30.47
CA ARG D 689 8.24 -22.61 31.89
C ARG D 689 8.73 -23.79 32.72
N ASP D 690 8.23 -24.99 32.41
CA ASP D 690 8.64 -26.16 33.16
C ASP D 690 10.09 -26.56 32.85
N GLN D 691 10.56 -26.24 31.64
CA GLN D 691 11.95 -26.55 31.30
C GLN D 691 12.91 -25.71 32.12
N LEU D 692 12.63 -24.41 32.24
CA LEU D 692 13.50 -23.53 33.02
C LEU D 692 13.46 -23.89 34.50
N GLN D 693 12.27 -24.20 35.03
CA GLN D 693 12.16 -24.56 36.44
C GLN D 693 12.86 -25.88 36.74
N ALA D 694 12.91 -26.79 35.77
CA ALA D 694 13.56 -28.08 36.00
C ALA D 694 15.08 -27.94 36.09
N ILE D 695 15.66 -27.18 35.17
CA ILE D 695 17.12 -27.00 35.19
C ILE D 695 17.53 -26.22 36.43
N LEU D 696 16.71 -25.26 36.86
CA LEU D 696 17.05 -24.46 38.03
C LEU D 696 16.86 -25.22 39.34
N ALA D 697 16.10 -26.31 39.33
CA ALA D 697 15.84 -27.05 40.57
C ALA D 697 16.89 -28.12 40.84
N SER D 698 17.33 -28.83 39.81
CA SER D 698 18.30 -29.91 39.96
C SER D 698 19.68 -29.43 39.57
N GLU D 699 20.68 -29.71 40.41
CA GLU D 699 22.05 -29.35 40.07
C GLU D 699 22.59 -30.21 38.93
N ARG D 700 22.14 -31.46 38.85
CA ARG D 700 22.57 -32.33 37.77
C ARG D 700 22.08 -31.81 36.42
N LYS D 701 20.86 -31.30 36.37
CA LYS D 701 20.30 -30.78 35.12
C LYS D 701 21.04 -29.53 34.65
N MET D 702 21.51 -28.69 35.58
CA MET D 702 22.23 -27.49 35.18
C MET D 702 23.62 -27.85 34.66
N ASN D 703 24.29 -28.81 35.29
CA ASN D 703 25.61 -29.19 34.82
C ASN D 703 25.53 -29.82 33.43
N ASN D 704 24.46 -30.56 33.15
CA ASN D 704 24.29 -31.09 31.80
C ASN D 704 24.07 -29.98 30.79
N LEU D 705 23.45 -28.87 31.22
CA LEU D 705 23.29 -27.71 30.34
C LEU D 705 24.64 -27.07 30.08
N LEU D 706 25.41 -26.80 31.14
CA LEU D 706 26.74 -26.23 30.96
C LEU D 706 27.60 -27.14 30.10
N LYS D 707 27.57 -28.45 30.37
CA LYS D 707 28.32 -29.39 29.54
C LYS D 707 27.87 -29.34 28.09
N LYS D 708 26.62 -28.95 27.85
CA LYS D 708 26.11 -28.85 26.48
C LYS D 708 26.52 -27.54 25.83
N GLU D 709 26.44 -26.43 26.57
CA GLU D 709 26.79 -25.13 26.00
C GLU D 709 28.29 -25.06 25.68
N LEU D 710 29.13 -25.62 26.54
CA LEU D 710 30.57 -25.62 26.29
C LEU D 710 30.91 -26.38 25.01
N GLN D 711 30.23 -27.50 24.77
CA GLN D 711 30.48 -28.26 23.55
C GLN D 711 29.93 -27.54 22.33
N ALA D 712 28.81 -26.85 22.48
CA ALA D 712 28.24 -26.11 21.35
C ALA D 712 29.14 -24.95 20.95
N ASP D 713 29.67 -24.21 21.93
CA ASP D 713 30.56 -23.09 21.63
C ASP D 713 31.88 -23.57 21.05
N ALA D 714 32.38 -24.72 21.50
CA ALA D 714 33.64 -25.24 20.98
C ALA D 714 33.51 -25.72 19.55
N ASP D 715 32.35 -26.26 19.18
CA ASP D 715 32.16 -26.74 17.82
C ASP D 715 32.02 -25.61 16.82
N ALA D 716 31.55 -24.44 17.28
CA ALA D 716 31.32 -23.31 16.39
C ALA D 716 32.54 -22.40 16.29
N PHE D 717 33.08 -21.97 17.44
CA PHE D 717 34.19 -21.03 17.47
C PHE D 717 35.55 -21.70 17.59
N GLY D 718 35.60 -22.99 17.94
CA GLY D 718 36.87 -23.65 18.08
C GLY D 718 37.58 -23.83 16.76
N ASP D 719 38.91 -23.99 16.85
CA ASP D 719 39.75 -24.19 15.69
C ASP D 719 40.92 -25.07 16.08
N ASP D 720 41.63 -25.55 15.08
CA ASP D 720 42.75 -26.45 15.35
C ASP D 720 43.87 -25.70 16.06
N ARG D 721 44.76 -26.48 16.68
CA ARG D 721 45.91 -25.90 17.36
C ARG D 721 46.96 -25.48 16.33
N ARG D 722 47.43 -24.24 16.44
CA ARG D 722 48.40 -23.73 15.49
C ARG D 722 49.83 -24.09 15.89
N SER D 723 50.23 -23.75 17.12
CA SER D 723 51.59 -24.01 17.57
C SER D 723 51.62 -25.38 18.25
N PRO D 724 52.22 -26.41 17.65
CA PRO D 724 52.25 -27.72 18.30
C PRO D 724 53.28 -27.77 19.42
N LEU D 725 52.96 -28.55 20.45
CA LEU D 725 53.84 -28.77 21.59
C LEU D 725 54.40 -30.18 21.54
N HIS D 726 55.72 -30.29 21.63
CA HIS D 726 56.37 -31.60 21.64
C HIS D 726 57.76 -31.51 22.25
#